data_8FWM
#
_entry.id   8FWM
#
loop_
_entity.id
_entity.type
_entity.pdbx_description
1 polymer 'Collar sheath protein, gp13'
2 polymer 'Tail sheath protein'
3 polymer 'Tail-tube, gp21'
4 polymer 'Tail-terminator protein, gp18'
#
loop_
_entity_poly.entity_id
_entity_poly.type
_entity_poly.pdbx_seq_one_letter_code
_entity_poly.pdbx_strand_id
1 'polypeptide(L)'
;MYFFSVDPRNGASKSGDVCGSCCCESISARPGEVNGVMVSYAAWSAPLRGHGLTNKTTFEIDGVSVTPPKVSNAFGRTKV
GVVFEGTLSDLFPNPEGEQVEYEISELNGPSNGVVELGANGAFTYTPGALFTGVDRFWFSINGNIGEYVISVDPTTSELP
QPPFTTPVYVPAARRSVDPRTHVLKFVLGVSPAAIPGDVYRLTVRQVAIDCDGNEFVHISCYDISIGSCG
;
3,D,E,F,G
2 'polypeptide(L)'
;MAQDALSDGFVRLCIDPSLNFFGEGCKILVEGQMTDDGSATPDAVTCVTSELDIIERFGQGSVLTESLRKVFCTCKSGVS
VYALPREDAAAGVKAVYTLTIAGPATTDGRVQLYMGEAEYAVDIGVDAGDTATDIAAAIVAAISPDFPYAATAAAGVITL
TARNAGTIGNHLSVIYTNLGSCTSVTPEGVTVTFAQTTAGSVNPTPNDYATVVNECCFAVYVLSSDDTDWQENLRDWIRS
AWDCSKPQCFGHGYVFNKGTLGQVLADGDNSAELSRLALPTTYPVLPYLTNAAYGALSACSTCNNPELNIQGQTFGLLSC
INMPESCTPGWTFGEVTQLQANGFVVSGPSTTSGQGNYTSPYIYNDVTNYLRDEKNRPNATFRDASSRRLAAATGVALAE
FLQQFNGLAVFTKNTNIRTGIIGTNPRLMLGKIRKWAQDNVGTLFSEFDNINEDIQLLTDFEVQPKCVGQPGIFHLNMRY
RPPVRGARINVNMAPALFDNCDR
;
p,q,r,s
3 'polypeptide(L)'
;MACNKQNGVKNILITFTDCDTQEVIGPISHEQPDDTLPTYKNCAWTNTALTNGYVQRSASNATMTLPVVRDLRVPLAFYQ
GCAQVDVQVEKFDGTVMTLTEGAVVEPEESDGRSVTMNIVASEIDELLPPGSLAAA
;
AV,Aa,Ae,Ad
4 'polypeptide(L)'
;METKLTYGNRVTLPEFAKYIVAPAFHEIEGRAIPVTGVDDDASGTQATKLPFVLVGLRQGDTSGPATIAGNSTINLRDDF
IVEFNMKKERYRDRKGGETPFFSYYDYESIRDRLFNSMIEFSGEHGITFEFVSLDISTEGDVVYIEFRFRQNYEWCETVR
EADTTIEAGRFSINLQGC
;
AS,AT
#
# COMPACT_ATOMS: atom_id res chain seq x y z
N MET A 1 -43.93 -27.00 19.05
CA MET A 1 -44.32 -27.87 20.14
C MET A 1 -43.52 -27.52 21.40
N TYR A 2 -44.15 -26.78 22.31
CA TYR A 2 -43.53 -26.47 23.58
C TYR A 2 -43.40 -27.75 24.40
N PHE A 3 -42.31 -27.86 25.16
CA PHE A 3 -42.07 -29.02 26.00
C PHE A 3 -41.70 -28.53 27.39
N PHE A 4 -42.53 -28.85 28.38
CA PHE A 4 -42.34 -28.37 29.74
C PHE A 4 -42.18 -29.54 30.70
N SER A 5 -41.38 -29.31 31.74
CA SER A 5 -41.18 -30.27 32.81
C SER A 5 -41.81 -29.75 34.09
N VAL A 6 -42.45 -30.64 34.83
CA VAL A 6 -43.18 -30.27 36.03
C VAL A 6 -42.24 -30.19 37.21
N ASP A 7 -42.52 -29.29 38.14
CA ASP A 7 -41.80 -29.27 39.40
C ASP A 7 -42.18 -30.49 40.21
N PRO A 8 -41.22 -31.23 40.78
CA PRO A 8 -41.53 -32.51 41.41
C PRO A 8 -42.26 -32.40 42.74
N ARG A 9 -42.51 -31.19 43.24
CA ARG A 9 -43.14 -30.97 44.54
C ARG A 9 -42.34 -31.66 45.66
N ASN A 10 -41.04 -31.47 45.67
CA ASN A 10 -40.24 -32.18 46.63
C ASN A 10 -39.69 -31.21 47.60
N GLY A 11 -40.42 -30.14 47.86
CA GLY A 11 -39.87 -29.13 48.72
C GLY A 11 -38.61 -28.67 48.04
N ALA A 12 -38.55 -28.83 46.73
CA ALA A 12 -37.39 -28.41 45.97
C ALA A 12 -37.73 -27.08 45.38
N SER A 13 -36.89 -26.09 45.64
CA SER A 13 -37.19 -24.74 45.17
C SER A 13 -36.79 -24.51 43.73
N LYS A 14 -37.22 -23.39 43.18
CA LYS A 14 -36.93 -23.08 41.79
C LYS A 14 -37.40 -21.66 41.51
N SER A 15 -37.07 -21.13 40.34
CA SER A 15 -37.44 -19.76 39.99
C SER A 15 -36.90 -18.79 41.00
N GLY A 16 -35.62 -18.44 40.86
CA GLY A 16 -35.00 -17.50 41.78
C GLY A 16 -33.75 -16.92 41.16
N ASP A 17 -33.10 -17.69 40.29
CA ASP A 17 -31.89 -17.22 39.63
C ASP A 17 -31.89 -15.73 39.32
N VAL A 18 -32.89 -15.26 38.57
CA VAL A 18 -32.93 -13.84 38.18
C VAL A 18 -34.23 -13.11 38.51
N CYS A 19 -34.08 -11.86 38.98
CA CYS A 19 -35.13 -11.02 39.54
C CYS A 19 -36.42 -11.06 38.73
N GLY A 20 -37.55 -10.94 39.43
CA GLY A 20 -38.86 -11.03 38.82
C GLY A 20 -39.37 -12.45 38.76
N SER A 21 -39.58 -13.04 39.93
CA SER A 21 -40.15 -14.38 40.02
C SER A 21 -41.44 -14.48 39.23
N CYS A 22 -41.41 -15.28 38.17
CA CYS A 22 -42.55 -15.49 37.28
C CYS A 22 -42.90 -16.98 37.22
N CYS A 23 -42.99 -17.62 38.39
CA CYS A 23 -43.06 -19.07 38.56
C CYS A 23 -43.85 -19.79 37.48
N CYS A 24 -45.09 -19.36 37.26
CA CYS A 24 -45.86 -19.92 36.15
C CYS A 24 -45.15 -19.59 34.83
N GLU A 25 -44.66 -20.62 34.13
CA GLU A 25 -43.72 -20.43 33.02
C GLU A 25 -44.38 -19.69 31.85
N SER A 26 -43.53 -19.19 30.95
CA SER A 26 -43.94 -18.33 29.85
C SER A 26 -44.07 -19.11 28.54
N ILE A 27 -44.99 -18.67 27.69
CA ILE A 27 -45.24 -19.28 26.39
C ILE A 27 -45.48 -18.17 25.37
N SER A 28 -44.62 -18.09 24.37
CA SER A 28 -44.76 -17.10 23.31
C SER A 28 -45.68 -17.63 22.21
N ALA A 29 -46.55 -16.76 21.71
CA ALA A 29 -47.54 -17.15 20.70
C ALA A 29 -47.73 -16.01 19.71
N ARG A 30 -48.20 -16.37 18.52
CA ARG A 30 -48.44 -15.44 17.43
C ARG A 30 -49.91 -15.46 17.01
N PRO A 31 -50.52 -14.31 16.75
CA PRO A 31 -51.91 -14.29 16.29
C PRO A 31 -52.07 -15.05 14.97
N GLY A 32 -52.82 -16.14 15.03
CA GLY A 32 -53.05 -17.00 13.89
C GLY A 32 -52.45 -18.37 14.00
N GLU A 33 -51.45 -18.55 14.87
CA GLU A 33 -50.79 -19.84 15.00
C GLU A 33 -51.68 -20.85 15.72
N VAL A 34 -51.37 -22.12 15.53
CA VAL A 34 -51.98 -23.23 16.25
C VAL A 34 -50.84 -24.18 16.61
N ASN A 35 -50.45 -24.19 17.88
CA ASN A 35 -49.27 -24.91 18.32
C ASN A 35 -49.66 -26.09 19.20
N GLY A 36 -48.68 -26.91 19.54
CA GLY A 36 -48.90 -28.05 20.40
C GLY A 36 -47.98 -28.02 21.60
N VAL A 37 -48.52 -28.38 22.77
CA VAL A 37 -47.81 -28.31 24.03
C VAL A 37 -47.79 -29.69 24.67
N MET A 38 -46.61 -30.07 25.18
CA MET A 38 -46.41 -31.33 25.87
C MET A 38 -45.82 -31.03 27.25
N VAL A 39 -46.41 -31.62 28.28
CA VAL A 39 -45.97 -31.43 29.66
C VAL A 39 -45.67 -32.81 30.25
N SER A 40 -44.46 -32.97 30.79
CA SER A 40 -43.98 -34.26 31.26
C SER A 40 -44.10 -34.33 32.78
N TYR A 41 -45.12 -35.03 33.25
CA TYR A 41 -45.36 -35.23 34.67
C TYR A 41 -44.49 -36.32 35.27
N ALA A 42 -43.54 -36.87 34.52
CA ALA A 42 -42.72 -37.96 35.04
C ALA A 42 -41.93 -37.55 36.26
N ALA A 43 -41.61 -36.25 36.39
CA ALA A 43 -40.87 -35.79 37.55
C ALA A 43 -41.69 -35.87 38.82
N TRP A 44 -43.02 -35.91 38.72
CA TRP A 44 -43.91 -35.87 39.87
C TRP A 44 -44.70 -37.15 40.08
N SER A 45 -45.10 -37.83 39.02
CA SER A 45 -45.96 -39.00 39.12
C SER A 45 -45.20 -40.32 39.11
N ALA A 46 -43.90 -40.30 38.80
CA ALA A 46 -43.13 -41.54 38.78
C ALA A 46 -42.78 -41.99 40.20
N PRO A 47 -42.31 -41.10 41.08
CA PRO A 47 -42.09 -41.54 42.48
C PRO A 47 -43.36 -42.08 43.12
N LEU A 48 -44.51 -41.51 42.78
CA LEU A 48 -45.79 -42.00 43.27
C LEU A 48 -46.17 -43.27 42.52
N ARG A 49 -45.61 -44.42 42.94
CA ARG A 49 -45.90 -45.69 42.30
C ARG A 49 -47.40 -45.94 42.20
N GLY A 50 -47.92 -46.02 40.99
CA GLY A 50 -49.33 -46.22 40.77
C GLY A 50 -49.65 -46.53 39.33
N HIS A 51 -50.79 -46.04 38.83
CA HIS A 51 -51.21 -46.28 37.46
C HIS A 51 -51.07 -45.04 36.58
N GLY A 52 -50.14 -44.16 36.89
CA GLY A 52 -49.84 -43.04 36.02
C GLY A 52 -50.95 -42.02 35.95
N LEU A 53 -51.04 -41.35 34.81
CA LEU A 53 -51.97 -40.26 34.61
C LEU A 53 -53.34 -40.77 34.19
N THR A 54 -54.33 -39.88 34.20
CA THR A 54 -55.66 -40.17 33.71
C THR A 54 -56.12 -39.05 32.80
N ASN A 55 -57.19 -39.33 32.05
CA ASN A 55 -57.77 -38.34 31.13
C ASN A 55 -58.80 -37.47 31.84
N LYS A 56 -58.33 -36.77 32.88
CA LYS A 56 -59.17 -35.88 33.67
C LYS A 56 -58.49 -34.52 33.82
N THR A 57 -57.96 -33.99 32.71
CA THR A 57 -57.36 -32.68 32.72
C THR A 57 -58.43 -31.61 32.50
N THR A 58 -58.28 -30.49 33.22
CA THR A 58 -59.23 -29.39 33.15
C THR A 58 -58.46 -28.08 33.04
N PHE A 59 -58.90 -27.22 32.15
CA PHE A 59 -58.21 -25.98 31.84
C PHE A 59 -59.08 -24.77 32.16
N GLU A 60 -58.42 -23.64 32.34
CA GLU A 60 -59.09 -22.36 32.54
C GLU A 60 -58.25 -21.27 31.88
N ILE A 61 -58.92 -20.38 31.15
CA ILE A 61 -58.28 -19.29 30.44
C ILE A 61 -58.75 -17.98 31.04
N ASP A 62 -57.83 -17.21 31.62
CA ASP A 62 -58.14 -15.89 32.15
C ASP A 62 -57.03 -14.94 31.76
N GLY A 63 -57.42 -13.76 31.30
CA GLY A 63 -56.47 -12.78 30.79
C GLY A 63 -56.15 -11.73 31.83
N VAL A 64 -54.86 -11.43 31.96
CA VAL A 64 -54.39 -10.34 32.82
C VAL A 64 -54.16 -9.05 32.04
N SER A 65 -54.20 -9.12 30.70
CA SER A 65 -54.17 -7.90 29.89
C SER A 65 -54.99 -8.13 28.64
N VAL A 66 -56.22 -7.62 28.61
CA VAL A 66 -57.15 -7.98 27.54
C VAL A 66 -57.05 -7.05 26.34
N THR A 67 -56.73 -5.77 26.55
CA THR A 67 -56.68 -4.77 25.49
C THR A 67 -57.97 -4.80 24.69
N PRO A 68 -59.04 -4.19 25.21
CA PRO A 68 -60.38 -4.34 24.62
C PRO A 68 -60.38 -4.10 23.13
N PRO A 69 -61.13 -4.89 22.37
CA PRO A 69 -61.09 -4.80 20.90
C PRO A 69 -61.73 -3.52 20.41
N LYS A 70 -61.05 -2.84 19.48
CA LYS A 70 -61.61 -1.66 18.85
C LYS A 70 -62.93 -1.97 18.15
N VAL A 71 -63.02 -3.15 17.55
CA VAL A 71 -64.22 -3.56 16.81
C VAL A 71 -64.89 -4.71 17.54
N SER A 72 -66.02 -5.18 17.02
CA SER A 72 -66.74 -6.29 17.63
C SER A 72 -67.14 -7.27 16.54
N ASN A 73 -67.05 -8.56 16.87
CA ASN A 73 -67.37 -9.61 15.92
C ASN A 73 -68.87 -9.70 15.69
N ALA A 74 -69.26 -10.33 14.57
CA ALA A 74 -70.65 -10.33 14.17
C ALA A 74 -71.07 -11.72 13.68
N PHE A 75 -72.39 -11.89 13.60
CA PHE A 75 -73.02 -13.16 13.27
C PHE A 75 -74.10 -12.93 12.21
N GLY A 76 -74.34 -13.97 11.41
CA GLY A 76 -75.34 -13.89 10.37
C GLY A 76 -75.92 -15.25 10.06
N ARG A 77 -77.05 -15.24 9.35
CA ARG A 77 -77.78 -16.47 9.07
C ARG A 77 -78.26 -16.48 7.62
N THR A 78 -78.27 -17.66 7.01
CA THR A 78 -78.79 -17.83 5.67
C THR A 78 -79.06 -19.30 5.42
N LYS A 79 -79.85 -19.57 4.38
CA LYS A 79 -80.17 -20.94 4.00
C LYS A 79 -79.11 -21.49 3.05
N VAL A 80 -79.26 -22.75 2.64
CA VAL A 80 -78.33 -23.35 1.69
C VAL A 80 -78.68 -22.90 0.28
N GLY A 81 -77.66 -22.76 -0.56
CA GLY A 81 -77.87 -22.43 -1.96
C GLY A 81 -78.16 -20.98 -2.24
N VAL A 82 -78.72 -20.27 -1.27
CA VAL A 82 -79.10 -18.87 -1.42
C VAL A 82 -77.89 -18.00 -1.11
N VAL A 83 -77.67 -16.97 -1.93
CA VAL A 83 -76.55 -16.06 -1.71
C VAL A 83 -76.83 -15.21 -0.48
N PHE A 84 -75.78 -14.88 0.26
CA PHE A 84 -75.88 -14.07 1.46
C PHE A 84 -75.23 -12.70 1.22
N GLU A 85 -75.86 -11.66 1.75
CA GLU A 85 -75.33 -10.31 1.68
C GLU A 85 -75.17 -9.76 3.08
N GLY A 86 -74.23 -8.83 3.24
CA GLY A 86 -74.04 -8.19 4.52
C GLY A 86 -73.29 -6.89 4.39
N THR A 87 -73.35 -6.10 5.46
CA THR A 87 -72.63 -4.85 5.56
C THR A 87 -71.48 -4.99 6.55
N LEU A 88 -70.54 -4.06 6.48
CA LEU A 88 -69.36 -4.10 7.34
C LEU A 88 -69.07 -2.71 7.92
N SER A 89 -70.09 -1.87 8.02
CA SER A 89 -69.92 -0.50 8.50
C SER A 89 -70.44 -0.26 9.90
N ASP A 90 -71.45 -1.00 10.34
CA ASP A 90 -72.01 -0.82 11.67
C ASP A 90 -71.27 -1.60 12.75
N LEU A 91 -70.15 -2.24 12.41
CA LEU A 91 -69.39 -3.02 13.37
C LEU A 91 -68.12 -2.31 13.85
N PHE A 92 -67.94 -1.04 13.48
CA PHE A 92 -66.76 -0.27 13.88
C PHE A 92 -67.21 1.07 14.44
N PRO A 93 -67.53 1.13 15.72
CA PRO A 93 -67.78 2.42 16.35
C PRO A 93 -66.50 3.21 16.50
N ASN A 94 -66.31 4.23 15.67
CA ASN A 94 -65.09 5.03 15.67
C ASN A 94 -65.26 6.30 16.49
N PRO A 95 -64.31 6.60 17.42
CA PRO A 95 -64.39 7.84 18.22
C PRO A 95 -64.09 9.12 17.45
N GLU A 96 -62.88 9.24 16.97
CA GLU A 96 -62.52 10.30 16.08
C GLU A 96 -62.75 9.78 14.68
N GLY A 97 -63.24 10.65 13.80
CA GLY A 97 -63.90 10.21 12.61
C GLY A 97 -62.93 10.10 11.46
N GLU A 98 -62.76 8.87 10.94
CA GLU A 98 -61.75 8.66 9.92
C GLU A 98 -62.27 7.73 8.83
N GLN A 99 -61.40 7.48 7.84
CA GLN A 99 -61.76 6.64 6.72
C GLN A 99 -61.84 5.18 7.13
N VAL A 100 -62.35 4.36 6.23
CA VAL A 100 -62.61 2.94 6.50
C VAL A 100 -62.03 2.12 5.36
N GLU A 101 -60.77 1.69 5.53
CA GLU A 101 -60.11 0.81 4.55
C GLU A 101 -60.41 -0.65 4.90
N TYR A 102 -61.57 -1.11 4.43
CA TYR A 102 -61.97 -2.49 4.67
C TYR A 102 -61.03 -3.47 3.98
N GLU A 103 -60.87 -4.64 4.57
CA GLU A 103 -59.98 -5.66 4.01
C GLU A 103 -60.39 -7.03 4.52
N ILE A 104 -60.32 -8.01 3.63
CA ILE A 104 -60.56 -9.42 3.97
C ILE A 104 -59.26 -10.16 3.68
N SER A 105 -58.56 -10.54 4.74
CA SER A 105 -57.30 -11.26 4.57
C SER A 105 -57.56 -12.62 3.95
N GLU A 106 -56.94 -12.88 2.79
CA GLU A 106 -57.12 -14.17 2.14
C GLU A 106 -56.42 -15.30 2.87
N LEU A 107 -55.52 -14.98 3.80
CA LEU A 107 -54.97 -16.01 4.68
C LEU A 107 -56.05 -16.55 5.61
N ASN A 108 -57.01 -15.71 5.98
CA ASN A 108 -58.08 -16.05 6.91
C ASN A 108 -59.43 -15.95 6.24
N GLY A 109 -59.53 -16.40 4.99
CA GLY A 109 -60.76 -16.31 4.24
C GLY A 109 -61.78 -17.32 4.70
N PRO A 110 -62.87 -17.47 3.95
CA PRO A 110 -63.89 -18.47 4.32
C PRO A 110 -63.38 -19.88 4.08
N SER A 111 -64.18 -20.87 4.46
CA SER A 111 -63.79 -22.27 4.30
C SER A 111 -64.65 -23.03 3.31
N ASN A 112 -65.94 -22.71 3.19
CA ASN A 112 -66.84 -23.41 2.29
C ASN A 112 -67.67 -22.42 1.48
N GLY A 113 -67.08 -21.29 1.14
CA GLY A 113 -67.74 -20.30 0.33
C GLY A 113 -66.76 -19.32 -0.27
N VAL A 114 -67.31 -18.29 -0.92
CA VAL A 114 -66.50 -17.24 -1.54
C VAL A 114 -67.05 -15.90 -1.09
N VAL A 115 -66.15 -14.94 -0.90
CA VAL A 115 -66.49 -13.61 -0.40
C VAL A 115 -66.09 -12.56 -1.42
N GLU A 116 -66.99 -11.63 -1.68
CA GLU A 116 -66.75 -10.50 -2.58
C GLU A 116 -66.93 -9.22 -1.76
N LEU A 117 -65.83 -8.54 -1.48
CA LEU A 117 -65.88 -7.28 -0.76
C LEU A 117 -66.33 -6.17 -1.72
N GLY A 118 -67.41 -5.48 -1.35
CA GLY A 118 -67.98 -4.44 -2.19
C GLY A 118 -67.17 -3.16 -2.25
N ALA A 119 -67.83 -2.06 -2.60
CA ALA A 119 -67.13 -0.78 -2.72
C ALA A 119 -67.05 -0.06 -1.38
N ASN A 120 -68.11 -0.11 -0.58
CA ASN A 120 -68.16 0.59 0.70
C ASN A 120 -68.78 -0.33 1.76
N GLY A 121 -67.94 -1.04 2.49
CA GLY A 121 -68.38 -1.83 3.63
C GLY A 121 -69.49 -2.82 3.36
N ALA A 122 -69.57 -3.32 2.14
CA ALA A 122 -70.55 -4.34 1.77
C ALA A 122 -69.82 -5.59 1.31
N PHE A 123 -70.44 -6.75 1.55
CA PHE A 123 -69.80 -8.00 1.16
C PHE A 123 -70.86 -9.02 0.79
N THR A 124 -70.51 -9.87 -0.18
CA THR A 124 -71.38 -10.92 -0.68
C THR A 124 -70.72 -12.25 -0.40
N TYR A 125 -71.38 -13.08 0.40
CA TYR A 125 -70.90 -14.42 0.73
C TYR A 125 -71.75 -15.43 -0.02
N THR A 126 -71.14 -16.09 -1.01
CA THR A 126 -71.81 -17.17 -1.72
C THR A 126 -71.34 -18.50 -1.15
N PRO A 127 -72.21 -19.27 -0.50
CA PRO A 127 -71.77 -20.56 0.06
C PRO A 127 -71.57 -21.60 -1.03
N GLY A 128 -70.65 -22.51 -0.80
CA GLY A 128 -70.41 -23.58 -1.75
C GLY A 128 -71.63 -24.48 -1.87
N ALA A 129 -71.85 -24.97 -3.09
CA ALA A 129 -73.00 -25.83 -3.36
C ALA A 129 -72.92 -27.11 -2.54
N LEU A 130 -74.06 -27.57 -2.06
CA LEU A 130 -74.19 -28.81 -1.29
C LEU A 130 -73.31 -28.77 -0.04
N PHE A 131 -73.61 -27.79 0.82
CA PHE A 131 -72.88 -27.62 2.06
C PHE A 131 -73.79 -26.97 3.09
N THR A 132 -73.76 -27.53 4.31
CA THR A 132 -74.54 -26.98 5.42
C THR A 132 -73.73 -27.11 6.70
N GLY A 133 -73.57 -26.00 7.41
CA GLY A 133 -72.81 -25.98 8.64
C GLY A 133 -72.60 -24.58 9.15
N VAL A 134 -71.35 -24.27 9.53
CA VAL A 134 -70.97 -22.94 9.99
C VAL A 134 -69.72 -22.52 9.21
N ASP A 135 -69.58 -21.22 9.00
CA ASP A 135 -68.40 -20.70 8.32
C ASP A 135 -67.98 -19.40 8.99
N ARG A 136 -66.69 -19.10 8.93
CA ARG A 136 -66.15 -17.88 9.53
C ARG A 136 -65.24 -17.18 8.55
N PHE A 137 -65.15 -15.87 8.67
CA PHE A 137 -64.13 -15.13 7.93
C PHE A 137 -63.77 -13.87 8.68
N TRP A 138 -62.50 -13.50 8.60
CA TRP A 138 -61.91 -12.47 9.46
C TRP A 138 -61.63 -11.22 8.64
N PHE A 139 -62.32 -10.14 8.99
CA PHE A 139 -62.13 -8.84 8.36
C PHE A 139 -61.17 -7.98 9.18
N SER A 140 -60.62 -6.95 8.52
CA SER A 140 -59.65 -6.04 9.12
C SER A 140 -60.12 -4.61 8.83
N ILE A 141 -60.92 -4.06 9.75
CA ILE A 141 -61.41 -2.69 9.63
C ILE A 141 -60.33 -1.77 10.16
N ASN A 142 -59.65 -1.06 9.26
CA ASN A 142 -58.59 -0.12 9.60
C ASN A 142 -57.52 -0.78 10.49
N GLY A 143 -57.18 -2.01 10.15
CA GLY A 143 -56.20 -2.77 10.90
C GLY A 143 -56.78 -3.56 12.05
N ASN A 144 -57.83 -3.03 12.68
CA ASN A 144 -58.47 -3.72 13.79
C ASN A 144 -59.24 -4.93 13.27
N ILE A 145 -58.92 -6.10 13.79
CA ILE A 145 -59.37 -7.37 13.22
C ILE A 145 -60.59 -7.85 13.98
N GLY A 146 -61.62 -8.27 13.23
CA GLY A 146 -62.79 -8.90 13.81
C GLY A 146 -63.20 -10.06 12.93
N GLU A 147 -64.13 -10.86 13.43
CA GLU A 147 -64.62 -12.01 12.69
C GLU A 147 -66.11 -11.90 12.44
N TYR A 148 -66.56 -12.46 11.32
CA TYR A 148 -67.96 -12.58 10.99
C TYR A 148 -68.24 -14.07 10.76
N VAL A 149 -69.23 -14.60 11.47
CA VAL A 149 -69.58 -16.01 11.41
C VAL A 149 -70.97 -16.15 10.80
N ILE A 150 -71.06 -16.94 9.73
CA ILE A 150 -72.30 -17.18 9.02
C ILE A 150 -72.77 -18.61 9.29
N SER A 151 -74.04 -18.73 9.68
CA SER A 151 -74.69 -20.04 9.77
C SER A 151 -75.47 -20.28 8.50
N VAL A 152 -75.40 -21.52 8.00
CA VAL A 152 -76.02 -21.90 6.73
C VAL A 152 -76.89 -23.13 6.98
N ASP A 153 -78.20 -22.90 7.03
CA ASP A 153 -79.14 -23.98 7.21
C ASP A 153 -79.08 -24.94 6.01
N PRO A 154 -79.58 -26.16 6.17
CA PRO A 154 -79.90 -26.98 4.99
C PRO A 154 -81.31 -26.63 4.48
N THR A 155 -81.57 -25.33 4.51
CA THR A 155 -82.84 -24.68 4.18
C THR A 155 -84.08 -25.41 4.70
N THR A 156 -84.01 -26.00 5.91
CA THR A 156 -85.25 -26.57 6.43
C THR A 156 -85.77 -25.87 7.69
N SER A 157 -85.08 -26.00 8.82
CA SER A 157 -85.59 -25.35 10.02
C SER A 157 -84.81 -24.12 10.46
N GLU A 158 -83.60 -24.35 10.99
CA GLU A 158 -82.75 -23.31 11.55
C GLU A 158 -81.47 -23.97 12.06
N LEU A 159 -80.59 -23.16 12.62
CA LEU A 159 -79.38 -23.62 13.28
C LEU A 159 -79.18 -22.96 14.64
N PRO A 160 -78.39 -23.58 15.53
CA PRO A 160 -77.93 -22.92 16.75
C PRO A 160 -76.87 -21.87 16.44
N GLN A 161 -76.22 -21.34 17.48
CA GLN A 161 -75.30 -20.22 17.29
C GLN A 161 -73.97 -20.48 18.00
N PRO A 162 -72.84 -20.27 17.30
CA PRO A 162 -71.53 -20.63 17.86
C PRO A 162 -71.08 -19.62 18.91
N PRO A 163 -70.08 -19.98 19.73
CA PRO A 163 -69.75 -19.14 20.89
C PRO A 163 -68.77 -18.01 20.63
N PHE A 164 -68.53 -17.64 19.37
CA PHE A 164 -67.69 -16.48 19.05
C PHE A 164 -66.28 -16.65 19.62
N THR A 165 -65.55 -17.60 19.02
CA THR A 165 -64.26 -18.08 19.51
C THR A 165 -63.40 -16.96 20.08
N THR A 166 -62.80 -17.24 21.24
CA THR A 166 -62.04 -16.27 22.02
C THR A 166 -60.67 -16.03 21.39
N PRO A 167 -59.95 -14.99 21.85
CA PRO A 167 -58.58 -14.81 21.36
C PRO A 167 -57.68 -16.00 21.63
N VAL A 168 -57.67 -16.52 22.86
CA VAL A 168 -56.90 -17.70 23.22
C VAL A 168 -57.87 -18.78 23.67
N TYR A 169 -57.71 -19.98 23.09
CA TYR A 169 -58.63 -21.08 23.36
C TYR A 169 -57.86 -22.39 23.33
N VAL A 170 -58.47 -23.41 23.93
CA VAL A 170 -57.94 -24.76 23.92
C VAL A 170 -59.00 -25.67 23.32
N PRO A 171 -58.68 -26.44 22.29
CA PRO A 171 -59.68 -27.28 21.62
C PRO A 171 -60.42 -28.18 22.60
N ALA A 172 -61.68 -28.46 22.29
CA ALA A 172 -62.54 -29.24 23.18
C ALA A 172 -61.96 -30.63 23.43
N ALA A 173 -61.76 -31.40 22.36
CA ALA A 173 -61.25 -32.77 22.48
C ALA A 173 -60.06 -32.93 21.55
N ARG A 174 -58.88 -32.50 22.01
CA ARG A 174 -57.63 -32.82 21.34
C ARG A 174 -56.54 -33.14 22.36
N ARG A 175 -56.92 -33.43 23.60
CA ARG A 175 -55.97 -33.71 24.67
C ARG A 175 -55.71 -35.21 24.77
N SER A 176 -54.52 -35.56 25.24
CA SER A 176 -54.16 -36.96 25.40
C SER A 176 -53.16 -37.09 26.54
N VAL A 177 -53.13 -38.27 27.16
CA VAL A 177 -52.18 -38.57 28.21
C VAL A 177 -51.61 -39.96 27.96
N ASP A 178 -50.29 -40.09 28.03
CA ASP A 178 -49.64 -41.37 27.82
C ASP A 178 -49.15 -41.91 29.16
N PRO A 179 -49.88 -42.82 29.81
CA PRO A 179 -49.46 -43.28 31.14
C PRO A 179 -48.15 -44.03 31.14
N ARG A 180 -47.68 -44.52 30.00
CA ARG A 180 -46.41 -45.25 29.97
C ARG A 180 -45.20 -44.33 30.08
N THR A 181 -45.35 -43.05 29.72
CA THR A 181 -44.25 -42.10 29.84
C THR A 181 -44.62 -40.84 30.61
N HIS A 182 -45.85 -40.74 31.12
CA HIS A 182 -46.29 -39.60 31.93
C HIS A 182 -46.14 -38.28 31.17
N VAL A 183 -46.85 -38.17 30.05
CA VAL A 183 -46.83 -36.97 29.23
C VAL A 183 -48.26 -36.61 28.85
N LEU A 184 -48.60 -35.34 29.01
CA LEU A 184 -49.89 -34.80 28.60
C LEU A 184 -49.69 -33.86 27.41
N LYS A 185 -50.43 -34.12 26.34
CA LYS A 185 -50.33 -33.37 25.10
C LYS A 185 -51.65 -32.66 24.85
N PHE A 186 -51.58 -31.39 24.46
CA PHE A 186 -52.77 -30.65 24.08
C PHE A 186 -52.38 -29.59 23.05
N VAL A 187 -53.40 -28.89 22.56
CA VAL A 187 -53.24 -27.92 21.48
C VAL A 187 -53.55 -26.54 22.03
N LEU A 188 -52.82 -25.55 21.52
CA LEU A 188 -53.02 -24.15 21.89
C LEU A 188 -53.36 -23.38 20.62
N GLY A 189 -54.58 -22.89 20.53
CA GLY A 189 -55.06 -22.14 19.38
C GLY A 189 -55.11 -20.66 19.69
N VAL A 190 -54.52 -19.86 18.80
CA VAL A 190 -54.48 -18.42 18.95
C VAL A 190 -55.32 -17.80 17.84
N SER A 191 -56.35 -17.05 18.22
CA SER A 191 -57.21 -16.40 17.26
C SER A 191 -56.45 -15.33 16.48
N PRO A 192 -56.81 -15.12 15.21
CA PRO A 192 -56.23 -14.00 14.47
C PRO A 192 -56.64 -12.65 14.99
N ALA A 193 -57.63 -12.58 15.87
CA ALA A 193 -58.09 -11.33 16.45
C ALA A 193 -57.36 -10.99 17.75
N ALA A 194 -56.37 -11.79 18.15
CA ALA A 194 -55.59 -11.47 19.33
C ALA A 194 -54.74 -10.24 19.08
N ILE A 195 -54.69 -9.35 20.05
CA ILE A 195 -53.95 -8.10 19.93
C ILE A 195 -52.53 -8.30 20.45
N PRO A 196 -51.50 -7.90 19.71
CA PRO A 196 -50.13 -8.10 20.19
C PRO A 196 -49.88 -7.38 21.50
N GLY A 197 -49.04 -7.98 22.33
CA GLY A 197 -48.69 -7.43 23.62
C GLY A 197 -49.55 -7.91 24.77
N ASP A 198 -50.72 -8.48 24.48
CA ASP A 198 -51.61 -8.94 25.54
C ASP A 198 -51.03 -10.16 26.23
N VAL A 199 -51.47 -10.38 27.46
CA VAL A 199 -50.97 -11.47 28.30
C VAL A 199 -52.16 -12.19 28.92
N TYR A 200 -52.25 -13.49 28.68
CA TYR A 200 -53.29 -14.35 29.24
C TYR A 200 -52.64 -15.39 30.14
N ARG A 201 -53.48 -16.08 30.93
CA ARG A 201 -53.01 -17.12 31.83
C ARG A 201 -53.84 -18.38 31.64
N LEU A 202 -53.16 -19.51 31.55
CA LEU A 202 -53.79 -20.82 31.47
C LEU A 202 -53.44 -21.61 32.71
N THR A 203 -54.46 -22.09 33.42
CA THR A 203 -54.26 -22.91 34.60
C THR A 203 -54.63 -24.35 34.27
N VAL A 204 -53.72 -25.27 34.55
CA VAL A 204 -53.90 -26.68 34.24
C VAL A 204 -54.00 -27.46 35.54
N ARG A 205 -55.09 -28.22 35.68
CA ARG A 205 -55.32 -29.10 36.82
C ARG A 205 -55.38 -30.53 36.29
N GLN A 206 -54.31 -31.29 36.53
CA GLN A 206 -54.21 -32.67 36.07
C GLN A 206 -54.08 -33.61 37.26
N VAL A 207 -54.79 -34.72 37.20
CA VAL A 207 -54.84 -35.68 38.31
C VAL A 207 -54.18 -36.98 37.88
N ALA A 208 -53.38 -37.55 38.78
CA ALA A 208 -52.82 -38.88 38.61
C ALA A 208 -53.74 -39.89 39.31
N ILE A 209 -53.26 -41.12 39.50
CA ILE A 209 -54.05 -42.15 40.16
C ILE A 209 -53.09 -43.14 40.81
N ASP A 210 -53.48 -43.64 41.97
CA ASP A 210 -52.68 -44.61 42.70
C ASP A 210 -53.00 -46.03 42.23
N CYS A 211 -52.44 -47.01 42.93
CA CYS A 211 -52.68 -48.40 42.58
C CYS A 211 -54.10 -48.87 42.90
N ASP A 212 -54.81 -48.16 43.77
CA ASP A 212 -56.15 -48.57 44.18
C ASP A 212 -57.26 -47.74 43.54
N GLY A 213 -56.91 -46.67 42.85
CA GLY A 213 -57.91 -45.84 42.19
C GLY A 213 -58.22 -44.52 42.86
N ASN A 214 -57.41 -44.08 43.82
CA ASN A 214 -57.59 -42.78 44.44
C ASN A 214 -57.00 -41.71 43.54
N GLU A 215 -56.99 -40.46 44.00
CA GLU A 215 -56.58 -39.35 43.16
C GLU A 215 -55.45 -38.57 43.81
N PHE A 216 -54.63 -37.96 42.96
CA PHE A 216 -53.54 -37.07 43.38
C PHE A 216 -53.50 -35.90 42.40
N VAL A 217 -53.90 -34.73 42.85
CA VAL A 217 -54.09 -33.58 41.97
C VAL A 217 -52.79 -32.81 41.81
N HIS A 218 -52.69 -32.05 40.72
CA HIS A 218 -51.58 -31.14 40.51
C HIS A 218 -52.07 -29.94 39.70
N ILE A 219 -51.59 -28.75 40.05
CA ILE A 219 -52.04 -27.51 39.44
C ILE A 219 -50.83 -26.69 39.01
N SER A 220 -50.90 -26.10 37.82
CA SER A 220 -49.81 -25.25 37.34
C SER A 220 -50.39 -24.12 36.49
N CYS A 221 -49.53 -23.15 36.14
CA CYS A 221 -49.92 -22.03 35.30
C CYS A 221 -48.98 -21.96 34.10
N TYR A 222 -49.45 -21.23 33.09
CA TYR A 222 -48.59 -20.77 32.01
C TYR A 222 -49.09 -19.42 31.54
N ASP A 223 -48.17 -18.48 31.37
CA ASP A 223 -48.50 -17.12 30.92
C ASP A 223 -48.27 -17.08 29.42
N ILE A 224 -49.35 -16.94 28.67
CA ILE A 224 -49.30 -16.88 27.21
C ILE A 224 -49.18 -15.43 26.80
N SER A 225 -48.07 -15.08 26.17
CA SER A 225 -47.76 -13.71 25.77
C SER A 225 -47.97 -13.60 24.27
N ILE A 226 -49.10 -13.04 23.87
CA ILE A 226 -49.43 -12.88 22.45
C ILE A 226 -48.58 -11.77 21.86
N GLY A 227 -47.54 -12.14 21.11
CA GLY A 227 -46.70 -11.15 20.48
C GLY A 227 -46.56 -11.37 18.99
N SER A 228 -46.10 -10.36 18.27
CA SER A 228 -45.83 -10.48 16.85
C SER A 228 -44.48 -11.15 16.65
N CYS A 229 -44.30 -11.74 15.46
CA CYS A 229 -43.09 -12.48 15.11
C CYS A 229 -42.95 -13.71 16.02
N GLY A 230 -44.09 -14.24 16.44
CA GLY A 230 -44.09 -15.42 17.30
C GLY A 230 -43.50 -15.16 18.67
N MET B 1 44.30 -26.05 -31.22
CA MET B 1 43.03 -26.02 -31.93
C MET B 1 42.01 -25.16 -31.20
N TYR B 2 41.48 -24.16 -31.91
CA TYR B 2 40.44 -23.33 -31.34
C TYR B 2 39.09 -24.03 -31.42
N PHE B 3 38.27 -23.82 -30.39
CA PHE B 3 36.93 -24.38 -30.36
C PHE B 3 35.96 -23.29 -29.93
N PHE B 4 34.95 -23.03 -30.74
CA PHE B 4 33.97 -22.00 -30.46
C PHE B 4 32.57 -22.60 -30.41
N SER B 5 31.76 -22.10 -29.49
CA SER B 5 30.34 -22.42 -29.41
C SER B 5 29.55 -21.22 -29.91
N VAL B 6 28.64 -21.46 -30.83
CA VAL B 6 27.98 -20.39 -31.55
C VAL B 6 26.83 -19.83 -30.74
N ASP B 7 26.46 -18.59 -31.03
CA ASP B 7 25.26 -18.01 -30.45
C ASP B 7 24.04 -18.78 -30.95
N PRO B 8 23.16 -19.21 -30.06
CA PRO B 8 21.97 -19.97 -30.50
C PRO B 8 20.86 -19.14 -31.13
N ARG B 9 21.09 -17.84 -31.21
CA ARG B 9 20.11 -16.93 -31.79
C ARG B 9 18.75 -17.23 -31.26
N ASN B 10 18.69 -17.81 -30.08
CA ASN B 10 17.42 -18.04 -29.47
C ASN B 10 16.96 -16.72 -28.98
N GLY B 11 17.08 -16.51 -27.68
CA GLY B 11 16.67 -15.25 -27.11
C GLY B 11 17.59 -14.80 -26.00
N ALA B 12 17.70 -15.60 -24.95
CA ALA B 12 18.52 -15.24 -23.79
C ALA B 12 19.82 -14.58 -24.21
N SER B 13 20.42 -15.08 -25.29
CA SER B 13 21.63 -14.46 -25.79
C SER B 13 21.53 -12.96 -25.79
N LYS B 14 22.44 -12.29 -25.08
CA LYS B 14 22.43 -10.83 -25.02
C LYS B 14 21.10 -10.28 -24.55
N SER B 15 20.49 -10.92 -23.55
CA SER B 15 19.18 -10.50 -23.08
C SER B 15 18.40 -9.98 -24.26
N GLY B 16 18.13 -10.86 -25.22
CA GLY B 16 17.47 -10.43 -26.42
C GLY B 16 18.43 -9.47 -27.07
N ASP B 17 18.07 -8.20 -27.12
CA ASP B 17 18.97 -7.21 -27.68
C ASP B 17 19.32 -6.18 -26.64
N VAL B 18 18.48 -6.05 -25.62
CA VAL B 18 18.75 -5.10 -24.55
C VAL B 18 20.23 -4.96 -24.34
N CYS B 19 20.91 -6.09 -24.15
CA CYS B 19 22.34 -6.06 -24.00
C CYS B 19 22.98 -5.76 -25.33
N GLY B 20 23.04 -6.76 -26.21
CA GLY B 20 23.66 -6.57 -27.49
C GLY B 20 25.03 -7.22 -27.53
N SER B 21 25.97 -6.68 -26.76
CA SER B 21 27.33 -7.25 -26.71
C SER B 21 27.74 -7.89 -28.03
N CYS B 22 27.68 -9.22 -28.09
CA CYS B 22 28.01 -9.89 -29.36
C CYS B 22 29.35 -9.47 -29.94
N CYS B 23 30.18 -8.78 -29.16
CA CYS B 23 31.55 -8.52 -29.56
C CYS B 23 32.22 -9.76 -30.14
N CYS B 24 32.77 -9.63 -31.33
CA CYS B 24 33.26 -10.76 -32.10
C CYS B 24 34.30 -11.54 -31.32
N GLU B 25 34.32 -12.86 -31.52
CA GLU B 25 35.18 -13.69 -30.70
C GLU B 25 36.65 -13.37 -30.97
N SER B 26 37.53 -13.87 -30.11
CA SER B 26 38.95 -13.56 -30.20
C SER B 26 39.72 -14.77 -30.70
N ILE B 27 40.71 -14.53 -31.56
CA ILE B 27 41.61 -15.58 -32.04
C ILE B 27 43.02 -15.03 -32.06
N SER B 28 43.87 -15.52 -31.17
CA SER B 28 45.28 -15.14 -31.17
C SER B 28 46.05 -16.02 -32.15
N ALA B 29 46.92 -15.39 -32.93
CA ALA B 29 47.66 -16.09 -33.97
C ALA B 29 49.10 -15.59 -34.00
N ARG B 30 49.99 -16.46 -34.48
CA ARG B 30 51.41 -16.15 -34.58
C ARG B 30 51.87 -16.29 -36.03
N PRO B 31 52.67 -15.34 -36.52
CA PRO B 31 53.12 -15.42 -37.92
C PRO B 31 53.89 -16.71 -38.19
N GLY B 32 53.45 -17.44 -39.22
CA GLY B 32 54.06 -18.69 -39.62
C GLY B 32 53.25 -19.91 -39.25
N GLU B 33 52.45 -19.83 -38.18
CA GLU B 33 51.68 -20.97 -37.72
C GLU B 33 50.55 -21.29 -38.71
N VAL B 34 50.08 -22.53 -38.64
CA VAL B 34 48.90 -22.98 -39.38
C VAL B 34 48.04 -23.78 -38.43
N ASN B 35 46.99 -23.16 -37.90
CA ASN B 35 46.20 -23.76 -36.84
C ASN B 35 44.85 -24.25 -37.37
N GLY B 36 44.10 -24.92 -36.51
CA GLY B 36 42.79 -25.42 -36.88
C GLY B 36 41.73 -24.89 -35.95
N VAL B 37 40.58 -24.55 -36.53
CA VAL B 37 39.45 -23.98 -35.80
C VAL B 37 38.23 -24.86 -36.00
N MET B 38 37.48 -25.05 -34.92
CA MET B 38 36.22 -25.78 -34.96
C MET B 38 35.14 -24.91 -34.35
N VAL B 39 33.94 -24.99 -34.90
CA VAL B 39 32.79 -24.25 -34.39
C VAL B 39 31.61 -25.20 -34.31
N SER B 40 30.91 -25.18 -33.18
CA SER B 40 29.82 -26.10 -32.90
C SER B 40 28.50 -25.36 -33.08
N TYR B 41 27.82 -25.61 -34.20
CA TYR B 41 26.52 -25.01 -34.48
C TYR B 41 25.37 -25.74 -33.81
N ALA B 42 25.67 -26.73 -32.96
CA ALA B 42 24.61 -27.54 -32.37
C ALA B 42 23.61 -26.68 -31.62
N ALA B 43 24.09 -25.82 -30.72
CA ALA B 43 23.21 -24.98 -29.93
C ALA B 43 22.25 -24.15 -30.78
N TRP B 44 22.54 -24.00 -32.08
CA TRP B 44 21.64 -23.31 -32.98
C TRP B 44 20.87 -24.24 -33.90
N SER B 45 21.46 -25.36 -34.32
CA SER B 45 20.87 -26.22 -35.31
C SER B 45 20.12 -27.42 -34.71
N ALA B 46 20.29 -27.67 -33.42
CA ALA B 46 19.59 -28.78 -32.78
C ALA B 46 18.09 -28.50 -32.68
N PRO B 47 17.66 -27.31 -32.25
CA PRO B 47 16.21 -27.04 -32.25
C PRO B 47 15.60 -27.07 -33.64
N LEU B 48 16.34 -26.64 -34.66
CA LEU B 48 15.89 -26.77 -36.03
C LEU B 48 15.98 -28.22 -36.48
N ARG B 49 15.06 -29.06 -36.03
CA ARG B 49 15.13 -30.49 -36.31
C ARG B 49 15.04 -30.75 -37.80
N GLY B 50 16.15 -31.15 -38.40
CA GLY B 50 16.23 -31.37 -39.83
C GLY B 50 17.49 -32.12 -40.21
N HIS B 51 18.04 -31.83 -41.38
CA HIS B 51 19.21 -32.54 -41.89
C HIS B 51 20.51 -31.78 -41.63
N GLY B 52 20.57 -31.05 -40.52
CA GLY B 52 21.83 -30.46 -40.09
C GLY B 52 22.35 -29.39 -41.03
N LEU B 53 23.67 -29.35 -41.16
CA LEU B 53 24.33 -28.32 -41.95
C LEU B 53 24.54 -28.81 -43.39
N THR B 54 25.09 -27.92 -44.22
CA THR B 54 25.48 -28.25 -45.57
C THR B 54 26.87 -27.70 -45.86
N ASN B 55 27.48 -28.21 -46.93
CA ASN B 55 28.84 -27.80 -47.31
C ASN B 55 28.80 -26.54 -48.17
N LYS B 56 28.21 -25.49 -47.62
CA LYS B 56 28.07 -24.21 -48.29
C LYS B 56 28.48 -23.08 -47.37
N THR B 57 29.65 -23.22 -46.75
CA THR B 57 30.19 -22.18 -45.88
C THR B 57 30.95 -21.15 -46.70
N THR B 58 30.98 -19.91 -46.19
CA THR B 58 31.62 -18.81 -46.87
C THR B 58 32.39 -17.98 -45.87
N PHE B 59 33.58 -17.53 -46.27
CA PHE B 59 34.45 -16.75 -45.41
C PHE B 59 34.83 -15.43 -46.10
N GLU B 60 35.33 -14.49 -45.30
CA GLU B 60 35.77 -13.20 -45.82
C GLU B 60 36.81 -12.63 -44.87
N ILE B 61 37.87 -12.04 -45.45
CA ILE B 61 38.97 -11.47 -44.68
C ILE B 61 39.05 -9.99 -45.02
N ASP B 62 38.98 -9.14 -43.99
CA ASP B 62 39.19 -7.71 -44.13
C ASP B 62 40.04 -7.21 -42.96
N GLY B 63 40.92 -6.27 -43.25
CA GLY B 63 41.86 -5.79 -42.24
C GLY B 63 41.37 -4.52 -41.57
N VAL B 64 41.31 -4.56 -40.23
CA VAL B 64 40.99 -3.37 -39.46
C VAL B 64 42.24 -2.66 -38.94
N SER B 65 43.39 -3.31 -38.97
CA SER B 65 44.67 -2.64 -38.73
C SER B 65 45.75 -3.45 -39.43
N VAL B 66 46.42 -2.85 -40.42
CA VAL B 66 47.20 -3.60 -41.39
C VAL B 66 48.69 -3.26 -41.31
N THR B 67 49.04 -1.99 -41.07
CA THR B 67 50.43 -1.55 -41.04
C THR B 67 51.14 -1.97 -42.32
N PRO B 68 50.89 -1.29 -43.44
CA PRO B 68 51.40 -1.73 -44.75
C PRO B 68 52.88 -2.06 -44.71
N PRO B 69 53.31 -3.04 -45.49
CA PRO B 69 54.70 -3.53 -45.37
C PRO B 69 55.70 -2.55 -45.97
N LYS B 70 56.95 -2.67 -45.51
CA LYS B 70 58.03 -1.85 -46.03
C LYS B 70 58.64 -2.47 -47.29
N VAL B 71 59.01 -3.73 -47.21
CA VAL B 71 59.62 -4.45 -48.33
C VAL B 71 58.52 -5.04 -49.19
N SER B 72 58.69 -4.93 -50.51
CA SER B 72 57.72 -5.47 -51.44
C SER B 72 58.06 -6.92 -51.79
N ASN B 73 57.09 -7.61 -52.38
CA ASN B 73 57.28 -8.98 -52.82
C ASN B 73 57.76 -9.00 -54.28
N ALA B 74 58.09 -10.19 -54.76
CA ALA B 74 58.61 -10.31 -56.12
C ALA B 74 58.32 -11.70 -56.67
N PHE B 75 58.27 -11.76 -58.00
CA PHE B 75 57.93 -12.96 -58.74
C PHE B 75 58.92 -13.15 -59.88
N GLY B 76 59.38 -14.38 -60.06
CA GLY B 76 60.33 -14.71 -61.10
C GLY B 76 59.96 -16.01 -61.79
N ARG B 77 60.61 -16.24 -62.93
CA ARG B 77 60.27 -17.38 -63.77
C ARG B 77 61.54 -18.01 -64.31
N THR B 78 61.50 -19.33 -64.47
CA THR B 78 62.61 -20.07 -65.05
C THR B 78 62.10 -21.42 -65.53
N LYS B 79 62.94 -22.10 -66.32
CA LYS B 79 62.57 -23.39 -66.87
C LYS B 79 63.06 -24.51 -65.96
N VAL B 80 62.70 -25.74 -66.32
CA VAL B 80 63.11 -26.89 -65.53
C VAL B 80 64.58 -27.19 -65.77
N GLY B 81 65.30 -27.51 -64.69
CA GLY B 81 66.70 -27.87 -64.77
C GLY B 81 67.67 -26.71 -64.84
N VAL B 82 67.25 -25.56 -65.35
CA VAL B 82 68.14 -24.41 -65.49
C VAL B 82 68.17 -23.64 -64.19
N VAL B 83 69.36 -23.20 -63.78
CA VAL B 83 69.52 -22.48 -62.52
C VAL B 83 68.95 -21.08 -62.66
N PHE B 84 68.48 -20.53 -61.54
CA PHE B 84 67.88 -19.20 -61.50
C PHE B 84 68.76 -18.24 -60.71
N GLU B 85 68.80 -16.99 -61.16
CA GLU B 85 69.54 -15.94 -60.50
C GLU B 85 68.59 -14.80 -60.15
N GLY B 86 68.95 -14.04 -59.11
CA GLY B 86 68.13 -12.90 -58.77
C GLY B 86 68.84 -11.97 -57.82
N THR B 87 68.31 -10.76 -57.71
CA THR B 87 68.80 -9.75 -56.78
C THR B 87 67.82 -9.56 -55.64
N LEU B 88 68.29 -8.89 -54.59
CA LEU B 88 67.45 -8.69 -53.41
C LEU B 88 67.54 -7.26 -52.88
N SER B 89 68.00 -6.31 -53.70
CA SER B 89 68.15 -4.93 -53.28
C SER B 89 67.03 -4.01 -53.74
N ASP B 90 66.47 -4.26 -54.92
CA ASP B 90 65.41 -3.43 -55.48
C ASP B 90 64.04 -3.71 -54.88
N LEU B 91 63.96 -4.55 -53.85
CA LEU B 91 62.70 -4.82 -53.17
C LEU B 91 62.53 -4.01 -51.90
N PHE B 92 63.56 -3.27 -51.48
CA PHE B 92 63.54 -2.52 -50.21
C PHE B 92 63.72 -1.04 -50.52
N PRO B 93 62.64 -0.34 -50.86
CA PRO B 93 62.74 1.13 -50.97
C PRO B 93 62.88 1.75 -49.60
N ASN B 94 64.08 2.24 -49.28
CA ASN B 94 64.28 2.77 -47.94
C ASN B 94 64.16 4.29 -47.96
N PRO B 95 63.33 4.88 -47.11
CA PRO B 95 63.19 6.33 -47.08
C PRO B 95 64.44 7.00 -46.51
N GLU B 96 64.99 6.40 -45.46
CA GLU B 96 66.18 6.90 -44.80
C GLU B 96 67.41 6.18 -45.35
N GLY B 97 68.58 6.60 -44.90
CA GLY B 97 69.83 5.97 -45.29
C GLY B 97 70.30 5.03 -44.21
N GLU B 98 70.33 3.74 -44.54
CA GLU B 98 70.75 2.73 -43.59
C GLU B 98 71.29 1.53 -44.36
N GLN B 99 71.76 0.53 -43.62
CA GLN B 99 72.37 -0.66 -44.20
C GLN B 99 71.34 -1.76 -44.35
N VAL B 100 71.60 -2.64 -45.32
CA VAL B 100 70.65 -3.65 -45.75
C VAL B 100 71.24 -5.01 -45.38
N GLU B 101 70.69 -5.61 -44.32
CA GLU B 101 71.14 -6.94 -43.85
C GLU B 101 70.21 -7.99 -44.44
N TYR B 102 70.55 -8.44 -45.64
CA TYR B 102 69.79 -9.52 -46.28
C TYR B 102 69.91 -10.80 -45.45
N GLU B 103 68.81 -11.56 -45.40
CA GLU B 103 68.80 -12.81 -44.67
C GLU B 103 67.68 -13.69 -45.19
N ILE B 104 67.92 -15.00 -45.16
CA ILE B 104 66.94 -16.01 -45.54
C ILE B 104 66.77 -16.94 -44.33
N SER B 105 65.58 -16.95 -43.75
CA SER B 105 65.34 -17.80 -42.58
C SER B 105 65.36 -19.26 -42.98
N GLU B 106 66.12 -20.06 -42.24
CA GLU B 106 66.19 -21.49 -42.50
C GLU B 106 64.87 -22.19 -42.21
N LEU B 107 63.98 -21.55 -41.47
CA LEU B 107 62.70 -22.17 -41.15
C LEU B 107 61.74 -22.11 -42.33
N ASN B 108 61.70 -20.98 -43.02
CA ASN B 108 60.74 -20.73 -44.08
C ASN B 108 61.44 -20.63 -45.44
N GLY B 109 62.41 -21.51 -45.67
CA GLY B 109 63.14 -21.52 -46.92
C GLY B 109 62.37 -22.21 -48.02
N PRO B 110 63.06 -22.53 -49.12
CA PRO B 110 62.37 -23.18 -50.25
C PRO B 110 61.99 -24.61 -49.93
N SER B 111 61.23 -25.23 -50.83
CA SER B 111 60.75 -26.59 -50.64
C SER B 111 61.30 -27.58 -51.65
N ASN B 112 61.58 -27.15 -52.88
CA ASN B 112 62.09 -28.04 -53.92
C ASN B 112 63.33 -27.46 -54.59
N GLY B 113 64.17 -26.81 -53.81
CA GLY B 113 65.40 -26.25 -54.35
C GLY B 113 66.36 -25.86 -53.25
N VAL B 114 67.43 -25.18 -53.67
CA VAL B 114 68.46 -24.71 -52.74
C VAL B 114 68.86 -23.30 -53.14
N VAL B 115 68.95 -22.41 -52.16
CA VAL B 115 69.27 -21.01 -52.39
C VAL B 115 70.60 -20.67 -51.72
N GLU B 116 71.48 -20.03 -52.48
CA GLU B 116 72.73 -19.47 -51.96
C GLU B 116 72.61 -17.97 -52.04
N LEU B 117 72.54 -17.31 -50.88
CA LEU B 117 72.43 -15.86 -50.85
C LEU B 117 73.79 -15.23 -51.15
N GLY B 118 73.79 -14.24 -52.03
CA GLY B 118 75.00 -13.53 -52.37
C GLY B 118 75.44 -12.60 -51.25
N ALA B 119 76.63 -12.01 -51.45
CA ALA B 119 77.18 -11.12 -50.44
C ALA B 119 76.50 -9.75 -50.46
N ASN B 120 76.03 -9.30 -51.63
CA ASN B 120 75.38 -8.00 -51.77
C ASN B 120 74.05 -8.20 -52.50
N GLY B 121 73.01 -8.54 -51.75
CA GLY B 121 71.66 -8.61 -52.26
C GLY B 121 71.46 -9.48 -53.48
N ALA B 122 72.23 -10.56 -53.58
CA ALA B 122 72.10 -11.50 -54.68
C ALA B 122 71.71 -12.88 -54.15
N PHE B 123 71.15 -13.71 -55.03
CA PHE B 123 70.81 -15.06 -54.64
C PHE B 123 70.75 -15.95 -55.88
N THR B 124 71.20 -17.19 -55.70
CA THR B 124 71.18 -18.21 -56.74
C THR B 124 70.31 -19.36 -56.27
N TYR B 125 69.25 -19.66 -57.01
CA TYR B 125 68.31 -20.71 -56.67
C TYR B 125 68.47 -21.83 -57.69
N THR B 126 68.96 -22.98 -57.22
CA THR B 126 68.97 -24.19 -58.03
C THR B 126 67.70 -24.99 -57.73
N PRO B 127 66.79 -25.15 -58.68
CA PRO B 127 65.58 -25.94 -58.42
C PRO B 127 65.90 -27.42 -58.34
N GLY B 128 64.97 -28.15 -57.71
CA GLY B 128 65.10 -29.59 -57.62
C GLY B 128 64.97 -30.26 -58.97
N ALA B 129 65.93 -31.13 -59.29
CA ALA B 129 65.90 -31.84 -60.57
C ALA B 129 64.67 -32.73 -60.65
N LEU B 130 64.15 -32.88 -61.87
CA LEU B 130 62.95 -33.67 -62.15
C LEU B 130 61.77 -33.16 -61.33
N PHE B 131 61.49 -31.86 -61.48
CA PHE B 131 60.41 -31.21 -60.76
C PHE B 131 59.90 -30.03 -61.57
N THR B 132 58.60 -29.80 -61.51
CA THR B 132 57.99 -28.65 -62.18
C THR B 132 56.76 -28.24 -61.37
N GLY B 133 56.78 -27.00 -60.87
CA GLY B 133 55.68 -26.46 -60.09
C GLY B 133 55.92 -25.02 -59.72
N VAL B 134 55.63 -24.65 -58.48
CA VAL B 134 55.93 -23.33 -57.95
C VAL B 134 56.77 -23.49 -56.70
N ASP B 135 57.50 -22.43 -56.35
CA ASP B 135 58.33 -22.44 -55.16
C ASP B 135 58.32 -21.06 -54.53
N ARG B 136 58.48 -21.01 -53.22
CA ARG B 136 58.50 -19.74 -52.49
C ARG B 136 59.63 -19.76 -51.47
N PHE B 137 60.11 -18.58 -51.13
CA PHE B 137 61.03 -18.48 -50.01
C PHE B 137 60.96 -17.07 -49.43
N TRP B 138 61.10 -17.00 -48.11
CA TRP B 138 60.82 -15.78 -47.35
C TRP B 138 62.13 -15.15 -46.90
N PHE B 139 62.38 -13.94 -47.37
CA PHE B 139 63.56 -13.18 -46.99
C PHE B 139 63.24 -12.19 -45.88
N SER B 140 64.29 -11.76 -45.18
CA SER B 140 64.17 -10.82 -44.08
C SER B 140 65.17 -9.69 -44.34
N ILE B 141 64.72 -8.67 -45.05
CA ILE B 141 65.55 -7.51 -45.37
C ILE B 141 65.43 -6.55 -44.21
N ASN B 142 66.52 -6.41 -43.45
CA ASN B 142 66.60 -5.50 -42.30
C ASN B 142 65.45 -5.76 -41.32
N GLY B 143 65.16 -7.03 -41.09
CA GLY B 143 64.10 -7.41 -40.19
C GLY B 143 62.74 -7.49 -40.86
N ASN B 144 62.49 -6.65 -41.87
CA ASN B 144 61.21 -6.65 -42.55
C ASN B 144 61.11 -7.87 -43.47
N ILE B 145 60.01 -8.61 -43.34
CA ILE B 145 59.87 -9.91 -43.98
C ILE B 145 59.09 -9.76 -45.28
N GLY B 146 59.57 -10.45 -46.32
CA GLY B 146 58.86 -10.50 -47.58
C GLY B 146 59.02 -11.88 -48.20
N GLU B 147 58.26 -12.13 -49.25
CA GLU B 147 58.30 -13.42 -49.93
C GLU B 147 58.71 -13.25 -51.39
N TYR B 148 59.43 -14.23 -51.90
CA TYR B 148 59.86 -14.29 -53.29
C TYR B 148 59.31 -15.57 -53.88
N VAL B 149 58.59 -15.45 -55.00
CA VAL B 149 57.96 -16.58 -55.67
C VAL B 149 58.71 -16.87 -56.95
N ILE B 150 58.93 -18.15 -57.24
CA ILE B 150 59.58 -18.60 -58.46
C ILE B 150 58.67 -19.62 -59.14
N SER B 151 58.53 -19.50 -60.45
CA SER B 151 57.74 -20.42 -61.25
C SER B 151 58.66 -21.18 -62.20
N VAL B 152 58.79 -22.49 -61.98
CA VAL B 152 59.55 -23.36 -62.86
C VAL B 152 58.59 -23.99 -63.87
N ASP B 153 58.95 -23.91 -65.13
CA ASP B 153 58.11 -24.36 -66.22
C ASP B 153 58.49 -25.76 -66.66
N PRO B 154 57.55 -26.51 -67.25
CA PRO B 154 57.93 -27.82 -67.83
C PRO B 154 58.51 -27.67 -69.21
N THR B 155 59.37 -26.66 -69.39
CA THR B 155 60.23 -26.39 -70.55
C THR B 155 59.44 -26.13 -71.82
N THR B 156 58.11 -26.29 -71.78
CA THR B 156 57.36 -26.19 -73.03
C THR B 156 57.01 -24.74 -73.40
N SER B 157 56.11 -24.10 -72.65
CA SER B 157 55.80 -22.69 -72.89
C SER B 157 55.98 -21.84 -71.64
N GLU B 158 55.19 -22.08 -70.59
CA GLU B 158 55.08 -21.14 -69.47
C GLU B 158 54.11 -21.66 -68.41
N LEU B 159 54.24 -21.18 -67.17
CA LEU B 159 53.30 -21.43 -66.10
C LEU B 159 52.60 -20.14 -65.70
N PRO B 160 51.33 -20.22 -65.25
CA PRO B 160 50.64 -19.01 -64.78
C PRO B 160 51.22 -18.44 -63.50
N GLN B 161 50.59 -17.39 -62.97
CA GLN B 161 51.15 -16.62 -61.85
C GLN B 161 50.33 -16.84 -60.59
N PRO B 162 50.94 -17.26 -59.48
CA PRO B 162 50.19 -17.46 -58.23
C PRO B 162 49.76 -16.14 -57.63
N PRO B 163 48.78 -16.14 -56.72
CA PRO B 163 48.18 -14.88 -56.27
C PRO B 163 48.87 -14.19 -55.11
N PHE B 164 50.11 -14.56 -54.78
CA PHE B 164 50.89 -13.85 -53.76
C PHE B 164 50.16 -13.85 -52.41
N THR B 165 50.12 -15.06 -51.82
CA THR B 165 49.36 -15.36 -50.61
C THR B 165 49.41 -14.23 -49.58
N THR B 166 48.25 -13.98 -48.98
CA THR B 166 48.03 -12.85 -48.08
C THR B 166 48.66 -13.14 -46.72
N PRO B 167 48.73 -12.14 -45.83
CA PRO B 167 49.18 -12.40 -44.45
C PRO B 167 48.35 -13.46 -43.75
N VAL B 168 47.03 -13.26 -43.70
CA VAL B 168 46.11 -14.23 -43.12
C VAL B 168 45.21 -14.74 -44.23
N TYR B 169 44.97 -16.06 -44.22
CA TYR B 169 44.19 -16.70 -45.26
C TYR B 169 43.54 -17.96 -44.72
N VAL B 170 42.53 -18.43 -45.43
CA VAL B 170 41.88 -19.70 -45.14
C VAL B 170 42.05 -20.61 -46.35
N PRO B 171 42.64 -21.80 -46.19
CA PRO B 171 42.91 -22.65 -47.34
C PRO B 171 41.67 -22.88 -48.21
N ALA B 172 41.91 -23.08 -49.51
CA ALA B 172 40.83 -23.18 -50.48
C ALA B 172 39.84 -24.28 -50.12
N ALA B 173 40.31 -25.53 -50.07
CA ALA B 173 39.47 -26.68 -49.75
C ALA B 173 40.13 -27.48 -48.64
N ARG B 174 39.92 -27.04 -47.39
CA ARG B 174 40.27 -27.84 -46.22
C ARG B 174 39.22 -27.70 -45.13
N ARG B 175 38.00 -27.32 -45.50
CA ARG B 175 36.89 -27.17 -44.58
C ARG B 175 35.97 -28.38 -44.67
N SER B 176 35.26 -28.64 -43.59
CA SER B 176 34.37 -29.81 -43.54
C SER B 176 33.32 -29.57 -42.48
N VAL B 177 32.23 -30.33 -42.55
CA VAL B 177 31.15 -30.23 -41.58
C VAL B 177 30.61 -31.63 -41.32
N ASP B 178 30.35 -31.93 -40.04
CA ASP B 178 29.79 -33.21 -39.64
C ASP B 178 28.31 -33.04 -39.33
N PRO B 179 27.40 -33.41 -40.23
CA PRO B 179 25.96 -33.23 -39.95
C PRO B 179 25.46 -34.05 -38.76
N ARG B 180 26.25 -34.96 -38.23
CA ARG B 180 25.80 -35.79 -37.12
C ARG B 180 25.96 -35.09 -35.78
N THR B 181 26.98 -34.24 -35.64
CA THR B 181 27.22 -33.54 -34.39
C THR B 181 27.25 -32.02 -34.55
N HIS B 182 26.95 -31.52 -35.75
CA HIS B 182 26.85 -30.08 -36.00
C HIS B 182 28.14 -29.36 -35.64
N VAL B 183 29.20 -29.72 -36.35
CA VAL B 183 30.51 -29.13 -36.13
C VAL B 183 31.15 -28.81 -37.48
N LEU B 184 31.65 -27.59 -37.61
CA LEU B 184 32.35 -27.14 -38.80
C LEU B 184 33.83 -26.97 -38.47
N LYS B 185 34.69 -27.58 -39.28
CA LYS B 185 36.14 -27.52 -39.10
C LYS B 185 36.75 -26.77 -40.27
N PHE B 186 37.70 -25.89 -39.99
CA PHE B 186 38.49 -25.28 -41.05
C PHE B 186 39.88 -24.94 -40.53
N VAL B 187 40.73 -24.49 -41.43
CA VAL B 187 42.12 -24.21 -41.13
C VAL B 187 42.36 -22.70 -41.23
N LEU B 188 43.28 -22.20 -40.43
CA LEU B 188 43.64 -20.80 -40.41
C LEU B 188 45.15 -20.69 -40.58
N GLY B 189 45.60 -20.09 -41.68
CA GLY B 189 47.00 -19.96 -41.99
C GLY B 189 47.44 -18.51 -41.89
N VAL B 190 48.58 -18.30 -41.24
CA VAL B 190 49.15 -16.97 -41.03
C VAL B 190 50.51 -16.92 -41.71
N SER B 191 50.66 -16.01 -42.66
CA SER B 191 51.92 -15.88 -43.39
C SER B 191 53.04 -15.44 -42.46
N PRO B 192 54.28 -15.83 -42.75
CA PRO B 192 55.42 -15.36 -41.95
C PRO B 192 55.66 -13.85 -42.05
N ALA B 193 54.99 -13.17 -42.98
CA ALA B 193 55.19 -11.73 -43.15
C ALA B 193 54.18 -10.89 -42.39
N ALA B 194 53.23 -11.52 -41.68
CA ALA B 194 52.26 -10.76 -40.92
C ALA B 194 52.94 -10.01 -39.78
N ILE B 195 52.68 -8.71 -39.70
CA ILE B 195 53.35 -7.85 -38.72
C ILE B 195 52.61 -7.95 -37.39
N PRO B 196 53.32 -8.14 -36.28
CA PRO B 196 52.66 -8.21 -34.98
C PRO B 196 51.91 -6.92 -34.68
N GLY B 197 50.80 -7.07 -33.94
CA GLY B 197 49.95 -5.95 -33.61
C GLY B 197 48.81 -5.71 -34.57
N ASP B 198 48.91 -6.20 -35.80
CA ASP B 198 47.85 -6.03 -36.77
C ASP B 198 46.63 -6.86 -36.36
N VAL B 199 45.45 -6.40 -36.79
CA VAL B 199 44.19 -7.04 -36.45
C VAL B 199 43.36 -7.19 -37.71
N TYR B 200 42.91 -8.42 -37.98
CA TYR B 200 42.02 -8.74 -39.08
C TYR B 200 40.69 -9.21 -38.53
N ARG B 201 39.66 -9.21 -39.38
CA ARG B 201 38.34 -9.69 -39.01
C ARG B 201 37.89 -10.76 -39.99
N LEU B 202 37.42 -11.89 -39.46
CA LEU B 202 36.91 -12.99 -40.26
C LEU B 202 35.42 -13.18 -39.95
N THR B 203 34.60 -13.13 -40.99
CA THR B 203 33.17 -13.36 -40.86
C THR B 203 32.80 -14.67 -41.53
N VAL B 204 32.03 -15.50 -40.84
CA VAL B 204 31.64 -16.82 -41.30
C VAL B 204 30.14 -16.84 -41.53
N ARG B 205 29.74 -17.29 -42.72
CA ARG B 205 28.33 -17.43 -43.08
C ARG B 205 28.05 -18.91 -43.32
N GLN B 206 27.32 -19.53 -42.39
CA GLN B 206 27.01 -20.95 -42.46
C GLN B 206 25.51 -21.13 -42.64
N VAL B 207 25.15 -22.05 -43.52
CA VAL B 207 23.75 -22.30 -43.87
C VAL B 207 23.37 -23.71 -43.44
N ALA B 208 22.32 -23.82 -42.65
CA ALA B 208 21.75 -25.11 -42.25
C ALA B 208 20.72 -25.52 -43.31
N ILE B 209 19.93 -26.55 -43.02
CA ILE B 209 18.91 -27.01 -43.95
C ILE B 209 17.80 -27.67 -43.14
N ASP B 210 16.56 -27.44 -43.56
CA ASP B 210 15.40 -27.97 -42.87
C ASP B 210 15.11 -29.39 -43.36
N CYS B 211 13.93 -29.90 -43.01
CA CYS B 211 13.56 -31.26 -43.38
C CYS B 211 13.15 -31.36 -44.85
N ASP B 212 12.88 -30.24 -45.51
CA ASP B 212 12.42 -30.26 -46.90
C ASP B 212 13.42 -29.68 -47.88
N GLY B 213 14.57 -29.20 -47.42
CA GLY B 213 15.58 -28.67 -48.31
C GLY B 213 15.67 -27.16 -48.40
N ASN B 214 14.96 -26.43 -47.55
CA ASN B 214 15.07 -24.98 -47.51
C ASN B 214 16.34 -24.62 -46.76
N GLU B 215 16.59 -23.32 -46.57
CA GLU B 215 17.85 -22.86 -46.02
C GLU B 215 17.62 -21.98 -44.79
N PHE B 216 18.62 -21.95 -43.92
CA PHE B 216 18.64 -21.07 -42.75
C PHE B 216 20.05 -20.53 -42.63
N VAL B 217 20.21 -19.22 -42.77
CA VAL B 217 21.53 -18.61 -42.77
C VAL B 217 21.89 -18.18 -41.36
N HIS B 218 23.19 -18.16 -41.07
CA HIS B 218 23.70 -17.66 -39.81
C HIS B 218 25.07 -17.02 -40.08
N ILE B 219 25.32 -15.87 -39.45
CA ILE B 219 26.56 -15.13 -39.65
C ILE B 219 27.21 -14.88 -38.29
N SER B 220 28.52 -15.07 -38.23
CA SER B 220 29.27 -14.87 -36.99
C SER B 220 30.58 -14.18 -37.32
N CYS B 221 31.21 -13.59 -36.30
CA CYS B 221 32.38 -12.75 -36.52
C CYS B 221 33.45 -13.01 -35.47
N TYR B 222 34.71 -12.96 -35.94
CA TYR B 222 35.87 -13.20 -35.11
C TYR B 222 36.95 -12.19 -35.48
N ASP B 223 37.79 -11.87 -34.51
CA ASP B 223 38.91 -10.96 -34.70
C ASP B 223 40.19 -11.78 -34.54
N ILE B 224 40.98 -11.85 -35.61
CA ILE B 224 42.28 -12.50 -35.58
C ILE B 224 43.31 -11.43 -35.23
N SER B 225 43.96 -11.60 -34.08
CA SER B 225 44.94 -10.64 -33.58
C SER B 225 46.33 -11.23 -33.79
N ILE B 226 47.06 -10.68 -34.76
CA ILE B 226 48.39 -11.19 -35.10
C ILE B 226 49.36 -10.73 -34.03
N GLY B 227 49.68 -11.61 -33.09
CA GLY B 227 50.64 -11.31 -32.05
C GLY B 227 51.93 -12.09 -32.25
N SER B 228 52.98 -11.64 -31.57
CA SER B 228 54.28 -12.30 -31.62
C SER B 228 54.52 -13.07 -30.34
N CYS B 229 55.23 -14.19 -30.46
CA CYS B 229 55.55 -15.08 -29.35
C CYS B 229 54.27 -15.58 -28.66
N GLY B 230 53.45 -16.28 -29.44
CA GLY B 230 52.21 -16.84 -28.95
C GLY B 230 50.99 -16.00 -29.26
N MET C 1 16.75 -20.54 -32.96
CA MET C 1 15.31 -20.73 -33.04
C MET C 1 14.59 -20.01 -31.92
N TYR C 2 13.77 -19.02 -32.27
CA TYR C 2 12.96 -18.36 -31.27
C TYR C 2 11.77 -19.24 -30.90
N PHE C 3 11.44 -19.25 -29.61
CA PHE C 3 10.31 -20.04 -29.12
C PHE C 3 9.46 -19.15 -28.21
N PHE C 4 8.23 -18.87 -28.64
CA PHE C 4 7.33 -18.01 -27.91
C PHE C 4 6.08 -18.75 -27.48
N SER C 5 5.55 -18.37 -26.32
CA SER C 5 4.26 -18.83 -25.84
C SER C 5 3.26 -17.69 -25.98
N VAL C 6 2.05 -18.04 -26.36
CA VAL C 6 1.02 -17.05 -26.64
C VAL C 6 0.32 -16.67 -25.35
N ASP C 7 -0.20 -15.45 -25.32
CA ASP C 7 -1.10 -15.07 -24.24
C ASP C 7 -2.43 -15.79 -24.45
N PRO C 8 -2.85 -16.65 -23.51
CA PRO C 8 -4.00 -17.52 -23.75
C PRO C 8 -5.36 -16.85 -23.71
N ARG C 9 -5.44 -15.62 -23.18
CA ARG C 9 -6.70 -14.91 -23.03
C ARG C 9 -7.75 -15.78 -22.36
N ASN C 10 -7.34 -16.56 -21.36
CA ASN C 10 -8.29 -17.43 -20.68
C ASN C 10 -9.24 -16.59 -19.84
N GLY C 11 -8.70 -15.89 -18.85
CA GLY C 11 -9.45 -14.86 -18.16
C GLY C 11 -8.97 -13.46 -18.47
N ALA C 12 -8.00 -13.33 -19.38
CA ALA C 12 -7.23 -12.11 -19.57
C ALA C 12 -6.64 -11.65 -18.24
N SER C 13 -6.47 -12.61 -17.34
CA SER C 13 -5.92 -12.30 -16.03
C SER C 13 -4.42 -12.41 -16.08
N LYS C 14 -3.76 -11.36 -16.54
CA LYS C 14 -2.31 -11.42 -16.66
C LYS C 14 -1.70 -10.20 -16.04
N SER C 15 -1.66 -10.16 -14.73
CA SER C 15 -1.08 -9.03 -14.03
C SER C 15 -0.06 -8.30 -14.86
N GLY C 16 -0.45 -7.17 -15.43
CA GLY C 16 0.51 -6.38 -16.18
C GLY C 16 1.64 -6.02 -15.25
N ASP C 17 2.83 -5.83 -15.80
CA ASP C 17 3.98 -5.46 -14.99
C ASP C 17 3.83 -4.03 -14.50
N VAL C 18 2.60 -3.60 -14.25
CA VAL C 18 2.37 -2.23 -13.88
C VAL C 18 2.99 -1.42 -14.99
N CYS C 19 4.18 -0.89 -14.74
CA CYS C 19 4.86 -0.17 -15.78
C CYS C 19 5.54 -1.17 -16.69
N GLY C 20 5.31 -1.05 -17.99
CA GLY C 20 5.88 -2.00 -18.94
C GLY C 20 4.78 -2.48 -19.85
N SER C 21 3.94 -1.57 -20.30
CA SER C 21 2.81 -1.92 -21.16
C SER C 21 3.09 -2.80 -22.38
N CYS C 22 4.28 -2.71 -22.97
CA CYS C 22 4.50 -3.45 -24.21
C CYS C 22 4.00 -4.89 -24.17
N CYS C 23 3.19 -5.26 -25.16
CA CYS C 23 2.55 -6.57 -25.23
C CYS C 23 3.09 -7.37 -26.40
N CYS C 24 3.69 -6.67 -27.37
CA CYS C 24 4.40 -7.35 -28.43
C CYS C 24 5.70 -7.94 -27.89
N GLU C 25 6.08 -9.09 -28.44
CA GLU C 25 7.27 -9.77 -27.95
C GLU C 25 8.48 -9.39 -28.79
N SER C 26 9.63 -9.27 -28.14
CA SER C 26 10.83 -8.76 -28.79
C SER C 26 11.54 -9.87 -29.54
N ILE C 27 12.09 -9.53 -30.70
CA ILE C 27 12.81 -10.48 -31.54
C ILE C 27 14.03 -9.76 -32.11
N SER C 28 15.23 -10.18 -31.72
CA SER C 28 16.45 -9.64 -32.28
C SER C 28 16.82 -10.38 -33.56
N ALA C 29 17.34 -9.62 -34.53
CA ALA C 29 17.70 -10.19 -35.82
C ALA C 29 18.88 -9.43 -36.39
N ARG C 30 19.72 -10.15 -37.14
CA ARG C 30 20.94 -9.61 -37.71
C ARG C 30 20.85 -9.57 -39.23
N PRO C 31 21.36 -8.51 -39.86
CA PRO C 31 21.31 -8.42 -41.33
C PRO C 31 21.96 -9.61 -42.00
N GLY C 32 21.17 -10.33 -42.80
CA GLY C 32 21.63 -11.49 -43.54
C GLY C 32 21.11 -12.80 -42.98
N GLU C 33 20.83 -12.84 -41.69
CA GLU C 33 20.38 -14.07 -41.05
C GLU C 33 19.02 -14.49 -41.58
N VAL C 34 18.75 -15.78 -41.50
CA VAL C 34 17.44 -16.36 -41.79
C VAL C 34 17.14 -17.36 -40.69
N ASN C 35 16.33 -16.96 -39.72
CA ASN C 35 16.10 -17.74 -38.51
C ASN C 35 14.71 -18.36 -38.54
N GLY C 36 14.44 -19.21 -37.57
CA GLY C 36 13.16 -19.87 -37.46
C GLY C 36 12.48 -19.55 -36.14
N VAL C 37 11.16 -19.36 -36.20
CA VAL C 37 10.37 -19.00 -35.05
C VAL C 37 9.26 -20.01 -34.87
N MET C 38 9.03 -20.41 -33.63
CA MET C 38 7.96 -21.33 -33.25
C MET C 38 7.12 -20.66 -32.17
N VAL C 39 5.82 -20.58 -32.40
CA VAL C 39 4.88 -20.02 -31.43
C VAL C 39 3.88 -21.10 -31.02
N SER C 40 3.67 -21.24 -29.72
CA SER C 40 2.84 -22.30 -29.16
C SER C 40 1.50 -21.73 -28.74
N TYR C 41 0.48 -21.94 -29.57
CA TYR C 41 -0.89 -21.56 -29.24
C TYR C 41 -1.56 -22.54 -28.29
N ALA C 42 -0.80 -23.48 -27.73
CA ALA C 42 -1.39 -24.51 -26.90
C ALA C 42 -2.13 -23.92 -25.70
N ALA C 43 -1.63 -22.80 -25.17
CA ALA C 43 -2.29 -22.20 -24.01
C ALA C 43 -3.67 -21.66 -24.36
N TRP C 44 -3.91 -21.32 -25.62
CA TRP C 44 -5.17 -20.71 -26.03
C TRP C 44 -6.10 -21.68 -26.74
N SER C 45 -5.57 -22.63 -27.49
CA SER C 45 -6.39 -23.52 -28.29
C SER C 45 -6.71 -24.84 -27.59
N ALA C 46 -6.00 -25.19 -26.52
CA ALA C 46 -6.26 -26.46 -25.85
C ALA C 46 -7.57 -26.43 -25.09
N PRO C 47 -7.91 -25.37 -24.33
CA PRO C 47 -9.25 -25.32 -23.75
C PRO C 47 -10.34 -25.34 -24.79
N LEU C 48 -10.09 -24.75 -25.96
CA LEU C 48 -11.05 -24.79 -27.06
C LEU C 48 -11.06 -26.17 -27.68
N ARG C 49 -11.74 -27.12 -27.05
CA ARG C 49 -11.76 -28.50 -27.52
C ARG C 49 -12.33 -28.58 -28.93
N GLY C 50 -11.49 -28.93 -29.88
CA GLY C 50 -11.90 -29.02 -31.27
C GLY C 50 -10.84 -29.73 -32.08
N HIS C 51 -10.64 -29.26 -33.31
CA HIS C 51 -9.67 -29.84 -34.22
C HIS C 51 -8.37 -29.05 -34.26
N GLY C 52 -8.04 -28.37 -33.18
CA GLY C 52 -6.77 -27.67 -33.10
C GLY C 52 -6.74 -26.45 -34.02
N LEU C 53 -5.57 -26.23 -34.61
CA LEU C 53 -5.34 -25.08 -35.46
C LEU C 53 -5.52 -25.46 -36.93
N THR C 54 -5.33 -24.48 -37.80
CA THR C 54 -5.35 -24.70 -39.25
C THR C 54 -4.33 -23.79 -39.91
N ASN C 55 -3.90 -24.18 -41.10
CA ASN C 55 -2.85 -23.48 -41.85
C ASN C 55 -3.35 -22.17 -42.46
N LYS C 56 -4.55 -21.69 -42.16
CA LYS C 56 -5.08 -20.48 -42.77
C LYS C 56 -4.71 -19.26 -41.92
N THR C 57 -3.42 -19.00 -41.83
CA THR C 57 -2.91 -17.91 -41.03
C THR C 57 -2.74 -16.66 -41.89
N THR C 58 -2.27 -15.57 -41.29
CA THR C 58 -1.98 -14.36 -42.01
C THR C 58 -0.92 -13.58 -41.25
N PHE C 59 -0.11 -12.82 -41.99
CA PHE C 59 0.95 -12.04 -41.39
C PHE C 59 0.96 -10.65 -42.01
N GLU C 60 1.56 -9.70 -41.30
CA GLU C 60 1.78 -8.38 -41.87
C GLU C 60 2.99 -7.76 -41.20
N ILE C 61 3.78 -7.02 -41.99
CA ILE C 61 4.97 -6.37 -41.46
C ILE C 61 4.89 -4.87 -41.70
N ASP C 62 4.38 -4.13 -40.73
CA ASP C 62 4.42 -2.68 -40.77
C ASP C 62 5.65 -2.18 -40.03
N GLY C 63 6.39 -1.27 -40.65
CA GLY C 63 7.58 -0.73 -40.03
C GLY C 63 7.24 0.26 -38.93
N VAL C 64 8.26 0.56 -38.12
CA VAL C 64 8.14 1.58 -37.09
C VAL C 64 9.20 2.63 -37.35
N SER C 65 10.47 2.24 -37.31
CA SER C 65 11.55 3.08 -37.78
C SER C 65 11.89 2.70 -39.22
N VAL C 66 12.43 3.66 -39.97
CA VAL C 66 12.70 3.41 -41.38
C VAL C 66 14.17 3.63 -41.70
N THR C 67 14.71 4.80 -41.35
CA THR C 67 16.06 5.20 -41.71
C THR C 67 16.26 4.96 -43.21
N PRO C 68 15.64 5.76 -44.07
CA PRO C 68 15.57 5.43 -45.50
C PRO C 68 16.95 5.16 -46.08
N PRO C 69 17.04 4.23 -47.02
CA PRO C 69 18.36 3.87 -47.56
C PRO C 69 18.98 5.00 -48.37
N LYS C 70 20.30 4.96 -48.47
CA LYS C 70 21.04 5.95 -49.23
C LYS C 70 21.20 5.55 -50.68
N VAL C 71 21.62 4.31 -50.93
CA VAL C 71 21.78 3.79 -52.28
C VAL C 71 20.46 3.16 -52.71
N SER C 72 20.10 3.36 -53.98
CA SER C 72 18.92 2.72 -54.53
C SER C 72 19.25 1.34 -55.06
N ASN C 73 18.22 0.53 -55.25
CA ASN C 73 18.37 -0.78 -55.85
C ASN C 73 18.19 -0.68 -57.36
N ALA C 74 18.57 -1.75 -58.06
CA ALA C 74 18.61 -1.68 -59.52
C ALA C 74 18.17 -3.00 -60.12
N PHE C 75 17.71 -2.92 -61.37
CA PHE C 75 17.16 -4.05 -62.11
C PHE C 75 17.72 -4.07 -63.51
N GLY C 76 18.02 -5.27 -64.02
CA GLY C 76 18.58 -5.43 -65.34
C GLY C 76 18.06 -6.69 -66.02
N ARG C 77 18.23 -6.72 -67.34
CA ARG C 77 17.71 -7.81 -68.16
C ARG C 77 18.77 -8.23 -69.16
N THR C 78 18.81 -9.53 -69.46
CA THR C 78 19.73 -10.05 -70.46
C THR C 78 19.24 -11.43 -70.91
N LYS C 79 19.77 -11.88 -72.04
CA LYS C 79 19.37 -13.17 -72.58
C LYS C 79 20.27 -14.28 -72.01
N VAL C 80 19.91 -15.53 -72.34
CA VAL C 80 20.66 -16.67 -71.81
C VAL C 80 22.01 -16.77 -72.51
N GLY C 81 23.05 -17.06 -71.72
CA GLY C 81 24.36 -17.32 -72.27
C GLY C 81 25.15 -16.07 -72.62
N VAL C 82 24.45 -14.98 -72.90
CA VAL C 82 25.12 -13.75 -73.31
C VAL C 82 25.56 -12.98 -72.08
N VAL C 83 26.78 -12.43 -72.14
CA VAL C 83 27.35 -11.71 -71.00
C VAL C 83 26.60 -10.40 -70.81
N PHE C 84 26.42 -9.99 -69.56
CA PHE C 84 25.74 -8.75 -69.22
C PHE C 84 26.74 -7.75 -68.67
N GLU C 85 26.52 -6.47 -68.97
CA GLU C 85 27.33 -5.39 -68.43
C GLU C 85 26.43 -4.42 -67.68
N GLY C 86 27.02 -3.71 -66.71
CA GLY C 86 26.24 -2.76 -65.95
C GLY C 86 27.12 -1.76 -65.25
N THR C 87 26.48 -0.69 -64.78
CA THR C 87 27.13 0.37 -64.04
C THR C 87 26.70 0.33 -62.58
N LEU C 88 27.44 1.06 -61.74
CA LEU C 88 27.10 1.15 -60.33
C LEU C 88 27.27 2.57 -59.80
N SER C 89 27.33 3.57 -60.67
CA SER C 89 27.65 4.93 -60.26
C SER C 89 26.42 5.82 -60.11
N ASP C 90 25.38 5.60 -60.89
CA ASP C 90 24.15 6.39 -60.78
C ASP C 90 23.21 5.85 -59.72
N LEU C 91 23.63 4.87 -58.94
CA LEU C 91 22.80 4.28 -57.89
C LEU C 91 23.02 4.90 -56.53
N PHE C 92 23.93 5.87 -56.41
CA PHE C 92 24.25 6.53 -55.14
C PHE C 92 24.22 8.04 -55.33
N PRO C 93 23.06 8.66 -55.20
CA PRO C 93 23.02 10.13 -55.22
C PRO C 93 23.61 10.71 -53.95
N ASN C 94 24.80 11.30 -54.05
CA ASN C 94 25.40 11.80 -52.83
C ASN C 94 25.13 13.31 -52.67
N PRO C 95 24.69 13.75 -51.48
CA PRO C 95 24.53 15.18 -51.28
C PRO C 95 25.85 15.94 -51.18
N GLU C 96 26.85 15.31 -50.58
CA GLU C 96 28.15 15.91 -50.31
C GLU C 96 29.14 15.40 -51.35
N GLY C 97 30.34 15.98 -51.33
CA GLY C 97 31.45 15.52 -52.14
C GLY C 97 32.35 14.61 -51.34
N GLU C 98 32.53 13.39 -51.85
CA GLU C 98 33.47 12.42 -51.33
C GLU C 98 33.71 11.41 -52.43
N GLN C 99 34.57 10.44 -52.14
CA GLN C 99 34.84 9.38 -53.10
C GLN C 99 33.86 8.22 -52.93
N VAL C 100 33.89 7.34 -53.90
CA VAL C 100 32.93 6.26 -53.99
C VAL C 100 33.71 4.94 -54.01
N GLU C 101 33.72 4.25 -52.87
CA GLU C 101 34.31 2.92 -52.77
C GLU C 101 33.26 1.87 -53.15
N TYR C 102 33.21 1.56 -54.45
CA TYR C 102 32.41 0.43 -54.92
C TYR C 102 32.97 -0.87 -54.35
N GLU C 103 32.07 -1.75 -53.91
CA GLU C 103 32.49 -3.00 -53.31
C GLU C 103 31.36 -4.01 -53.43
N ILE C 104 31.72 -5.26 -53.71
CA ILE C 104 30.79 -6.37 -53.76
C ILE C 104 31.21 -7.37 -52.69
N SER C 105 30.37 -7.51 -51.66
CA SER C 105 30.69 -8.44 -50.59
C SER C 105 30.67 -9.87 -51.12
N GLU C 106 31.68 -10.65 -50.71
CA GLU C 106 31.74 -12.05 -51.16
C GLU C 106 30.67 -12.91 -50.50
N LEU C 107 30.15 -12.49 -49.34
CA LEU C 107 29.13 -13.29 -48.66
C LEU C 107 27.80 -13.25 -49.41
N ASN C 108 27.50 -12.15 -50.08
CA ASN C 108 26.23 -11.96 -50.77
C ASN C 108 26.45 -11.72 -52.25
N GLY C 109 27.34 -12.49 -52.86
CA GLY C 109 27.59 -12.41 -54.28
C GLY C 109 26.45 -13.01 -55.09
N PRO C 110 26.70 -13.25 -56.37
CA PRO C 110 25.65 -13.84 -57.22
C PRO C 110 25.39 -15.29 -56.85
N SER C 111 24.39 -15.90 -57.49
CA SER C 111 24.05 -17.28 -57.22
C SER C 111 24.19 -18.19 -58.44
N ASN C 112 24.07 -17.66 -59.65
CA ASN C 112 24.18 -18.49 -60.85
C ASN C 112 25.09 -17.84 -61.89
N GLY C 113 26.05 -17.03 -61.45
CA GLY C 113 26.97 -16.40 -62.36
C GLY C 113 28.18 -15.86 -61.62
N VAL C 114 28.95 -15.04 -62.32
CA VAL C 114 30.12 -14.39 -61.75
C VAL C 114 30.02 -12.90 -62.04
N VAL C 115 30.59 -12.10 -61.14
CA VAL C 115 30.59 -10.64 -61.28
C VAL C 115 32.03 -10.15 -61.17
N GLU C 116 32.50 -9.46 -62.20
CA GLU C 116 33.80 -8.79 -62.19
C GLU C 116 33.54 -7.30 -62.07
N LEU C 117 33.83 -6.75 -60.89
CA LEU C 117 33.67 -5.32 -60.67
C LEU C 117 34.81 -4.57 -61.35
N GLY C 118 34.47 -3.55 -62.12
CA GLY C 118 35.46 -2.76 -62.82
C GLY C 118 36.24 -1.86 -61.90
N ALA C 119 36.86 -0.83 -62.48
CA ALA C 119 37.67 0.10 -61.71
C ALA C 119 36.84 1.21 -61.08
N ASN C 120 35.84 1.70 -61.81
CA ASN C 120 35.02 2.81 -61.31
C ASN C 120 33.55 2.52 -61.64
N GLY C 121 32.84 1.92 -60.69
CA GLY C 121 31.41 1.73 -60.77
C GLY C 121 30.90 0.98 -61.98
N ALA C 122 31.76 0.20 -62.62
CA ALA C 122 31.36 -0.66 -63.72
C ALA C 122 31.53 -2.12 -63.31
N PHE C 123 30.73 -2.99 -63.90
CA PHE C 123 30.83 -4.40 -63.58
C PHE C 123 30.33 -5.22 -64.75
N THR C 124 30.84 -6.44 -64.85
CA THR C 124 30.48 -7.39 -65.89
C THR C 124 29.95 -8.65 -65.21
N TYR C 125 28.68 -8.96 -65.45
CA TYR C 125 28.05 -10.15 -64.89
C TYR C 125 27.96 -11.19 -65.99
N THR C 126 28.74 -12.26 -65.84
CA THR C 126 28.69 -13.40 -66.73
C THR C 126 27.84 -14.50 -66.11
N PRO C 127 26.62 -14.72 -66.60
CA PRO C 127 25.77 -15.76 -66.01
C PRO C 127 26.27 -17.16 -66.37
N GLY C 128 25.91 -18.11 -65.52
CA GLY C 128 26.29 -19.48 -65.78
C GLY C 128 25.57 -20.04 -66.99
N ALA C 129 26.34 -20.73 -67.84
CA ALA C 129 25.79 -21.27 -69.08
C ALA C 129 24.73 -22.33 -68.77
N LEU C 130 23.79 -22.48 -69.70
CA LEU C 130 22.65 -23.40 -69.57
C LEU C 130 21.86 -23.09 -68.30
N PHE C 131 21.32 -21.88 -68.25
CA PHE C 131 20.58 -21.43 -67.09
C PHE C 131 19.65 -20.29 -67.49
N THR C 132 18.44 -20.29 -66.95
CA THR C 132 17.47 -19.23 -67.23
C THR C 132 16.61 -19.00 -65.99
N GLY C 133 16.79 -17.83 -65.37
CA GLY C 133 16.03 -17.46 -64.19
C GLY C 133 16.35 -16.05 -63.73
N VAL C 134 16.37 -15.84 -62.41
CA VAL C 134 16.72 -14.56 -61.83
C VAL C 134 17.98 -14.74 -60.98
N ASP C 135 18.66 -13.62 -60.75
CA ASP C 135 19.84 -13.61 -59.90
C ASP C 135 19.92 -12.27 -59.18
N ARG C 136 20.57 -12.27 -58.02
CA ARG C 136 20.71 -11.07 -57.22
C ARG C 136 22.13 -10.96 -56.71
N PHE C 137 22.55 -9.72 -56.44
CA PHE C 137 23.80 -9.51 -55.73
C PHE C 137 23.76 -8.16 -55.05
N TRP C 138 24.36 -8.12 -53.85
CA TRP C 138 24.26 -6.97 -52.96
C TRP C 138 25.59 -6.21 -52.98
N PHE C 139 25.55 -4.98 -53.48
CA PHE C 139 26.71 -4.11 -53.51
C PHE C 139 26.76 -3.23 -52.26
N SER C 140 27.95 -2.74 -51.95
CA SER C 140 28.19 -1.88 -50.79
C SER C 140 28.92 -0.63 -51.29
N ILE C 141 28.16 0.41 -51.60
CA ILE C 141 28.70 1.68 -52.07
C ILE C 141 28.88 2.57 -50.85
N ASN C 142 30.14 2.83 -50.50
CA ASN C 142 30.49 3.73 -49.39
C ASN C 142 29.86 3.27 -48.08
N GLY C 143 29.82 1.96 -47.89
CA GLY C 143 29.20 1.37 -46.73
C GLY C 143 27.71 1.13 -46.86
N ASN C 144 27.03 1.91 -47.70
CA ASN C 144 25.60 1.75 -47.89
C ASN C 144 25.33 0.53 -48.75
N ILE C 145 24.39 -0.30 -48.32
CA ILE C 145 24.11 -1.59 -48.94
C ILE C 145 22.90 -1.45 -49.84
N GLY C 146 23.04 -1.90 -51.08
CA GLY C 146 21.93 -1.93 -52.03
C GLY C 146 22.00 -3.21 -52.81
N GLU C 147 20.93 -3.50 -53.55
CA GLU C 147 20.86 -4.75 -54.29
C GLU C 147 20.63 -4.51 -55.77
N TYR C 148 21.13 -5.44 -56.58
CA TYR C 148 20.96 -5.44 -58.02
C TYR C 148 20.38 -6.80 -58.41
N VAL C 149 19.26 -6.77 -59.11
CA VAL C 149 18.60 -7.98 -59.58
C VAL C 149 18.71 -8.02 -61.10
N ILE C 150 19.10 -9.19 -61.63
CA ILE C 150 19.25 -9.39 -63.06
C ILE C 150 18.33 -10.54 -63.46
N SER C 151 17.71 -10.41 -64.63
CA SER C 151 16.81 -11.44 -65.16
C SER C 151 17.37 -11.94 -66.48
N VAL C 152 17.71 -13.21 -66.54
CA VAL C 152 18.19 -13.85 -67.75
C VAL C 152 17.04 -14.63 -68.39
N ASP C 153 16.84 -14.41 -69.67
CA ASP C 153 15.73 -14.94 -70.44
C ASP C 153 16.19 -16.09 -71.33
N PRO C 154 15.32 -17.09 -71.60
CA PRO C 154 15.67 -18.20 -72.49
C PRO C 154 15.54 -17.83 -73.97
N THR C 155 16.08 -16.66 -74.33
CA THR C 155 16.30 -16.18 -75.69
C THR C 155 15.02 -16.01 -76.49
N THR C 156 13.87 -16.38 -75.92
CA THR C 156 12.63 -16.34 -76.71
C THR C 156 11.99 -14.96 -76.72
N SER C 157 11.43 -14.52 -75.59
CA SER C 157 10.87 -13.17 -75.57
C SER C 157 11.42 -12.28 -74.45
N GLU C 158 11.17 -12.66 -73.20
CA GLU C 158 11.33 -11.75 -72.07
C GLU C 158 10.91 -12.43 -70.77
N LEU C 159 11.49 -12.00 -69.63
CA LEU C 159 11.10 -12.49 -68.31
C LEU C 159 10.46 -11.40 -67.48
N PRO C 160 9.52 -11.75 -66.58
CA PRO C 160 8.89 -10.73 -65.74
C PRO C 160 9.83 -10.13 -64.71
N GLN C 161 9.29 -9.26 -63.85
CA GLN C 161 10.09 -8.44 -62.95
C GLN C 161 9.82 -8.83 -61.50
N PRO C 162 10.83 -9.23 -60.74
CA PRO C 162 10.63 -9.61 -59.34
C PRO C 162 10.33 -8.40 -58.48
N PRO C 163 9.78 -8.59 -57.27
CA PRO C 163 9.27 -7.45 -56.50
C PRO C 163 10.29 -6.74 -55.61
N PHE C 164 11.59 -6.95 -55.82
CA PHE C 164 12.63 -6.19 -55.11
C PHE C 164 12.51 -6.39 -53.60
N THR C 165 12.88 -7.61 -53.18
CA THR C 165 12.71 -8.08 -51.81
C THR C 165 12.99 -7.00 -50.75
N THR C 166 12.16 -7.01 -49.71
CA THR C 166 12.05 -5.96 -48.70
C THR C 166 13.12 -6.11 -47.61
N PRO C 167 13.29 -5.12 -46.72
CA PRO C 167 14.25 -5.26 -45.62
C PRO C 167 13.97 -6.47 -44.74
N VAL C 168 12.77 -6.56 -44.17
CA VAL C 168 12.35 -7.69 -43.35
C VAL C 168 11.20 -8.39 -44.06
N TYR C 169 11.28 -9.71 -44.16
CA TYR C 169 10.32 -10.47 -44.94
C TYR C 169 10.05 -11.81 -44.27
N VAL C 170 8.90 -12.39 -44.61
CA VAL C 170 8.54 -13.74 -44.22
C VAL C 170 8.33 -14.52 -45.51
N PRO C 171 9.04 -15.63 -45.72
CA PRO C 171 8.93 -16.36 -46.99
C PRO C 171 7.48 -16.74 -47.31
N ALA C 172 7.20 -16.89 -48.60
CA ALA C 172 5.84 -17.11 -49.07
C ALA C 172 5.22 -18.34 -48.42
N ALA C 173 5.78 -19.52 -48.70
CA ALA C 173 5.27 -20.77 -48.14
C ALA C 173 6.44 -21.52 -47.53
N ARG C 174 6.75 -21.19 -46.27
CA ARG C 174 7.65 -21.98 -45.46
C ARG C 174 7.10 -22.17 -44.06
N ARG C 175 5.85 -21.77 -43.83
CA ARG C 175 5.18 -21.89 -42.55
C ARG C 175 4.43 -23.21 -42.48
N SER C 176 4.10 -23.60 -41.26
CA SER C 176 3.37 -24.84 -41.04
C SER C 176 2.75 -24.79 -39.66
N VAL C 177 1.77 -25.66 -39.44
CA VAL C 177 1.06 -25.75 -38.17
C VAL C 177 0.87 -27.22 -37.82
N ASP C 178 1.14 -27.58 -36.58
CA ASP C 178 0.97 -28.94 -36.11
C ASP C 178 -0.28 -29.02 -35.24
N PRO C 179 -1.43 -29.45 -35.78
CA PRO C 179 -2.65 -29.51 -34.96
C PRO C 179 -2.56 -30.51 -33.81
N ARG C 180 -1.56 -31.39 -33.81
CA ARG C 180 -1.42 -32.36 -32.73
C ARG C 180 -0.85 -31.73 -31.48
N THR C 181 -0.02 -30.70 -31.62
CA THR C 181 0.59 -30.03 -30.47
C THR C 181 0.37 -28.53 -30.46
N HIS C 182 -0.41 -27.97 -31.37
CA HIS C 182 -0.73 -26.55 -31.42
C HIS C 182 0.54 -25.70 -31.49
N VAL C 183 1.29 -25.89 -32.57
CA VAL C 183 2.57 -25.22 -32.77
C VAL C 183 2.61 -24.66 -34.18
N LEU C 184 2.87 -23.36 -34.30
CA LEU C 184 3.04 -22.71 -35.59
C LEU C 184 4.51 -22.39 -35.82
N LYS C 185 5.01 -22.80 -36.98
CA LYS C 185 6.42 -22.60 -37.35
C LYS C 185 6.47 -21.68 -38.56
N PHE C 186 7.36 -20.69 -38.52
CA PHE C 186 7.58 -19.85 -39.68
C PHE C 186 9.02 -19.37 -39.69
N VAL C 187 9.39 -18.70 -40.78
CA VAL C 187 10.76 -18.28 -41.04
C VAL C 187 10.82 -16.76 -41.00
N LEU C 188 11.93 -16.23 -40.47
CA LEU C 188 12.17 -14.79 -40.42
C LEU C 188 13.47 -14.50 -41.16
N GLY C 189 13.35 -13.85 -42.31
CA GLY C 189 14.50 -13.50 -43.13
C GLY C 189 14.76 -12.00 -43.10
N VAL C 190 16.02 -11.64 -42.93
CA VAL C 190 16.45 -10.25 -42.89
C VAL C 190 17.46 -10.05 -44.03
N SER C 191 17.08 -9.25 -45.02
CA SER C 191 17.96 -9.00 -46.15
C SER C 191 19.16 -8.20 -45.70
N PRO C 192 20.30 -8.34 -46.41
CA PRO C 192 21.50 -7.58 -46.02
C PRO C 192 21.34 -6.08 -46.12
N ALA C 193 20.27 -5.59 -46.73
CA ALA C 193 20.03 -4.16 -46.86
C ALA C 193 19.40 -3.54 -45.61
N ALA C 194 19.17 -4.33 -44.58
CA ALA C 194 18.62 -3.80 -43.34
C ALA C 194 19.63 -2.91 -42.66
N ILE C 195 19.15 -1.80 -42.09
CA ILE C 195 20.01 -0.83 -41.41
C ILE C 195 19.99 -1.11 -39.91
N PRO C 196 21.14 -1.17 -39.25
CA PRO C 196 21.15 -1.42 -37.80
C PRO C 196 20.43 -0.32 -37.04
N GLY C 197 19.71 -0.72 -36.00
CA GLY C 197 19.02 0.20 -35.13
C GLY C 197 17.53 0.35 -35.41
N ASP C 198 17.08 -0.05 -36.59
CA ASP C 198 15.68 0.11 -36.93
C ASP C 198 14.80 -0.88 -36.17
N VAL C 199 13.50 -0.64 -36.23
CA VAL C 199 12.50 -1.47 -35.57
C VAL C 199 11.33 -1.68 -36.52
N TYR C 200 10.95 -2.93 -36.74
CA TYR C 200 9.77 -3.28 -37.50
C TYR C 200 8.79 -4.01 -36.61
N ARG C 201 7.55 -4.14 -37.08
CA ARG C 201 6.51 -4.81 -36.32
C ARG C 201 5.87 -5.89 -37.18
N LEU C 202 5.79 -7.09 -36.63
CA LEU C 202 5.15 -8.23 -37.30
C LEU C 202 3.91 -8.61 -36.53
N THR C 203 2.77 -8.56 -37.19
CA THR C 203 1.49 -8.94 -36.60
C THR C 203 1.02 -10.23 -37.24
N VAL C 204 0.66 -11.21 -36.41
CA VAL C 204 0.25 -12.54 -36.85
C VAL C 204 -1.20 -12.75 -36.47
N ARG C 205 -1.96 -13.34 -37.39
CA ARG C 205 -3.38 -13.67 -37.19
C ARG C 205 -3.53 -15.17 -37.44
N GLN C 206 -3.77 -15.91 -36.36
CA GLN C 206 -3.91 -17.36 -36.41
C GLN C 206 -5.35 -17.74 -36.08
N VAL C 207 -5.90 -18.68 -36.84
CA VAL C 207 -7.29 -19.11 -36.66
C VAL C 207 -7.31 -20.56 -36.24
N ALA C 208 -8.02 -20.85 -35.14
CA ALA C 208 -8.30 -22.21 -34.72
C ALA C 208 -9.71 -22.57 -35.16
N ILE C 209 -10.03 -23.86 -35.06
CA ILE C 209 -11.30 -24.37 -35.56
C ILE C 209 -11.94 -25.21 -34.47
N ASP C 210 -13.26 -25.05 -34.32
CA ASP C 210 -14.01 -25.78 -33.32
C ASP C 210 -14.31 -27.19 -33.79
N CYS C 211 -15.26 -27.85 -33.11
CA CYS C 211 -15.63 -29.20 -33.48
C CYS C 211 -16.49 -29.24 -34.74
N ASP C 212 -17.21 -28.17 -35.06
CA ASP C 212 -18.15 -28.17 -36.17
C ASP C 212 -17.65 -27.41 -37.40
N GLY C 213 -16.48 -26.80 -37.33
CA GLY C 213 -15.91 -26.11 -38.47
C GLY C 213 -15.97 -24.61 -38.44
N ASN C 214 -16.31 -24.00 -37.31
CA ASN C 214 -16.28 -22.55 -37.19
C ASN C 214 -14.85 -22.07 -36.92
N GLU C 215 -14.71 -20.79 -36.62
CA GLU C 215 -13.40 -20.17 -36.48
C GLU C 215 -13.26 -19.46 -35.15
N PHE C 216 -12.03 -19.41 -34.66
CA PHE C 216 -11.64 -18.62 -33.49
C PHE C 216 -10.36 -17.89 -33.85
N VAL C 217 -10.42 -16.58 -33.94
CA VAL C 217 -9.29 -15.78 -34.42
C VAL C 217 -8.48 -15.30 -33.23
N HIS C 218 -7.16 -15.24 -33.42
CA HIS C 218 -6.23 -14.76 -32.40
C HIS C 218 -5.18 -13.90 -33.08
N ILE C 219 -4.86 -12.76 -32.49
CA ILE C 219 -3.93 -11.80 -33.08
C ILE C 219 -2.82 -11.52 -32.08
N SER C 220 -1.58 -11.54 -32.56
CA SER C 220 -0.42 -11.28 -31.70
C SER C 220 0.56 -10.38 -32.44
N CYS C 221 1.45 -9.75 -31.69
CA CYS C 221 2.37 -8.78 -32.25
C CYS C 221 3.77 -8.98 -31.70
N TYR C 222 4.75 -8.70 -32.56
CA TYR C 222 6.16 -8.85 -32.24
C TYR C 222 6.93 -7.67 -32.78
N ASP C 223 7.92 -7.22 -32.01
CA ASP C 223 8.80 -6.12 -32.38
C ASP C 223 10.13 -6.70 -32.82
N ILE C 224 10.41 -6.62 -34.12
CA ILE C 224 11.68 -7.07 -34.67
C ILE C 224 12.65 -5.90 -34.59
N SER C 225 13.66 -6.06 -33.73
CA SER C 225 14.68 -5.03 -33.52
C SER C 225 15.92 -5.45 -34.28
N ILE C 226 16.20 -4.79 -35.40
CA ILE C 226 17.34 -5.14 -36.22
C ILE C 226 18.61 -4.69 -35.51
N GLY C 227 19.31 -5.64 -34.89
CA GLY C 227 20.60 -5.38 -34.31
C GLY C 227 21.69 -5.94 -35.22
N SER C 228 22.91 -5.46 -34.99
CA SER C 228 24.00 -5.81 -35.89
C SER C 228 25.32 -5.70 -35.16
N CYS C 229 26.20 -6.66 -35.38
CA CYS C 229 27.56 -6.62 -34.85
C CYS C 229 28.44 -6.02 -35.95
N GLY C 230 27.96 -4.91 -36.50
CA GLY C 230 28.53 -4.32 -37.70
C GLY C 230 27.70 -4.62 -38.94
N MET D 1 -10.07 -18.79 -23.88
CA MET D 1 -11.44 -19.15 -23.53
C MET D 1 -11.81 -18.62 -22.16
N TYR D 2 -12.78 -17.70 -22.12
CA TYR D 2 -13.26 -17.16 -20.87
C TYR D 2 -14.10 -18.21 -20.15
N PHE D 3 -14.02 -18.20 -18.81
CA PHE D 3 -14.78 -19.16 -18.01
C PHE D 3 -15.33 -18.43 -16.79
N PHE D 4 -16.65 -18.27 -16.75
CA PHE D 4 -17.31 -17.58 -15.66
C PHE D 4 -18.24 -18.52 -14.91
N SER D 5 -18.47 -18.20 -13.63
CA SER D 5 -19.41 -18.92 -12.79
C SER D 5 -20.53 -17.99 -12.37
N VAL D 6 -21.76 -18.49 -12.44
CA VAL D 6 -22.93 -17.71 -12.11
C VAL D 6 -23.20 -17.78 -10.61
N ASP D 7 -23.76 -16.70 -10.08
CA ASP D 7 -24.18 -16.70 -8.68
C ASP D 7 -25.46 -17.53 -8.51
N PRO D 8 -25.50 -18.41 -7.52
CA PRO D 8 -26.64 -19.33 -7.37
C PRO D 8 -27.89 -18.70 -6.76
N ARG D 9 -27.95 -17.38 -6.66
CA ARG D 9 -29.15 -16.66 -6.23
C ARG D 9 -29.58 -17.06 -4.82
N ASN D 10 -28.69 -16.75 -3.87
CA ASN D 10 -28.97 -16.95 -2.45
C ASN D 10 -28.93 -15.65 -1.66
N GLY D 11 -28.64 -14.53 -2.31
CA GLY D 11 -28.33 -13.31 -1.59
C GLY D 11 -27.17 -13.56 -0.65
N ALA D 12 -26.05 -14.01 -1.21
CA ALA D 12 -24.98 -14.58 -0.41
C ALA D 12 -23.72 -13.72 -0.42
N VAL D 18 -17.87 -10.10 -7.50
CA VAL D 18 -17.51 -8.92 -8.27
C VAL D 18 -18.76 -8.11 -8.63
N CYS D 19 -19.15 -7.20 -7.73
CA CYS D 19 -20.18 -6.24 -8.06
C CYS D 19 -19.65 -5.18 -9.03
N GLY D 20 -18.36 -4.84 -8.92
CA GLY D 20 -17.76 -3.84 -9.77
C GLY D 20 -18.44 -2.49 -9.64
N SER D 21 -19.18 -2.10 -10.67
CA SER D 21 -20.00 -0.89 -10.64
C SER D 21 -21.45 -1.16 -10.29
N CYS D 22 -22.14 -2.01 -11.05
CA CYS D 22 -23.50 -2.38 -10.68
C CYS D 22 -23.64 -3.86 -10.36
N CYS D 23 -23.47 -4.72 -11.36
CA CYS D 23 -23.35 -6.14 -11.10
C CYS D 23 -22.39 -6.82 -12.06
N CYS D 24 -22.30 -6.25 -13.26
CA CYS D 24 -21.92 -7.03 -14.43
C CYS D 24 -20.43 -7.36 -14.39
N GLU D 25 -20.06 -8.49 -15.00
CA GLU D 25 -18.68 -8.97 -14.93
C GLU D 25 -17.82 -8.22 -15.93
N SER D 26 -16.58 -8.68 -16.13
CA SER D 26 -15.64 -8.00 -17.02
C SER D 26 -15.06 -8.96 -18.05
N ILE D 27 -14.91 -8.47 -19.28
CA ILE D 27 -14.32 -9.24 -20.39
C ILE D 27 -13.47 -8.31 -21.25
N SER D 28 -12.16 -8.49 -21.24
CA SER D 28 -11.30 -7.73 -22.15
C SER D 28 -11.40 -8.31 -23.56
N ALA D 29 -11.11 -7.47 -24.55
CA ALA D 29 -11.18 -7.90 -25.94
C ALA D 29 -10.35 -6.99 -26.81
N ARG D 30 -9.66 -7.58 -27.79
CA ARG D 30 -8.81 -6.92 -28.79
C ARG D 30 -9.54 -6.83 -30.13
N PRO D 31 -9.41 -5.73 -30.86
CA PRO D 31 -10.14 -5.59 -32.13
C PRO D 31 -9.68 -6.63 -33.15
N GLY D 32 -10.65 -7.35 -33.71
CA GLY D 32 -10.42 -8.34 -34.75
C GLY D 32 -10.52 -9.78 -34.27
N GLU D 33 -10.33 -10.02 -32.98
CA GLU D 33 -10.34 -11.38 -32.45
C GLU D 33 -11.75 -11.96 -32.46
N VAL D 34 -11.80 -13.29 -32.42
CA VAL D 34 -13.06 -14.03 -32.25
C VAL D 34 -12.81 -15.10 -31.19
N ASN D 35 -13.22 -14.84 -29.95
CA ASN D 35 -12.90 -15.70 -28.83
C ASN D 35 -14.13 -16.49 -28.40
N GLY D 36 -13.93 -17.36 -27.42
CA GLY D 36 -15.01 -18.19 -26.90
C GLY D 36 -15.15 -18.04 -25.40
N VAL D 37 -16.40 -18.10 -24.94
CA VAL D 37 -16.74 -17.94 -23.53
C VAL D 37 -17.61 -19.11 -23.09
N MET D 38 -17.35 -19.59 -21.88
CA MET D 38 -18.12 -20.64 -21.23
C MET D 38 -18.57 -20.14 -19.88
N VAL D 39 -19.87 -20.24 -19.61
CA VAL D 39 -20.44 -19.84 -18.34
C VAL D 39 -21.12 -21.04 -17.72
N SER D 40 -20.80 -21.31 -16.45
CA SER D 40 -21.23 -22.51 -15.77
C SER D 40 -22.41 -22.18 -14.85
N TYR D 41 -23.61 -22.56 -15.29
CA TYR D 41 -24.80 -22.46 -14.47
C TYR D 41 -24.91 -23.59 -13.44
N ALA D 42 -23.84 -24.37 -13.28
CA ALA D 42 -23.87 -25.51 -12.38
C ALA D 42 -24.23 -25.07 -10.96
N ALA D 43 -23.74 -23.90 -10.54
CA ALA D 43 -24.04 -23.42 -9.21
C ALA D 43 -25.49 -23.05 -9.02
N TRP D 44 -26.19 -22.66 -10.08
CA TRP D 44 -27.56 -22.14 -9.98
C TRP D 44 -28.61 -23.19 -10.31
N SER D 45 -28.33 -24.09 -11.25
CA SER D 45 -29.34 -25.02 -11.73
C SER D 45 -29.25 -26.41 -11.09
N ALA D 46 -28.14 -26.73 -10.42
CA ALA D 46 -28.02 -28.05 -9.82
C ALA D 46 -28.93 -28.24 -8.61
N PRO D 47 -29.02 -27.29 -7.67
CA PRO D 47 -30.00 -27.47 -6.58
C PRO D 47 -31.43 -27.63 -7.08
N LEU D 48 -31.80 -26.91 -8.13
CA LEU D 48 -33.09 -27.11 -8.76
C LEU D 48 -33.05 -28.39 -9.61
N ARG D 49 -33.17 -29.54 -8.95
CA ARG D 49 -33.06 -30.82 -9.64
C ARG D 49 -34.12 -30.94 -10.73
N GLY D 50 -33.68 -30.95 -11.98
CA GLY D 50 -34.60 -31.01 -13.11
C GLY D 50 -33.96 -31.56 -14.36
N HIS D 51 -34.29 -30.96 -15.51
CA HIS D 51 -33.74 -31.41 -16.79
C HIS D 51 -32.66 -30.48 -17.32
N GLY D 52 -31.96 -29.78 -16.44
CA GLY D 52 -30.85 -28.95 -16.86
C GLY D 52 -31.33 -27.70 -17.60
N LEU D 53 -30.46 -27.18 -18.46
CA LEU D 53 -30.77 -25.96 -19.18
C LEU D 53 -31.50 -26.29 -20.48
N THR D 54 -31.84 -25.25 -21.22
CA THR D 54 -32.41 -25.39 -22.55
C THR D 54 -31.67 -24.47 -23.51
N ASN D 55 -31.96 -24.65 -24.80
CA ASN D 55 -31.31 -23.88 -25.85
C ASN D 55 -32.16 -22.65 -26.23
N LYS D 56 -32.46 -21.85 -25.21
CA LYS D 56 -33.28 -20.65 -25.36
C LYS D 56 -32.60 -19.45 -24.71
N THR D 57 -31.31 -19.28 -24.99
CA THR D 57 -30.59 -18.11 -24.54
C THR D 57 -30.94 -16.91 -25.41
N THR D 58 -30.79 -15.72 -24.84
CA THR D 58 -31.00 -14.47 -25.57
C THR D 58 -29.91 -13.49 -25.21
N PHE D 59 -29.26 -12.92 -26.22
CA PHE D 59 -28.17 -11.99 -26.02
C PHE D 59 -28.59 -10.60 -26.48
N GLU D 60 -28.02 -9.58 -25.83
CA GLU D 60 -28.28 -8.19 -26.16
C GLU D 60 -27.04 -7.36 -25.88
N ILE D 61 -26.67 -6.51 -26.83
CA ILE D 61 -25.46 -5.71 -26.76
C ILE D 61 -25.86 -4.24 -26.59
N ASP D 62 -25.25 -3.58 -25.61
CA ASP D 62 -25.44 -2.15 -25.41
C ASP D 62 -24.09 -1.51 -25.16
N GLY D 63 -23.90 -0.31 -25.72
CA GLY D 63 -22.65 0.41 -25.59
C GLY D 63 -22.77 1.55 -24.58
N VAL D 64 -21.93 1.48 -23.55
CA VAL D 64 -21.83 2.57 -22.58
C VAL D 64 -20.67 3.51 -22.90
N SER D 65 -19.84 3.16 -23.87
CA SER D 65 -18.81 4.05 -24.39
C SER D 65 -18.53 3.63 -25.82
N VAL D 66 -18.84 4.50 -26.78
CA VAL D 66 -18.90 4.13 -28.18
C VAL D 66 -17.84 4.83 -29.01
N THR D 67 -17.60 6.13 -28.77
CA THR D 67 -16.66 6.93 -29.56
C THR D 67 -17.09 6.88 -31.02
N PRO D 68 -18.16 7.59 -31.39
CA PRO D 68 -18.76 7.46 -32.73
C PRO D 68 -17.72 7.39 -33.83
N PRO D 69 -17.91 6.51 -34.81
CA PRO D 69 -16.88 6.27 -35.81
C PRO D 69 -16.62 7.49 -36.67
N LYS D 70 -15.37 7.61 -37.13
CA LYS D 70 -14.98 8.70 -38.02
C LYS D 70 -15.33 8.36 -39.46
N VAL D 71 -14.74 7.30 -39.99
CA VAL D 71 -15.01 6.87 -41.36
C VAL D 71 -16.38 6.22 -41.40
N SER D 72 -16.92 6.01 -42.60
CA SER D 72 -18.22 5.38 -42.78
C SER D 72 -18.05 4.16 -43.68
N ASN D 73 -19.09 3.35 -43.75
CA ASN D 73 -19.09 2.13 -44.54
C ASN D 73 -19.73 2.38 -45.91
N ALA D 74 -19.79 1.32 -46.71
CA ALA D 74 -20.36 1.40 -48.05
C ALA D 74 -20.71 0.00 -48.52
N PHE D 75 -21.70 -0.08 -49.41
CA PHE D 75 -22.23 -1.34 -49.92
C PHE D 75 -21.73 -1.58 -51.35
N GLY D 76 -22.22 -2.65 -51.97
CA GLY D 76 -21.85 -3.00 -53.33
C GLY D 76 -22.66 -4.18 -53.85
N ARG D 77 -23.06 -4.13 -55.12
CA ARG D 77 -23.97 -5.13 -55.69
C ARG D 77 -23.53 -5.54 -57.09
N THR D 78 -22.26 -5.93 -57.24
CA THR D 78 -21.75 -6.32 -58.55
C THR D 78 -22.24 -7.72 -58.93
N LYS D 79 -21.86 -8.16 -60.13
CA LYS D 79 -22.29 -9.44 -60.67
C LYS D 79 -21.13 -10.43 -60.67
N VAL D 80 -21.44 -11.67 -61.08
CA VAL D 80 -20.44 -12.73 -61.07
C VAL D 80 -19.47 -12.55 -62.22
N GLY D 81 -18.19 -12.81 -61.96
CA GLY D 81 -17.17 -12.81 -62.98
C GLY D 81 -16.77 -11.44 -63.48
N VAL D 82 -17.67 -10.45 -63.36
CA VAL D 82 -17.39 -9.11 -63.84
C VAL D 82 -16.56 -8.37 -62.79
N VAL D 83 -15.62 -7.55 -63.25
CA VAL D 83 -14.79 -6.78 -62.35
C VAL D 83 -15.61 -5.62 -61.78
N PHE D 84 -15.25 -5.19 -60.58
CA PHE D 84 -15.92 -4.07 -59.92
C PHE D 84 -14.92 -2.96 -59.68
N GLU D 85 -15.39 -1.72 -59.81
CA GLU D 85 -14.58 -0.54 -59.54
C GLU D 85 -15.25 0.28 -58.44
N GLY D 86 -14.42 0.93 -57.63
CA GLY D 86 -14.97 1.73 -56.55
C GLY D 86 -13.98 2.77 -56.07
N THR D 87 -14.52 3.76 -55.37
CA THR D 87 -13.73 4.85 -54.82
C THR D 87 -13.70 4.76 -53.30
N LEU D 88 -12.73 5.46 -52.72
CA LEU D 88 -12.56 5.46 -51.27
C LEU D 88 -12.28 6.88 -50.75
N SER D 89 -12.68 7.89 -51.52
CA SER D 89 -12.46 9.28 -51.16
C SER D 89 -13.67 9.94 -50.52
N ASP D 90 -14.88 9.56 -50.92
CA ASP D 90 -16.10 10.14 -50.38
C ASP D 90 -16.53 9.48 -49.07
N LEU D 91 -15.68 8.67 -48.47
CA LEU D 91 -16.01 8.02 -47.20
C LEU D 91 -15.52 8.86 -46.02
N PHE D 92 -14.23 9.16 -45.98
CA PHE D 92 -13.67 9.96 -44.90
C PHE D 92 -14.00 11.42 -45.13
N PRO D 93 -14.75 12.07 -44.22
CA PRO D 93 -15.08 13.48 -44.42
C PRO D 93 -13.93 14.45 -44.22
N ASN D 94 -12.73 13.94 -43.82
CA ASN D 94 -11.48 14.66 -43.54
C ASN D 94 -11.73 16.11 -43.14
N PRO D 95 -12.36 16.35 -41.98
CA PRO D 95 -12.82 17.70 -41.63
C PRO D 95 -11.73 18.75 -41.70
N GLU D 96 -10.65 18.56 -40.95
CA GLU D 96 -9.50 19.45 -40.98
C GLU D 96 -8.52 18.93 -42.03
N GLY D 97 -7.96 19.85 -42.83
CA GLY D 97 -7.04 19.49 -43.89
C GLY D 97 -5.98 18.49 -43.49
N GLU D 98 -6.05 17.30 -44.07
CA GLU D 98 -5.18 16.19 -43.68
C GLU D 98 -4.98 15.29 -44.89
N GLN D 99 -3.80 14.69 -44.99
CA GLN D 99 -3.52 13.72 -46.03
C GLN D 99 -4.54 12.58 -45.98
N VAL D 100 -4.97 12.14 -47.16
CA VAL D 100 -6.04 11.14 -47.25
C VAL D 100 -5.44 9.75 -47.47
N GLU D 101 -4.18 9.57 -47.06
CA GLU D 101 -3.46 8.31 -47.26
C GLU D 101 -4.32 7.10 -46.87
N TYR D 102 -4.59 6.24 -47.84
CA TYR D 102 -5.42 5.06 -47.63
C TYR D 102 -4.54 3.81 -47.47
N GLU D 103 -5.17 2.71 -47.06
CA GLU D 103 -4.46 1.46 -46.86
C GLU D 103 -5.46 0.32 -46.76
N ILE D 104 -5.09 -0.83 -47.30
CA ILE D 104 -5.89 -2.05 -47.22
C ILE D 104 -5.06 -3.07 -46.45
N SER D 105 -5.41 -3.29 -45.19
CA SER D 105 -4.67 -4.24 -44.37
C SER D 105 -4.77 -5.64 -44.94
N GLU D 106 -3.61 -6.31 -45.06
CA GLU D 106 -3.60 -7.67 -45.58
C GLU D 106 -4.12 -8.68 -44.58
N LEU D 107 -4.26 -8.31 -43.30
CA LEU D 107 -4.86 -9.21 -42.34
C LEU D 107 -6.37 -9.34 -42.54
N ASN D 108 -7.01 -8.29 -43.05
CA ASN D 108 -8.46 -8.28 -43.19
C ASN D 108 -8.87 -7.99 -44.62
N GLY D 109 -8.13 -8.55 -45.58
CA GLY D 109 -8.43 -8.36 -46.98
C GLY D 109 -9.70 -9.08 -47.39
N PRO D 110 -9.92 -9.19 -48.70
CA PRO D 110 -11.12 -9.88 -49.18
C PRO D 110 -11.07 -11.38 -48.88
N SER D 111 -12.16 -12.08 -49.17
CA SER D 111 -12.26 -13.50 -48.89
C SER D 111 -12.27 -14.37 -50.13
N ASN D 112 -12.84 -13.89 -51.24
CA ASN D 112 -12.87 -14.64 -52.49
C ASN D 112 -12.54 -13.72 -53.66
N GLY D 113 -11.63 -12.77 -53.45
CA GLY D 113 -11.20 -11.91 -54.51
C GLY D 113 -9.89 -11.24 -54.18
N VAL D 114 -9.58 -10.17 -54.92
CA VAL D 114 -8.36 -9.40 -54.74
C VAL D 114 -8.67 -7.94 -55.10
N VAL D 115 -8.19 -7.01 -54.29
CA VAL D 115 -8.40 -5.60 -54.54
C VAL D 115 -7.13 -5.00 -55.14
N GLU D 116 -7.27 -3.83 -55.75
CA GLU D 116 -6.14 -3.12 -56.37
C GLU D 116 -6.26 -1.65 -55.95
N LEU D 117 -5.63 -1.31 -54.84
CA LEU D 117 -5.69 0.04 -54.31
C LEU D 117 -4.99 1.01 -55.27
N GLY D 118 -5.77 1.89 -55.90
CA GLY D 118 -5.22 2.88 -56.81
C GLY D 118 -4.44 3.95 -56.06
N ALA D 119 -4.03 4.97 -56.82
CA ALA D 119 -3.20 6.02 -56.23
C ALA D 119 -4.00 6.96 -55.35
N ASN D 120 -5.26 7.23 -55.69
CA ASN D 120 -6.10 8.16 -54.92
C ASN D 120 -7.44 7.47 -54.64
N GLY D 121 -7.47 6.72 -53.54
CA GLY D 121 -8.69 6.11 -53.05
C GLY D 121 -9.51 5.33 -54.06
N ALA D 122 -8.86 4.79 -55.09
CA ALA D 122 -9.52 3.95 -56.06
C ALA D 122 -9.15 2.50 -55.82
N PHE D 123 -10.09 1.60 -56.06
CA PHE D 123 -9.81 0.20 -55.87
C PHE D 123 -10.63 -0.63 -56.83
N THR D 124 -10.01 -1.70 -57.33
CA THR D 124 -10.59 -2.59 -58.33
C THR D 124 -10.71 -3.97 -57.73
N TYR D 125 -11.95 -4.43 -57.54
CA TYR D 125 -12.24 -5.70 -56.89
C TYR D 125 -12.60 -6.72 -57.96
N THR D 126 -11.70 -7.69 -58.17
CA THR D 126 -11.96 -8.79 -59.08
C THR D 126 -12.45 -10.01 -58.30
N PRO D 127 -13.75 -10.29 -58.31
CA PRO D 127 -14.26 -11.44 -57.55
C PRO D 127 -13.75 -12.74 -58.13
N GLY D 128 -13.63 -13.74 -57.26
CA GLY D 128 -13.17 -15.06 -57.68
C GLY D 128 -14.10 -15.68 -58.69
N ALA D 129 -13.53 -16.22 -59.77
CA ALA D 129 -14.34 -16.85 -60.80
C ALA D 129 -15.15 -17.99 -60.22
N LEU D 130 -16.39 -18.12 -60.70
CA LEU D 130 -17.34 -19.13 -60.23
C LEU D 130 -17.60 -18.97 -58.73
N PHE D 131 -18.13 -17.80 -58.37
CA PHE D 131 -18.42 -17.50 -56.97
C PHE D 131 -19.54 -16.47 -56.91
N THR D 132 -20.55 -16.75 -56.09
CA THR D 132 -21.70 -15.86 -55.92
C THR D 132 -22.05 -15.78 -54.44
N GLY D 133 -22.05 -14.57 -53.90
CA GLY D 133 -22.32 -14.39 -52.48
C GLY D 133 -21.97 -13.02 -51.95
N VAL D 134 -21.44 -12.97 -50.72
CA VAL D 134 -21.09 -11.73 -50.06
C VAL D 134 -19.61 -11.76 -49.71
N ASP D 135 -19.01 -10.57 -49.66
CA ASP D 135 -17.60 -10.44 -49.31
C ASP D 135 -17.40 -9.10 -48.62
N ARG D 136 -16.38 -9.04 -47.77
CA ARG D 136 -16.07 -7.82 -47.05
C ARG D 136 -14.57 -7.57 -47.08
N PHE D 137 -14.18 -6.32 -46.82
CA PHE D 137 -12.79 -6.04 -46.52
C PHE D 137 -12.73 -4.78 -45.67
N TRP D 138 -11.59 -4.58 -45.02
CA TRP D 138 -11.42 -3.55 -44.00
C TRP D 138 -10.30 -2.61 -44.41
N PHE D 139 -10.65 -1.35 -44.66
CA PHE D 139 -9.69 -0.32 -45.01
C PHE D 139 -9.38 0.56 -43.81
N SER D 140 -8.25 1.26 -43.89
CA SER D 140 -7.78 2.15 -42.83
C SER D 140 -7.42 3.48 -43.48
N ILE D 141 -8.36 4.42 -43.45
CA ILE D 141 -8.13 5.75 -44.00
C ILE D 141 -7.47 6.62 -42.94
N ASN D 142 -6.15 6.70 -42.98
CA ASN D 142 -5.37 7.55 -42.08
C ASN D 142 -5.60 7.16 -40.61
N GLY D 143 -5.42 5.87 -40.35
CA GLY D 143 -5.52 5.33 -39.01
C GLY D 143 -6.91 4.89 -38.59
N ASN D 144 -7.95 5.51 -39.13
CA ASN D 144 -9.32 5.17 -38.77
C ASN D 144 -9.84 4.08 -39.71
N ILE D 145 -10.44 3.05 -39.13
CA ILE D 145 -10.74 1.81 -39.85
C ILE D 145 -12.24 1.74 -40.15
N GLY D 146 -12.56 1.35 -41.38
CA GLY D 146 -13.93 1.11 -41.79
C GLY D 146 -13.98 -0.11 -42.69
N GLU D 147 -15.20 -0.51 -43.05
CA GLU D 147 -15.40 -1.71 -43.86
C GLU D 147 -16.14 -1.38 -45.15
N TYR D 148 -15.85 -2.18 -46.18
CA TYR D 148 -16.52 -2.10 -47.47
C TYR D 148 -17.04 -3.49 -47.79
N VAL D 149 -18.34 -3.60 -48.07
CA VAL D 149 -19.01 -4.85 -48.33
C VAL D 149 -19.44 -4.88 -49.78
N ILE D 150 -19.22 -6.01 -50.44
CA ILE D 150 -19.58 -6.22 -51.83
C ILE D 150 -20.45 -7.46 -51.95
N SER D 151 -21.52 -7.38 -52.73
CA SER D 151 -22.40 -8.51 -52.97
C SER D 151 -22.30 -8.89 -54.43
N VAL D 152 -21.71 -10.05 -54.70
CA VAL D 152 -21.58 -10.58 -56.05
C VAL D 152 -22.79 -11.46 -56.34
N ASP D 153 -23.51 -11.13 -57.45
CA ASP D 153 -24.82 -11.66 -57.74
C ASP D 153 -24.76 -12.68 -58.86
N PRO D 154 -25.54 -13.77 -58.78
CA PRO D 154 -25.36 -14.85 -59.75
C PRO D 154 -26.04 -14.57 -61.09
N THR D 155 -25.87 -13.34 -61.58
CA THR D 155 -26.23 -12.88 -62.93
C THR D 155 -27.72 -13.03 -63.24
N THR D 156 -28.52 -13.53 -62.31
CA THR D 156 -29.95 -13.70 -62.60
C THR D 156 -30.70 -12.39 -62.40
N SER D 157 -30.86 -11.96 -61.15
CA SER D 157 -31.34 -10.60 -60.91
C SER D 157 -30.45 -9.81 -59.96
N GLU D 158 -30.31 -10.30 -58.72
CA GLU D 158 -29.75 -9.51 -57.64
C GLU D 158 -29.31 -10.38 -56.46
N LEU D 159 -29.07 -9.75 -55.30
CA LEU D 159 -28.83 -10.43 -54.03
C LEU D 159 -29.23 -9.49 -52.91
N PRO D 160 -29.80 -10.00 -51.81
CA PRO D 160 -30.25 -9.11 -50.73
C PRO D 160 -29.10 -8.36 -50.07
N GLN D 161 -29.47 -7.47 -49.14
CA GLN D 161 -28.52 -6.62 -48.44
C GLN D 161 -28.28 -7.14 -47.03
N PRO D 162 -27.07 -7.53 -46.69
CA PRO D 162 -26.78 -7.98 -45.33
C PRO D 162 -26.56 -6.79 -44.41
N PRO D 163 -26.62 -7.00 -43.09
CA PRO D 163 -26.39 -5.88 -42.16
C PRO D 163 -24.92 -5.64 -41.90
N PHE D 164 -24.51 -4.38 -41.92
CA PHE D 164 -23.14 -4.03 -41.58
C PHE D 164 -22.82 -4.50 -40.16
N THR D 165 -21.77 -5.31 -40.03
CA THR D 165 -21.46 -5.93 -38.75
C THR D 165 -21.15 -4.87 -37.69
N THR D 166 -21.68 -5.10 -36.50
CA THR D 166 -21.48 -4.22 -35.36
C THR D 166 -20.10 -4.45 -34.76
N PRO D 167 -19.53 -3.43 -34.07
CA PRO D 167 -18.20 -3.60 -33.46
C PRO D 167 -18.06 -4.84 -32.60
N VAL D 168 -18.97 -5.05 -31.67
CA VAL D 168 -18.98 -6.25 -30.83
C VAL D 168 -20.27 -7.01 -31.12
N TYR D 169 -20.15 -8.32 -31.33
CA TYR D 169 -21.30 -9.13 -31.71
C TYR D 169 -21.13 -10.53 -31.15
N VAL D 170 -22.23 -11.26 -31.16
CA VAL D 170 -22.26 -12.68 -30.81
C VAL D 170 -22.85 -13.42 -32.00
N PRO D 171 -22.15 -14.40 -32.57
CA PRO D 171 -22.61 -15.03 -33.82
C PRO D 171 -24.02 -15.58 -33.71
N ALA D 172 -24.68 -15.67 -34.86
CA ALA D 172 -26.09 -16.06 -34.91
C ALA D 172 -26.32 -17.42 -34.26
N ALA D 173 -25.71 -18.47 -34.81
CA ALA D 173 -25.90 -19.83 -34.32
C ALA D 173 -24.53 -20.46 -34.06
N ARG D 174 -23.97 -20.17 -32.88
CA ARG D 174 -22.79 -20.89 -32.40
C ARG D 174 -22.86 -21.14 -30.91
N ARG D 175 -24.05 -21.05 -30.31
CA ARG D 175 -24.25 -21.26 -28.89
C ARG D 175 -24.62 -22.71 -28.62
N SER D 176 -24.32 -23.17 -27.42
CA SER D 176 -24.66 -24.55 -27.06
C SER D 176 -24.81 -24.64 -25.55
N VAL D 177 -25.54 -25.66 -25.12
CA VAL D 177 -25.78 -25.92 -23.70
C VAL D 177 -25.54 -27.40 -23.43
N ASP D 178 -24.87 -27.69 -22.31
CA ASP D 178 -24.59 -29.06 -21.89
C ASP D 178 -25.42 -29.37 -20.65
N PRO D 179 -26.61 -29.97 -20.80
CA PRO D 179 -27.45 -30.22 -19.63
C PRO D 179 -26.85 -31.20 -18.63
N ARG D 180 -25.86 -32.00 -19.02
CA ARG D 180 -25.23 -32.91 -18.08
C ARG D 180 -24.21 -32.22 -17.19
N THR D 181 -23.79 -31.00 -17.54
CA THR D 181 -22.85 -30.23 -16.73
C THR D 181 -23.28 -28.79 -16.51
N HIS D 182 -24.40 -28.37 -17.09
CA HIS D 182 -24.92 -27.00 -16.94
C HIS D 182 -23.87 -25.97 -17.36
N VAL D 183 -23.46 -26.05 -18.62
CA VAL D 183 -22.45 -25.17 -19.17
C VAL D 183 -22.98 -24.59 -20.48
N LEU D 184 -22.94 -23.26 -20.60
CA LEU D 184 -23.31 -22.57 -21.82
C LEU D 184 -22.05 -22.11 -22.54
N LYS D 185 -21.92 -22.48 -23.80
CA LYS D 185 -20.80 -22.08 -24.65
C LYS D 185 -21.31 -21.09 -25.68
N PHE D 186 -20.56 -20.01 -25.89
CA PHE D 186 -20.89 -19.08 -26.96
C PHE D 186 -19.63 -18.34 -27.39
N VAL D 187 -19.76 -17.56 -28.46
CA VAL D 187 -18.64 -16.93 -29.13
C VAL D 187 -18.78 -15.42 -29.04
N LEU D 188 -17.64 -14.74 -28.87
CA LEU D 188 -17.57 -13.28 -28.85
C LEU D 188 -16.75 -12.83 -30.05
N GLY D 189 -17.40 -12.15 -30.99
CA GLY D 189 -16.73 -11.61 -32.16
C GLY D 189 -16.58 -10.11 -32.03
N VAL D 190 -15.38 -9.63 -32.34
CA VAL D 190 -15.06 -8.20 -32.26
C VAL D 190 -14.65 -7.73 -33.64
N SER D 191 -15.35 -6.72 -34.15
CA SER D 191 -15.01 -6.14 -35.44
C SER D 191 -13.65 -5.46 -35.36
N PRO D 192 -12.89 -5.48 -36.47
CA PRO D 192 -11.64 -4.69 -36.51
C PRO D 192 -11.87 -3.20 -36.45
N ALA D 193 -13.11 -2.74 -36.65
CA ALA D 193 -13.43 -1.32 -36.58
C ALA D 193 -13.71 -0.85 -35.17
N ALA D 194 -13.69 -1.75 -34.18
CA ALA D 194 -13.90 -1.34 -32.80
C ALA D 194 -12.76 -0.46 -32.34
N ILE D 195 -13.11 0.71 -31.81
CA ILE D 195 -12.11 1.69 -31.39
C ILE D 195 -11.65 1.35 -29.97
N PRO D 196 -10.35 1.29 -29.73
CA PRO D 196 -9.87 0.98 -28.37
C PRO D 196 -10.38 2.00 -27.37
N GLY D 197 -10.63 1.53 -26.15
CA GLY D 197 -11.20 2.34 -25.10
C GLY D 197 -12.70 2.25 -24.98
N ASP D 198 -13.39 1.80 -26.02
CA ASP D 198 -14.83 1.66 -25.97
C ASP D 198 -15.22 0.56 -24.98
N VAL D 199 -16.43 0.67 -24.44
CA VAL D 199 -16.94 -0.30 -23.48
C VAL D 199 -18.39 -0.61 -23.83
N TYR D 200 -18.67 -1.89 -24.05
CA TYR D 200 -20.01 -2.36 -24.36
C TYR D 200 -20.51 -3.28 -23.26
N ARG D 201 -21.81 -3.54 -23.26
CA ARG D 201 -22.43 -4.37 -22.23
C ARG D 201 -23.26 -5.46 -22.89
N LEU D 202 -22.99 -6.71 -22.52
CA LEU D 202 -23.73 -7.85 -23.03
C LEU D 202 -24.59 -8.41 -21.90
N THR D 203 -25.88 -8.59 -22.18
CA THR D 203 -26.80 -9.12 -21.18
C THR D 203 -27.36 -10.44 -21.68
N VAL D 204 -27.41 -11.42 -20.79
CA VAL D 204 -27.86 -12.76 -21.12
C VAL D 204 -29.02 -13.14 -20.20
N ARG D 205 -29.98 -13.89 -20.78
CA ARG D 205 -31.20 -14.33 -20.12
C ARG D 205 -31.37 -15.82 -20.41
N GLN D 206 -30.82 -16.64 -19.52
CA GLN D 206 -30.86 -18.09 -19.69
C GLN D 206 -32.01 -18.70 -18.89
N VAL D 207 -32.65 -19.70 -19.49
CA VAL D 207 -33.81 -20.35 -18.89
C VAL D 207 -33.49 -21.82 -18.62
N ALA D 208 -33.62 -22.22 -17.36
CA ALA D 208 -33.55 -23.62 -16.97
C ALA D 208 -34.97 -24.19 -16.92
N ILE D 209 -35.08 -25.51 -16.71
CA ILE D 209 -36.36 -26.18 -16.80
C ILE D 209 -36.42 -27.26 -15.72
N ASP D 210 -37.58 -27.41 -15.10
CA ASP D 210 -37.83 -28.43 -14.10
C ASP D 210 -38.37 -29.70 -14.75
N CYS D 211 -38.56 -30.73 -13.93
CA CYS D 211 -38.97 -32.04 -14.43
C CYS D 211 -40.38 -32.03 -15.02
N ASP D 212 -41.12 -30.93 -14.95
CA ASP D 212 -42.49 -30.88 -15.45
C ASP D 212 -42.65 -29.99 -16.67
N GLY D 213 -41.60 -29.31 -17.10
CA GLY D 213 -41.66 -28.47 -18.27
C GLY D 213 -41.87 -27.00 -18.03
N ASN D 214 -41.68 -26.53 -16.79
CA ASN D 214 -41.81 -25.11 -16.47
C ASN D 214 -40.45 -24.44 -16.67
N GLU D 215 -40.34 -23.17 -16.29
CA GLU D 215 -39.17 -22.37 -16.62
C GLU D 215 -38.61 -21.68 -15.39
N PHE D 216 -37.30 -21.42 -15.43
CA PHE D 216 -36.59 -20.67 -14.40
C PHE D 216 -35.66 -19.69 -15.09
N VAL D 217 -35.91 -18.40 -14.93
CA VAL D 217 -35.18 -17.37 -15.66
C VAL D 217 -33.96 -16.93 -14.86
N HIS D 218 -32.92 -16.49 -15.57
CA HIS D 218 -31.75 -15.91 -14.91
C HIS D 218 -31.10 -14.89 -15.85
N ILE D 219 -30.71 -13.75 -15.30
CA ILE D 219 -30.21 -12.62 -16.08
C ILE D 219 -28.85 -12.18 -15.54
N SER D 220 -27.90 -11.91 -16.44
CA SER D 220 -26.57 -11.46 -16.05
C SER D 220 -26.01 -10.52 -17.11
N CYS D 221 -24.90 -9.84 -16.77
CA CYS D 221 -24.20 -9.02 -17.75
C CYS D 221 -22.70 -9.27 -17.70
N TYR D 222 -22.04 -8.85 -18.78
CA TYR D 222 -20.60 -8.73 -18.84
C TYR D 222 -20.24 -7.47 -19.61
N ASP D 223 -19.25 -6.75 -19.13
CA ASP D 223 -18.79 -5.51 -19.73
C ASP D 223 -17.57 -5.82 -20.56
N ILE D 224 -17.72 -5.70 -21.88
CA ILE D 224 -16.65 -5.98 -22.82
C ILE D 224 -15.88 -4.69 -23.07
N SER D 225 -14.60 -4.71 -22.70
CA SER D 225 -13.71 -3.57 -22.85
C SER D 225 -12.82 -3.81 -24.06
N ILE D 226 -13.04 -3.05 -25.12
CA ILE D 226 -12.22 -3.14 -26.32
C ILE D 226 -10.89 -2.46 -26.06
N GLY D 227 -9.86 -3.24 -25.78
CA GLY D 227 -8.54 -2.71 -25.48
C GLY D 227 -7.55 -3.08 -26.56
N SER D 228 -6.62 -2.17 -26.84
CA SER D 228 -5.59 -2.40 -27.85
C SER D 228 -4.36 -3.03 -27.21
N CYS D 229 -3.55 -3.67 -28.04
CA CYS D 229 -2.31 -4.33 -27.61
C CYS D 229 -2.62 -5.38 -26.54
N GLY D 230 -3.39 -6.38 -26.94
CA GLY D 230 -3.74 -7.48 -26.04
C GLY D 230 -4.75 -7.10 -24.98
N MET E 1 -31.33 -20.56 -5.99
CA MET E 1 -32.40 -21.11 -5.16
C MET E 1 -32.27 -20.66 -3.71
N TYR E 2 -33.38 -20.20 -3.14
CA TYR E 2 -33.42 -19.85 -1.73
C TYR E 2 -33.83 -21.05 -0.91
N PHE E 3 -33.18 -21.22 0.25
CA PHE E 3 -33.52 -22.30 1.17
C PHE E 3 -33.59 -21.70 2.58
N PHE E 4 -34.76 -21.77 3.19
CA PHE E 4 -34.99 -21.20 4.52
C PHE E 4 -35.38 -22.31 5.49
N SER E 5 -34.90 -22.18 6.73
CA SER E 5 -35.30 -23.05 7.82
C SER E 5 -36.22 -22.29 8.76
N VAL E 6 -37.39 -22.84 9.00
CA VAL E 6 -38.46 -22.15 9.73
C VAL E 6 -38.10 -22.14 11.21
N ASP E 7 -38.73 -21.25 11.97
CA ASP E 7 -38.54 -21.23 13.41
C ASP E 7 -39.23 -22.43 14.04
N PRO E 8 -38.73 -22.90 15.18
CA PRO E 8 -39.32 -24.09 15.81
C PRO E 8 -40.51 -23.79 16.70
N ARG E 9 -40.77 -22.53 17.04
CA ARG E 9 -41.86 -22.14 17.93
C ARG E 9 -41.74 -22.81 19.30
N ASN E 10 -40.52 -23.15 19.70
CA ASN E 10 -40.28 -23.84 20.96
C ASN E 10 -39.23 -23.10 21.76
N GLY E 11 -39.63 -22.57 22.91
CA GLY E 11 -38.71 -21.93 23.84
C GLY E 11 -37.82 -20.87 23.22
N ALA E 12 -36.53 -21.17 23.12
CA ALA E 12 -35.54 -20.21 22.62
C ALA E 12 -35.76 -19.92 21.14
N SER E 13 -35.05 -18.92 20.64
CA SER E 13 -35.23 -18.52 19.25
C SER E 13 -34.06 -18.91 18.36
N LYS E 14 -34.02 -18.35 17.16
CA LYS E 14 -32.95 -18.67 16.23
C LYS E 14 -32.68 -17.53 15.25
N SER E 15 -31.59 -17.64 14.49
CA SER E 15 -31.24 -16.63 13.49
C SER E 15 -31.17 -15.20 14.01
N GLY E 16 -30.04 -14.83 14.60
CA GLY E 16 -29.85 -13.46 15.04
C GLY E 16 -30.90 -12.73 15.84
N ASP E 17 -31.77 -13.44 16.55
CA ASP E 17 -32.70 -12.76 17.43
C ASP E 17 -31.87 -12.12 18.52
N VAL E 18 -30.55 -12.23 18.41
CA VAL E 18 -29.63 -11.70 19.41
C VAL E 18 -30.12 -10.35 19.84
N CYS E 19 -30.20 -9.43 18.89
CA CYS E 19 -30.73 -8.12 19.20
C CYS E 19 -32.05 -8.01 18.44
N GLY E 20 -32.87 -9.05 18.51
CA GLY E 20 -34.11 -9.04 17.78
C GLY E 20 -33.90 -9.35 16.31
N SER E 21 -34.98 -9.43 15.54
CA SER E 21 -34.85 -9.78 14.14
C SER E 21 -35.65 -8.83 13.29
N CYS E 22 -35.22 -8.63 12.06
CA CYS E 22 -35.97 -7.78 11.14
C CYS E 22 -37.39 -8.32 11.05
N CYS E 23 -37.60 -9.48 11.69
CA CYS E 23 -38.86 -10.22 11.78
C CYS E 23 -39.29 -10.89 10.47
N CYS E 24 -38.66 -10.53 9.36
CA CYS E 24 -38.89 -11.25 8.13
C CYS E 24 -37.56 -11.66 7.53
N GLU E 25 -37.50 -12.89 7.01
CA GLU E 25 -36.33 -13.30 6.26
C GLU E 25 -36.26 -12.44 5.00
N SER E 26 -35.13 -12.42 4.31
CA SER E 26 -34.94 -11.52 3.19
C SER E 26 -34.82 -12.29 1.89
N ILE E 27 -35.33 -11.70 0.82
CA ILE E 27 -35.28 -12.31 -0.50
C ILE E 27 -34.91 -11.24 -1.51
N SER E 28 -33.69 -11.32 -2.04
CA SER E 28 -33.24 -10.38 -3.06
C SER E 28 -33.72 -10.85 -4.43
N ALA E 29 -34.32 -9.95 -5.20
CA ALA E 29 -34.84 -10.29 -6.50
C ALA E 29 -34.41 -9.27 -7.54
N ARG E 30 -34.31 -9.73 -8.79
CA ARG E 30 -33.98 -8.90 -9.91
C ARG E 30 -35.15 -8.91 -10.90
N PRO E 31 -35.56 -7.76 -11.43
CA PRO E 31 -36.71 -7.72 -12.33
C PRO E 31 -36.53 -8.65 -13.52
N GLY E 32 -37.44 -9.61 -13.67
CA GLY E 32 -37.41 -10.58 -14.74
C GLY E 32 -37.08 -11.98 -14.30
N GLU E 33 -36.43 -12.15 -13.15
CA GLU E 33 -35.99 -13.45 -12.70
C GLU E 33 -37.19 -14.29 -12.24
N VAL E 34 -37.05 -15.60 -12.36
CA VAL E 34 -38.01 -16.56 -11.81
C VAL E 34 -37.23 -17.62 -11.05
N ASN E 35 -37.19 -17.50 -9.73
CA ASN E 35 -36.35 -18.35 -8.90
C ASN E 35 -37.21 -19.37 -8.14
N GLY E 36 -36.55 -20.20 -7.35
CA GLY E 36 -37.24 -21.22 -6.57
C GLY E 36 -36.87 -21.12 -5.10
N VAL E 37 -37.87 -21.30 -4.25
CA VAL E 37 -37.71 -21.19 -2.81
C VAL E 37 -38.15 -22.50 -2.16
N MET E 38 -37.37 -22.96 -1.20
CA MET E 38 -37.67 -24.14 -0.40
C MET E 38 -37.66 -23.75 1.06
N VAL E 39 -38.70 -24.14 1.79
CA VAL E 39 -38.79 -23.88 3.23
C VAL E 39 -38.89 -25.22 3.94
N SER E 40 -38.03 -25.43 4.94
CA SER E 40 -37.91 -26.71 5.62
C SER E 40 -38.56 -26.60 6.99
N TYR E 41 -39.72 -27.23 7.15
CA TYR E 41 -40.42 -27.28 8.43
C TYR E 41 -39.93 -28.38 9.35
N ALA E 42 -38.76 -28.97 9.05
CA ALA E 42 -38.23 -30.04 9.88
C ALA E 42 -38.03 -29.59 11.32
N ALA E 43 -37.70 -28.32 11.52
CA ALA E 43 -37.51 -27.82 12.88
C ALA E 43 -38.81 -27.74 13.66
N TRP E 44 -39.95 -27.60 12.98
CA TRP E 44 -41.23 -27.39 13.65
C TRP E 44 -42.16 -28.58 13.56
N SER E 45 -42.16 -29.31 12.46
CA SER E 45 -43.11 -30.39 12.25
C SER E 45 -42.56 -31.76 12.66
N ALA E 46 -41.26 -31.91 12.81
CA ALA E 46 -40.70 -33.20 13.19
C ALA E 46 -41.02 -33.54 14.63
N PRO E 47 -40.84 -32.64 15.60
CA PRO E 47 -41.31 -32.95 16.96
C PRO E 47 -42.79 -33.25 17.02
N LEU E 48 -43.58 -32.66 16.13
CA LEU E 48 -44.98 -33.03 15.99
C LEU E 48 -45.09 -34.36 15.26
N ARG E 49 -44.84 -35.47 15.95
CA ARG E 49 -44.88 -36.78 15.31
C ARG E 49 -46.26 -37.04 14.73
N GLY E 50 -46.35 -37.05 13.42
CA GLY E 50 -47.61 -37.20 12.73
C GLY E 50 -47.37 -37.48 11.27
N HIS E 51 -48.22 -36.92 10.42
CA HIS E 51 -48.14 -37.13 8.98
C HIS E 51 -47.56 -35.93 8.23
N GLY E 52 -46.73 -35.14 8.91
CA GLY E 52 -46.04 -34.07 8.21
C GLY E 52 -46.99 -33.00 7.71
N LEU E 53 -46.65 -32.43 6.56
CA LEU E 53 -47.39 -31.30 6.03
C LEU E 53 -48.54 -31.77 5.15
N THR E 54 -49.30 -30.80 4.63
CA THR E 54 -50.37 -31.05 3.67
C THR E 54 -50.30 -30.02 2.55
N ASN E 55 -51.07 -30.27 1.50
CA ASN E 55 -51.12 -29.38 0.35
C ASN E 55 -52.21 -28.32 0.53
N LYS E 56 -52.09 -27.56 1.62
CA LYS E 56 -53.05 -26.51 1.96
C LYS E 56 -52.32 -25.23 2.36
N THR E 57 -51.33 -24.85 1.56
CA THR E 57 -50.59 -23.62 1.79
C THR E 57 -51.30 -22.45 1.10
N THR E 58 -51.17 -21.27 1.69
CA THR E 58 -51.79 -20.06 1.16
C THR E 58 -50.83 -18.89 1.30
N PHE E 59 -50.81 -18.02 0.29
CA PHE E 59 -49.83 -16.95 0.21
C PHE E 59 -50.52 -15.59 0.14
N GLU E 60 -49.73 -14.54 0.38
CA GLU E 60 -50.24 -13.18 0.35
C GLU E 60 -49.11 -12.24 0.00
N ILE E 61 -49.33 -11.40 -1.02
CA ILE E 61 -48.36 -10.42 -1.46
C ILE E 61 -48.84 -9.04 -1.03
N ASP E 62 -48.01 -8.33 -0.29
CA ASP E 62 -48.32 -6.98 0.17
C ASP E 62 -47.09 -6.11 0.00
N GLY E 63 -47.29 -4.93 -0.60
CA GLY E 63 -46.19 -4.02 -0.85
C GLY E 63 -46.07 -2.98 0.26
N VAL E 64 -44.87 -2.89 0.84
CA VAL E 64 -44.57 -1.87 1.83
C VAL E 64 -43.88 -0.66 1.20
N SER E 65 -43.32 -0.80 0.00
CA SER E 65 -42.74 0.31 -0.72
C SER E 65 -42.88 0.00 -2.20
N VAL E 66 -43.69 0.78 -2.91
CA VAL E 66 -44.12 0.44 -4.26
C VAL E 66 -43.55 1.39 -5.31
N THR E 67 -43.53 2.70 -5.03
CA THR E 67 -43.13 3.71 -5.99
C THR E 67 -43.94 3.55 -7.27
N PRO E 68 -45.21 3.93 -7.27
CA PRO E 68 -46.13 3.60 -8.37
C PRO E 68 -45.53 3.91 -9.73
N PRO E 69 -45.85 3.11 -10.75
CA PRO E 69 -45.17 3.23 -12.04
C PRO E 69 -45.56 4.49 -12.79
N LYS E 70 -44.67 4.89 -13.70
CA LYS E 70 -44.93 6.07 -14.53
C LYS E 70 -45.79 5.72 -15.73
N VAL E 71 -45.37 4.74 -16.52
CA VAL E 71 -46.08 4.33 -17.72
C VAL E 71 -47.14 3.30 -17.36
N SER E 72 -48.36 3.56 -17.79
CA SER E 72 -49.46 2.63 -17.53
C SER E 72 -49.41 1.47 -18.51
N ASN E 73 -50.13 0.40 -18.18
CA ASN E 73 -50.23 -0.75 -19.05
C ASN E 73 -51.48 -0.65 -19.92
N ALA E 74 -51.55 -1.54 -20.92
CA ALA E 74 -52.63 -1.51 -21.88
C ALA E 74 -52.96 -2.93 -22.33
N PHE E 75 -54.12 -3.07 -22.94
CA PHE E 75 -54.64 -4.36 -23.38
C PHE E 75 -55.14 -4.27 -24.81
N GLY E 76 -54.82 -5.28 -25.62
CA GLY E 76 -55.23 -5.31 -27.01
C GLY E 76 -55.94 -6.61 -27.34
N ARG E 77 -56.60 -6.61 -28.50
CA ARG E 77 -57.37 -7.76 -28.97
C ARG E 77 -57.33 -7.83 -30.48
N THR E 78 -57.36 -9.05 -31.01
CA THR E 78 -57.35 -9.30 -32.44
C THR E 78 -57.77 -10.74 -32.70
N LYS E 79 -58.22 -11.00 -33.92
CA LYS E 79 -58.61 -12.34 -34.32
C LYS E 79 -57.37 -13.12 -34.78
N VAL E 80 -57.57 -14.40 -35.08
CA VAL E 80 -56.43 -15.24 -35.48
C VAL E 80 -56.07 -14.95 -36.94
N GLY E 81 -54.78 -14.95 -37.23
CA GLY E 81 -54.31 -14.76 -38.58
C GLY E 81 -54.23 -13.30 -39.01
N VAL E 82 -55.11 -12.47 -38.46
CA VAL E 82 -55.14 -11.06 -38.85
C VAL E 82 -54.11 -10.29 -38.03
N VAL E 83 -53.37 -9.42 -38.71
CA VAL E 83 -52.30 -8.66 -38.06
C VAL E 83 -52.91 -7.58 -37.16
N PHE E 84 -52.22 -7.28 -36.07
CA PHE E 84 -52.65 -6.27 -35.12
C PHE E 84 -51.79 -5.02 -35.25
N GLU E 85 -52.43 -3.85 -35.15
CA GLU E 85 -51.72 -2.58 -35.10
C GLU E 85 -52.05 -1.89 -33.77
N GLY E 86 -51.09 -1.13 -33.27
CA GLY E 86 -51.31 -0.48 -31.99
C GLY E 86 -50.44 0.74 -31.82
N THR E 87 -50.81 1.54 -30.83
CA THR E 87 -50.11 2.76 -30.48
C THR E 87 -49.37 2.60 -29.17
N LEU E 88 -48.37 3.46 -28.96
CA LEU E 88 -47.55 3.40 -27.76
C LEU E 88 -47.31 4.79 -27.17
N SER E 89 -48.15 5.76 -27.51
CA SER E 89 -47.95 7.13 -27.10
C SER E 89 -48.92 7.60 -26.02
N ASP E 90 -50.11 7.03 -25.95
CA ASP E 90 -51.10 7.43 -24.95
C ASP E 90 -50.93 6.69 -23.63
N LEU E 91 -49.88 5.89 -23.47
CA LEU E 91 -49.65 5.15 -22.24
C LEU E 91 -48.64 5.84 -21.33
N PHE E 92 -48.11 7.00 -21.73
CA PHE E 92 -47.08 7.71 -20.98
C PHE E 92 -47.58 9.11 -20.67
N PRO E 93 -48.40 9.27 -19.63
CA PRO E 93 -48.79 10.62 -19.22
C PRO E 93 -47.59 11.37 -18.63
N ASN E 94 -47.09 12.35 -19.37
CA ASN E 94 -45.85 13.01 -19.00
C ASN E 94 -46.05 14.51 -18.81
N PRO E 95 -45.12 15.18 -18.12
CA PRO E 95 -45.12 16.65 -18.12
C PRO E 95 -44.43 17.26 -19.34
N GLU E 96 -43.70 16.46 -20.11
CA GLU E 96 -43.11 16.92 -21.36
C GLU E 96 -42.86 15.71 -22.25
N GLY E 97 -43.02 15.91 -23.56
CA GLY E 97 -42.67 14.89 -24.54
C GLY E 97 -41.24 14.96 -25.03
N GLU E 98 -40.28 15.22 -24.14
CA GLU E 98 -38.95 15.69 -24.50
C GLU E 98 -38.28 14.90 -25.63
N GLN E 99 -37.97 13.62 -25.41
CA GLN E 99 -37.29 12.82 -26.43
C GLN E 99 -37.79 11.37 -26.39
N VAL E 100 -39.10 11.18 -26.20
CA VAL E 100 -39.65 9.86 -25.88
C VAL E 100 -39.16 8.81 -26.87
N GLU E 101 -38.41 7.82 -26.35
CA GLU E 101 -37.78 6.81 -27.19
C GLU E 101 -38.46 5.46 -26.96
N TYR E 102 -39.45 5.18 -27.81
CA TYR E 102 -40.13 3.91 -27.75
C TYR E 102 -39.16 2.78 -28.06
N GLU E 103 -39.07 1.82 -27.14
CA GLU E 103 -38.05 0.78 -27.24
C GLU E 103 -38.63 -0.54 -26.77
N ILE E 104 -38.35 -1.59 -27.53
CA ILE E 104 -38.84 -2.94 -27.24
C ILE E 104 -37.61 -3.79 -26.94
N SER E 105 -37.35 -4.03 -25.65
CA SER E 105 -36.21 -4.85 -25.27
C SER E 105 -36.41 -6.28 -25.73
N GLU E 106 -35.43 -6.82 -26.46
CA GLU E 106 -35.56 -8.14 -27.04
C GLU E 106 -35.61 -9.24 -25.99
N LEU E 107 -35.04 -9.00 -24.81
CA LEU E 107 -34.98 -10.05 -23.79
C LEU E 107 -36.37 -10.44 -23.30
N ASN E 108 -37.34 -9.53 -23.36
CA ASN E 108 -38.70 -9.80 -22.94
C ASN E 108 -39.69 -9.51 -24.07
N GLY E 109 -39.31 -9.85 -25.29
CA GLY E 109 -40.14 -9.65 -26.45
C GLY E 109 -41.33 -10.59 -26.48
N PRO E 110 -41.95 -10.72 -27.66
CA PRO E 110 -43.13 -11.59 -27.77
C PRO E 110 -42.75 -13.05 -27.61
N SER E 111 -43.78 -13.88 -27.50
CA SER E 111 -43.62 -15.31 -27.27
C SER E 111 -44.04 -16.17 -28.46
N ASN E 112 -45.11 -15.80 -29.16
CA ASN E 112 -45.59 -16.55 -30.31
C ASN E 112 -45.90 -15.63 -31.48
N GLY E 113 -45.15 -14.53 -31.59
CA GLY E 113 -45.33 -13.62 -32.69
C GLY E 113 -44.10 -12.76 -32.89
N VAL E 114 -44.27 -11.71 -33.69
CA VAL E 114 -43.18 -10.76 -33.97
C VAL E 114 -43.77 -9.36 -33.92
N VAL E 115 -42.94 -8.39 -33.57
CA VAL E 115 -43.35 -7.00 -33.47
C VAL E 115 -42.40 -6.13 -34.27
N GLU E 116 -42.96 -5.22 -35.07
CA GLU E 116 -42.20 -4.22 -35.81
C GLU E 116 -42.59 -2.86 -35.24
N LEU E 117 -41.65 -2.23 -34.54
CA LEU E 117 -41.92 -0.92 -33.97
C LEU E 117 -41.94 0.13 -35.06
N GLY E 118 -42.89 1.06 -34.97
CA GLY E 118 -42.96 2.18 -35.87
C GLY E 118 -41.94 3.26 -35.51
N ALA E 119 -42.08 4.40 -36.19
CA ALA E 119 -41.16 5.50 -35.94
C ALA E 119 -41.58 6.31 -34.71
N ASN E 120 -42.89 6.50 -34.51
CA ASN E 120 -43.40 7.34 -33.43
C ASN E 120 -44.56 6.61 -32.74
N GLY E 121 -44.23 5.85 -31.71
CA GLY E 121 -45.23 5.24 -30.83
C GLY E 121 -46.25 4.35 -31.51
N ALA E 122 -45.86 3.74 -32.63
CA ALA E 122 -46.71 2.78 -33.32
C ALA E 122 -46.00 1.44 -33.40
N PHE E 123 -46.78 0.38 -33.50
CA PHE E 123 -46.18 -0.95 -33.58
C PHE E 123 -47.15 -1.89 -34.29
N THR E 124 -46.56 -2.85 -35.01
CA THR E 124 -47.31 -3.86 -35.76
C THR E 124 -46.95 -5.22 -35.22
N TYR E 125 -47.94 -5.91 -34.64
CA TYR E 125 -47.75 -7.23 -34.06
C TYR E 125 -48.37 -8.26 -35.02
N THR E 126 -47.51 -9.10 -35.60
CA THR E 126 -47.97 -10.19 -36.45
C THR E 126 -47.97 -11.49 -35.65
N PRO E 127 -49.13 -11.94 -35.18
CA PRO E 127 -49.17 -13.19 -34.41
C PRO E 127 -48.77 -14.37 -35.27
N GLY E 128 -48.21 -15.39 -34.63
CA GLY E 128 -47.79 -16.58 -35.35
C GLY E 128 -48.97 -17.28 -36.00
N ALA E 129 -48.75 -17.73 -37.22
CA ALA E 129 -49.80 -18.44 -37.95
C ALA E 129 -50.17 -19.73 -37.22
N LEU E 130 -51.47 -20.04 -37.23
CA LEU E 130 -52.01 -21.22 -36.54
C LEU E 130 -51.67 -21.16 -35.05
N PHE E 131 -52.14 -20.10 -34.40
CA PHE E 131 -51.90 -19.92 -32.97
C PHE E 131 -53.01 -19.06 -32.39
N THR E 132 -53.45 -19.42 -31.18
CA THR E 132 -54.49 -18.67 -30.47
C THR E 132 -54.22 -18.78 -28.97
N GLY E 133 -54.08 -17.64 -28.30
CA GLY E 133 -53.89 -17.63 -26.87
C GLY E 133 -53.63 -16.25 -26.31
N VAL E 134 -52.69 -16.15 -25.38
CA VAL E 134 -52.27 -14.89 -24.80
C VAL E 134 -50.81 -14.66 -25.14
N ASP E 135 -50.48 -13.43 -25.52
CA ASP E 135 -49.11 -13.06 -25.84
C ASP E 135 -48.85 -11.66 -25.32
N ARG E 136 -47.70 -11.47 -24.68
CA ARG E 136 -47.32 -10.20 -24.09
C ARG E 136 -45.97 -9.76 -24.63
N PHE E 137 -45.69 -8.47 -24.51
CA PHE E 137 -44.35 -7.97 -24.75
C PHE E 137 -44.15 -6.70 -23.93
N TRP E 138 -42.93 -6.52 -23.46
CA TRP E 138 -42.59 -5.46 -22.52
C TRP E 138 -41.88 -4.34 -23.26
N PHE E 139 -42.51 -3.17 -23.28
CA PHE E 139 -41.96 -1.98 -23.90
C PHE E 139 -41.33 -1.08 -22.86
N SER E 140 -40.49 -0.15 -23.32
CA SER E 140 -39.76 0.75 -22.43
C SER E 140 -39.82 2.16 -23.03
N ILE E 141 -40.73 2.97 -22.51
CA ILE E 141 -40.85 4.37 -22.93
C ILE E 141 -39.98 5.20 -21.99
N ASN E 142 -38.89 5.74 -22.54
CA ASN E 142 -38.00 6.66 -21.81
C ASN E 142 -37.53 6.03 -20.49
N GLY E 143 -37.09 4.78 -20.58
CA GLY E 143 -36.61 4.08 -19.41
C GLY E 143 -37.71 3.41 -18.60
N ASN E 144 -38.90 4.00 -18.60
CA ASN E 144 -40.01 3.45 -17.82
C ASN E 144 -40.61 2.26 -18.56
N ILE E 145 -40.69 1.13 -17.87
CA ILE E 145 -41.06 -0.14 -18.48
C ILE E 145 -42.52 -0.43 -18.21
N GLY E 146 -43.21 -0.93 -19.24
CA GLY E 146 -44.59 -1.39 -19.11
C GLY E 146 -44.78 -2.59 -20.01
N GLU E 147 -45.97 -3.19 -19.94
CA GLU E 147 -46.28 -4.37 -20.73
C GLU E 147 -47.51 -4.13 -21.59
N TYR E 148 -47.55 -4.81 -22.73
CA TYR E 148 -48.68 -4.77 -23.65
C TYR E 148 -49.07 -6.20 -23.99
N VAL E 149 -50.33 -6.55 -23.73
CA VAL E 149 -50.85 -7.89 -23.98
C VAL E 149 -51.85 -7.82 -25.12
N ILE E 150 -51.68 -8.72 -26.10
CA ILE E 150 -52.46 -8.69 -27.34
C ILE E 150 -53.16 -10.03 -27.52
N SER E 151 -53.64 -10.63 -26.43
CA SER E 151 -54.23 -11.97 -26.46
C SER E 151 -55.14 -12.15 -27.67
N VAL E 152 -55.01 -13.30 -28.33
CA VAL E 152 -55.61 -13.55 -29.63
C VAL E 152 -56.60 -14.71 -29.48
N ASP E 153 -57.85 -14.45 -29.84
CA ASP E 153 -58.84 -15.51 -29.93
C ASP E 153 -58.68 -16.26 -31.25
N PRO E 154 -59.27 -17.45 -31.37
CA PRO E 154 -59.29 -18.12 -32.69
C PRO E 154 -60.52 -17.67 -33.49
N THR E 155 -60.74 -16.36 -33.48
CA THR E 155 -61.86 -15.70 -34.16
C THR E 155 -63.20 -16.35 -33.78
N THR E 156 -63.32 -16.88 -32.57
CA THR E 156 -64.64 -17.35 -32.18
C THR E 156 -65.46 -16.21 -31.61
N SER E 157 -65.16 -15.75 -30.39
CA SER E 157 -65.59 -14.43 -29.97
C SER E 157 -64.40 -13.67 -29.39
N GLU E 158 -63.80 -14.14 -28.29
CA GLU E 158 -62.77 -13.41 -27.57
C GLU E 158 -62.28 -14.21 -26.35
N LEU E 159 -61.04 -14.02 -25.95
CA LEU E 159 -60.63 -14.43 -24.61
C LEU E 159 -61.09 -13.41 -23.59
N PRO E 160 -61.58 -13.86 -22.42
CA PRO E 160 -62.18 -12.92 -21.46
C PRO E 160 -61.26 -11.80 -20.99
N GLN E 161 -60.18 -12.16 -20.28
CA GLN E 161 -59.21 -11.18 -19.82
C GLN E 161 -57.97 -11.81 -19.22
N PRO E 162 -56.77 -11.34 -19.58
CA PRO E 162 -55.57 -11.67 -18.80
C PRO E 162 -55.51 -10.84 -17.53
N PRO E 163 -54.87 -11.34 -16.47
CA PRO E 163 -54.95 -10.65 -15.17
C PRO E 163 -53.92 -9.56 -14.98
N PHE E 164 -53.16 -9.19 -16.01
CA PHE E 164 -52.20 -8.08 -15.95
C PHE E 164 -51.19 -8.29 -14.82
N THR E 165 -50.33 -9.29 -15.05
CA THR E 165 -49.38 -9.77 -14.05
C THR E 165 -48.75 -8.64 -13.24
N THR E 166 -48.68 -8.85 -11.93
CA THR E 166 -48.17 -7.87 -10.99
C THR E 166 -46.66 -7.81 -11.05
N PRO E 167 -46.05 -6.77 -10.46
CA PRO E 167 -44.57 -6.73 -10.40
C PRO E 167 -43.97 -7.98 -9.76
N VAL E 168 -44.49 -8.42 -8.62
CA VAL E 168 -44.05 -9.64 -7.96
C VAL E 168 -45.26 -10.55 -7.79
N TYR E 169 -45.04 -11.84 -8.02
CA TYR E 169 -46.14 -12.80 -7.99
C TYR E 169 -45.60 -14.18 -7.66
N VAL E 170 -46.51 -15.06 -7.28
CA VAL E 170 -46.24 -16.49 -7.09
C VAL E 170 -47.18 -17.26 -8.01
N PRO E 171 -46.66 -18.07 -8.92
CA PRO E 171 -47.54 -18.77 -9.88
C PRO E 171 -48.60 -19.60 -9.17
N ALA E 172 -49.71 -19.82 -9.90
CA ALA E 172 -50.89 -20.46 -9.32
C ALA E 172 -50.57 -21.84 -8.76
N ALA E 173 -50.10 -22.75 -9.61
CA ALA E 173 -49.87 -24.14 -9.20
C ALA E 173 -48.49 -24.59 -9.67
N ARG E 174 -47.47 -24.30 -8.86
CA ARG E 174 -46.15 -24.89 -9.03
C ARG E 174 -45.54 -25.26 -7.69
N ARG E 175 -46.34 -25.35 -6.64
CA ARG E 175 -45.88 -25.63 -5.29
C ARG E 175 -46.04 -27.12 -4.98
N SER E 176 -45.27 -27.59 -4.00
CA SER E 176 -45.38 -28.98 -3.57
C SER E 176 -44.86 -29.10 -2.15
N VAL E 177 -45.29 -30.16 -1.47
CA VAL E 177 -44.87 -30.44 -0.10
C VAL E 177 -44.50 -31.91 -0.02
N ASP E 178 -43.33 -32.19 0.56
CA ASP E 178 -42.88 -33.57 0.71
C ASP E 178 -43.09 -33.99 2.16
N PRO E 179 -44.14 -34.75 2.48
CA PRO E 179 -44.36 -35.16 3.88
C PRO E 179 -43.26 -36.06 4.43
N ARG E 180 -42.37 -36.57 3.59
CA ARG E 180 -41.32 -37.46 4.08
C ARG E 180 -40.15 -36.69 4.68
N THR E 181 -39.87 -35.49 4.16
CA THR E 181 -38.76 -34.69 4.67
C THR E 181 -39.19 -33.30 5.14
N HIS E 182 -40.48 -32.99 5.11
CA HIS E 182 -41.02 -31.73 5.60
C HIS E 182 -40.36 -30.54 4.90
N VAL E 183 -40.57 -30.48 3.58
CA VAL E 183 -40.07 -29.38 2.76
C VAL E 183 -41.17 -28.93 1.83
N LEU E 184 -41.36 -27.61 1.75
CA LEU E 184 -42.31 -27.00 0.82
C LEU E 184 -41.54 -26.24 -0.24
N LYS E 185 -41.85 -26.50 -1.50
CA LYS E 185 -41.22 -25.85 -2.64
C LYS E 185 -42.24 -24.97 -3.34
N PHE E 186 -41.84 -23.74 -3.64
CA PHE E 186 -42.67 -22.85 -4.44
C PHE E 186 -41.79 -21.90 -5.24
N VAL E 187 -42.29 -21.47 -6.38
CA VAL E 187 -41.51 -20.64 -7.29
C VAL E 187 -41.92 -19.19 -7.12
N LEU E 188 -40.95 -18.30 -7.34
CA LEU E 188 -41.14 -16.87 -7.15
C LEU E 188 -40.76 -16.16 -8.46
N GLY E 189 -41.76 -15.61 -9.14
CA GLY E 189 -41.54 -14.86 -10.37
C GLY E 189 -41.79 -13.38 -10.14
N VAL E 190 -40.84 -12.56 -10.59
CA VAL E 190 -40.94 -11.12 -10.49
C VAL E 190 -40.90 -10.53 -11.90
N SER E 191 -41.93 -9.74 -12.24
CA SER E 191 -42.03 -9.18 -13.57
C SER E 191 -40.89 -8.19 -13.84
N PRO E 192 -40.55 -8.00 -15.11
CA PRO E 192 -39.53 -6.98 -15.44
C PRO E 192 -39.98 -5.55 -15.18
N ALA E 193 -41.24 -5.34 -14.77
CA ALA E 193 -41.75 -4.00 -14.51
C ALA E 193 -41.56 -3.56 -13.06
N ALA E 194 -40.89 -4.36 -12.24
CA ALA E 194 -40.64 -3.98 -10.86
C ALA E 194 -39.55 -2.90 -10.82
N ILE E 195 -39.73 -1.93 -9.93
CA ILE E 195 -38.82 -0.80 -9.81
C ILE E 195 -37.73 -1.13 -8.81
N PRO E 196 -36.46 -0.90 -9.15
CA PRO E 196 -35.39 -1.17 -8.17
C PRO E 196 -35.56 -0.30 -6.93
N GLY E 197 -35.44 -0.94 -5.77
CA GLY E 197 -35.62 -0.28 -4.50
C GLY E 197 -36.95 -0.56 -3.82
N ASP E 198 -37.90 -1.17 -4.51
CA ASP E 198 -39.19 -1.48 -3.91
C ASP E 198 -39.05 -2.62 -2.90
N VAL E 199 -40.01 -2.69 -1.99
CA VAL E 199 -40.03 -3.70 -0.95
C VAL E 199 -41.45 -4.26 -0.82
N TYR E 200 -41.59 -5.56 -1.02
CA TYR E 200 -42.86 -6.24 -0.84
C TYR E 200 -42.74 -7.21 0.33
N ARG E 201 -43.89 -7.70 0.80
CA ARG E 201 -43.91 -8.66 1.90
C ARG E 201 -44.81 -9.83 1.52
N LEU E 202 -44.24 -11.03 1.52
CA LEU E 202 -44.96 -12.25 1.22
C LEU E 202 -45.12 -13.03 2.51
N THR E 203 -46.36 -13.34 2.88
CA THR E 203 -46.66 -14.09 4.09
C THR E 203 -47.19 -15.47 3.71
N VAL E 204 -46.67 -16.50 4.37
CA VAL E 204 -46.98 -17.89 4.06
C VAL E 204 -47.66 -18.51 5.27
N ARG E 205 -48.83 -19.11 5.05
CA ARG E 205 -49.58 -19.84 6.07
C ARG E 205 -49.60 -21.31 5.68
N GLN E 206 -48.84 -22.12 6.40
CA GLN E 206 -48.72 -23.54 6.10
C GLN E 206 -49.30 -24.36 7.25
N VAL E 207 -50.08 -25.38 6.92
CA VAL E 207 -50.76 -26.21 7.91
C VAL E 207 -50.20 -27.63 7.84
N ALA E 208 -49.83 -28.16 9.00
CA ALA E 208 -49.43 -29.55 9.14
C ALA E 208 -50.63 -30.39 9.54
N ILE E 209 -50.39 -31.64 9.92
CA ILE E 209 -51.48 -32.54 10.30
C ILE E 209 -50.93 -33.55 11.31
N ASP E 210 -51.73 -33.84 12.32
CA ASP E 210 -51.38 -34.87 13.29
C ASP E 210 -51.77 -36.25 12.77
N CYS E 211 -51.57 -37.26 13.60
CA CYS E 211 -51.82 -38.64 13.20
C CYS E 211 -53.31 -38.95 13.02
N ASP E 212 -54.20 -38.07 13.48
CA ASP E 212 -55.62 -38.34 13.42
C ASP E 212 -56.38 -37.39 12.49
N GLY E 213 -55.69 -36.44 11.86
CA GLY E 213 -56.32 -35.57 10.88
C GLY E 213 -56.64 -34.17 11.34
N ASN E 214 -56.12 -33.73 12.48
CA ASN E 214 -56.34 -32.37 12.94
C ASN E 214 -55.29 -31.45 12.32
N GLU E 215 -55.23 -30.21 12.77
CA GLU E 215 -54.45 -29.19 12.09
C GLU E 215 -53.55 -28.44 13.05
N PHE E 216 -52.38 -28.05 12.53
CA PHE E 216 -51.44 -27.18 13.23
C PHE E 216 -51.00 -26.12 12.25
N VAL E 217 -51.38 -24.88 12.49
CA VAL E 217 -51.13 -23.79 11.54
C VAL E 217 -49.83 -23.09 11.92
N HIS E 218 -49.09 -22.60 10.92
CA HIS E 218 -47.88 -21.85 11.13
C HIS E 218 -47.82 -20.73 10.11
N ILE E 219 -47.33 -19.56 10.54
CA ILE E 219 -47.32 -18.37 9.70
C ILE E 219 -45.92 -17.77 9.70
N SER E 220 -45.45 -17.38 8.51
CA SER E 220 -44.13 -16.78 8.37
C SER E 220 -44.21 -15.63 7.37
N CYS E 221 -43.20 -14.77 7.37
CA CYS E 221 -43.14 -13.65 6.44
C CYS E 221 -41.76 -13.60 5.79
N TYR E 222 -41.70 -12.90 4.65
CA TYR E 222 -40.45 -12.70 3.93
C TYR E 222 -40.54 -11.37 3.20
N ASP E 223 -39.47 -10.58 3.29
CA ASP E 223 -39.42 -9.27 2.65
C ASP E 223 -38.66 -9.42 1.33
N ILE E 224 -39.36 -9.16 0.23
CA ILE E 224 -38.78 -9.21 -1.10
C ILE E 224 -38.25 -7.83 -1.44
N SER E 225 -36.95 -7.75 -1.71
CA SER E 225 -36.28 -6.51 -2.07
C SER E 225 -35.91 -6.57 -3.55
N ILE E 226 -36.54 -5.71 -4.35
CA ILE E 226 -36.28 -5.66 -5.78
C ILE E 226 -35.07 -4.77 -6.02
N GLY E 227 -33.92 -5.37 -6.32
CA GLY E 227 -32.71 -4.64 -6.63
C GLY E 227 -32.24 -5.00 -8.04
N SER E 228 -32.01 -3.97 -8.84
CA SER E 228 -31.41 -4.21 -10.15
C SER E 228 -30.00 -4.74 -9.96
N CYS E 229 -29.46 -5.37 -11.00
CA CYS E 229 -28.19 -6.07 -10.87
C CYS E 229 -28.10 -6.96 -9.65
N GLY E 230 -28.93 -7.99 -9.63
CA GLY E 230 -28.91 -8.99 -8.59
C GLY E 230 -29.92 -10.09 -8.85
N ASP F 4 18.63 34.99 -8.64
CA ASP F 4 18.38 35.32 -7.24
C ASP F 4 18.45 34.07 -6.38
N ALA F 5 19.45 33.23 -6.63
CA ALA F 5 19.66 31.98 -5.90
C ALA F 5 18.57 30.98 -6.21
N LEU F 6 17.58 31.39 -7.02
CA LEU F 6 16.51 30.53 -7.50
C LEU F 6 16.63 30.26 -8.99
N SER F 7 17.63 30.81 -9.65
CA SER F 7 17.81 30.66 -11.09
C SER F 7 18.06 29.21 -11.47
N ASP F 8 18.91 28.53 -10.72
CA ASP F 8 19.38 27.17 -11.02
C ASP F 8 18.26 26.26 -11.52
N GLY F 9 17.21 26.09 -10.73
CA GLY F 9 16.11 25.25 -11.15
C GLY F 9 15.77 24.18 -10.14
N PHE F 10 16.49 24.17 -9.02
CA PHE F 10 16.30 23.14 -8.00
C PHE F 10 15.00 23.38 -7.25
N VAL F 11 14.90 24.52 -6.57
CA VAL F 11 13.65 24.86 -5.90
C VAL F 11 12.71 25.55 -6.88
N ARG F 12 11.42 25.23 -6.77
CA ARG F 12 10.38 25.87 -7.58
C ARG F 12 9.24 26.24 -6.64
N LEU F 13 9.15 27.53 -6.31
CA LEU F 13 8.25 28.03 -5.27
C LEU F 13 7.11 28.82 -5.89
N CYS F 14 5.91 28.62 -5.36
CA CYS F 14 4.72 29.37 -5.74
C CYS F 14 4.15 30.00 -4.48
N ILE F 15 4.30 31.31 -4.34
CA ILE F 15 3.80 32.03 -3.17
C ILE F 15 2.35 32.41 -3.40
N ASP F 16 1.44 31.49 -3.10
CA ASP F 16 0.01 31.74 -3.29
C ASP F 16 -0.70 31.78 -1.95
N PRO F 17 -1.45 32.84 -1.64
CA PRO F 17 -2.15 32.88 -0.36
C PRO F 17 -3.28 31.87 -0.25
N SER F 18 -4.03 31.69 -1.33
CA SER F 18 -5.22 30.82 -1.31
C SER F 18 -4.89 29.40 -1.72
N LEU F 19 -3.92 28.79 -1.04
CA LEU F 19 -3.60 27.40 -1.32
C LEU F 19 -4.55 26.48 -0.56
N ASN F 20 -4.45 25.18 -0.86
CA ASN F 20 -5.32 24.19 -0.24
C ASN F 20 -4.61 22.85 -0.25
N PHE F 21 -4.43 22.25 0.92
CA PHE F 21 -3.72 20.98 1.07
C PHE F 21 -4.62 19.86 1.56
N PHE F 22 -5.63 20.18 2.36
CA PHE F 22 -6.52 19.23 3.02
C PHE F 22 -7.03 18.13 2.11
N GLY F 23 -7.16 16.91 2.65
CA GLY F 23 -7.84 15.85 1.93
C GLY F 23 -9.33 15.89 2.22
N GLU F 24 -10.09 16.43 1.27
CA GLU F 24 -11.43 16.97 1.52
C GLU F 24 -12.35 16.08 2.34
N GLY F 25 -12.76 14.93 1.80
CA GLY F 25 -13.68 14.10 2.53
C GLY F 25 -14.97 14.82 2.89
N CYS F 26 -15.75 14.23 3.80
CA CYS F 26 -16.71 15.01 4.57
C CYS F 26 -17.71 15.70 3.65
N LYS F 27 -18.61 14.94 3.02
CA LYS F 27 -19.25 15.30 1.74
C LYS F 27 -20.74 15.61 1.95
N ILE F 28 -21.04 16.45 2.94
CA ILE F 28 -22.39 16.94 3.23
C ILE F 28 -23.15 17.38 1.97
N LEU F 29 -24.43 17.04 1.89
CA LEU F 29 -25.35 17.49 0.86
C LEU F 29 -26.43 18.38 1.45
N VAL F 30 -26.77 19.44 0.72
CA VAL F 30 -27.82 20.37 1.10
C VAL F 30 -28.90 20.36 0.03
N GLU F 31 -30.16 20.26 0.46
CA GLU F 31 -31.28 20.21 -0.46
C GLU F 31 -32.28 21.31 -0.10
N GLY F 32 -32.72 22.06 -1.10
CA GLY F 32 -33.67 23.13 -0.89
C GLY F 32 -34.19 23.76 -2.17
N GLN F 33 -35.39 24.34 -2.12
CA GLN F 33 -35.95 25.00 -3.28
C GLN F 33 -35.15 26.25 -3.62
N MET F 34 -35.37 26.76 -4.84
CA MET F 34 -34.52 27.80 -5.39
C MET F 34 -35.34 28.83 -6.14
N THR F 35 -34.71 29.97 -6.39
CA THR F 35 -35.19 30.98 -7.33
C THR F 35 -34.38 30.88 -8.61
N ASP F 36 -35.04 31.13 -9.75
CA ASP F 36 -34.38 30.90 -11.05
C ASP F 36 -33.23 31.86 -11.29
N ASP F 37 -33.00 32.83 -10.41
CA ASP F 37 -31.86 33.72 -10.57
C ASP F 37 -30.55 32.94 -10.65
N GLY F 38 -30.44 31.87 -9.87
CA GLY F 38 -29.26 31.02 -9.92
C GLY F 38 -29.06 30.35 -11.25
N SER F 39 -27.99 30.71 -11.95
CA SER F 39 -27.69 30.17 -13.27
C SER F 39 -27.03 28.81 -13.10
N ALA F 40 -27.85 27.78 -12.92
CA ALA F 40 -27.34 26.42 -12.78
C ALA F 40 -28.45 25.40 -13.01
N THR F 41 -28.09 24.27 -13.62
CA THR F 41 -29.08 23.25 -13.92
C THR F 41 -29.67 22.69 -12.63
N PRO F 42 -30.99 22.77 -12.45
CA PRO F 42 -31.60 22.15 -11.27
C PRO F 42 -31.55 20.63 -11.37
N ASP F 43 -31.90 19.99 -10.27
CA ASP F 43 -31.92 18.53 -10.16
C ASP F 43 -30.58 17.94 -10.61
N ALA F 44 -29.50 18.54 -10.12
CA ALA F 44 -28.16 18.13 -10.52
C ALA F 44 -27.21 18.44 -9.37
N VAL F 45 -26.63 17.39 -8.78
CA VAL F 45 -25.68 17.58 -7.67
C VAL F 45 -24.51 18.42 -8.14
N THR F 46 -24.22 19.49 -7.41
CA THR F 46 -23.15 20.42 -7.77
C THR F 46 -22.24 20.60 -6.56
N CYS F 47 -21.02 20.08 -6.64
CA CYS F 47 -20.03 20.24 -5.57
C CYS F 47 -19.52 21.67 -5.60
N VAL F 48 -20.26 22.56 -4.94
CA VAL F 48 -19.98 23.99 -4.98
C VAL F 48 -18.64 24.28 -4.32
N THR F 49 -17.97 25.33 -4.80
CA THR F 49 -16.76 25.84 -4.16
C THR F 49 -17.16 26.79 -3.04
N SER F 50 -16.22 27.60 -2.57
CA SER F 50 -16.56 28.58 -1.54
C SER F 50 -17.37 29.70 -2.18
N GLU F 51 -17.57 30.80 -1.47
CA GLU F 51 -18.62 31.75 -1.84
C GLU F 51 -18.63 32.17 -3.31
N LEU F 52 -17.48 32.53 -3.88
CA LEU F 52 -17.43 33.22 -5.17
C LEU F 52 -18.51 32.76 -6.15
N ASP F 53 -18.65 31.45 -6.32
CA ASP F 53 -19.74 30.92 -7.12
C ASP F 53 -20.98 30.75 -6.23
N ILE F 54 -21.71 31.84 -6.05
CA ILE F 54 -22.86 31.97 -5.16
C ILE F 54 -24.04 32.45 -6.00
N ILE F 55 -25.00 33.08 -5.32
CA ILE F 55 -26.42 33.14 -5.64
C ILE F 55 -26.77 32.92 -7.10
N GLU F 56 -25.95 33.40 -8.03
CA GLU F 56 -26.16 32.96 -9.40
C GLU F 56 -25.54 31.58 -9.63
N ARG F 57 -25.71 30.68 -8.68
CA ARG F 57 -25.43 29.25 -8.87
C ARG F 57 -26.50 28.38 -8.22
N PHE F 58 -27.31 28.94 -7.33
CA PHE F 58 -28.30 28.12 -6.64
C PHE F 58 -29.61 28.89 -6.50
N GLY F 59 -29.56 30.20 -6.65
CA GLY F 59 -30.76 30.99 -6.48
C GLY F 59 -30.67 31.97 -5.34
N GLN F 60 -30.58 33.25 -5.67
CA GLN F 60 -30.51 34.31 -4.66
C GLN F 60 -31.78 34.34 -3.82
N GLY F 61 -31.62 34.68 -2.55
CA GLY F 61 -32.77 34.91 -1.68
C GLY F 61 -33.41 33.66 -1.14
N SER F 62 -33.62 32.66 -2.00
CA SER F 62 -34.37 31.47 -1.62
C SER F 62 -33.68 30.76 -0.46
N VAL F 63 -34.41 29.83 0.16
CA VAL F 63 -33.98 29.12 1.36
C VAL F 63 -32.58 28.56 1.20
N LEU F 64 -32.28 27.99 0.03
CA LEU F 64 -30.98 27.38 -0.18
C LEU F 64 -29.84 28.36 0.05
N THR F 65 -30.01 29.60 -0.41
CA THR F 65 -29.02 30.66 -0.21
C THR F 65 -28.62 30.76 1.26
N GLU F 66 -29.60 31.03 2.13
CA GLU F 66 -29.31 31.20 3.55
C GLU F 66 -28.78 29.91 4.17
N SER F 67 -29.36 28.77 3.78
CA SER F 67 -28.93 27.49 4.31
C SER F 67 -27.44 27.26 4.06
N LEU F 68 -27.02 27.32 2.80
CA LEU F 68 -25.62 27.06 2.48
C LEU F 68 -24.72 28.18 2.98
N ARG F 69 -25.25 29.40 3.10
CA ARG F 69 -24.50 30.48 3.72
C ARG F 69 -24.15 30.13 5.17
N LYS F 70 -25.10 29.58 5.89
CA LYS F 70 -24.80 29.23 7.26
C LYS F 70 -23.83 28.08 7.24
N VAL F 71 -24.03 27.15 6.33
CA VAL F 71 -23.17 25.98 6.25
C VAL F 71 -21.81 26.42 5.80
N PHE F 72 -21.76 27.19 4.72
CA PHE F 72 -20.50 27.72 4.25
C PHE F 72 -19.88 28.43 5.40
N CYS F 73 -20.71 28.95 6.29
CA CYS F 73 -20.17 29.56 7.48
C CYS F 73 -19.71 28.45 8.39
N THR F 74 -20.16 28.45 9.63
CA THR F 74 -19.79 27.42 10.56
C THR F 74 -18.43 26.87 10.21
N CYS F 75 -18.40 25.61 9.81
CA CYS F 75 -17.15 24.95 9.49
C CYS F 75 -16.20 25.76 8.61
N LYS F 76 -14.99 26.09 9.08
CA LYS F 76 -14.14 26.86 8.18
C LYS F 76 -13.48 25.97 7.13
N SER F 77 -13.09 24.75 7.52
CA SER F 77 -12.32 23.89 6.62
C SER F 77 -12.47 22.45 7.06
N GLY F 78 -12.68 21.55 6.10
CA GLY F 78 -12.77 20.15 6.42
C GLY F 78 -13.79 19.40 5.60
N VAL F 79 -14.78 20.11 5.05
CA VAL F 79 -15.89 19.45 4.37
C VAL F 79 -15.80 19.72 2.88
N SER F 80 -16.52 18.90 2.12
CA SER F 80 -16.70 19.08 0.68
C SER F 80 -18.20 19.31 0.47
N VAL F 81 -18.60 20.57 0.44
CA VAL F 81 -20.02 20.90 0.37
C VAL F 81 -20.57 20.44 -0.98
N TYR F 82 -21.77 19.88 -0.94
CA TYR F 82 -22.49 19.46 -2.14
C TYR F 82 -23.91 20.00 -2.06
N ALA F 83 -24.43 20.44 -3.20
CA ALA F 83 -25.75 21.06 -3.27
C ALA F 83 -26.61 20.36 -4.31
N LEU F 84 -27.86 20.09 -3.96
CA LEU F 84 -28.85 19.55 -4.89
C LEU F 84 -29.97 20.57 -5.03
N PRO F 85 -29.84 21.54 -5.94
CA PRO F 85 -30.81 22.64 -6.00
C PRO F 85 -32.14 22.25 -6.63
N ARG F 86 -33.05 21.71 -5.83
CA ARG F 86 -34.38 21.38 -6.32
C ARG F 86 -35.10 22.65 -6.75
N GLU F 87 -36.02 22.49 -7.70
CA GLU F 87 -36.75 23.60 -8.30
C GLU F 87 -38.12 23.76 -7.67
N ASP F 88 -38.70 24.93 -7.84
CA ASP F 88 -40.02 25.26 -7.32
C ASP F 88 -41.09 24.84 -8.34
N ALA F 89 -42.32 25.24 -8.09
CA ALA F 89 -43.42 24.97 -9.01
C ALA F 89 -44.39 26.13 -9.09
N SER F 201 -49.04 25.63 1.85
CA SER F 201 -49.93 24.71 1.16
C SER F 201 -49.55 24.57 -0.31
N VAL F 202 -48.32 24.96 -0.63
CA VAL F 202 -47.80 24.80 -1.98
C VAL F 202 -46.64 23.83 -1.95
N ASN F 203 -45.57 24.17 -1.20
CA ASN F 203 -44.44 23.33 -0.85
C ASN F 203 -44.07 22.34 -1.96
N PRO F 204 -43.55 22.79 -3.11
CA PRO F 204 -43.32 21.82 -4.18
C PRO F 204 -42.19 20.88 -3.79
N THR F 205 -42.53 19.76 -3.19
CA THR F 205 -41.52 18.83 -2.68
C THR F 205 -41.26 17.52 -3.43
N PRO F 206 -42.23 17.03 -4.23
CA PRO F 206 -42.03 15.73 -4.87
C PRO F 206 -40.58 15.43 -5.19
N ASN F 207 -40.11 14.23 -4.86
CA ASN F 207 -38.69 13.97 -5.06
C ASN F 207 -38.20 12.52 -4.99
N ASP F 208 -38.64 11.61 -5.87
CA ASP F 208 -38.05 10.29 -5.83
C ASP F 208 -36.94 10.30 -6.87
N TYR F 209 -35.72 10.64 -6.44
CA TYR F 209 -34.66 11.01 -7.35
C TYR F 209 -33.35 10.30 -6.96
N ALA F 210 -33.44 8.99 -6.75
CA ALA F 210 -32.23 8.19 -6.59
C ALA F 210 -31.41 8.09 -7.88
N THR F 211 -31.83 8.77 -8.95
CA THR F 211 -31.06 8.83 -10.19
C THR F 211 -30.02 9.96 -10.15
N VAL F 212 -30.47 11.20 -9.92
CA VAL F 212 -29.56 12.34 -9.86
C VAL F 212 -28.53 12.13 -8.77
N VAL F 213 -28.97 11.68 -7.60
CA VAL F 213 -28.06 11.34 -6.51
C VAL F 213 -28.01 9.82 -6.42
N ASN F 214 -26.81 9.28 -6.50
CA ASN F 214 -26.59 7.86 -6.69
C ASN F 214 -25.29 7.46 -5.99
N GLU F 215 -24.69 6.35 -6.43
CA GLU F 215 -23.56 5.72 -5.75
C GLU F 215 -22.60 6.72 -5.10
N CYS F 216 -22.27 7.83 -5.77
CA CYS F 216 -21.51 8.88 -5.11
C CYS F 216 -22.19 9.28 -3.82
N CYS F 217 -21.53 8.94 -2.71
CA CYS F 217 -22.20 8.88 -1.42
C CYS F 217 -21.80 10.05 -0.53
N PHE F 218 -22.77 10.53 0.23
CA PHE F 218 -22.64 11.71 1.07
C PHE F 218 -22.87 11.31 2.51
N ALA F 219 -22.02 11.82 3.40
CA ALA F 219 -22.10 11.50 4.82
C ALA F 219 -23.27 12.20 5.51
N VAL F 220 -23.29 13.52 5.44
CA VAL F 220 -24.30 14.34 6.11
C VAL F 220 -25.30 14.82 5.07
N TYR F 221 -26.58 14.88 5.46
CA TYR F 221 -27.63 15.44 4.62
C TYR F 221 -28.41 16.47 5.41
N VAL F 222 -28.83 17.54 4.73
CA VAL F 222 -29.66 18.58 5.36
C VAL F 222 -30.74 18.99 4.37
N LEU F 223 -32.00 18.85 4.78
CA LEU F 223 -33.17 19.11 3.95
C LEU F 223 -33.94 20.28 4.55
N SER F 224 -33.91 21.43 3.87
CA SER F 224 -34.56 22.65 4.38
C SER F 224 -36.01 22.70 3.88
N SER F 225 -36.84 21.83 4.46
CA SER F 225 -38.26 21.78 4.12
C SER F 225 -39.04 21.01 5.17
N ASP F 226 -40.01 21.67 5.81
CA ASP F 226 -40.79 21.05 6.87
C ASP F 226 -41.84 20.07 6.35
N ASP F 227 -41.92 19.83 5.03
CA ASP F 227 -42.92 18.92 4.51
C ASP F 227 -42.59 17.48 4.85
N THR F 228 -43.50 16.81 5.57
CA THR F 228 -43.30 15.43 6.01
C THR F 228 -42.88 14.50 4.88
N ASP F 229 -43.52 14.64 3.71
CA ASP F 229 -43.26 13.75 2.58
C ASP F 229 -41.80 13.81 2.12
N TRP F 230 -41.29 15.02 1.92
CA TRP F 230 -39.90 15.18 1.48
C TRP F 230 -38.94 14.56 2.48
N GLN F 231 -39.17 14.80 3.77
CA GLN F 231 -38.37 14.25 4.84
C GLN F 231 -38.40 12.73 4.80
N GLU F 232 -39.60 12.17 4.66
CA GLU F 232 -39.76 10.72 4.62
C GLU F 232 -39.07 10.11 3.42
N ASN F 233 -39.11 10.80 2.28
CA ASN F 233 -38.41 10.32 1.09
C ASN F 233 -36.90 10.29 1.32
N LEU F 234 -36.36 11.37 1.89
CA LEU F 234 -34.95 11.39 2.25
C LEU F 234 -34.61 10.24 3.20
N ARG F 235 -35.48 10.03 4.20
CA ARG F 235 -35.33 8.90 5.12
C ARG F 235 -35.22 7.59 4.39
N ASP F 236 -36.16 7.35 3.47
CA ASP F 236 -36.18 6.09 2.71
C ASP F 236 -34.89 5.92 1.94
N TRP F 237 -34.43 6.98 1.28
CA TRP F 237 -33.19 6.89 0.51
C TRP F 237 -32.00 6.55 1.40
N ILE F 238 -31.90 7.19 2.55
CA ILE F 238 -30.79 6.92 3.47
C ILE F 238 -30.86 5.48 3.97
N ARG F 239 -32.03 5.05 4.42
CA ARG F 239 -32.19 3.69 4.91
C ARG F 239 -31.89 2.66 3.85
N SER F 240 -32.21 2.96 2.59
CA SER F 240 -31.84 2.10 1.47
C SER F 240 -30.31 2.01 1.40
N ALA F 241 -29.65 3.17 1.45
CA ALA F 241 -28.18 3.16 1.48
C ALA F 241 -27.65 2.37 2.68
N TRP F 242 -28.36 2.41 3.80
CA TRP F 242 -27.90 1.77 5.03
C TRP F 242 -28.32 0.31 5.13
N ASP F 243 -28.69 -0.30 4.01
CA ASP F 243 -29.25 -1.64 4.01
C ASP F 243 -28.14 -2.68 3.86
N CYS F 244 -28.51 -3.95 4.04
CA CYS F 244 -27.55 -5.05 3.97
C CYS F 244 -26.85 -5.15 2.63
N SER F 245 -27.32 -4.43 1.61
CA SER F 245 -26.69 -4.40 0.29
C SER F 245 -25.19 -4.17 0.41
N LYS F 246 -24.39 -5.06 -0.17
CA LYS F 246 -22.93 -5.06 -0.06
C LYS F 246 -22.28 -3.71 -0.34
N PRO F 247 -22.68 -2.96 -1.38
CA PRO F 247 -22.14 -1.59 -1.52
C PRO F 247 -22.73 -0.68 -0.46
N GLN F 248 -21.87 -0.14 0.41
CA GLN F 248 -22.27 0.68 1.54
C GLN F 248 -21.48 1.98 1.58
N CYS F 249 -22.13 3.01 2.11
CA CYS F 249 -21.46 4.28 2.36
C CYS F 249 -21.87 4.92 3.69
N PHE F 250 -23.00 4.48 4.25
CA PHE F 250 -23.39 4.84 5.61
C PHE F 250 -23.61 6.35 5.75
N GLY F 251 -24.72 6.81 5.19
CA GLY F 251 -25.08 8.21 5.26
C GLY F 251 -25.96 8.52 6.46
N HIS F 252 -26.08 9.82 6.75
CA HIS F 252 -26.95 10.30 7.82
C HIS F 252 -27.49 11.68 7.44
N GLY F 253 -28.73 11.94 7.84
CA GLY F 253 -29.41 13.17 7.50
C GLY F 253 -29.78 13.99 8.73
N TYR F 254 -30.21 15.23 8.47
CA TYR F 254 -30.63 16.14 9.52
C TYR F 254 -31.77 16.99 8.98
N VAL F 255 -32.90 16.99 9.69
CA VAL F 255 -34.07 17.73 9.25
C VAL F 255 -34.66 18.45 10.46
N PHE F 256 -35.41 19.51 10.20
CA PHE F 256 -36.05 20.30 11.24
C PHE F 256 -37.55 20.03 11.24
N ASN F 257 -38.19 20.37 12.35
CA ASN F 257 -39.63 20.14 12.50
C ASN F 257 -40.18 21.12 13.53
N LYS F 258 -40.96 22.09 13.06
CA LYS F 258 -41.57 23.08 13.95
C LYS F 258 -42.92 22.56 14.42
N GLY F 259 -43.71 23.42 15.05
CA GLY F 259 -45.05 23.06 15.51
C GLY F 259 -45.14 22.99 17.02
N THR F 260 -46.36 22.72 17.47
CA THR F 260 -46.61 22.60 18.90
C THR F 260 -46.24 21.20 19.39
N LEU F 261 -46.28 21.03 20.70
CA LEU F 261 -45.87 19.78 21.35
C LEU F 261 -46.63 18.59 20.77
N GLY F 262 -47.96 18.67 20.77
CA GLY F 262 -48.78 17.63 20.17
C GLY F 262 -48.39 17.32 18.74
N GLN F 263 -48.24 18.36 17.92
CA GLN F 263 -47.88 18.18 16.52
C GLN F 263 -46.50 17.57 16.37
N VAL F 264 -45.51 18.17 17.04
CA VAL F 264 -44.13 17.68 17.01
C VAL F 264 -44.08 16.19 17.34
N LEU F 265 -44.77 15.79 18.41
CA LEU F 265 -44.85 14.38 18.74
C LEU F 265 -45.48 13.57 17.60
N ALA F 266 -46.69 13.95 17.20
CA ALA F 266 -47.38 13.26 16.11
C ALA F 266 -46.56 13.27 14.82
N ASP F 267 -46.02 14.44 14.47
CA ASP F 267 -45.27 14.59 13.21
C ASP F 267 -43.86 14.03 13.39
N GLY F 268 -43.80 12.72 13.56
CA GLY F 268 -42.53 12.02 13.73
C GLY F 268 -42.62 10.57 13.31
N ASP F 269 -41.57 9.80 13.57
CA ASP F 269 -41.57 8.39 13.20
C ASP F 269 -40.53 7.60 14.00
N ASN F 270 -40.14 6.44 13.51
CA ASN F 270 -39.10 5.69 14.19
C ASN F 270 -37.73 5.90 13.58
N SER F 271 -37.67 6.40 12.35
CA SER F 271 -36.39 6.60 11.66
C SER F 271 -35.27 7.03 12.56
N ALA F 272 -34.17 6.31 12.50
CA ALA F 272 -33.02 6.67 13.30
C ALA F 272 -31.94 7.17 12.39
N GLU F 273 -32.24 7.27 11.10
CA GLU F 273 -31.26 7.80 10.17
C GLU F 273 -31.31 9.31 10.04
N LEU F 274 -32.23 9.97 10.74
CA LEU F 274 -32.24 11.42 10.79
C LEU F 274 -32.05 11.90 12.22
N SER F 275 -32.07 13.22 12.41
CA SER F 275 -31.97 13.80 13.74
C SER F 275 -32.96 14.94 13.86
N ARG F 276 -34.22 14.67 13.49
CA ARG F 276 -35.27 15.68 13.35
C ARG F 276 -35.24 16.68 14.49
N LEU F 277 -35.05 17.96 14.14
CA LEU F 277 -34.92 19.02 15.12
C LEU F 277 -36.29 19.60 15.47
N ALA F 278 -36.57 19.74 16.75
CA ALA F 278 -37.82 20.32 17.21
C ALA F 278 -37.67 21.81 17.44
N LEU F 279 -38.77 22.54 17.21
CA LEU F 279 -38.76 23.99 17.36
C LEU F 279 -40.16 24.45 17.77
N PRO F 280 -40.27 25.28 18.80
CA PRO F 280 -41.58 25.80 19.19
C PRO F 280 -42.05 26.86 18.22
N THR F 281 -43.36 27.13 18.24
CA THR F 281 -43.94 28.15 17.37
C THR F 281 -43.77 29.54 18.01
N THR F 282 -42.54 29.80 18.44
CA THR F 282 -42.15 31.11 18.94
C THR F 282 -40.72 31.41 18.50
N TYR F 283 -40.03 30.39 18.01
CA TYR F 283 -38.61 30.46 17.68
C TYR F 283 -38.33 31.62 16.73
N PRO F 284 -37.56 32.61 17.15
CA PRO F 284 -37.33 33.80 16.33
C PRO F 284 -36.70 33.48 14.98
N VAL F 285 -35.55 32.81 15.00
CA VAL F 285 -34.80 32.49 13.79
C VAL F 285 -35.65 31.63 12.87
N LEU F 286 -35.53 31.85 11.57
CA LEU F 286 -36.22 31.00 10.61
C LEU F 286 -35.70 29.58 10.75
N PRO F 287 -36.57 28.58 10.91
CA PRO F 287 -36.13 27.24 11.34
C PRO F 287 -34.95 26.66 10.56
N TYR F 288 -35.14 26.44 9.26
CA TYR F 288 -34.17 25.72 8.45
C TYR F 288 -32.75 26.20 8.70
N LEU F 289 -32.60 27.52 8.90
CA LEU F 289 -31.30 28.09 9.22
C LEU F 289 -30.54 27.26 10.22
N THR F 290 -31.03 27.22 11.46
CA THR F 290 -30.37 26.47 12.53
C THR F 290 -30.05 25.07 12.06
N ASN F 291 -31.05 24.41 11.47
CA ASN F 291 -30.89 23.05 10.98
C ASN F 291 -29.58 22.91 10.23
N ALA F 292 -29.42 23.69 9.16
CA ALA F 292 -28.20 23.64 8.37
C ALA F 292 -26.98 23.72 9.27
N ALA F 293 -26.88 24.81 10.03
CA ALA F 293 -25.75 25.01 10.94
C ALA F 293 -25.45 23.73 11.71
N TYR F 294 -26.47 23.17 12.35
CA TYR F 294 -26.34 21.96 13.14
C TYR F 294 -25.56 20.93 12.35
N GLY F 295 -26.14 20.49 11.23
CA GLY F 295 -25.52 19.49 10.40
C GLY F 295 -24.09 19.88 10.12
N ALA F 296 -23.93 21.10 9.59
CA ALA F 296 -22.61 21.61 9.24
C ALA F 296 -21.61 21.29 10.34
N LEU F 297 -21.88 21.82 11.54
CA LEU F 297 -20.96 21.67 12.64
C LEU F 297 -20.59 20.19 12.80
N SER F 298 -21.62 19.36 12.99
CA SER F 298 -21.43 17.94 13.20
C SER F 298 -20.42 17.40 12.22
N ALA F 299 -20.69 17.57 10.93
CA ALA F 299 -19.86 16.99 9.88
C ALA F 299 -18.41 17.37 10.14
N CYS F 300 -18.16 18.68 10.11
CA CYS F 300 -16.81 19.19 10.04
C CYS F 300 -16.08 18.79 11.31
N SER F 301 -16.87 18.56 12.37
CA SER F 301 -16.31 18.14 13.67
C SER F 301 -15.99 16.65 13.68
N THR F 302 -17.00 15.84 13.35
CA THR F 302 -16.87 14.39 13.55
C THR F 302 -16.35 13.67 12.35
N CYS F 303 -16.19 14.27 11.16
CA CYS F 303 -15.92 13.45 9.99
C CYS F 303 -14.57 12.75 10.04
N ASN F 304 -13.74 13.03 11.05
CA ASN F 304 -12.59 12.17 11.29
C ASN F 304 -12.77 11.35 12.56
N ASN F 305 -13.04 12.00 13.70
CA ASN F 305 -13.34 11.25 14.92
C ASN F 305 -14.83 10.98 15.04
N PRO F 306 -15.26 9.72 14.94
CA PRO F 306 -16.69 9.43 15.11
C PRO F 306 -17.13 9.36 16.55
N GLU F 307 -16.19 9.19 17.49
CA GLU F 307 -16.55 9.02 18.89
C GLU F 307 -17.16 10.29 19.47
N LEU F 308 -16.79 11.45 18.93
CA LEU F 308 -17.25 12.72 19.47
C LEU F 308 -18.78 12.82 19.38
N ASN F 309 -19.37 13.46 20.37
CA ASN F 309 -20.81 13.69 20.43
C ASN F 309 -21.06 15.18 20.59
N ILE F 310 -21.96 15.71 19.78
CA ILE F 310 -22.15 17.15 19.65
C ILE F 310 -23.19 17.65 20.64
N GLN F 311 -22.75 18.00 21.86
CA GLN F 311 -23.67 18.50 22.87
C GLN F 311 -23.00 19.47 23.82
N GLY F 312 -23.65 19.73 24.96
CA GLY F 312 -23.10 20.69 25.91
C GLY F 312 -23.03 22.07 25.33
N GLN F 313 -21.96 22.80 25.67
CA GLN F 313 -21.77 24.14 25.18
C GLN F 313 -20.53 24.17 24.30
N THR F 314 -19.37 23.78 24.80
CA THR F 314 -18.13 23.82 24.03
C THR F 314 -18.20 23.01 22.74
N PHE F 315 -18.62 21.74 22.81
CA PHE F 315 -18.71 20.90 21.60
C PHE F 315 -20.14 20.88 21.05
N GLY F 316 -20.54 21.98 20.43
CA GLY F 316 -21.85 21.98 19.82
C GLY F 316 -22.60 23.30 19.71
N LEU F 317 -22.18 24.32 20.46
CA LEU F 317 -22.84 25.62 20.35
C LEU F 317 -22.81 26.13 18.91
N LEU F 318 -23.99 26.38 18.35
CA LEU F 318 -24.10 26.90 17.00
C LEU F 318 -23.53 28.30 16.92
N SER F 319 -22.52 28.48 16.07
CA SER F 319 -21.87 29.78 15.98
C SER F 319 -22.77 30.79 15.27
N CYS F 320 -23.10 30.52 14.01
CA CYS F 320 -23.93 31.42 13.22
C CYS F 320 -25.40 31.23 13.59
N ILE F 321 -25.82 31.77 14.73
CA ILE F 321 -27.25 31.88 15.03
C ILE F 321 -27.59 33.30 15.45
N ASN F 322 -26.94 33.78 16.51
CA ASN F 322 -27.20 35.11 17.06
C ASN F 322 -28.69 35.38 17.27
N MET F 323 -29.35 34.54 18.06
CA MET F 323 -30.75 34.70 18.35
C MET F 323 -30.95 35.77 19.42
N PRO F 324 -32.03 36.55 19.33
CA PRO F 324 -32.27 37.58 20.36
C PRO F 324 -32.63 36.95 21.70
N GLU F 325 -31.95 37.41 22.75
CA GLU F 325 -32.13 36.85 24.07
C GLU F 325 -33.47 37.30 24.66
N SER F 326 -34.01 36.46 25.54
CA SER F 326 -35.27 36.75 26.20
C SER F 326 -35.31 36.01 27.54
N CYS F 327 -36.48 35.95 28.15
CA CYS F 327 -36.62 35.23 29.42
C CYS F 327 -37.40 33.95 29.19
N THR F 328 -38.57 34.06 28.57
CA THR F 328 -39.35 32.88 28.21
C THR F 328 -38.63 32.10 27.12
N PRO F 329 -38.03 30.96 27.44
CA PRO F 329 -37.19 30.28 26.45
C PRO F 329 -37.96 29.70 25.27
N GLY F 330 -38.92 28.83 25.56
CA GLY F 330 -39.53 28.01 24.54
C GLY F 330 -40.24 26.82 25.15
N TRP F 331 -39.86 25.62 24.72
CA TRP F 331 -40.32 24.39 25.37
C TRP F 331 -39.95 24.46 26.85
N THR F 332 -40.96 24.45 27.71
CA THR F 332 -40.71 24.41 29.14
C THR F 332 -40.15 23.04 29.52
N PHE F 333 -39.63 22.95 30.74
CA PHE F 333 -39.00 21.74 31.27
C PHE F 333 -39.75 20.46 30.90
N GLY F 334 -41.05 20.43 31.16
CA GLY F 334 -41.86 19.28 30.82
C GLY F 334 -41.80 18.95 29.34
N GLU F 335 -42.00 19.97 28.50
CA GLU F 335 -41.88 19.79 27.06
C GLU F 335 -40.48 19.33 26.67
N VAL F 336 -39.46 19.84 27.36
CA VAL F 336 -38.08 19.45 27.11
C VAL F 336 -37.93 17.95 27.33
N THR F 337 -38.42 17.46 28.47
CA THR F 337 -38.39 16.02 28.74
C THR F 337 -39.14 15.24 27.68
N GLN F 338 -40.35 15.70 27.33
CA GLN F 338 -41.14 15.06 26.28
C GLN F 338 -40.32 14.90 25.00
N LEU F 339 -39.81 16.00 24.47
CA LEU F 339 -38.99 16.00 23.27
C LEU F 339 -37.79 15.07 23.40
N GLN F 340 -36.97 15.27 24.43
CA GLN F 340 -35.77 14.46 24.65
C GLN F 340 -36.08 12.97 24.64
N ALA F 341 -36.91 12.52 25.59
CA ALA F 341 -37.29 11.12 25.69
C ALA F 341 -37.83 10.60 24.38
N ASN F 342 -38.76 11.35 23.78
CA ASN F 342 -39.43 10.88 22.57
C ASN F 342 -38.49 10.80 21.38
N GLY F 343 -37.36 11.49 21.42
CA GLY F 343 -36.78 11.88 20.15
C GLY F 343 -36.03 13.19 20.14
N PHE F 344 -36.63 14.17 19.48
CA PHE F 344 -36.03 15.36 18.89
C PHE F 344 -34.92 16.03 19.69
N VAL F 345 -34.07 16.77 18.98
CA VAL F 345 -32.79 17.26 19.46
C VAL F 345 -32.91 18.71 19.92
N VAL F 346 -33.91 19.00 20.74
CA VAL F 346 -34.18 20.36 21.22
C VAL F 346 -32.91 21.05 21.70
N SER F 347 -32.70 22.27 21.22
CA SER F 347 -31.52 23.06 21.58
C SER F 347 -31.79 23.94 22.79
N ILE F 363 -26.97 23.70 21.84
CA ILE F 363 -27.71 22.46 21.62
C ILE F 363 -27.45 21.47 22.74
N TYR F 364 -28.35 20.49 22.87
CA TYR F 364 -28.25 19.45 23.88
C TYR F 364 -28.81 18.17 23.31
N ASN F 365 -28.35 17.04 23.85
CA ASN F 365 -28.98 15.76 23.57
C ASN F 365 -28.99 15.44 22.08
N ASP F 366 -27.81 15.23 21.49
CA ASP F 366 -27.68 14.99 20.05
C ASP F 366 -28.00 13.54 19.70
N VAL F 367 -29.16 13.07 20.16
CA VAL F 367 -29.64 11.72 19.87
C VAL F 367 -30.37 11.70 18.54
N THR F 368 -30.67 10.51 18.04
CA THR F 368 -31.52 10.33 16.88
C THR F 368 -32.80 9.63 17.33
N ASN F 369 -33.94 10.25 17.00
CA ASN F 369 -35.23 9.74 17.47
C ASN F 369 -35.41 8.28 17.11
N TYR F 370 -35.33 7.39 18.11
CA TYR F 370 -35.54 5.98 17.81
C TYR F 370 -36.67 5.39 18.65
N LEU F 371 -36.55 5.48 19.98
CA LEU F 371 -37.63 5.23 20.93
C LEU F 371 -38.19 3.81 20.88
N ARG F 372 -37.86 3.05 19.85
CA ARG F 372 -38.49 1.76 19.64
C ARG F 372 -37.53 0.82 18.91
N ASP F 373 -38.09 -0.26 18.39
CA ASP F 373 -37.37 -1.24 17.61
C ASP F 373 -38.42 -2.05 16.86
N GLU F 374 -37.97 -3.15 16.27
CA GLU F 374 -38.88 -4.05 15.56
C GLU F 374 -40.15 -4.34 16.36
N LYS F 375 -40.02 -5.00 17.51
CA LYS F 375 -41.13 -5.26 18.41
C LYS F 375 -40.95 -4.63 19.78
N ASN F 376 -39.83 -4.90 20.46
CA ASN F 376 -39.63 -4.41 21.82
C ASN F 376 -39.06 -3.00 21.78
N ARG F 377 -39.67 -2.10 22.54
CA ARG F 377 -39.36 -0.68 22.50
C ARG F 377 -37.91 -0.39 22.93
N PRO F 378 -37.49 -0.75 24.16
CA PRO F 378 -36.14 -0.36 24.59
C PRO F 378 -35.03 -0.91 23.70
N ASN F 379 -34.35 -0.02 22.99
CA ASN F 379 -33.19 -0.39 22.17
C ASN F 379 -32.09 0.64 22.32
N ALA F 380 -31.70 0.95 23.55
CA ALA F 380 -30.74 2.00 23.89
C ALA F 380 -29.61 2.17 22.89
N THR F 381 -29.09 1.05 22.36
CA THR F 381 -27.95 1.06 21.43
C THR F 381 -28.03 2.15 20.37
N PHE F 382 -29.06 2.13 19.53
CA PHE F 382 -29.21 3.11 18.47
C PHE F 382 -29.98 4.33 18.98
N ARG F 383 -29.37 5.04 19.91
CA ARG F 383 -29.96 6.29 20.40
C ARG F 383 -29.07 7.48 20.04
N ASP F 384 -27.82 7.44 20.49
CA ASP F 384 -26.90 8.54 20.23
C ASP F 384 -26.44 8.51 18.77
N ALA F 385 -26.17 9.69 18.23
CA ALA F 385 -25.59 9.78 16.90
C ALA F 385 -24.16 9.24 16.90
N SER F 386 -23.44 9.46 18.01
CA SER F 386 -22.12 8.88 18.20
C SER F 386 -22.13 7.39 17.93
N SER F 387 -23.10 6.68 18.52
CA SER F 387 -23.24 5.24 18.27
C SER F 387 -23.35 4.94 16.79
N ARG F 388 -24.15 5.73 16.07
CA ARG F 388 -24.36 5.49 14.64
C ARG F 388 -23.09 5.71 13.84
N ARG F 389 -22.37 6.80 14.12
CA ARG F 389 -21.13 7.08 13.39
C ARG F 389 -20.08 6.02 13.68
N LEU F 390 -19.95 5.61 14.94
CA LEU F 390 -19.00 4.55 15.27
C LEU F 390 -19.40 3.23 14.63
N ALA F 391 -20.69 2.97 14.51
CA ALA F 391 -21.14 1.74 13.85
C ALA F 391 -20.77 1.76 12.37
N ALA F 392 -20.97 2.90 11.72
CA ALA F 392 -20.53 3.04 10.33
C ALA F 392 -19.02 2.85 10.24
N ALA F 393 -18.28 3.36 11.22
CA ALA F 393 -16.83 3.22 11.21
C ALA F 393 -16.43 1.75 11.30
N THR F 394 -17.04 1.01 12.22
CA THR F 394 -16.75 -0.43 12.31
C THR F 394 -17.13 -1.15 11.02
N GLY F 395 -18.26 -0.76 10.41
CA GLY F 395 -18.65 -1.38 9.17
C GLY F 395 -17.61 -1.20 8.08
N VAL F 396 -17.17 0.03 7.86
CA VAL F 396 -16.19 0.29 6.81
C VAL F 396 -14.84 -0.33 7.15
N ALA F 397 -14.49 -0.37 8.44
CA ALA F 397 -13.23 -0.96 8.84
C ALA F 397 -13.21 -2.46 8.58
N LEU F 398 -14.27 -3.17 9.01
CA LEU F 398 -14.35 -4.59 8.74
C LEU F 398 -14.43 -4.88 7.25
N ALA F 399 -15.11 -4.01 6.50
CA ALA F 399 -15.18 -4.22 5.05
C ALA F 399 -13.80 -4.11 4.41
N GLU F 400 -13.05 -3.05 4.75
CA GLU F 400 -11.71 -2.90 4.19
C GLU F 400 -10.71 -3.87 4.80
N PHE F 401 -11.07 -4.55 5.88
CA PHE F 401 -10.19 -5.53 6.51
C PHE F 401 -10.35 -6.92 5.91
N LEU F 402 -11.60 -7.38 5.76
CA LEU F 402 -11.90 -8.71 5.25
C LEU F 402 -11.26 -8.99 3.89
N GLN F 403 -10.94 -7.94 3.13
CA GLN F 403 -10.46 -8.13 1.77
C GLN F 403 -9.12 -8.85 1.68
N GLN F 404 -8.44 -9.07 2.80
CA GLN F 404 -7.27 -9.93 2.81
C GLN F 404 -7.62 -11.41 2.85
N PHE F 405 -8.88 -11.72 2.62
CA PHE F 405 -9.30 -13.10 2.58
C PHE F 405 -9.78 -13.32 1.17
N ASN F 406 -9.32 -12.52 0.22
CA ASN F 406 -9.68 -12.75 -1.16
C ASN F 406 -8.63 -13.67 -1.72
N GLY F 407 -8.99 -14.49 -2.68
CA GLY F 407 -8.03 -15.46 -3.18
C GLY F 407 -7.89 -16.50 -2.10
N LEU F 408 -6.80 -16.49 -1.36
CA LEU F 408 -6.63 -17.39 -0.22
C LEU F 408 -6.83 -18.89 -0.45
N ALA F 409 -8.00 -19.31 -0.93
CA ALA F 409 -8.36 -20.74 -1.08
C ALA F 409 -8.80 -21.31 0.25
N VAL F 410 -10.08 -21.63 0.43
CA VAL F 410 -10.55 -22.06 1.75
C VAL F 410 -11.07 -23.47 1.82
N PHE F 411 -10.23 -24.40 2.24
CA PHE F 411 -10.59 -25.81 2.33
C PHE F 411 -11.79 -26.07 3.22
N THR F 412 -12.80 -26.84 2.78
CA THR F 412 -13.89 -26.97 3.74
C THR F 412 -14.41 -28.41 3.88
N LYS F 413 -13.74 -29.39 3.30
CA LYS F 413 -14.16 -30.79 3.44
C LYS F 413 -13.18 -31.58 4.29
N ASN F 414 -11.90 -31.63 3.93
CA ASN F 414 -10.90 -32.30 4.75
C ASN F 414 -10.37 -31.40 5.87
N THR F 415 -10.61 -30.09 5.79
CA THR F 415 -10.10 -29.13 6.77
C THR F 415 -8.63 -29.36 7.07
N ASN F 416 -7.85 -29.71 6.06
CA ASN F 416 -6.41 -29.99 6.22
C ASN F 416 -5.69 -29.35 5.05
N ILE F 417 -5.27 -28.09 5.23
CA ILE F 417 -4.45 -27.42 4.24
C ILE F 417 -3.17 -28.20 4.03
N ARG F 418 -2.71 -28.30 2.80
CA ARG F 418 -1.49 -29.03 2.50
C ARG F 418 -0.25 -28.33 3.00
N THR F 419 0.90 -28.72 2.50
CA THR F 419 2.16 -28.11 2.92
C THR F 419 2.76 -27.37 1.74
N GLY F 420 2.75 -26.04 1.82
CA GLY F 420 3.28 -25.22 0.76
C GLY F 420 2.24 -24.54 -0.11
N ILE F 421 0.99 -24.51 0.31
CA ILE F 421 -0.09 -23.89 -0.45
C ILE F 421 -0.81 -22.92 0.46
N ILE F 422 -0.90 -21.65 0.04
CA ILE F 422 -1.57 -20.62 0.81
C ILE F 422 -3.04 -20.97 0.92
N GLY F 423 -3.52 -21.20 2.14
CA GLY F 423 -4.90 -21.58 2.33
C GLY F 423 -5.35 -21.36 3.76
N THR F 424 -6.66 -21.47 3.96
CA THR F 424 -7.25 -21.27 5.27
C THR F 424 -8.49 -22.14 5.40
N ASN F 425 -8.89 -22.39 6.63
CA ASN F 425 -10.01 -23.22 7.02
C ASN F 425 -11.05 -22.37 7.73
N PRO F 426 -12.36 -22.66 7.57
CA PRO F 426 -13.40 -21.86 8.23
C PRO F 426 -13.13 -21.56 9.69
N ARG F 427 -12.68 -22.56 10.44
CA ARG F 427 -12.33 -22.36 11.84
C ARG F 427 -11.23 -21.32 11.99
N LEU F 428 -10.18 -21.45 11.18
CA LEU F 428 -9.09 -20.46 11.18
C LEU F 428 -9.62 -19.07 10.87
N MET F 429 -10.53 -18.96 9.91
CA MET F 429 -11.13 -17.68 9.57
C MET F 429 -11.88 -17.08 10.75
N LEU F 430 -12.67 -17.90 11.44
CA LEU F 430 -13.38 -17.45 12.62
C LEU F 430 -12.40 -16.97 13.69
N GLY F 431 -11.31 -17.71 13.88
CA GLY F 431 -10.26 -17.32 14.80
C GLY F 431 -9.70 -15.95 14.48
N LYS F 432 -9.36 -15.74 13.22
CA LYS F 432 -8.87 -14.46 12.74
C LYS F 432 -9.85 -13.33 13.04
N ILE F 433 -11.11 -13.54 12.68
CA ILE F 433 -12.17 -12.55 12.91
C ILE F 433 -12.24 -12.20 14.38
N ARG F 434 -12.20 -13.22 15.24
CA ARG F 434 -12.27 -13.00 16.69
C ARG F 434 -11.09 -12.18 17.17
N LYS F 435 -9.88 -12.60 16.79
CA LYS F 435 -8.68 -11.84 17.12
C LYS F 435 -8.85 -10.37 16.75
N TRP F 436 -9.28 -10.12 15.52
CA TRP F 436 -9.54 -8.75 15.07
C TRP F 436 -10.50 -8.02 16.01
N ALA F 437 -11.65 -8.65 16.27
CA ALA F 437 -12.68 -8.02 17.10
C ALA F 437 -12.24 -7.90 18.54
N GLN F 438 -11.09 -8.49 18.89
CA GLN F 438 -10.55 -8.40 20.24
C GLN F 438 -9.46 -7.35 20.36
N ASP F 439 -9.20 -6.59 19.30
CA ASP F 439 -8.25 -5.49 19.32
C ASP F 439 -8.95 -4.14 19.25
N ASN F 440 -9.92 -3.98 18.35
CA ASN F 440 -10.69 -2.75 18.27
C ASN F 440 -11.62 -2.57 19.47
N VAL F 441 -11.71 -3.56 20.36
CA VAL F 441 -12.57 -3.43 21.52
C VAL F 441 -12.10 -2.25 22.37
N GLY F 442 -13.04 -1.60 23.04
CA GLY F 442 -12.78 -0.40 23.81
C GLY F 442 -12.82 0.88 23.00
N THR F 443 -12.33 0.81 21.76
CA THR F 443 -12.29 1.98 20.88
C THR F 443 -13.48 2.03 19.93
N LEU F 444 -13.88 0.89 19.37
CA LEU F 444 -15.02 0.81 18.49
C LEU F 444 -16.17 0.05 19.15
N PHE F 445 -15.91 -1.19 19.59
CA PHE F 445 -16.86 -1.95 20.38
C PHE F 445 -16.64 -1.61 21.85
N SER F 446 -17.28 -2.33 22.77
CA SER F 446 -17.01 -1.98 24.16
C SER F 446 -16.40 -3.11 24.97
N GLU F 447 -17.08 -4.25 25.07
CA GLU F 447 -16.56 -5.32 25.93
C GLU F 447 -16.75 -6.73 25.38
N PHE F 448 -17.75 -6.92 24.52
CA PHE F 448 -18.06 -8.25 23.99
C PHE F 448 -18.27 -9.28 25.09
N ASP F 449 -19.37 -9.17 25.83
CA ASP F 449 -19.69 -10.00 26.99
C ASP F 449 -19.35 -11.47 26.82
N ASN F 450 -20.01 -12.15 25.88
CA ASN F 450 -19.76 -13.56 25.60
C ASN F 450 -19.21 -13.65 24.19
N ILE F 451 -17.88 -13.54 24.07
CA ILE F 451 -17.24 -13.57 22.75
C ILE F 451 -17.56 -14.86 22.02
N ASN F 452 -17.79 -15.94 22.77
CA ASN F 452 -18.10 -17.23 22.16
C ASN F 452 -19.41 -17.22 21.39
N GLU F 453 -20.27 -16.22 21.61
CA GLU F 453 -21.58 -16.19 20.97
C GLU F 453 -21.81 -14.92 20.16
N ASP F 454 -21.23 -13.80 20.57
CA ASP F 454 -21.46 -12.54 19.87
C ASP F 454 -20.94 -12.60 18.44
N ILE F 455 -19.83 -13.28 18.19
CA ILE F 455 -19.22 -13.37 16.87
C ILE F 455 -19.38 -14.81 16.39
N GLN F 456 -20.19 -15.00 15.37
CA GLN F 456 -20.39 -16.34 14.80
C GLN F 456 -20.18 -16.30 13.29
N LEU F 457 -19.48 -17.32 12.80
CA LEU F 457 -19.21 -17.50 11.37
C LEU F 457 -19.67 -18.91 10.99
N LEU F 458 -20.74 -18.99 10.22
CA LEU F 458 -21.28 -20.28 9.77
C LEU F 458 -21.13 -20.41 8.27
N THR F 459 -20.59 -21.55 7.83
CA THR F 459 -20.42 -21.78 6.41
C THR F 459 -21.75 -22.18 5.78
N ASP F 460 -21.83 -22.01 4.46
CA ASP F 460 -23.02 -22.38 3.70
C ASP F 460 -23.45 -23.81 3.98
N PHE F 461 -22.51 -24.75 3.90
CA PHE F 461 -22.85 -26.16 4.10
C PHE F 461 -23.30 -26.45 5.52
N GLU F 462 -22.71 -25.76 6.51
CA GLU F 462 -23.05 -25.99 7.91
C GLU F 462 -24.55 -25.88 8.16
N VAL F 463 -25.13 -24.70 7.89
CA VAL F 463 -26.53 -24.47 8.21
C VAL F 463 -27.43 -25.28 7.26
N GLN F 464 -27.31 -25.03 5.96
CA GLN F 464 -28.12 -25.71 4.97
C GLN F 464 -27.77 -27.20 4.93
N PRO F 465 -28.74 -28.09 5.21
CA PRO F 465 -28.50 -29.53 4.98
C PRO F 465 -28.00 -29.76 3.57
N LYS F 466 -26.97 -30.58 3.41
CA LYS F 466 -26.21 -30.54 2.16
C LYS F 466 -26.99 -31.10 0.98
N CYS F 467 -27.75 -30.23 0.31
CA CYS F 467 -28.19 -30.44 -1.06
C CYS F 467 -27.96 -29.15 -1.84
N VAL F 468 -28.19 -28.02 -1.15
CA VAL F 468 -28.19 -26.70 -1.76
C VAL F 468 -26.94 -25.96 -1.30
N GLY F 469 -25.90 -26.71 -0.92
CA GLY F 469 -24.68 -26.07 -0.46
C GLY F 469 -23.69 -25.80 -1.57
N GLN F 470 -22.92 -24.73 -1.43
CA GLN F 470 -21.96 -24.30 -2.44
C GLN F 470 -20.75 -23.64 -1.78
N PRO F 471 -19.55 -24.16 -1.99
CA PRO F 471 -18.37 -23.58 -1.35
C PRO F 471 -18.14 -22.14 -1.78
N GLY F 472 -17.81 -21.29 -0.82
CA GLY F 472 -17.55 -19.89 -1.10
C GLY F 472 -18.41 -18.95 -0.28
N ILE F 473 -19.59 -19.43 0.13
CA ILE F 473 -20.55 -18.61 0.85
C ILE F 473 -20.36 -18.79 2.35
N PHE F 474 -20.35 -17.69 3.09
CA PHE F 474 -20.23 -17.72 4.54
C PHE F 474 -21.16 -16.67 5.13
N HIS F 475 -21.49 -16.85 6.41
CA HIS F 475 -22.38 -15.93 7.11
C HIS F 475 -21.69 -15.49 8.39
N LEU F 476 -21.41 -14.21 8.49
CA LEU F 476 -20.84 -13.61 9.69
C LEU F 476 -21.89 -12.76 10.39
N ASN F 477 -21.97 -12.90 11.71
CA ASN F 477 -22.86 -12.06 12.50
C ASN F 477 -22.19 -11.73 13.82
N MET F 478 -22.22 -10.44 14.18
CA MET F 478 -21.52 -9.87 15.30
C MET F 478 -22.53 -9.26 16.28
N ARG F 479 -22.05 -8.56 17.29
CA ARG F 479 -22.93 -7.86 18.21
C ARG F 479 -22.39 -6.50 18.57
N TYR F 480 -22.90 -5.47 17.89
CA TYR F 480 -22.43 -4.12 18.13
C TYR F 480 -22.93 -3.62 19.49
N ARG F 481 -22.02 -3.05 20.27
CA ARG F 481 -22.34 -2.45 21.57
C ARG F 481 -21.57 -1.14 21.66
N PRO F 482 -22.25 -0.01 21.51
CA PRO F 482 -21.58 1.29 21.58
C PRO F 482 -20.85 1.45 22.90
N PRO F 483 -19.63 1.98 22.87
CA PRO F 483 -18.91 2.23 24.13
C PRO F 483 -19.71 3.13 25.06
N VAL F 484 -19.92 2.66 26.29
CA VAL F 484 -20.72 3.41 27.25
C VAL F 484 -20.10 4.77 27.50
N ARG F 485 -20.93 5.80 27.45
CA ARG F 485 -20.50 7.18 27.64
C ARG F 485 -21.05 7.71 28.96
N GLY F 486 -20.57 8.90 29.33
CA GLY F 486 -21.07 9.55 30.52
C GLY F 486 -22.45 10.16 30.32
N ALA F 487 -23.15 10.32 31.42
CA ALA F 487 -24.49 10.89 31.38
C ALA F 487 -24.76 11.67 32.66
N ARG F 488 -26.04 11.90 32.98
CA ARG F 488 -26.42 12.66 34.15
C ARG F 488 -25.72 12.13 35.40
N ILE F 489 -25.36 13.04 36.30
CA ILE F 489 -24.79 12.69 37.59
C ILE F 489 -25.63 13.35 38.67
N ASN F 490 -26.62 12.63 39.16
CA ASN F 490 -27.50 13.16 40.19
C ASN F 490 -26.72 13.49 41.45
N VAL F 491 -26.89 14.72 41.95
CA VAL F 491 -26.20 15.18 43.15
C VAL F 491 -27.24 15.38 44.24
N ASN F 492 -26.85 15.07 45.48
CA ASN F 492 -27.76 15.16 46.60
C ASN F 492 -27.12 15.83 47.82
N MET F 493 -26.28 16.85 47.58
CA MET F 493 -25.60 17.54 48.67
C MET F 493 -26.60 17.98 49.74
N ALA F 494 -26.30 17.64 50.98
CA ALA F 494 -27.19 17.95 52.09
C ALA F 494 -26.42 18.68 53.19
N PRO F 495 -26.60 20.00 53.31
CA PRO F 495 -25.79 20.77 54.26
C PRO F 495 -26.16 20.45 55.71
N ALA F 496 -25.24 20.84 56.59
CA ALA F 496 -25.41 20.73 58.04
C ALA F 496 -24.37 21.63 58.68
N LEU F 497 -24.42 21.74 60.00
CA LEU F 497 -23.47 22.55 60.73
C LEU F 497 -22.52 21.64 61.51
N PHE F 498 -21.39 22.22 61.92
CA PHE F 498 -20.33 21.52 62.66
C PHE F 498 -20.05 20.12 62.13
N ASP G 4 79.04 20.11 6.55
CA ASP G 4 77.69 20.07 7.11
C ASP G 4 77.30 18.65 7.49
N ALA G 5 76.02 18.46 7.77
CA ALA G 5 75.48 17.11 7.93
C ALA G 5 75.23 16.52 6.55
N LEU G 6 74.43 15.46 6.48
CA LEU G 6 74.07 14.79 5.23
C LEU G 6 75.28 14.59 4.32
N SER G 7 76.39 14.14 4.90
CA SER G 7 77.60 13.87 4.15
C SER G 7 78.05 12.43 4.41
N ASP G 8 77.09 11.57 4.70
CA ASP G 8 77.35 10.15 4.90
C ASP G 8 76.23 9.33 4.28
N GLY G 9 75.59 9.88 3.27
CA GLY G 9 74.39 9.26 2.73
C GLY G 9 73.30 9.25 3.78
N PHE G 10 72.46 8.21 3.75
CA PHE G 10 71.36 8.02 4.68
C PHE G 10 70.42 9.22 4.73
N VAL G 11 70.57 10.15 3.79
CA VAL G 11 69.57 11.16 3.49
C VAL G 11 69.99 11.83 2.18
N ARG G 12 69.01 12.15 1.32
CA ARG G 12 69.30 12.71 0.00
C ARG G 12 68.31 13.85 -0.23
N LEU G 13 68.71 15.07 0.15
CA LEU G 13 67.86 16.22 -0.12
C LEU G 13 67.79 16.48 -1.63
N CYS G 14 66.57 16.76 -2.09
CA CYS G 14 66.31 16.94 -3.51
C CYS G 14 65.43 18.15 -3.73
N ILE G 15 65.78 19.27 -3.08
CA ILE G 15 65.00 20.51 -3.14
C ILE G 15 64.63 20.84 -4.58
N ASP G 16 63.33 20.96 -4.85
CA ASP G 16 62.83 21.12 -6.21
C ASP G 16 61.51 21.86 -6.15
N PRO G 17 61.50 23.15 -6.54
CA PRO G 17 60.24 23.92 -6.56
C PRO G 17 59.10 23.18 -7.24
N SER G 18 59.37 22.60 -8.39
CA SER G 18 58.38 21.83 -9.13
C SER G 18 58.68 20.34 -9.00
N LEU G 19 57.70 19.58 -8.54
CA LEU G 19 57.87 18.15 -8.32
C LEU G 19 56.51 17.48 -8.14
N ASN G 20 56.26 16.42 -8.90
CA ASN G 20 54.97 15.74 -8.87
C ASN G 20 55.08 14.45 -8.07
N PHE G 21 54.15 14.30 -7.12
CA PHE G 21 54.04 13.06 -6.36
C PHE G 21 52.58 12.67 -6.17
N PHE G 22 51.77 12.78 -7.22
CA PHE G 22 50.33 12.61 -7.04
C PHE G 22 49.75 11.45 -7.83
N GLY G 23 50.62 10.64 -8.42
CA GLY G 23 50.16 9.54 -9.25
C GLY G 23 49.15 10.08 -10.23
N GLU G 24 49.57 11.05 -11.02
CA GLU G 24 48.67 11.67 -11.97
C GLU G 24 47.77 10.65 -12.63
N GLY G 25 46.53 11.03 -12.88
CA GLY G 25 45.63 10.11 -13.56
C GLY G 25 44.63 10.76 -14.48
N CYS G 26 43.50 10.10 -14.68
CA CYS G 26 42.42 10.69 -15.50
C CYS G 26 42.91 11.37 -16.77
N LYS G 27 43.28 10.57 -17.75
CA LYS G 27 43.75 11.13 -18.99
C LYS G 27 42.63 11.78 -19.74
N ILE G 28 42.91 12.92 -20.31
CA ILE G 28 41.93 13.64 -21.11
C ILE G 28 42.49 13.97 -22.49
N LEU G 29 41.83 13.46 -23.53
CA LEU G 29 42.24 13.71 -24.91
C LEU G 29 41.48 14.92 -25.44
N VAL G 30 42.23 15.89 -25.97
CA VAL G 30 41.65 17.06 -26.61
C VAL G 30 42.06 17.02 -28.09
N GLU G 31 41.12 17.38 -28.96
CA GLU G 31 41.31 17.17 -30.39
C GLU G 31 40.73 18.35 -31.17
N GLY G 32 41.50 18.86 -32.11
CA GLY G 32 41.05 19.98 -32.92
C GLY G 32 41.93 20.22 -34.12
N GLN G 33 41.83 21.43 -34.66
CA GLN G 33 42.58 21.85 -35.83
C GLN G 33 43.86 22.54 -35.40
N MET G 34 44.95 22.26 -36.10
CA MET G 34 46.20 22.96 -35.87
C MET G 34 46.46 23.98 -36.98
N THR G 35 47.61 24.64 -36.89
CA THR G 35 48.16 25.46 -37.95
C THR G 35 49.61 25.05 -38.18
N ASP G 36 50.13 25.39 -39.36
CA ASP G 36 51.44 24.93 -39.85
C ASP G 36 52.56 25.01 -38.81
N ASP G 37 52.74 26.17 -38.19
CA ASP G 37 53.88 26.44 -37.31
C ASP G 37 54.04 25.40 -36.22
N GLY G 38 52.96 24.73 -35.84
CA GLY G 38 53.03 23.67 -34.87
C GLY G 38 53.93 22.52 -35.30
N SER G 39 55.10 22.41 -34.68
CA SER G 39 56.07 21.37 -35.04
C SER G 39 55.68 20.07 -34.35
N ALA G 40 54.66 19.43 -34.91
CA ALA G 40 54.16 18.18 -34.34
C ALA G 40 53.55 17.33 -35.44
N THR G 41 53.60 16.03 -35.26
CA THR G 41 53.10 15.10 -36.26
C THR G 41 51.57 15.07 -36.27
N PRO G 42 50.92 15.49 -37.35
CA PRO G 42 49.46 15.44 -37.40
C PRO G 42 48.95 14.00 -37.31
N ASP G 43 47.75 13.85 -36.76
CA ASP G 43 47.07 12.57 -36.67
C ASP G 43 47.91 11.56 -35.89
N ALA G 44 48.28 11.91 -34.67
CA ALA G 44 49.05 11.02 -33.80
C ALA G 44 48.92 11.48 -32.35
N VAL G 45 48.44 10.61 -31.47
CA VAL G 45 48.20 10.96 -30.08
C VAL G 45 49.49 11.44 -29.44
N THR G 46 49.52 12.70 -29.03
CA THR G 46 50.71 13.32 -28.47
C THR G 46 50.49 13.64 -27.00
N CYS G 47 51.45 13.29 -26.16
CA CYS G 47 51.42 13.71 -24.77
C CYS G 47 51.93 15.15 -24.64
N VAL G 48 51.33 15.89 -23.73
CA VAL G 48 51.64 17.30 -23.53
C VAL G 48 51.89 17.51 -22.04
N THR G 49 53.17 17.59 -21.67
CA THR G 49 53.58 17.75 -20.28
C THR G 49 52.92 18.95 -19.61
N SER G 50 53.17 20.15 -20.12
CA SER G 50 52.68 21.37 -19.49
C SER G 50 52.59 22.45 -20.56
N GLU G 51 52.48 23.71 -20.13
CA GLU G 51 52.36 24.85 -21.01
C GLU G 51 53.70 25.31 -21.58
N LEU G 52 54.74 24.48 -21.51
CA LEU G 52 56.00 24.79 -22.17
C LEU G 52 55.76 25.03 -23.66
N ASP G 53 55.26 24.01 -24.34
CA ASP G 53 54.84 24.15 -25.73
C ASP G 53 53.49 24.85 -25.81
N ILE G 54 53.49 26.15 -26.10
CA ILE G 54 52.24 26.88 -26.28
C ILE G 54 51.75 26.76 -27.72
N ILE G 55 52.60 27.12 -28.68
CA ILE G 55 52.20 27.16 -30.09
C ILE G 55 53.26 26.45 -30.92
N GLU G 56 54.41 26.20 -30.31
CA GLU G 56 55.54 25.61 -31.01
C GLU G 56 55.17 24.30 -31.69
N ARG G 57 54.46 23.44 -30.97
CA ARG G 57 53.98 22.17 -31.52
C ARG G 57 52.47 22.18 -31.69
N PHE G 58 51.83 23.33 -31.54
CA PHE G 58 50.39 23.41 -31.75
C PHE G 58 50.01 24.42 -32.82
N GLY G 59 50.55 25.63 -32.73
CA GLY G 59 50.24 26.66 -33.70
C GLY G 59 49.63 27.92 -33.11
N GLN G 60 50.19 29.08 -33.47
CA GLN G 60 49.66 30.36 -33.02
C GLN G 60 48.33 30.67 -33.68
N GLY G 61 47.25 30.58 -32.92
CA GLY G 61 45.91 30.78 -33.43
C GLY G 61 45.13 29.49 -33.62
N SER G 62 45.80 28.35 -33.59
CA SER G 62 45.14 27.06 -33.70
C SER G 62 44.06 26.91 -32.64
N VAL G 63 42.88 26.48 -33.06
CA VAL G 63 41.75 26.30 -32.15
C VAL G 63 42.15 25.33 -31.05
N LEU G 64 42.95 24.33 -31.39
CA LEU G 64 43.41 23.37 -30.39
C LEU G 64 44.25 24.06 -29.33
N THR G 65 45.10 25.01 -29.75
CA THR G 65 45.90 25.77 -28.80
C THR G 65 45.04 26.48 -27.77
N GLU G 66 44.06 27.26 -28.25
CA GLU G 66 43.22 28.04 -27.34
C GLU G 66 42.39 27.13 -26.44
N SER G 67 41.83 26.07 -27.01
CA SER G 67 41.06 25.13 -26.21
C SER G 67 41.91 24.53 -25.10
N LEU G 68 43.09 24.02 -25.45
CA LEU G 68 44.03 23.47 -24.49
C LEU G 68 44.41 24.49 -23.42
N ARG G 69 44.59 25.75 -23.82
CA ARG G 69 44.88 26.81 -22.87
C ARG G 69 43.76 26.95 -21.84
N LYS G 70 42.52 27.05 -22.32
CA LYS G 70 41.37 27.09 -21.41
C LYS G 70 41.35 25.87 -20.49
N VAL G 71 41.63 24.70 -21.07
CA VAL G 71 41.67 23.46 -20.28
C VAL G 71 42.64 23.60 -19.11
N PHE G 72 43.87 23.98 -19.42
CA PHE G 72 44.86 24.18 -18.36
C PHE G 72 44.45 25.27 -17.39
N CYS G 73 43.66 26.24 -17.83
CA CYS G 73 43.20 27.30 -16.93
C CYS G 73 42.23 26.77 -15.89
N THR G 74 41.24 25.99 -16.34
CA THR G 74 40.20 25.47 -15.44
C THR G 74 40.76 24.79 -14.19
N CYS G 75 41.73 23.90 -14.37
CA CYS G 75 42.23 23.08 -13.29
C CYS G 75 43.70 22.74 -13.56
N LYS G 76 44.45 22.55 -12.47
CA LYS G 76 45.89 22.35 -12.58
C LYS G 76 46.36 21.17 -11.75
N SER G 77 45.63 20.06 -11.75
CA SER G 77 46.00 18.99 -10.83
C SER G 77 45.58 17.60 -11.31
N GLY G 78 46.53 16.68 -11.33
CA GLY G 78 46.26 15.27 -11.47
C GLY G 78 45.80 14.80 -12.83
N VAL G 79 45.59 15.69 -13.79
CA VAL G 79 45.06 15.32 -15.10
C VAL G 79 46.22 15.34 -16.09
N SER G 80 46.63 14.15 -16.52
CA SER G 80 47.62 14.02 -17.57
C SER G 80 46.98 14.30 -18.91
N VAL G 81 46.99 15.58 -19.33
CA VAL G 81 46.34 15.96 -20.56
C VAL G 81 47.06 15.32 -21.76
N TYR G 82 46.33 15.14 -22.84
CA TYR G 82 46.88 14.61 -24.08
C TYR G 82 46.42 15.48 -25.24
N ALA G 83 46.62 15.02 -26.48
CA ALA G 83 46.19 15.78 -27.64
C ALA G 83 46.21 14.94 -28.90
N LEU G 84 45.18 15.09 -29.74
CA LEU G 84 45.13 14.48 -31.07
C LEU G 84 45.08 15.62 -32.08
N PRO G 85 46.23 16.15 -32.45
CA PRO G 85 46.25 17.33 -33.33
C PRO G 85 45.88 16.99 -34.76
N ARG G 86 44.59 17.04 -35.08
CA ARG G 86 44.18 16.85 -36.47
C ARG G 86 44.67 17.99 -37.34
N GLU G 87 44.93 17.66 -38.61
CA GLU G 87 45.41 18.65 -39.56
C GLU G 87 44.26 19.51 -40.06
N ASP G 88 44.57 20.48 -40.91
CA ASP G 88 43.58 21.36 -41.50
C ASP G 88 42.85 20.61 -42.61
N ALA G 89 42.02 21.31 -43.37
CA ALA G 89 41.25 20.71 -44.46
C ALA G 89 42.15 20.04 -45.49
N SER G 201 34.50 26.76 -45.28
CA SER G 201 35.52 25.75 -45.56
C SER G 201 35.05 24.36 -45.17
N VAL G 202 35.53 23.35 -45.89
CA VAL G 202 35.20 21.96 -45.59
C VAL G 202 36.09 21.43 -44.47
N ASN G 203 35.56 21.43 -43.25
CA ASN G 203 36.30 20.97 -42.09
C ASN G 203 36.71 19.51 -42.25
N PRO G 204 37.88 19.11 -41.75
CA PRO G 204 38.33 17.73 -41.94
C PRO G 204 37.47 16.74 -41.15
N THR G 205 37.21 15.58 -41.77
CA THR G 205 36.35 14.55 -41.20
C THR G 205 37.15 13.26 -41.05
N PRO G 206 37.83 13.06 -39.93
CA PRO G 206 38.59 11.83 -39.74
C PRO G 206 37.69 10.64 -39.44
N ASN G 207 38.21 9.45 -39.74
CA ASN G 207 37.55 8.19 -39.43
C ASN G 207 38.60 7.22 -38.93
N ASP G 208 39.84 7.72 -38.83
CA ASP G 208 41.02 6.94 -38.50
C ASP G 208 41.02 6.35 -37.10
N TYR G 209 40.21 6.94 -36.20
CA TYR G 209 40.40 6.85 -34.75
C TYR G 209 40.93 5.50 -34.27
N ALA G 210 40.31 4.40 -34.70
CA ALA G 210 40.67 3.06 -34.27
C ALA G 210 42.18 2.86 -34.22
N THR G 211 42.85 3.04 -35.35
CA THR G 211 44.32 2.98 -35.39
C THR G 211 44.94 4.04 -34.50
N VAL G 212 44.55 5.30 -34.72
CA VAL G 212 45.16 6.46 -34.06
C VAL G 212 45.14 6.30 -32.55
N VAL G 213 43.97 6.07 -31.97
CA VAL G 213 43.82 5.89 -30.53
C VAL G 213 43.67 4.39 -30.28
N ASN G 214 44.79 3.74 -29.99
CA ASN G 214 44.86 2.31 -29.77
C ASN G 214 44.64 2.03 -28.26
N GLU G 215 45.04 0.89 -27.72
CA GLU G 215 44.72 0.41 -26.38
C GLU G 215 44.60 1.50 -25.31
N CYS G 216 45.46 2.52 -25.36
CA CYS G 216 45.40 3.63 -24.42
C CYS G 216 43.97 4.08 -24.16
N CYS G 217 43.59 4.14 -22.89
CA CYS G 217 42.22 4.38 -22.46
C CYS G 217 42.09 5.81 -21.93
N PHE G 218 41.73 6.72 -22.82
CA PHE G 218 41.45 8.10 -22.41
C PHE G 218 40.04 8.19 -21.86
N ALA G 219 39.91 8.59 -20.60
CA ALA G 219 38.60 8.72 -19.99
C ALA G 219 37.76 9.78 -20.68
N VAL G 220 38.18 11.04 -20.56
CA VAL G 220 37.37 12.15 -21.08
C VAL G 220 37.87 12.56 -22.46
N TYR G 221 36.96 12.64 -23.41
CA TYR G 221 37.26 13.14 -24.75
C TYR G 221 36.67 14.53 -24.91
N VAL G 222 37.44 15.43 -25.53
CA VAL G 222 37.03 16.81 -25.75
C VAL G 222 37.27 17.13 -27.21
N LEU G 223 36.21 17.17 -28.00
CA LEU G 223 36.30 17.52 -29.41
C LEU G 223 35.95 18.99 -29.60
N SER G 224 36.73 19.66 -30.44
CA SER G 224 36.56 21.09 -30.71
C SER G 224 36.16 21.24 -32.18
N SER G 225 34.87 21.10 -32.44
CA SER G 225 34.32 21.27 -33.79
C SER G 225 32.81 21.17 -33.69
N ASP G 226 32.14 21.64 -34.74
CA ASP G 226 30.70 21.53 -34.85
C ASP G 226 30.29 20.58 -35.97
N ASP G 227 31.24 19.83 -36.52
CA ASP G 227 30.95 18.86 -37.58
C ASP G 227 30.16 17.69 -36.99
N THR G 228 28.88 17.61 -37.32
CA THR G 228 28.03 16.50 -36.89
C THR G 228 28.65 15.17 -37.27
N ASP G 229 29.32 15.12 -38.42
CA ASP G 229 29.99 13.90 -38.86
C ASP G 229 31.13 13.52 -37.93
N TRP G 230 32.02 14.47 -37.65
CA TRP G 230 33.11 14.28 -36.71
C TRP G 230 32.60 13.83 -35.35
N GLN G 231 31.59 14.54 -34.83
CA GLN G 231 30.99 14.19 -33.55
C GLN G 231 30.45 12.77 -33.56
N GLU G 232 29.74 12.42 -34.64
CA GLU G 232 29.17 11.08 -34.78
C GLU G 232 30.27 10.02 -34.79
N ASN G 233 31.38 10.31 -35.47
CA ASN G 233 32.50 9.37 -35.49
C ASN G 233 33.09 9.17 -34.10
N LEU G 234 33.30 10.27 -33.37
CA LEU G 234 33.79 10.17 -32.00
C LEU G 234 32.83 9.35 -31.14
N ARG G 235 31.53 9.60 -31.30
CA ARG G 235 30.50 8.83 -30.63
C ARG G 235 30.69 7.34 -30.90
N ASP G 236 30.85 6.98 -32.17
CA ASP G 236 31.00 5.58 -32.55
C ASP G 236 32.23 4.97 -31.90
N TRP G 237 33.33 5.72 -31.89
CA TRP G 237 34.55 5.21 -31.25
C TRP G 237 34.32 4.93 -29.78
N ILE G 238 33.73 5.89 -29.07
CA ILE G 238 33.46 5.71 -27.64
C ILE G 238 32.57 4.50 -27.41
N ARG G 239 31.52 4.36 -28.24
CA ARG G 239 30.60 3.24 -28.10
C ARG G 239 31.30 1.91 -28.32
N SER G 240 32.02 1.78 -29.43
CA SER G 240 32.77 0.57 -29.75
C SER G 240 33.82 0.30 -28.69
N ALA G 241 34.20 1.32 -27.93
CA ALA G 241 35.08 1.11 -26.79
C ALA G 241 34.31 0.49 -25.63
N TRP G 242 33.11 1.01 -25.36
CA TRP G 242 32.32 0.54 -24.22
C TRP G 242 31.94 -0.93 -24.32
N ASP G 243 31.13 -1.29 -25.32
CA ASP G 243 30.61 -2.65 -25.45
C ASP G 243 31.74 -3.67 -25.59
N CYS G 244 32.48 -3.55 -26.70
CA CYS G 244 33.60 -4.38 -27.10
C CYS G 244 34.91 -3.78 -26.62
N SER G 245 36.01 -4.05 -27.32
CA SER G 245 37.33 -3.58 -26.90
C SER G 245 37.89 -4.41 -25.74
N LYS G 246 39.16 -4.76 -25.84
CA LYS G 246 39.81 -5.52 -24.76
C LYS G 246 40.17 -4.54 -23.65
N PRO G 247 40.99 -4.93 -22.63
CA PRO G 247 41.20 -4.01 -21.51
C PRO G 247 40.14 -2.95 -21.45
N GLN G 248 38.92 -3.36 -21.15
CA GLN G 248 37.80 -2.43 -21.16
C GLN G 248 38.11 -1.00 -20.83
N CYS G 249 38.34 -0.18 -21.85
CA CYS G 249 38.46 1.26 -21.63
C CYS G 249 37.18 1.82 -21.02
N PHE G 250 37.06 3.15 -20.95
CA PHE G 250 35.90 3.81 -20.35
C PHE G 250 35.89 5.31 -20.65
N GLY G 251 34.80 5.98 -20.28
CA GLY G 251 34.78 7.42 -20.29
C GLY G 251 33.68 8.07 -21.12
N HIS G 252 33.26 9.26 -20.71
CA HIS G 252 32.27 10.03 -21.43
C HIS G 252 32.97 10.94 -22.43
N GLY G 253 32.19 11.48 -23.36
CA GLY G 253 32.68 12.45 -24.32
C GLY G 253 31.92 13.76 -24.15
N TYR G 254 32.63 14.86 -24.37
CA TYR G 254 32.05 16.19 -24.23
C TYR G 254 32.18 16.94 -25.54
N VAL G 255 31.08 17.53 -26.01
CA VAL G 255 31.09 18.27 -27.26
C VAL G 255 29.99 19.33 -27.18
N PHE G 256 30.08 20.34 -28.03
CA PHE G 256 29.11 21.43 -28.02
C PHE G 256 28.20 21.31 -29.24
N ASN G 257 27.21 22.20 -29.27
CA ASN G 257 26.29 22.33 -30.40
C ASN G 257 25.58 23.66 -30.29
N LYS G 258 25.69 24.49 -31.32
CA LYS G 258 25.30 25.89 -31.26
C LYS G 258 24.31 26.21 -32.35
N GLY G 259 23.46 27.19 -32.09
CA GLY G 259 22.50 27.64 -33.09
C GLY G 259 21.19 28.05 -32.44
N THR G 260 20.12 27.87 -33.20
CA THR G 260 18.80 28.19 -32.70
C THR G 260 18.07 26.93 -32.31
N LEU G 261 17.13 27.05 -31.37
CA LEU G 261 16.40 25.89 -30.87
C LEU G 261 16.25 24.83 -31.93
N GLY G 262 15.53 25.15 -32.99
CA GLY G 262 15.27 24.16 -34.00
C GLY G 262 16.47 23.28 -34.28
N GLN G 263 17.57 23.89 -34.68
CA GLN G 263 18.74 23.12 -35.05
C GLN G 263 19.27 22.30 -33.88
N VAL G 264 19.62 22.96 -32.78
CA VAL G 264 20.19 22.30 -31.62
C VAL G 264 19.26 21.21 -31.14
N LEU G 265 17.95 21.48 -31.13
CA LEU G 265 16.99 20.47 -30.72
C LEU G 265 16.94 19.30 -31.68
N ALA G 266 17.24 19.52 -32.96
CA ALA G 266 17.21 18.46 -33.96
C ALA G 266 18.60 18.04 -34.41
N ASP G 267 19.65 18.49 -33.71
CA ASP G 267 21.03 18.12 -34.02
C ASP G 267 21.58 17.19 -32.95
N GLY G 268 20.73 16.32 -32.41
CA GLY G 268 21.15 15.39 -31.40
C GLY G 268 20.30 14.15 -31.35
N ASP G 269 20.95 12.98 -31.37
CA ASP G 269 20.27 11.70 -31.33
C ASP G 269 20.40 11.09 -29.94
N ASN G 270 19.99 9.83 -29.83
CA ASN G 270 19.93 9.16 -28.55
C ASN G 270 21.33 8.75 -28.06
N SER G 271 22.37 9.27 -28.73
CA SER G 271 23.76 8.99 -28.36
C SER G 271 24.02 9.27 -26.89
N ALA G 272 24.29 8.23 -26.12
CA ALA G 272 24.53 8.38 -24.69
C ALA G 272 25.98 8.62 -24.35
N GLU G 273 26.89 8.44 -25.31
CA GLU G 273 28.31 8.59 -25.07
C GLU G 273 28.79 10.04 -25.13
N LEU G 274 27.88 10.99 -25.34
CA LEU G 274 28.27 12.38 -25.50
C LEU G 274 27.37 13.29 -24.67
N SER G 275 27.98 14.37 -24.18
CA SER G 275 27.28 15.46 -23.50
C SER G 275 27.37 16.66 -24.44
N ARG G 276 26.23 17.06 -24.99
CA ARG G 276 26.16 18.10 -26.00
C ARG G 276 25.73 19.41 -25.35
N LEU G 277 26.72 20.21 -24.97
CA LEU G 277 26.49 21.55 -24.45
C LEU G 277 25.80 22.40 -25.50
N ALA G 278 24.59 22.85 -25.19
CA ALA G 278 23.80 23.65 -26.13
C ALA G 278 24.14 25.12 -25.98
N LEU G 279 24.26 25.81 -27.14
CA LEU G 279 24.65 27.21 -27.15
C LEU G 279 23.72 28.02 -28.05
N PRO G 280 23.24 29.17 -27.58
CA PRO G 280 22.33 29.98 -28.40
C PRO G 280 23.04 30.55 -29.61
N THR G 281 22.25 30.98 -30.59
CA THR G 281 22.80 31.61 -31.78
C THR G 281 23.47 32.94 -31.47
N THR G 282 23.14 33.57 -30.35
CA THR G 282 23.75 34.83 -29.97
C THR G 282 24.84 34.68 -28.93
N TYR G 283 25.18 33.45 -28.55
CA TYR G 283 26.18 33.16 -27.52
C TYR G 283 27.46 33.94 -27.77
N PRO G 284 27.78 34.93 -26.93
CA PRO G 284 28.90 35.83 -27.23
C PRO G 284 30.24 35.30 -26.75
N VAL G 285 30.51 34.02 -26.97
CA VAL G 285 31.79 33.41 -26.65
C VAL G 285 32.11 32.41 -27.76
N LEU G 286 33.37 32.01 -27.84
CA LEU G 286 33.78 31.01 -28.81
C LEU G 286 33.46 29.64 -28.25
N PRO G 287 32.57 28.86 -28.89
CA PRO G 287 32.10 27.59 -28.30
C PRO G 287 33.22 26.71 -27.77
N TYR G 288 34.27 26.56 -28.56
CA TYR G 288 35.45 25.76 -28.22
C TYR G 288 35.89 25.99 -26.78
N LEU G 289 36.06 27.26 -26.42
CA LEU G 289 36.49 27.62 -25.08
C LEU G 289 35.60 27.01 -24.01
N THR G 290 34.30 27.27 -24.10
CA THR G 290 33.36 26.82 -23.07
C THR G 290 33.33 25.29 -23.00
N ASN G 291 33.24 24.64 -24.16
CA ASN G 291 33.21 23.18 -24.20
C ASN G 291 34.44 22.57 -23.54
N ALA G 292 35.62 23.01 -23.96
CA ALA G 292 36.88 22.58 -23.37
C ALA G 292 36.87 22.78 -21.86
N ALA G 293 36.49 23.97 -21.42
CA ALA G 293 36.42 24.29 -20.00
C ALA G 293 35.56 23.27 -19.24
N TYR G 294 34.34 23.05 -19.73
CA TYR G 294 33.42 22.11 -19.12
C TYR G 294 34.03 20.73 -18.99
N GLY G 295 34.50 20.18 -20.11
CA GLY G 295 35.11 18.87 -20.10
C GLY G 295 36.26 18.74 -19.13
N ALA G 296 37.17 19.72 -19.18
CA ALA G 296 38.33 19.77 -18.32
C ALA G 296 37.93 19.76 -16.85
N LEU G 297 36.98 20.62 -16.47
CA LEU G 297 36.57 20.69 -15.08
C LEU G 297 35.97 19.37 -14.62
N SER G 298 35.09 18.79 -15.45
CA SER G 298 34.49 17.50 -15.13
C SER G 298 35.57 16.45 -14.88
N ALA G 299 36.53 16.35 -15.80
CA ALA G 299 37.61 15.39 -15.68
C ALA G 299 38.40 15.59 -14.40
N CYS G 300 38.92 16.81 -14.19
CA CYS G 300 39.71 17.12 -13.01
C CYS G 300 38.98 16.76 -11.72
N SER G 301 37.67 17.02 -11.68
CA SER G 301 36.92 16.76 -10.45
C SER G 301 36.68 15.27 -10.25
N THR G 302 36.25 14.58 -11.29
CA THR G 302 35.90 13.17 -11.14
C THR G 302 37.03 12.22 -11.44
N CYS G 303 38.12 12.32 -10.68
CA CYS G 303 39.24 11.40 -10.86
C CYS G 303 39.29 10.47 -9.71
N ASN G 304 39.12 11.02 -8.53
CA ASN G 304 39.07 10.17 -7.38
C ASN G 304 37.65 9.78 -7.16
N ASN G 305 36.71 10.71 -7.25
CA ASN G 305 35.35 10.31 -6.94
C ASN G 305 34.42 10.59 -8.12
N PRO G 306 33.73 9.58 -8.62
CA PRO G 306 32.91 9.78 -9.83
C PRO G 306 31.49 10.26 -9.54
N GLU G 307 31.00 10.00 -8.33
CA GLU G 307 29.59 10.24 -8.04
C GLU G 307 29.22 11.71 -8.14
N LEU G 308 30.18 12.61 -7.95
CA LEU G 308 29.90 14.04 -7.81
C LEU G 308 29.20 14.61 -9.04
N ASN G 309 27.96 15.06 -8.87
CA ASN G 309 27.19 15.68 -9.94
C ASN G 309 27.70 17.09 -10.23
N ILE G 310 28.43 17.27 -11.33
CA ILE G 310 28.98 18.58 -11.65
C ILE G 310 27.86 19.46 -12.18
N GLN G 311 27.20 20.21 -11.30
CA GLN G 311 26.08 21.04 -11.69
C GLN G 311 25.91 22.16 -10.68
N GLY G 312 24.95 23.04 -10.95
CA GLY G 312 24.69 24.18 -10.11
C GLY G 312 25.83 25.19 -10.15
N GLN G 313 25.78 26.11 -9.18
CA GLN G 313 26.75 27.19 -9.12
C GLN G 313 28.06 26.76 -8.47
N THR G 314 28.00 26.29 -7.23
CA THR G 314 29.19 26.00 -6.44
C THR G 314 30.22 25.17 -7.19
N PHE G 315 29.86 23.93 -7.55
CA PHE G 315 30.76 23.03 -8.26
C PHE G 315 30.20 22.77 -9.66
N GLY G 316 30.77 23.49 -10.62
CA GLY G 316 30.25 23.52 -11.97
C GLY G 316 30.30 24.92 -12.53
N LEU G 317 30.88 25.83 -11.76
CA LEU G 317 31.10 27.21 -12.17
C LEU G 317 32.36 27.23 -13.03
N LEU G 318 32.18 27.26 -14.35
CA LEU G 318 33.33 27.36 -15.24
C LEU G 318 34.14 28.60 -14.88
N SER G 319 35.34 28.40 -14.34
CA SER G 319 36.12 29.50 -13.77
C SER G 319 36.60 30.46 -14.85
N CYS G 320 37.40 29.94 -15.79
CA CYS G 320 38.01 30.80 -16.80
C CYS G 320 37.11 31.00 -18.01
N ILE G 321 36.02 31.75 -17.85
CA ILE G 321 35.25 32.16 -19.03
C ILE G 321 35.09 33.67 -19.04
N ASN G 322 35.04 34.29 -17.85
CA ASN G 322 34.95 35.74 -17.69
C ASN G 322 34.00 36.38 -18.69
N MET G 323 32.83 35.76 -18.91
CA MET G 323 31.83 36.23 -19.86
C MET G 323 31.47 37.69 -19.59
N PRO G 324 31.24 38.50 -20.61
CA PRO G 324 30.85 39.90 -20.38
C PRO G 324 29.45 40.00 -19.80
N GLU G 325 29.36 40.46 -18.54
CA GLU G 325 28.08 40.57 -17.86
C GLU G 325 27.05 41.30 -18.72
N SER G 326 25.85 40.75 -18.76
CA SER G 326 24.79 41.28 -19.61
C SER G 326 23.48 41.25 -18.83
N CYS G 327 22.38 41.54 -19.52
CA CYS G 327 21.08 41.57 -18.85
C CYS G 327 20.03 40.77 -19.61
N THR G 328 20.43 39.89 -20.51
CA THR G 328 19.50 39.06 -21.25
C THR G 328 20.19 37.77 -21.65
N PRO G 329 19.61 36.62 -21.34
CA PRO G 329 20.24 35.35 -21.69
C PRO G 329 20.00 34.98 -23.15
N GLY G 330 20.38 33.77 -23.52
CA GLY G 330 20.12 33.26 -24.84
C GLY G 330 18.85 32.45 -24.78
N TRP G 331 18.97 31.13 -24.64
CA TRP G 331 17.80 30.31 -24.35
C TRP G 331 17.03 30.89 -23.18
N THR G 332 15.76 31.22 -23.43
CA THR G 332 14.87 31.67 -22.36
C THR G 332 14.27 30.46 -21.66
N PHE G 333 13.50 30.74 -20.60
CA PHE G 333 12.92 29.68 -19.79
C PHE G 333 12.20 28.64 -20.64
N GLY G 334 11.43 29.07 -21.62
CA GLY G 334 10.69 28.12 -22.39
C GLY G 334 11.62 27.17 -23.09
N GLU G 335 12.33 27.66 -24.06
CA GLU G 335 13.20 26.80 -24.83
C GLU G 335 14.14 26.00 -23.92
N VAL G 336 14.46 26.51 -22.74
CA VAL G 336 15.28 25.72 -21.81
C VAL G 336 14.43 24.54 -21.38
N THR G 337 13.43 24.79 -20.54
CA THR G 337 12.51 23.71 -20.17
C THR G 337 12.29 22.74 -21.33
N GLN G 338 12.25 23.25 -22.55
CA GLN G 338 12.09 22.39 -23.71
C GLN G 338 13.26 21.43 -23.84
N LEU G 339 14.47 21.94 -24.04
CA LEU G 339 15.61 21.05 -24.19
C LEU G 339 16.25 20.79 -22.83
N GLN G 340 15.42 20.38 -21.87
CA GLN G 340 15.88 19.73 -20.65
C GLN G 340 15.21 18.37 -20.60
N ALA G 341 13.95 18.32 -21.04
CA ALA G 341 13.37 17.05 -21.42
C ALA G 341 14.24 16.37 -22.47
N ASN G 342 14.54 17.08 -23.56
CA ASN G 342 15.55 16.64 -24.49
C ASN G 342 16.93 16.90 -23.89
N GLY G 343 17.71 15.84 -23.76
CA GLY G 343 18.95 15.89 -23.02
C GLY G 343 20.00 16.85 -23.58
N PHE G 344 20.26 17.93 -22.85
CA PHE G 344 21.31 18.88 -23.20
C PHE G 344 21.84 19.51 -21.93
N VAL G 345 22.94 20.27 -22.08
CA VAL G 345 23.78 20.66 -20.96
C VAL G 345 23.77 22.18 -20.82
N VAL G 346 22.58 22.78 -20.91
CA VAL G 346 22.39 24.24 -20.89
C VAL G 346 23.24 24.93 -19.83
N SER G 347 23.96 25.97 -20.24
CA SER G 347 24.76 26.81 -19.35
C SER G 347 24.12 28.19 -19.30
N GLY G 348 24.04 28.75 -18.10
CA GLY G 348 23.44 30.07 -17.92
C GLY G 348 24.19 31.19 -18.60
N SER G 360 32.75 33.12 -16.14
CA SER G 360 31.80 32.91 -15.06
C SER G 360 30.76 31.80 -15.29
N PRO G 361 29.98 31.88 -16.41
CA PRO G 361 28.70 31.13 -16.47
C PRO G 361 28.75 29.71 -15.94
N TYR G 362 27.84 29.40 -15.03
CA TYR G 362 27.78 28.11 -14.36
C TYR G 362 27.03 27.10 -15.21
N ILE G 363 27.23 25.82 -14.88
CA ILE G 363 26.61 24.71 -15.58
C ILE G 363 25.58 24.07 -14.66
N TYR G 364 24.49 23.58 -15.25
CA TYR G 364 23.49 22.80 -14.55
C TYR G 364 22.90 21.79 -15.51
N ASN G 365 22.12 20.85 -14.95
CA ASN G 365 21.49 19.70 -15.61
C ASN G 365 22.50 18.89 -16.41
N ASP G 366 23.64 18.59 -15.78
CA ASP G 366 24.75 17.89 -16.43
C ASP G 366 24.32 16.46 -16.76
N VAL G 367 23.61 16.34 -17.88
CA VAL G 367 23.13 15.04 -18.34
C VAL G 367 23.76 14.76 -19.68
N THR G 368 23.48 13.58 -20.22
CA THR G 368 23.96 13.20 -21.54
C THR G 368 22.79 13.12 -22.50
N ASN G 369 23.10 13.05 -23.79
CA ASN G 369 22.07 13.03 -24.83
C ASN G 369 21.47 11.62 -24.95
N TYR G 370 20.97 11.13 -23.82
CA TYR G 370 20.38 9.81 -23.72
C TYR G 370 18.92 9.98 -23.31
N LEU G 371 18.01 9.55 -24.15
CA LEU G 371 16.58 9.69 -23.89
C LEU G 371 15.80 8.40 -23.97
N ARG G 372 16.29 7.38 -24.66
CA ARG G 372 15.46 6.26 -25.04
C ARG G 372 16.32 5.02 -25.24
N ASP G 373 15.89 3.92 -24.62
CA ASP G 373 16.43 2.61 -24.94
C ASP G 373 15.62 2.06 -26.11
N GLU G 374 16.03 0.89 -26.61
CA GLU G 374 15.85 0.51 -28.00
C GLU G 374 14.59 1.09 -28.65
N LYS G 375 13.44 0.94 -28.01
CA LYS G 375 12.27 1.68 -28.46
C LYS G 375 11.46 2.29 -27.32
N ASN G 376 11.47 1.66 -26.14
CA ASN G 376 10.63 2.10 -25.03
C ASN G 376 11.17 3.40 -24.44
N ARG G 377 10.86 4.53 -25.08
CA ARG G 377 11.46 5.84 -24.82
C ARG G 377 11.70 6.15 -23.34
N PRO G 378 10.68 6.11 -22.46
CA PRO G 378 10.93 6.47 -21.06
C PRO G 378 12.01 5.61 -20.42
N ASN G 379 13.13 6.24 -20.09
CA ASN G 379 14.26 5.55 -19.46
C ASN G 379 15.22 6.58 -18.88
N ALA G 380 15.62 6.39 -17.63
CA ALA G 380 16.41 7.40 -16.92
C ALA G 380 17.68 6.85 -16.29
N THR G 381 18.03 5.59 -16.57
CA THR G 381 19.24 5.01 -16.00
C THR G 381 20.48 5.82 -16.39
N PHE G 382 20.81 5.85 -17.67
CA PHE G 382 21.99 6.57 -18.13
C PHE G 382 21.67 8.00 -18.53
N ARG G 383 20.99 8.74 -17.67
CA ARG G 383 20.71 10.14 -17.96
C ARG G 383 21.84 11.02 -17.46
N ASP G 384 22.07 11.00 -16.15
CA ASP G 384 23.14 11.80 -15.56
C ASP G 384 24.50 11.22 -15.92
N ALA G 385 25.43 12.11 -16.29
CA ALA G 385 26.81 11.70 -16.54
C ALA G 385 27.37 10.91 -15.37
N SER G 386 27.07 11.35 -14.16
CA SER G 386 27.46 10.65 -12.94
C SER G 386 27.10 9.17 -13.00
N SER G 387 25.90 8.84 -13.48
CA SER G 387 25.51 7.46 -13.66
C SER G 387 26.50 6.71 -14.53
N ARG G 388 26.86 7.30 -15.67
CA ARG G 388 27.83 6.71 -16.56
C ARG G 388 29.18 6.47 -15.89
N ARG G 389 29.69 7.48 -15.19
CA ARG G 389 30.97 7.36 -14.51
C ARG G 389 30.91 6.28 -13.43
N LEU G 390 29.79 6.22 -12.69
CA LEU G 390 29.60 5.18 -11.71
C LEU G 390 29.59 3.79 -12.36
N ALA G 391 28.93 3.67 -13.51
CA ALA G 391 28.91 2.41 -14.23
C ALA G 391 30.33 1.98 -14.59
N ALA G 392 31.16 2.94 -15.00
CA ALA G 392 32.56 2.64 -15.29
C ALA G 392 33.29 2.15 -14.04
N ALA G 393 33.11 2.88 -12.93
CA ALA G 393 33.77 2.49 -11.68
C ALA G 393 33.32 1.11 -11.23
N THR G 394 32.06 0.75 -11.47
CA THR G 394 31.60 -0.58 -11.11
C THR G 394 32.12 -1.64 -12.07
N GLY G 395 32.25 -1.30 -13.35
CA GLY G 395 32.81 -2.24 -14.30
C GLY G 395 34.23 -2.64 -13.93
N VAL G 396 35.07 -1.65 -13.63
CA VAL G 396 36.46 -1.96 -13.32
C VAL G 396 36.56 -2.76 -12.03
N ALA G 397 35.72 -2.43 -11.04
CA ALA G 397 35.73 -3.15 -9.78
C ALA G 397 35.28 -4.59 -9.96
N LEU G 398 34.19 -4.80 -10.69
CA LEU G 398 33.69 -6.13 -11.00
C LEU G 398 34.73 -6.95 -11.74
N ALA G 399 35.45 -6.33 -12.67
CA ALA G 399 36.52 -7.02 -13.38
C ALA G 399 37.59 -7.49 -12.43
N GLU G 400 38.12 -6.58 -11.60
CA GLU G 400 39.16 -6.95 -10.65
C GLU G 400 38.66 -7.99 -9.66
N PHE G 401 37.36 -8.00 -9.39
CA PHE G 401 36.78 -9.02 -8.53
C PHE G 401 36.82 -10.38 -9.21
N LEU G 402 36.18 -10.47 -10.38
CA LEU G 402 36.12 -11.70 -11.17
C LEU G 402 37.50 -12.27 -11.43
N GLN G 403 38.53 -11.41 -11.39
CA GLN G 403 39.89 -11.90 -11.60
C GLN G 403 40.27 -13.06 -10.67
N GLN G 404 39.61 -13.16 -9.50
CA GLN G 404 39.93 -14.26 -8.59
C GLN G 404 39.49 -15.60 -9.17
N PHE G 405 38.49 -15.59 -10.04
CA PHE G 405 37.96 -16.82 -10.62
C PHE G 405 38.80 -17.29 -11.80
N ASN G 406 40.11 -17.37 -11.63
CA ASN G 406 41.01 -17.79 -12.69
C ASN G 406 41.85 -18.97 -12.23
N GLY G 407 42.11 -19.90 -13.15
CA GLY G 407 42.94 -21.05 -12.86
C GLY G 407 42.42 -21.94 -11.75
N LEU G 408 41.19 -22.41 -11.90
CA LEU G 408 40.60 -23.33 -10.94
C LEU G 408 39.65 -24.23 -11.72
N ALA G 409 39.08 -25.25 -11.09
CA ALA G 409 38.24 -26.18 -11.81
C ALA G 409 36.81 -25.70 -11.86
N VAL G 410 35.94 -26.39 -12.59
CA VAL G 410 34.53 -26.03 -12.60
C VAL G 410 33.59 -27.23 -12.69
N PHE G 411 33.62 -28.15 -11.74
CA PHE G 411 32.81 -29.37 -11.78
C PHE G 411 31.37 -29.00 -12.15
N THR G 412 30.90 -29.50 -13.30
CA THR G 412 29.62 -29.05 -13.83
C THR G 412 28.74 -30.21 -14.30
N LYS G 413 29.11 -31.44 -13.97
CA LYS G 413 28.20 -32.55 -14.22
C LYS G 413 27.81 -33.24 -12.93
N ASN G 414 28.81 -33.77 -12.22
CA ASN G 414 28.60 -34.43 -10.95
C ASN G 414 29.17 -33.60 -9.80
N THR G 415 28.64 -32.39 -9.58
CA THR G 415 29.30 -31.49 -8.66
C THR G 415 29.40 -32.13 -7.28
N ASN G 416 30.59 -32.64 -6.97
CA ASN G 416 30.92 -33.22 -5.67
C ASN G 416 32.36 -32.91 -5.32
N ILE G 417 32.75 -31.65 -5.47
CA ILE G 417 34.15 -31.21 -5.46
C ILE G 417 34.93 -31.98 -4.40
N ARG G 418 36.00 -32.66 -4.83
CA ARG G 418 36.67 -33.59 -3.96
C ARG G 418 37.41 -32.86 -2.85
N THR G 419 37.71 -33.59 -1.79
CA THR G 419 38.44 -33.01 -0.68
C THR G 419 39.86 -32.64 -1.11
N GLY G 420 40.26 -31.42 -0.78
CA GLY G 420 41.61 -30.98 -1.07
C GLY G 420 41.89 -30.63 -2.51
N ILE G 421 40.92 -30.07 -3.23
CA ILE G 421 41.14 -29.56 -4.57
C ILE G 421 40.51 -28.18 -4.69
N ILE G 422 41.18 -27.28 -5.40
CA ILE G 422 40.69 -25.93 -5.59
C ILE G 422 39.68 -25.92 -6.72
N GLY G 423 38.41 -26.11 -6.39
CA GLY G 423 37.38 -26.27 -7.39
C GLY G 423 36.12 -25.51 -7.04
N THR G 424 35.27 -25.36 -8.05
CA THR G 424 33.98 -24.72 -7.87
C THR G 424 33.00 -25.24 -8.91
N ASN G 425 31.73 -24.91 -8.73
CA ASN G 425 30.69 -25.23 -9.69
C ASN G 425 29.83 -24.00 -9.95
N PRO G 426 29.10 -23.95 -11.08
CA PRO G 426 28.33 -22.73 -11.42
C PRO G 426 27.49 -22.17 -10.29
N ARG G 427 26.88 -23.05 -9.48
CA ARG G 427 26.01 -22.59 -8.41
C ARG G 427 26.78 -21.78 -7.38
N LEU G 428 27.94 -22.28 -6.94
CA LEU G 428 28.76 -21.53 -5.99
C LEU G 428 29.23 -20.21 -6.59
N MET G 429 29.52 -20.20 -7.90
CA MET G 429 29.86 -18.96 -8.57
C MET G 429 28.73 -17.94 -8.45
N LEU G 430 27.51 -18.36 -8.80
CA LEU G 430 26.34 -17.49 -8.71
C LEU G 430 26.18 -16.98 -7.28
N GLY G 431 26.38 -17.86 -6.31
CA GLY G 431 26.34 -17.49 -4.91
C GLY G 431 27.30 -16.36 -4.59
N LYS G 432 28.57 -16.54 -4.93
CA LYS G 432 29.58 -15.53 -4.64
C LYS G 432 29.30 -14.21 -5.35
N ILE G 433 28.82 -14.30 -6.60
CA ILE G 433 28.50 -13.10 -7.35
C ILE G 433 27.38 -12.32 -6.66
N ARG G 434 26.29 -13.01 -6.32
CA ARG G 434 25.20 -12.36 -5.60
C ARG G 434 25.68 -11.76 -4.29
N LYS G 435 26.60 -12.45 -3.61
CA LYS G 435 27.15 -11.94 -2.36
C LYS G 435 27.84 -10.61 -2.59
N TRP G 436 28.79 -10.57 -3.53
CA TRP G 436 29.49 -9.34 -3.86
C TRP G 436 28.51 -8.21 -4.20
N ALA G 437 27.54 -8.51 -5.06
CA ALA G 437 26.55 -7.52 -5.48
C ALA G 437 25.82 -6.96 -4.28
N GLN G 438 25.17 -7.83 -3.50
CA GLN G 438 24.45 -7.41 -2.31
C GLN G 438 25.33 -6.65 -1.34
N ASP G 439 26.64 -6.89 -1.36
CA ASP G 439 27.53 -6.13 -0.49
C ASP G 439 27.68 -4.70 -1.02
N ASN G 440 28.05 -4.56 -2.30
CA ASN G 440 28.32 -3.24 -2.86
C ASN G 440 27.09 -2.35 -2.97
N VAL G 441 25.90 -2.87 -2.69
CA VAL G 441 24.67 -2.09 -2.75
C VAL G 441 24.80 -0.80 -1.97
N GLY G 442 24.35 0.31 -2.56
CA GLY G 442 24.26 1.57 -1.85
C GLY G 442 25.16 2.68 -2.39
N THR G 443 26.41 2.35 -2.71
CA THR G 443 27.35 3.35 -3.22
C THR G 443 27.51 3.21 -4.74
N LEU G 444 27.68 1.99 -5.21
CA LEU G 444 27.90 1.75 -6.63
C LEU G 444 26.61 1.70 -7.43
N PHE G 445 25.50 1.32 -6.81
CA PHE G 445 24.22 1.21 -7.49
C PHE G 445 23.12 1.16 -6.44
N SER G 446 21.88 1.06 -6.89
CA SER G 446 20.73 1.10 -6.00
C SER G 446 20.30 -0.31 -5.62
N GLU G 447 19.33 -0.39 -4.73
CA GLU G 447 18.85 -1.67 -4.23
C GLU G 447 18.18 -2.45 -5.36
N PHE G 448 18.67 -3.66 -5.60
CA PHE G 448 18.05 -4.53 -6.59
C PHE G 448 16.61 -4.84 -6.21
N ASP G 449 15.69 -4.63 -7.15
CA ASP G 449 14.30 -5.00 -6.91
C ASP G 449 14.16 -6.51 -6.74
N ASN G 450 14.79 -7.29 -7.63
CA ASN G 450 14.75 -8.75 -7.57
C ASN G 450 16.12 -9.27 -7.99
N ILE G 451 16.97 -9.54 -7.00
CA ILE G 451 18.36 -9.88 -7.25
C ILE G 451 18.50 -11.21 -7.99
N ASN G 452 17.53 -12.11 -7.84
CA ASN G 452 17.59 -13.40 -8.51
C ASN G 452 17.13 -13.35 -9.97
N GLU G 453 16.85 -12.16 -10.50
CA GLU G 453 16.55 -11.99 -11.91
C GLU G 453 17.63 -11.19 -12.64
N ASP G 454 18.05 -10.07 -12.06
CA ASP G 454 19.08 -9.24 -12.67
C ASP G 454 20.38 -10.03 -12.87
N ILE G 455 20.96 -10.51 -11.78
CA ILE G 455 22.17 -11.33 -11.88
C ILE G 455 21.84 -12.61 -12.64
N GLN G 456 22.73 -12.98 -13.56
CA GLN G 456 22.61 -14.26 -14.26
C GLN G 456 23.97 -14.64 -14.81
N LEU G 457 24.50 -15.78 -14.36
CA LEU G 457 25.80 -16.26 -14.81
C LEU G 457 25.60 -17.31 -15.90
N LEU G 458 25.19 -16.84 -17.06
CA LEU G 458 24.91 -17.72 -18.18
C LEU G 458 26.21 -18.33 -18.70
N THR G 459 26.38 -19.64 -18.46
CA THR G 459 27.58 -20.36 -18.88
C THR G 459 27.30 -21.21 -20.11
N ASP G 460 28.31 -21.93 -20.59
CA ASP G 460 28.18 -22.75 -21.78
C ASP G 460 28.95 -24.06 -21.64
N PHE G 461 29.58 -24.26 -20.48
CA PHE G 461 30.47 -25.38 -20.19
C PHE G 461 29.97 -26.71 -20.75
N GLU G 462 28.67 -26.99 -20.61
CA GLU G 462 28.08 -28.22 -21.09
C GLU G 462 28.47 -28.51 -22.54
N VAL G 463 28.38 -27.49 -23.40
CA VAL G 463 28.73 -27.61 -24.81
C VAL G 463 30.16 -28.11 -24.94
N GLN G 464 31.09 -27.48 -24.22
CA GLN G 464 32.51 -27.80 -24.26
C GLN G 464 32.72 -29.29 -24.01
N PRO G 465 33.24 -30.02 -25.00
CA PRO G 465 33.45 -31.46 -24.81
C PRO G 465 34.82 -31.77 -24.24
N LYS G 466 34.97 -32.97 -23.65
CA LYS G 466 36.24 -33.35 -23.04
C LYS G 466 37.36 -33.50 -24.07
N CYS G 467 37.03 -33.48 -25.35
CA CYS G 467 38.04 -33.68 -26.39
C CYS G 467 38.79 -32.39 -26.68
N VAL G 468 38.68 -31.41 -25.79
CA VAL G 468 39.36 -30.14 -25.93
C VAL G 468 39.38 -29.49 -24.54
N GLY G 469 40.36 -28.61 -24.30
CA GLY G 469 40.53 -28.08 -22.96
C GLY G 469 40.02 -26.68 -22.73
N GLN G 470 39.88 -25.89 -23.81
CA GLN G 470 39.60 -24.46 -23.76
C GLN G 470 38.42 -24.11 -22.85
N PRO G 471 38.67 -23.55 -21.66
CA PRO G 471 37.59 -23.06 -20.82
C PRO G 471 37.39 -21.55 -20.97
N GLY G 472 36.37 -20.99 -20.30
CA GLY G 472 36.37 -19.57 -20.00
C GLY G 472 35.18 -18.77 -20.46
N ILE G 473 34.16 -19.37 -21.05
CA ILE G 473 32.98 -18.60 -21.44
C ILE G 473 31.97 -18.62 -20.29
N PHE G 474 32.14 -17.72 -19.33
CA PHE G 474 31.17 -17.64 -18.23
C PHE G 474 30.61 -16.23 -18.15
N HIS G 475 30.17 -15.71 -19.28
CA HIS G 475 29.58 -14.39 -19.36
C HIS G 475 28.65 -14.05 -18.23
N LEU G 476 28.65 -12.80 -17.81
CA LEU G 476 27.75 -12.36 -16.75
C LEU G 476 27.05 -11.09 -17.20
N ASN G 477 25.73 -11.03 -16.99
CA ASN G 477 24.92 -9.89 -17.38
C ASN G 477 24.16 -9.40 -16.16
N MET G 478 24.41 -8.14 -15.78
CA MET G 478 23.79 -7.55 -14.61
C MET G 478 23.09 -6.26 -15.01
N ARG G 479 21.98 -5.97 -14.33
CA ARG G 479 21.23 -4.75 -14.60
C ARG G 479 21.85 -3.58 -13.86
N TYR G 480 21.32 -2.39 -14.12
CA TYR G 480 21.88 -1.19 -13.53
C TYR G 480 20.79 -0.15 -13.29
N ARG G 481 20.80 0.41 -12.07
CA ARG G 481 19.96 1.54 -11.73
C ARG G 481 20.76 2.43 -10.80
N PRO G 482 21.35 3.49 -11.32
CA PRO G 482 22.25 4.33 -10.53
C PRO G 482 21.57 4.83 -9.26
N PRO G 483 22.32 5.07 -8.19
CA PRO G 483 21.72 5.53 -6.95
C PRO G 483 20.89 6.78 -7.17
N VAL G 484 19.68 6.76 -6.64
CA VAL G 484 18.76 7.88 -6.81
C VAL G 484 19.29 9.09 -6.05
N ARG G 485 19.11 10.27 -6.63
CA ARG G 485 19.70 11.48 -6.09
C ARG G 485 18.64 12.53 -5.80
N GLY G 486 19.06 13.75 -5.50
CA GLY G 486 18.14 14.85 -5.30
C GLY G 486 17.87 15.61 -6.58
N ALA G 487 16.65 16.10 -6.70
CA ALA G 487 16.23 16.88 -7.87
C ALA G 487 15.20 17.89 -7.42
N ARG G 488 14.42 18.42 -8.38
CA ARG G 488 13.42 19.44 -8.08
C ARG G 488 12.63 19.10 -6.83
N ILE G 489 12.58 20.04 -5.90
CA ILE G 489 11.94 19.86 -4.60
C ILE G 489 10.80 20.87 -4.50
N ASN G 490 10.14 21.14 -5.63
CA ASN G 490 9.20 22.25 -5.79
C ASN G 490 8.32 22.47 -4.56
N VAL G 491 8.35 23.69 -4.05
CA VAL G 491 7.72 24.02 -2.78
C VAL G 491 6.52 24.91 -3.06
N ASN G 492 5.57 24.96 -2.11
CA ASN G 492 4.36 25.74 -2.26
C ASN G 492 4.04 26.37 -0.90
N MET G 493 4.56 27.58 -0.69
CA MET G 493 4.28 28.29 0.55
C MET G 493 2.91 28.95 0.50
N ALA G 494 2.28 29.05 1.66
CA ALA G 494 0.92 29.56 1.79
C ALA G 494 0.88 30.55 2.95
N PRO G 495 1.27 31.80 2.71
CA PRO G 495 1.20 32.82 3.76
C PRO G 495 -0.21 32.99 4.29
N ALA G 496 -0.33 33.49 5.51
CA ALA G 496 -1.61 33.68 6.16
C ALA G 496 -1.40 34.59 7.37
N LEU G 497 -2.44 34.72 8.19
CA LEU G 497 -2.28 35.41 9.46
C LEU G 497 -3.23 34.84 10.50
N PHE G 498 -3.25 35.40 11.70
CA PHE G 498 -4.11 34.88 12.76
C PHE G 498 -5.32 35.76 12.94
N ASP H 4 0.04 67.35 15.91
CA ASP H 4 1.31 66.89 16.45
C ASP H 4 1.17 65.49 17.05
N ALA H 5 0.39 65.37 18.12
CA ALA H 5 0.05 64.09 18.69
C ALA H 5 -1.34 63.67 18.23
N LEU H 6 -1.61 62.37 18.29
CA LEU H 6 -2.88 61.79 17.88
C LEU H 6 -3.11 61.96 16.38
N SER H 7 -2.15 62.55 15.68
CA SER H 7 -2.27 62.75 14.24
C SER H 7 -2.44 61.41 13.52
N ASP H 8 -1.51 60.50 13.72
CA ASP H 8 -1.66 59.16 13.21
C ASP H 8 -2.79 58.43 13.94
N GLY H 9 -3.27 57.35 13.31
CA GLY H 9 -4.37 56.60 13.88
C GLY H 9 -3.94 55.54 14.86
N PHE H 10 -2.81 55.77 15.54
CA PHE H 10 -2.30 54.78 16.47
C PHE H 10 -3.06 54.83 17.79
N VAL H 11 -3.28 56.03 18.33
CA VAL H 11 -3.94 56.21 19.62
C VAL H 11 -5.02 57.28 19.48
N ARG H 12 -6.28 56.86 19.59
CA ARG H 12 -7.41 57.77 19.67
C ARG H 12 -7.96 57.79 21.09
N LEU H 13 -8.61 58.89 21.46
CA LEU H 13 -9.05 59.10 22.82
C LEU H 13 -10.56 58.99 22.92
N CYS H 14 -11.03 58.81 24.15
CA CYS H 14 -12.45 58.85 24.51
C CYS H 14 -12.54 59.46 25.90
N ILE H 15 -12.77 60.77 25.96
CA ILE H 15 -12.61 61.53 27.19
C ILE H 15 -13.91 61.49 27.98
N ASP H 16 -14.86 60.67 27.52
CA ASP H 16 -16.18 60.60 28.13
C ASP H 16 -16.09 60.28 29.62
N PRO H 17 -16.52 61.18 30.50
CA PRO H 17 -16.51 60.87 31.93
C PRO H 17 -17.76 60.13 32.37
N SER H 18 -18.20 59.17 31.56
CA SER H 18 -19.36 58.38 31.92
C SER H 18 -19.25 56.92 31.49
N LEU H 19 -18.06 56.46 31.10
CA LEU H 19 -17.88 55.09 30.63
C LEU H 19 -18.24 54.09 31.72
N ASN H 20 -18.43 52.84 31.31
CA ASN H 20 -18.90 51.80 32.20
C ASN H 20 -17.96 50.61 32.16
N PHE H 21 -17.39 50.27 33.31
CA PHE H 21 -16.41 49.21 33.49
C PHE H 21 -17.13 47.91 33.85
N PHE H 22 -16.43 47.02 34.56
CA PHE H 22 -16.79 45.63 34.86
C PHE H 22 -18.27 45.35 35.01
N GLY H 23 -18.75 44.31 34.37
CA GLY H 23 -20.19 44.07 34.37
C GLY H 23 -20.87 44.07 35.71
N GLU H 24 -22.04 44.66 35.80
CA GLU H 24 -22.81 44.55 37.02
C GLU H 24 -23.57 43.26 36.88
N GLY H 25 -22.88 42.18 36.49
CA GLY H 25 -23.50 40.89 36.38
C GLY H 25 -24.42 40.79 37.56
N CYS H 26 -23.93 40.91 38.79
CA CYS H 26 -24.83 40.68 39.94
C CYS H 26 -26.13 41.46 39.79
N LYS H 27 -27.26 40.76 39.68
CA LYS H 27 -28.54 41.44 39.41
C LYS H 27 -29.55 41.42 40.57
N ILE H 28 -30.45 42.41 40.59
CA ILE H 28 -31.40 42.52 41.69
C ILE H 28 -32.84 42.55 41.20
N LEU H 29 -33.80 42.55 42.12
CA LEU H 29 -35.21 42.67 41.73
C LEU H 29 -36.05 43.37 42.78
N VAL H 30 -36.99 44.21 42.35
CA VAL H 30 -37.89 44.90 43.29
C VAL H 30 -39.33 44.78 42.84
N GLU H 31 -40.23 44.49 43.76
CA GLU H 31 -41.62 44.27 43.37
C GLU H 31 -42.52 45.16 44.20
N GLY H 32 -43.31 46.00 43.54
CA GLY H 32 -44.14 46.95 44.24
C GLY H 32 -45.26 47.54 43.41
N GLN H 33 -46.28 48.05 44.08
CA GLN H 33 -47.41 48.67 43.41
C GLN H 33 -47.02 50.04 42.84
N MET H 34 -47.75 50.47 41.82
CA MET H 34 -47.38 51.64 41.04
C MET H 34 -48.57 52.57 40.90
N THR H 35 -48.26 53.82 40.56
CA THR H 35 -49.27 54.81 40.18
C THR H 35 -49.17 55.05 38.67
N ASP H 36 -50.32 55.24 38.04
CA ASP H 36 -50.43 55.30 36.58
C ASP H 36 -49.45 56.27 35.93
N ASP H 37 -49.18 57.40 36.59
CA ASP H 37 -48.32 58.44 36.05
C ASP H 37 -46.96 57.92 35.59
N GLY H 38 -46.41 56.93 36.30
CA GLY H 38 -45.17 56.30 35.90
C GLY H 38 -45.35 55.27 34.80
N SER H 39 -45.75 55.74 33.62
CA SER H 39 -46.09 54.90 32.48
C SER H 39 -45.06 53.81 32.20
N ALA H 40 -45.50 52.56 32.25
CA ALA H 40 -44.67 51.40 31.91
C ALA H 40 -45.54 50.15 31.84
N THR H 41 -45.21 49.25 30.92
CA THR H 41 -45.95 48.00 30.76
C THR H 41 -46.01 47.26 32.09
N PRO H 42 -47.19 47.11 32.69
CA PRO H 42 -47.28 46.45 34.00
C PRO H 42 -46.97 44.97 33.91
N ASP H 43 -46.67 44.40 35.08
CA ASP H 43 -46.43 42.96 35.23
C ASP H 43 -45.37 42.47 34.24
N ALA H 44 -44.31 43.26 34.09
CA ALA H 44 -43.28 42.95 33.09
C ALA H 44 -41.96 43.52 33.58
N VAL H 45 -41.01 42.63 33.85
CA VAL H 45 -39.65 42.99 34.29
C VAL H 45 -39.01 43.92 33.28
N THR H 46 -38.25 44.90 33.78
CA THR H 46 -37.62 45.91 32.92
C THR H 46 -36.27 46.27 33.51
N CYS H 47 -35.29 46.54 32.64
CA CYS H 47 -34.03 47.12 33.09
C CYS H 47 -34.26 48.55 33.56
N VAL H 48 -33.78 48.85 34.77
CA VAL H 48 -34.23 50.06 35.47
C VAL H 48 -33.08 50.93 35.97
N THR H 49 -31.96 50.94 35.25
CA THR H 49 -30.83 51.74 35.67
C THR H 49 -31.13 53.24 35.53
N SER H 50 -30.14 54.06 35.86
CA SER H 50 -30.23 55.52 35.72
C SER H 50 -31.37 56.11 36.53
N GLU H 51 -31.26 56.06 37.86
CA GLU H 51 -32.30 56.50 38.79
C GLU H 51 -33.00 57.80 38.40
N LEU H 52 -32.27 58.76 37.85
CA LEU H 52 -32.81 60.07 37.53
C LEU H 52 -34.22 60.03 36.93
N ASP H 53 -34.42 59.21 35.90
CA ASP H 53 -35.69 59.21 35.16
C ASP H 53 -36.72 58.22 35.68
N ILE H 54 -36.65 57.84 36.96
CA ILE H 54 -37.56 56.84 37.51
C ILE H 54 -39.00 57.35 37.51
N ILE H 55 -39.17 58.65 37.78
CA ILE H 55 -40.47 59.25 38.08
C ILE H 55 -41.54 58.79 37.12
N GLU H 56 -41.31 58.99 35.82
CA GLU H 56 -42.23 58.48 34.80
C GLU H 56 -41.82 57.11 34.26
N ARG H 57 -41.49 56.16 35.15
CA ARG H 57 -41.19 54.81 34.69
C ARG H 57 -41.87 53.75 35.55
N PHE H 58 -42.25 54.07 36.79
CA PHE H 58 -43.14 53.18 37.52
C PHE H 58 -44.26 53.96 38.20
N GLY H 59 -43.90 55.08 38.80
CA GLY H 59 -44.87 55.97 39.39
C GLY H 59 -44.20 57.16 40.04
N GLN H 60 -44.69 58.37 39.75
CA GLN H 60 -44.25 59.53 40.52
C GLN H 60 -44.79 59.43 41.94
N GLY H 61 -43.88 59.46 42.91
CA GLY H 61 -44.27 59.36 44.30
C GLY H 61 -45.14 58.16 44.63
N SER H 62 -44.58 56.96 44.54
CA SER H 62 -45.30 55.75 44.87
C SER H 62 -44.40 54.86 45.71
N VAL H 63 -45.00 53.81 46.26
CA VAL H 63 -44.26 52.89 47.14
C VAL H 63 -43.07 52.30 46.40
N LEU H 64 -43.28 51.86 45.17
CA LEU H 64 -42.19 51.31 44.37
C LEU H 64 -41.09 52.34 44.21
N THR H 65 -41.46 53.51 43.69
CA THR H 65 -40.55 54.65 43.51
C THR H 65 -39.65 54.87 44.72
N GLU H 66 -40.24 54.97 45.92
CA GLU H 66 -39.44 55.19 47.11
C GLU H 66 -38.52 54.01 47.42
N SER H 67 -39.05 52.79 47.31
CA SER H 67 -38.22 51.61 47.51
C SER H 67 -37.00 51.62 46.62
N LEU H 68 -37.20 51.83 45.32
CA LEU H 68 -36.09 51.81 44.37
C LEU H 68 -35.20 53.02 44.55
N ARG H 69 -35.75 54.16 44.98
CA ARG H 69 -34.92 55.28 45.38
C ARG H 69 -33.92 54.86 46.45
N LYS H 70 -34.42 54.23 47.50
CA LYS H 70 -33.55 53.77 48.58
C LYS H 70 -32.56 52.72 48.06
N VAL H 71 -33.01 51.87 47.13
CA VAL H 71 -32.12 50.86 46.55
C VAL H 71 -30.97 51.51 45.81
N PHE H 72 -31.23 52.62 45.11
CA PHE H 72 -30.17 53.39 44.48
C PHE H 72 -29.44 54.27 45.49
N CYS H 73 -30.02 54.42 46.68
CA CYS H 73 -29.47 55.30 47.69
C CYS H 73 -28.44 54.59 48.57
N THR H 74 -28.29 53.27 48.42
CA THR H 74 -27.50 52.55 49.42
C THR H 74 -26.17 52.06 48.86
N CYS H 75 -26.19 51.20 47.84
CA CYS H 75 -24.92 50.77 47.26
C CYS H 75 -24.68 51.52 45.95
N LYS H 76 -23.50 52.12 45.80
CA LYS H 76 -23.25 52.99 44.66
C LYS H 76 -23.03 52.21 43.38
N SER H 77 -22.29 51.11 43.44
CA SER H 77 -21.95 50.38 42.21
C SER H 77 -21.71 48.91 42.54
N GLY H 78 -22.21 48.03 41.68
CA GLY H 78 -22.08 46.60 41.87
C GLY H 78 -23.34 45.87 41.50
N VAL H 79 -24.44 46.59 41.40
CA VAL H 79 -25.75 45.98 41.18
C VAL H 79 -26.20 46.23 39.74
N SER H 80 -27.11 45.38 39.28
CA SER H 80 -27.86 45.57 38.06
C SER H 80 -29.33 45.49 38.46
N VAL H 81 -29.89 46.63 38.88
CA VAL H 81 -31.21 46.62 39.48
C VAL H 81 -32.25 46.22 38.44
N TYR H 82 -33.23 45.43 38.88
CA TYR H 82 -34.37 45.03 38.07
C TYR H 82 -35.63 45.30 38.86
N ALA H 83 -36.68 45.74 38.18
CA ALA H 83 -37.93 46.08 38.84
C ALA H 83 -39.10 45.43 38.12
N LEU H 84 -39.99 44.81 38.89
CA LEU H 84 -41.21 44.20 38.38
C LEU H 84 -42.41 45.02 38.86
N PRO H 85 -42.91 45.95 38.05
CA PRO H 85 -44.02 46.80 38.49
C PRO H 85 -45.32 46.02 38.61
N ARG H 86 -46.10 46.36 39.63
CA ARG H 86 -47.42 45.78 39.82
C ARG H 86 -48.46 46.88 39.85
N GLU H 87 -49.56 46.68 39.13
CA GLU H 87 -50.64 47.67 39.16
C GLU H 87 -51.39 47.60 40.48
N ASP H 88 -52.20 48.64 40.71
CA ASP H 88 -53.07 48.69 41.88
C ASP H 88 -54.36 47.94 41.57
N ALA H 89 -55.35 48.06 42.46
CA ALA H 89 -56.63 47.40 42.25
C ALA H 89 -57.76 48.17 42.93
N SER H 201 -58.00 48.57 51.65
CA SER H 201 -57.84 47.17 52.02
C SER H 201 -58.10 46.25 50.84
N VAL H 202 -57.33 46.44 49.77
CA VAL H 202 -57.46 45.58 48.60
C VAL H 202 -56.14 44.86 48.37
N ASN H 203 -55.02 45.52 48.73
CA ASN H 203 -53.67 44.98 48.66
C ASN H 203 -53.46 44.12 47.41
N PRO H 204 -53.38 44.75 46.22
CA PRO H 204 -53.28 43.98 44.96
C PRO H 204 -52.43 42.73 45.05
N THR H 205 -53.00 41.60 44.63
CA THR H 205 -52.33 40.30 44.71
C THR H 205 -52.02 39.81 43.30
N PRO H 206 -50.87 40.18 42.73
CA PRO H 206 -50.51 39.67 41.41
C PRO H 206 -49.86 38.31 41.49
N ASN H 207 -50.52 37.40 42.22
CA ASN H 207 -50.07 36.04 42.44
C ASN H 207 -49.84 35.28 41.13
N ASP H 208 -49.21 34.11 41.23
CA ASP H 208 -49.01 33.23 40.09
C ASP H 208 -48.22 33.93 39.00
N TYR H 209 -46.96 34.30 39.30
CA TYR H 209 -46.16 35.10 38.40
C TYR H 209 -45.01 34.32 37.76
N ALA H 210 -45.04 33.00 37.80
CA ALA H 210 -44.03 32.18 37.14
C ALA H 210 -43.92 32.53 35.66
N THR H 211 -45.04 32.98 35.07
CA THR H 211 -45.05 33.29 33.64
C THR H 211 -44.45 34.66 33.34
N VAL H 212 -44.77 35.68 34.15
CA VAL H 212 -44.23 37.01 33.89
C VAL H 212 -42.74 37.05 34.18
N VAL H 213 -42.25 36.16 35.05
CA VAL H 213 -40.81 36.01 35.25
C VAL H 213 -40.46 34.53 35.20
N ASN H 214 -39.86 34.12 34.09
CA ASN H 214 -39.37 32.78 33.86
C ASN H 214 -37.99 32.64 34.49
N GLU H 215 -37.23 31.67 33.98
CA GLU H 215 -35.96 31.25 34.56
C GLU H 215 -35.21 32.41 35.20
N CYS H 216 -34.86 33.43 34.40
CA CYS H 216 -34.56 34.78 34.88
C CYS H 216 -34.10 34.87 36.34
N CYS H 217 -33.06 34.12 36.70
CA CYS H 217 -32.64 34.12 38.10
C CYS H 217 -32.03 35.43 38.56
N PHE H 218 -32.69 36.02 39.55
CA PHE H 218 -32.25 37.24 40.21
C PHE H 218 -31.75 36.83 41.59
N ALA H 219 -30.60 37.37 42.00
CA ALA H 219 -30.01 36.94 43.25
C ALA H 219 -30.88 37.34 44.43
N VAL H 220 -31.22 38.60 44.50
CA VAL H 220 -31.96 39.16 45.62
C VAL H 220 -33.33 39.62 45.17
N TYR H 221 -34.32 39.41 46.03
CA TYR H 221 -35.67 39.89 45.82
C TYR H 221 -36.08 40.78 47.00
N VAL H 222 -36.88 41.81 46.71
CA VAL H 222 -37.42 42.68 47.74
C VAL H 222 -38.85 43.04 47.36
N LEU H 223 -39.80 42.63 48.20
CA LEU H 223 -41.23 42.84 47.98
C LEU H 223 -41.73 43.84 49.01
N SER H 224 -42.05 45.05 48.55
CA SER H 224 -42.50 46.12 49.43
C SER H 224 -44.03 46.05 49.61
N SER H 225 -44.46 45.01 50.31
CA SER H 225 -45.88 44.81 50.56
C SER H 225 -46.11 43.85 51.73
N ASP H 226 -46.83 44.30 52.75
CA ASP H 226 -47.08 43.49 53.93
C ASP H 226 -48.16 42.42 53.71
N ASP H 227 -48.68 42.25 52.50
CA ASP H 227 -49.72 41.25 52.27
C ASP H 227 -49.15 39.85 52.46
N THR H 228 -49.59 39.17 53.51
CA THR H 228 -49.09 37.83 53.84
C THR H 228 -49.15 36.89 52.63
N ASP H 229 -50.25 36.94 51.88
CA ASP H 229 -50.41 36.12 50.69
C ASP H 229 -49.32 36.39 49.66
N TRP H 230 -49.07 37.67 49.39
CA TRP H 230 -48.05 38.03 48.40
C TRP H 230 -46.66 37.54 48.83
N GLN H 231 -46.34 37.72 50.10
CA GLN H 231 -45.08 37.24 50.66
C GLN H 231 -44.99 35.74 50.49
N GLU H 232 -46.08 35.03 50.82
CA GLU H 232 -46.11 33.57 50.73
C GLU H 232 -45.91 33.12 49.29
N ASN H 233 -46.47 33.85 48.33
CA ASN H 233 -46.32 33.49 46.93
C ASN H 233 -44.89 33.71 46.45
N LEU H 234 -44.30 34.84 46.85
CA LEU H 234 -42.89 35.07 46.58
C LEU H 234 -42.04 33.93 47.15
N ARG H 235 -42.36 33.52 48.38
CA ARG H 235 -41.73 32.37 49.02
C ARG H 235 -41.82 31.13 48.15
N ASP H 236 -43.03 30.83 47.67
CA ASP H 236 -43.25 29.65 46.86
C ASP H 236 -42.43 29.69 45.58
N TRP H 237 -42.38 30.85 44.91
CA TRP H 237 -41.60 30.94 43.69
C TRP H 237 -40.11 30.76 43.97
N ILE H 238 -39.63 31.31 45.08
CA ILE H 238 -38.23 31.09 45.44
C ILE H 238 -37.97 29.62 45.70
N ARG H 239 -38.87 28.96 46.42
CA ARG H 239 -38.75 27.53 46.68
C ARG H 239 -38.70 26.75 45.38
N SER H 240 -39.48 27.18 44.38
CA SER H 240 -39.38 26.59 43.05
C SER H 240 -37.99 26.83 42.47
N ALA H 241 -37.44 28.02 42.66
CA ALA H 241 -36.09 28.33 42.22
C ALA H 241 -35.05 27.60 43.05
N TRP H 242 -35.50 26.87 44.08
CA TRP H 242 -34.62 26.05 44.91
C TRP H 242 -35.06 24.58 44.92
N ASP H 243 -35.90 24.18 43.98
CA ASP H 243 -36.46 22.84 43.97
C ASP H 243 -35.58 21.89 43.15
N CYS H 244 -35.60 20.61 43.52
CA CYS H 244 -34.78 19.62 42.84
C CYS H 244 -35.09 19.59 41.34
N SER H 245 -36.33 19.24 40.99
CA SER H 245 -36.74 19.25 39.59
C SER H 245 -36.65 20.66 39.00
N LYS H 246 -36.78 20.76 37.68
CA LYS H 246 -36.72 22.05 36.98
C LYS H 246 -35.43 22.77 37.31
N PRO H 247 -34.32 22.39 36.67
CA PRO H 247 -33.00 22.96 37.01
C PRO H 247 -33.06 24.44 37.31
N GLN H 248 -32.29 24.86 38.30
CA GLN H 248 -32.50 26.11 39.01
C GLN H 248 -31.35 27.05 38.77
N CYS H 249 -31.51 28.28 39.26
CA CYS H 249 -30.38 29.15 39.59
C CYS H 249 -30.78 29.98 40.82
N PHE H 250 -30.16 29.63 41.94
CA PHE H 250 -30.54 29.97 43.31
C PHE H 250 -30.73 31.47 43.54
N GLY H 251 -31.67 31.80 44.42
CA GLY H 251 -31.89 33.18 44.81
C GLY H 251 -32.40 33.28 46.24
N HIS H 252 -32.40 34.52 46.74
CA HIS H 252 -32.84 34.85 48.09
C HIS H 252 -33.74 36.07 48.06
N GLY H 253 -34.72 36.12 48.97
CA GLY H 253 -35.66 37.22 49.04
C GLY H 253 -35.64 37.91 50.41
N TYR H 254 -36.21 39.12 50.41
CA TYR H 254 -36.26 39.94 51.63
C TYR H 254 -37.59 40.66 51.67
N VAL H 255 -38.35 40.45 52.74
CA VAL H 255 -39.66 41.08 52.90
C VAL H 255 -39.74 41.65 54.31
N PHE H 256 -40.70 42.54 54.52
CA PHE H 256 -40.94 43.13 55.82
C PHE H 256 -42.28 42.66 56.37
N ASN H 257 -42.47 42.86 57.67
CA ASN H 257 -43.68 42.39 58.35
C ASN H 257 -43.87 43.21 59.62
N LYS H 258 -44.91 44.04 59.65
CA LYS H 258 -45.13 44.95 60.76
C LYS H 258 -46.04 44.29 61.80
N GLY H 259 -46.45 45.04 62.82
CA GLY H 259 -47.34 44.53 63.84
C GLY H 259 -46.66 44.38 65.19
N THR H 260 -47.42 43.83 66.13
CA THR H 260 -46.94 43.60 67.47
C THR H 260 -46.17 42.28 67.55
N LEU H 261 -45.63 42.02 68.74
CA LEU H 261 -44.86 40.80 68.98
C LEU H 261 -45.68 39.55 68.66
N GLY H 262 -46.82 39.40 69.32
CA GLY H 262 -47.69 38.26 69.08
C GLY H 262 -48.02 38.07 67.61
N GLN H 263 -48.36 39.16 66.94
CA GLN H 263 -48.69 39.13 65.52
C GLN H 263 -47.49 38.68 64.69
N VAL H 264 -46.35 39.33 64.88
CA VAL H 264 -45.12 39.02 64.16
C VAL H 264 -44.80 37.54 64.31
N LEU H 265 -44.84 37.03 65.54
CA LEU H 265 -44.62 35.61 65.78
C LEU H 265 -45.61 34.76 65.00
N ALA H 266 -46.91 35.00 65.20
CA ALA H 266 -47.94 34.28 64.49
C ALA H 266 -47.76 34.41 62.98
N ASP H 267 -47.56 35.63 62.49
CA ASP H 267 -47.34 35.87 61.07
C ASP H 267 -45.91 35.51 60.70
N GLY H 268 -45.65 34.21 60.72
CA GLY H 268 -44.35 33.70 60.35
C GLY H 268 -44.45 32.27 59.85
N ASP H 269 -43.29 31.71 59.50
CA ASP H 269 -43.23 30.35 58.99
C ASP H 269 -41.83 29.78 59.12
N ASN H 270 -41.59 28.65 58.47
CA ASN H 270 -40.29 27.99 58.46
C ASN H 270 -39.47 28.31 57.23
N SER H 271 -40.02 29.04 56.27
CA SER H 271 -39.38 29.32 54.99
C SER H 271 -37.97 29.85 55.16
N ALA H 272 -36.98 29.11 54.64
CA ALA H 272 -35.58 29.42 54.83
C ALA H 272 -35.02 30.31 53.72
N GLU H 273 -35.88 30.88 52.91
CA GLU H 273 -35.49 31.66 51.75
C GLU H 273 -35.81 33.14 51.91
N LEU H 274 -36.47 33.52 53.00
CA LEU H 274 -36.82 34.91 53.23
C LEU H 274 -36.14 35.45 54.47
N SER H 275 -36.25 36.76 54.69
CA SER H 275 -35.68 37.40 55.86
C SER H 275 -36.70 38.40 56.42
N ARG H 276 -37.94 37.93 56.63
CA ARG H 276 -39.09 38.77 56.93
C ARG H 276 -38.76 39.82 57.98
N LEU H 277 -38.74 41.09 57.58
CA LEU H 277 -38.31 42.16 58.46
C LEU H 277 -39.43 42.57 59.40
N ALA H 278 -39.21 42.38 60.70
CA ALA H 278 -40.18 42.72 61.72
C ALA H 278 -39.98 44.16 62.18
N LEU H 279 -41.09 44.83 62.49
CA LEU H 279 -41.05 46.23 62.85
C LEU H 279 -42.13 46.58 63.85
N PRO H 280 -41.88 47.47 64.80
CA PRO H 280 -42.88 47.80 65.81
C PRO H 280 -44.01 48.64 65.25
N THR H 281 -45.13 48.66 65.97
CA THR H 281 -46.19 49.61 65.69
C THR H 281 -45.87 50.94 66.37
N THR H 282 -44.62 51.36 66.20
CA THR H 282 -44.15 52.67 66.63
C THR H 282 -43.14 53.20 65.62
N TYR H 283 -42.65 52.31 64.77
CA TYR H 283 -41.50 52.57 63.91
C TYR H 283 -41.73 53.82 63.08
N PRO H 284 -40.91 54.85 63.28
CA PRO H 284 -41.13 56.13 62.57
C PRO H 284 -41.12 56.02 61.06
N VAL H 285 -40.02 55.52 60.50
CA VAL H 285 -39.88 55.42 59.05
C VAL H 285 -40.91 54.46 58.49
N LEU H 286 -41.42 54.75 57.30
CA LEU H 286 -42.32 53.85 56.61
C LEU H 286 -41.61 52.52 56.36
N PRO H 287 -42.19 51.39 56.74
CA PRO H 287 -41.45 50.11 56.77
C PRO H 287 -40.69 49.77 55.50
N TYR H 288 -41.39 49.67 54.37
CA TYR H 288 -40.82 49.09 53.16
C TYR H 288 -39.44 49.66 52.82
N LEU H 289 -39.30 50.98 52.96
CA LEU H 289 -38.01 51.64 52.72
C LEU H 289 -36.87 50.84 53.32
N THR H 290 -36.88 50.68 54.65
CA THR H 290 -35.84 49.93 55.36
C THR H 290 -35.58 48.61 54.67
N ASN H 291 -36.64 47.81 54.47
CA ASN H 291 -36.49 46.52 53.81
C ASN H 291 -35.69 46.65 52.53
N ALA H 292 -36.16 47.53 51.64
CA ALA H 292 -35.44 47.77 50.40
C ALA H 292 -33.97 48.04 50.65
N ALA H 293 -33.68 49.02 51.52
CA ALA H 293 -32.30 49.35 51.86
C ALA H 293 -31.52 48.10 52.24
N TYR H 294 -32.07 47.30 53.14
CA TYR H 294 -31.44 46.05 53.57
C TYR H 294 -31.10 45.22 52.35
N GLY H 295 -32.13 44.91 51.53
CA GLY H 295 -31.87 44.23 50.28
C GLY H 295 -30.81 44.96 49.50
N ALA H 296 -31.05 46.26 49.28
CA ALA H 296 -30.10 47.11 48.57
C ALA H 296 -28.68 46.93 49.11
N LEU H 297 -28.56 46.86 50.42
CA LEU H 297 -27.27 46.54 51.01
C LEU H 297 -26.86 45.14 50.59
N SER H 298 -27.58 44.14 51.11
CA SER H 298 -27.14 42.74 51.13
C SER H 298 -26.57 42.33 49.79
N ALA H 299 -27.42 42.36 48.77
CA ALA H 299 -27.06 42.00 47.40
C ALA H 299 -25.70 42.53 47.06
N CYS H 300 -25.61 43.86 46.97
CA CYS H 300 -24.38 44.49 46.54
C CYS H 300 -23.22 43.90 47.33
N SER H 301 -23.26 44.13 48.65
CA SER H 301 -22.20 43.63 49.54
C SER H 301 -21.78 42.23 49.17
N THR H 302 -22.65 41.49 48.48
CA THR H 302 -22.23 40.18 48.02
C THR H 302 -22.20 39.89 46.49
N CYS H 303 -21.47 40.65 45.66
CA CYS H 303 -21.33 40.26 44.24
C CYS H 303 -20.49 39.07 44.40
N ASN H 304 -19.48 39.19 45.26
CA ASN H 304 -18.62 38.08 45.55
C ASN H 304 -18.69 37.86 47.03
N ASN H 305 -17.59 37.43 47.61
CA ASN H 305 -17.53 37.25 49.06
C ASN H 305 -18.84 36.82 49.70
N PRO H 306 -19.47 35.78 49.17
CA PRO H 306 -20.67 35.30 49.87
C PRO H 306 -20.44 35.02 51.33
N GLU H 307 -19.19 34.91 51.78
CA GLU H 307 -18.90 34.56 53.16
C GLU H 307 -19.37 35.66 54.12
N LEU H 308 -19.34 36.92 53.66
CA LEU H 308 -19.66 38.05 54.52
C LEU H 308 -21.07 37.90 55.09
N ASN H 309 -21.23 38.34 56.33
CA ASN H 309 -22.52 38.35 57.02
C ASN H 309 -22.81 39.78 57.49
N ILE H 310 -24.03 40.23 57.27
CA ILE H 310 -24.39 41.65 57.43
C ILE H 310 -24.82 41.95 58.86
N GLN H 311 -23.87 42.25 59.75
CA GLN H 311 -24.25 42.56 61.12
C GLN H 311 -23.33 43.60 61.76
N GLY H 312 -23.49 43.82 63.06
CA GLY H 312 -22.75 44.86 63.73
C GLY H 312 -23.11 46.24 63.23
N GLN H 313 -22.12 47.13 63.19
CA GLN H 313 -22.33 48.49 62.74
C GLN H 313 -21.61 48.67 61.41
N THR H 314 -20.32 48.40 61.33
CA THR H 314 -19.55 48.58 60.10
C THR H 314 -20.10 47.78 58.92
N PHE H 315 -20.36 46.48 59.12
CA PHE H 315 -20.92 45.65 58.05
C PHE H 315 -22.44 45.52 58.20
N GLY H 316 -23.15 46.60 57.92
CA GLY H 316 -24.60 46.48 57.97
C GLY H 316 -25.42 47.71 58.31
N LEU H 317 -24.81 48.74 58.91
CA LEU H 317 -25.54 49.97 59.16
C LEU H 317 -26.10 50.54 57.87
N LEU H 318 -27.41 50.69 57.79
CA LEU H 318 -28.05 51.31 56.64
C LEU H 318 -27.67 52.78 56.54
N SER H 319 -27.19 53.20 55.38
CA SER H 319 -26.71 54.57 55.22
C SER H 319 -27.86 55.56 55.30
N CYS H 320 -28.71 55.59 54.27
CA CYS H 320 -29.87 56.47 54.34
C CYS H 320 -31.06 55.80 55.01
N ILE H 321 -31.16 55.98 56.33
CA ILE H 321 -32.36 55.64 57.08
C ILE H 321 -32.79 56.91 57.81
N ASN H 322 -31.87 57.52 58.56
CA ASN H 322 -32.09 58.79 59.24
C ASN H 322 -33.40 58.81 60.00
N MET H 323 -33.64 57.79 60.79
CA MET H 323 -34.78 57.75 61.70
C MET H 323 -34.52 58.67 62.88
N PRO H 324 -35.55 59.34 63.41
CA PRO H 324 -35.35 60.16 64.61
C PRO H 324 -34.85 59.34 65.78
N GLU H 325 -34.34 60.00 66.81
CA GLU H 325 -33.70 59.33 67.93
C GLU H 325 -34.38 59.72 69.23
N SER H 326 -34.47 58.75 70.14
CA SER H 326 -35.05 58.95 71.46
C SER H 326 -34.75 57.71 72.29
N CYS H 327 -35.14 57.75 73.56
CA CYS H 327 -35.08 56.58 74.42
C CYS H 327 -36.31 55.73 74.13
N THR H 328 -36.52 54.68 74.95
CA THR H 328 -37.55 53.65 74.79
C THR H 328 -37.84 53.37 73.31
N PRO H 329 -36.87 52.78 72.59
CA PRO H 329 -37.09 52.46 71.18
C PRO H 329 -38.04 51.28 71.02
N GLY H 330 -38.09 50.70 69.83
CA GLY H 330 -38.86 49.50 69.62
C GLY H 330 -38.56 48.45 70.68
N TRP H 331 -39.41 47.42 70.71
CA TRP H 331 -39.55 46.51 71.85
C TRP H 331 -38.24 46.26 72.58
N THR H 332 -38.33 46.33 73.91
CA THR H 332 -37.20 46.13 74.81
C THR H 332 -36.45 44.84 74.47
N PHE H 333 -35.15 44.83 74.78
CA PHE H 333 -34.25 43.71 74.50
C PHE H 333 -34.89 42.35 74.82
N GLY H 334 -35.70 42.30 75.87
CA GLY H 334 -36.46 41.10 76.19
C GLY H 334 -37.26 40.58 75.01
N GLU H 335 -37.94 41.47 74.31
CA GLU H 335 -38.73 41.06 73.14
C GLU H 335 -37.84 40.81 71.92
N VAL H 336 -36.71 41.52 71.85
CA VAL H 336 -35.70 41.25 70.84
C VAL H 336 -35.30 39.79 70.94
N THR H 337 -35.21 39.29 72.16
CA THR H 337 -34.88 37.88 72.39
C THR H 337 -35.91 36.96 71.74
N GLN H 338 -37.20 37.17 72.05
CA GLN H 338 -38.26 36.38 71.45
C GLN H 338 -38.21 36.44 69.93
N LEU H 339 -37.83 37.60 69.37
CA LEU H 339 -37.61 37.68 67.94
C LEU H 339 -36.50 36.75 67.49
N GLN H 340 -35.32 36.88 68.11
CA GLN H 340 -34.19 36.02 67.77
C GLN H 340 -34.57 34.55 67.85
N ALA H 341 -35.55 34.24 68.70
CA ALA H 341 -36.17 32.92 68.68
C ALA H 341 -36.96 32.72 67.39
N ASN H 342 -37.95 33.59 67.14
CA ASN H 342 -38.89 33.44 66.03
C ASN H 342 -39.09 34.78 65.35
N GLY H 343 -38.92 34.81 64.03
CA GLY H 343 -39.07 36.05 63.28
C GLY H 343 -37.97 37.04 63.58
N PHE H 344 -36.75 36.71 63.19
CA PHE H 344 -35.54 37.39 63.66
C PHE H 344 -34.78 38.08 62.55
N VAL H 345 -34.86 39.40 62.55
CA VAL H 345 -34.17 40.26 61.60
C VAL H 345 -33.53 41.46 62.29
N VAL H 346 -33.72 41.54 63.62
CA VAL H 346 -33.75 42.78 64.39
C VAL H 346 -32.74 43.83 63.92
N SER H 347 -33.23 45.05 63.72
CA SER H 347 -32.43 46.15 63.19
C SER H 347 -31.61 46.85 64.27
N ILE H 363 -28.57 47.43 61.92
CA ILE H 363 -29.12 46.09 61.92
C ILE H 363 -28.13 45.11 62.53
N TYR H 364 -28.66 44.06 63.15
CA TYR H 364 -27.84 42.99 63.70
C TYR H 364 -28.54 41.69 63.38
N ASN H 365 -27.80 40.58 63.48
CA ASN H 365 -28.43 39.27 63.38
C ASN H 365 -29.11 39.10 62.02
N ASP H 366 -28.33 39.08 60.93
CA ASP H 366 -28.88 39.01 59.57
C ASP H 366 -29.21 37.59 59.17
N VAL H 367 -29.80 36.85 60.10
CA VAL H 367 -30.15 35.46 59.87
C VAL H 367 -31.55 35.36 59.26
N THR H 368 -31.91 34.17 58.78
CA THR H 368 -33.15 33.96 58.04
C THR H 368 -34.01 32.93 58.76
N ASN H 369 -35.27 33.26 58.93
CA ASN H 369 -36.18 32.33 59.57
C ASN H 369 -36.01 31.01 58.89
N TYR H 370 -36.03 29.94 59.66
CA TYR H 370 -35.86 28.63 59.10
C TYR H 370 -36.04 27.61 60.19
N LEU H 371 -35.73 27.99 61.43
CA LEU H 371 -35.85 27.06 62.57
C LEU H 371 -36.96 26.07 62.37
N ARG H 372 -36.73 24.81 62.71
CA ARG H 372 -37.71 23.74 62.47
C ARG H 372 -37.65 23.31 61.03
N ASP H 373 -37.63 22.02 60.73
CA ASP H 373 -37.47 21.60 59.35
C ASP H 373 -37.76 20.11 59.17
N GLU H 374 -38.52 19.77 58.13
CA GLU H 374 -38.91 18.37 57.87
C GLU H 374 -39.60 17.71 59.06
N LYS H 375 -38.83 17.34 60.09
CA LYS H 375 -39.44 16.71 61.25
C LYS H 375 -38.95 17.29 62.57
N ASN H 376 -37.98 18.18 62.53
CA ASN H 376 -37.44 18.73 63.77
C ASN H 376 -36.93 20.16 63.59
N ARG H 377 -36.08 20.63 64.50
CA ARG H 377 -35.58 22.01 64.48
C ARG H 377 -34.07 22.04 64.29
N PRO H 378 -33.59 21.76 63.08
CA PRO H 378 -32.16 21.94 62.82
C PRO H 378 -31.82 23.31 62.28
N ASN H 379 -32.10 24.36 63.06
CA ASN H 379 -31.92 25.74 62.62
C ASN H 379 -30.53 25.96 62.02
N ALA H 380 -29.50 25.47 62.72
CA ALA H 380 -28.11 25.65 62.37
C ALA H 380 -27.82 25.57 60.87
N THR H 381 -28.35 24.55 60.20
CA THR H 381 -28.12 24.34 58.77
C THR H 381 -28.36 25.59 57.96
N PHE H 382 -29.49 26.26 58.18
CA PHE H 382 -29.83 27.48 57.46
C PHE H 382 -30.10 28.60 58.44
N ARG H 383 -29.21 28.76 59.41
CA ARG H 383 -29.36 29.80 60.41
C ARG H 383 -28.94 31.14 59.81
N ASP H 384 -27.67 31.26 59.44
CA ASP H 384 -27.18 32.51 58.86
C ASP H 384 -27.45 32.54 57.36
N ALA H 385 -27.62 33.75 56.83
CA ALA H 385 -27.74 33.92 55.39
C ALA H 385 -26.43 33.63 54.69
N SER H 386 -25.31 33.88 55.39
CA SER H 386 -24.00 33.47 54.91
C SER H 386 -23.99 31.99 54.52
N SER H 387 -24.57 31.15 55.38
CA SER H 387 -24.68 29.73 55.08
C SER H 387 -25.42 29.48 53.78
N ARG H 388 -26.51 30.22 53.56
CA ARG H 388 -27.31 30.03 52.35
C ARG H 388 -26.52 30.42 51.11
N ARG H 389 -25.86 31.58 51.15
CA ARG H 389 -25.08 32.02 49.99
C ARG H 389 -23.91 31.08 49.74
N LEU H 390 -23.28 30.56 50.80
CA LEU H 390 -22.21 29.60 50.62
C LEU H 390 -22.71 28.30 50.02
N ALA H 391 -23.90 27.85 50.41
CA ALA H 391 -24.48 26.66 49.81
C ALA H 391 -24.72 26.87 48.32
N ALA H 392 -25.28 28.03 47.96
CA ALA H 392 -25.49 28.33 46.55
C ALA H 392 -24.17 28.37 45.78
N ALA H 393 -23.14 28.98 46.38
CA ALA H 393 -21.85 29.10 45.70
C ALA H 393 -21.21 27.73 45.51
N THR H 394 -21.23 26.89 46.54
CA THR H 394 -20.68 25.54 46.40
C THR H 394 -21.46 24.73 45.38
N GLY H 395 -22.78 24.90 45.34
CA GLY H 395 -23.56 24.20 44.34
C GLY H 395 -23.17 24.58 42.92
N VAL H 396 -23.10 25.89 42.66
CA VAL H 396 -22.76 26.32 41.31
C VAL H 396 -21.31 25.96 40.97
N ALA H 397 -20.42 25.95 41.96
CA ALA H 397 -19.03 25.57 41.71
C ALA H 397 -18.91 24.11 41.35
N LEU H 398 -19.57 23.23 42.13
CA LEU H 398 -19.55 21.82 41.79
C LEU H 398 -20.22 21.55 40.45
N ALA H 399 -21.27 22.31 40.13
CA ALA H 399 -21.91 22.13 38.83
C ALA H 399 -20.96 22.49 37.70
N GLU H 400 -20.31 23.65 37.77
CA GLU H 400 -19.39 24.05 36.72
C GLU H 400 -18.08 23.28 36.76
N PHE H 401 -17.86 22.46 37.80
CA PHE H 401 -16.68 21.61 37.87
C PHE H 401 -16.93 20.24 37.27
N LEU H 402 -17.99 19.56 37.71
CA LEU H 402 -18.27 18.19 37.30
C LEU H 402 -18.41 18.02 35.79
N GLN H 403 -18.67 19.12 35.07
CA GLN H 403 -18.92 19.02 33.64
C GLN H 403 -17.73 18.54 32.84
N GLN H 404 -16.57 18.36 33.47
CA GLN H 404 -15.45 17.70 32.81
C GLN H 404 -15.56 16.18 32.86
N PHE H 405 -16.74 15.65 33.17
CA PHE H 405 -17.03 14.22 33.13
C PHE H 405 -17.99 13.84 32.01
N ASN H 406 -18.33 14.77 31.12
CA ASN H 406 -19.24 14.48 30.03
C ASN H 406 -18.61 13.53 29.03
N GLY H 407 -19.35 12.50 28.65
CA GLY H 407 -18.79 11.48 27.80
C GLY H 407 -17.74 10.69 28.56
N LEU H 408 -16.48 10.84 28.16
CA LEU H 408 -15.33 10.35 28.90
C LEU H 408 -15.22 8.83 28.90
N ALA H 409 -16.21 8.14 28.36
CA ALA H 409 -16.12 6.69 28.16
C ALA H 409 -15.87 5.95 29.47
N VAL H 410 -16.84 5.94 30.37
CA VAL H 410 -16.64 5.42 31.73
C VAL H 410 -16.87 3.91 31.79
N PHE H 411 -15.78 3.14 31.81
CA PHE H 411 -15.83 1.70 32.03
C PHE H 411 -16.33 1.40 33.44
N THR H 412 -17.35 0.54 33.55
CA THR H 412 -17.99 0.31 34.84
C THR H 412 -18.09 -1.15 35.25
N LYS H 413 -17.79 -2.11 34.37
CA LYS H 413 -17.93 -3.53 34.68
C LYS H 413 -16.57 -4.21 34.73
N ASN H 414 -15.82 -4.19 33.64
CA ASN H 414 -14.44 -4.68 33.63
C ASN H 414 -13.43 -3.56 33.76
N THR H 415 -13.49 -2.77 34.84
CA THR H 415 -12.62 -1.62 34.91
C THR H 415 -11.16 -2.07 34.85
N ASN H 416 -10.57 -1.98 33.67
CA ASN H 416 -9.17 -2.27 33.44
C ASN H 416 -8.65 -1.37 32.34
N ILE H 417 -8.97 -0.07 32.40
CA ILE H 417 -8.82 0.86 31.28
C ILE H 417 -7.52 0.60 30.53
N ARG H 418 -7.64 0.38 29.22
CA ARG H 418 -6.50 -0.08 28.43
C ARG H 418 -5.54 1.08 28.15
N THR H 419 -4.57 0.86 27.27
CA THR H 419 -3.46 1.78 27.10
C THR H 419 -3.71 2.64 25.87
N GLY H 420 -4.24 3.84 26.09
CA GLY H 420 -4.37 4.81 25.02
C GLY H 420 -5.77 5.36 24.88
N ILE H 421 -6.67 5.03 25.80
CA ILE H 421 -8.07 5.42 25.71
C ILE H 421 -8.41 6.29 26.92
N ILE H 422 -8.79 7.53 26.65
CA ILE H 422 -9.23 8.45 27.69
C ILE H 422 -10.47 7.86 28.36
N GLY H 423 -10.37 7.56 29.66
CA GLY H 423 -11.47 6.94 30.34
C GLY H 423 -11.30 7.05 31.85
N THR H 424 -12.34 6.60 32.56
CA THR H 424 -12.37 6.69 34.01
C THR H 424 -13.37 5.66 34.53
N ASN H 425 -13.12 5.17 35.75
CA ASN H 425 -14.05 4.26 36.38
C ASN H 425 -14.64 4.89 37.63
N PRO H 426 -15.77 4.37 38.15
CA PRO H 426 -16.40 4.96 39.34
C PRO H 426 -15.43 5.29 40.47
N ARG H 427 -14.49 4.40 40.76
CA ARG H 427 -13.55 4.62 41.85
C ARG H 427 -12.71 5.87 41.61
N LEU H 428 -12.14 6.00 40.41
CA LEU H 428 -11.35 7.18 40.08
C LEU H 428 -12.18 8.46 40.16
N MET H 429 -13.43 8.40 39.69
CA MET H 429 -14.32 9.54 39.81
C MET H 429 -14.51 9.95 41.27
N LEU H 430 -14.79 8.97 42.12
CA LEU H 430 -14.95 9.25 43.55
C LEU H 430 -13.69 9.86 44.13
N GLY H 431 -12.53 9.33 43.75
CA GLY H 431 -11.26 9.87 44.18
C GLY H 431 -11.08 11.32 43.80
N LYS H 432 -11.35 11.64 42.53
CA LYS H 432 -11.27 13.01 42.05
C LYS H 432 -12.20 13.94 42.82
N ILE H 433 -13.45 13.55 42.99
CA ILE H 433 -14.42 14.36 43.72
C ILE H 433 -13.95 14.58 45.14
N ARG H 434 -13.41 13.54 45.77
CA ARG H 434 -12.88 13.64 47.13
C ARG H 434 -11.75 14.65 47.17
N LYS H 435 -10.82 14.56 46.21
CA LYS H 435 -9.73 15.52 46.07
C LYS H 435 -10.25 16.95 46.00
N TRP H 436 -11.21 17.19 45.12
CA TRP H 436 -11.81 18.52 44.98
C TRP H 436 -12.30 19.04 46.32
N ALA H 437 -13.06 18.22 47.05
CA ALA H 437 -13.55 18.62 48.35
C ALA H 437 -12.41 18.92 49.32
N GLN H 438 -11.43 18.02 49.37
CA GLN H 438 -10.31 18.13 50.30
C GLN H 438 -9.43 19.32 49.93
N ASP H 439 -9.67 19.89 48.76
CA ASP H 439 -8.95 21.08 48.31
C ASP H 439 -9.73 22.34 48.66
N ASN H 440 -11.02 22.39 48.33
CA ASN H 440 -11.84 23.55 48.67
C ASN H 440 -12.09 23.67 50.17
N VAL H 441 -11.63 22.71 50.97
CA VAL H 441 -11.85 22.78 52.41
C VAL H 441 -11.12 24.01 52.95
N GLY H 442 -11.59 24.50 54.09
CA GLY H 442 -11.00 25.65 54.75
C GLY H 442 -11.52 26.96 54.22
N THR H 443 -11.72 27.05 52.90
CA THR H 443 -12.30 28.24 52.29
C THR H 443 -13.78 28.06 51.96
N LEU H 444 -14.21 26.84 51.63
CA LEU H 444 -15.61 26.63 51.28
C LEU H 444 -16.36 25.79 52.31
N PHE H 445 -15.98 24.54 52.59
CA PHE H 445 -16.93 23.84 53.45
C PHE H 445 -16.70 24.10 54.92
N SER H 446 -16.01 23.20 55.64
CA SER H 446 -15.23 23.59 56.81
C SER H 446 -13.99 22.73 57.02
N GLU H 447 -14.25 21.47 57.36
CA GLU H 447 -13.23 20.53 57.82
C GLU H 447 -13.40 19.09 57.37
N PHE H 448 -14.61 18.62 57.06
CA PHE H 448 -14.84 17.26 56.58
C PHE H 448 -14.34 16.18 57.54
N ASP H 449 -15.01 16.02 58.69
CA ASP H 449 -14.54 15.10 59.73
C ASP H 449 -14.36 13.67 59.24
N ASN H 450 -15.44 12.96 58.91
CA ASN H 450 -15.34 11.61 58.40
C ASN H 450 -15.55 11.66 56.88
N ILE H 451 -14.48 11.97 56.17
CA ILE H 451 -14.50 12.13 54.72
C ILE H 451 -15.00 10.85 54.05
N ASN H 452 -14.73 9.71 54.68
CA ASN H 452 -15.12 8.42 54.09
C ASN H 452 -16.62 8.23 54.02
N GLU H 453 -17.41 9.00 54.78
CA GLU H 453 -18.86 8.88 54.72
C GLU H 453 -19.55 10.13 54.19
N ASP H 454 -18.95 11.30 54.37
CA ASP H 454 -19.59 12.52 53.90
C ASP H 454 -19.76 12.53 52.39
N ILE H 455 -18.82 11.95 51.65
CA ILE H 455 -18.83 11.96 50.20
C ILE H 455 -19.04 10.52 49.74
N GLN H 456 -20.18 10.24 49.11
CA GLN H 456 -20.42 8.91 48.57
C GLN H 456 -20.90 9.01 47.12
N LEU H 457 -20.35 8.14 46.28
CA LEU H 457 -20.67 8.07 44.86
C LEU H 457 -21.11 6.66 44.53
N LEU H 458 -22.39 6.49 44.22
CA LEU H 458 -22.97 5.18 43.96
C LEU H 458 -23.46 5.12 42.52
N THR H 459 -23.10 4.06 41.81
CA THR H 459 -23.51 3.91 40.43
C THR H 459 -24.97 3.49 40.34
N ASP H 460 -25.57 3.78 39.19
CA ASP H 460 -27.00 3.53 38.98
C ASP H 460 -27.37 2.06 39.21
N PHE H 461 -26.57 1.15 38.67
CA PHE H 461 -26.85 -0.28 38.82
C PHE H 461 -26.87 -0.68 40.30
N GLU H 462 -25.92 -0.18 41.07
CA GLU H 462 -25.78 -0.56 42.47
C GLU H 462 -26.96 -0.06 43.30
N VAL H 463 -27.74 0.87 42.76
CA VAL H 463 -28.85 1.46 43.50
C VAL H 463 -30.18 1.00 42.93
N GLN H 464 -30.40 1.26 41.64
CA GLN H 464 -31.64 0.88 40.96
C GLN H 464 -31.83 -0.63 41.02
N PRO H 465 -33.07 -1.11 41.17
CA PRO H 465 -33.33 -2.56 41.12
C PRO H 465 -32.72 -3.21 39.89
N LYS H 466 -31.92 -4.25 40.09
CA LYS H 466 -31.02 -4.80 39.09
C LYS H 466 -31.57 -4.87 37.66
N CYS H 467 -32.73 -5.48 37.46
CA CYS H 467 -33.38 -5.54 36.15
C CYS H 467 -33.75 -4.20 35.54
N VAL H 468 -33.81 -3.12 36.33
CA VAL H 468 -33.94 -1.79 35.75
C VAL H 468 -32.61 -1.09 35.98
N GLY H 469 -32.42 0.10 35.43
CA GLY H 469 -31.14 0.78 35.55
C GLY H 469 -30.32 0.71 34.29
N GLN H 470 -29.86 1.88 33.82
CA GLN H 470 -29.18 1.99 32.52
C GLN H 470 -27.84 2.67 32.70
N PRO H 471 -26.81 2.20 32.01
CA PRO H 471 -25.46 2.78 32.15
C PRO H 471 -25.41 4.28 31.87
N GLY H 472 -24.68 5.02 32.69
CA GLY H 472 -24.51 6.45 32.47
C GLY H 472 -24.87 7.28 33.68
N ILE H 473 -25.88 6.86 34.42
CA ILE H 473 -26.38 7.65 35.54
C ILE H 473 -25.60 7.29 36.79
N PHE H 474 -25.39 8.29 37.66
CA PHE H 474 -24.71 8.09 38.94
C PHE H 474 -25.51 8.81 40.02
N HIS H 475 -25.06 8.67 41.26
CA HIS H 475 -25.65 9.40 42.37
C HIS H 475 -24.54 9.80 43.34
N LEU H 476 -24.36 11.10 43.51
CA LEU H 476 -23.38 11.64 44.44
C LEU H 476 -24.10 12.30 45.61
N ASN H 477 -23.51 12.21 46.79
CA ASN H 477 -24.04 12.92 47.94
C ASN H 477 -22.90 13.35 48.86
N MET H 478 -22.93 14.62 49.24
CA MET H 478 -21.92 15.30 50.04
C MET H 478 -22.54 15.78 51.35
N ARG H 479 -21.78 16.52 52.15
CA ARG H 479 -22.28 17.05 53.42
C ARG H 479 -21.58 18.39 53.67
N TYR H 480 -22.28 19.48 53.36
CA TYR H 480 -21.75 20.81 53.61
C TYR H 480 -21.65 21.05 55.12
N ARG H 481 -20.60 21.75 55.53
CA ARG H 481 -20.47 22.27 56.90
C ARG H 481 -19.97 23.70 56.82
N PRO H 482 -20.85 24.68 56.59
CA PRO H 482 -20.41 26.09 56.51
C PRO H 482 -19.45 26.44 57.64
N PRO H 483 -18.43 27.24 57.35
CA PRO H 483 -17.34 27.46 58.32
C PRO H 483 -17.82 28.16 59.57
N VAL H 484 -17.35 27.69 60.73
CA VAL H 484 -17.69 28.32 61.99
C VAL H 484 -17.14 29.73 62.01
N ARG H 485 -17.94 30.66 62.52
CA ARG H 485 -17.59 32.08 62.58
C ARG H 485 -17.51 32.55 64.03
N GLY H 486 -17.31 33.85 64.18
CA GLY H 486 -17.33 34.44 65.51
C GLY H 486 -18.73 34.60 66.05
N ALA H 487 -18.80 34.78 67.37
CA ALA H 487 -20.10 34.93 68.04
C ALA H 487 -19.92 35.63 69.38
N ARG H 488 -20.93 35.52 70.25
CA ARG H 488 -20.88 36.10 71.59
C ARG H 488 -19.64 35.64 72.35
N ILE H 489 -18.92 36.59 72.94
CA ILE H 489 -17.69 36.29 73.67
C ILE H 489 -17.97 35.88 75.10
N ASN H 490 -18.97 36.49 75.73
CA ASN H 490 -19.35 36.20 77.11
C ASN H 490 -18.21 36.45 78.08
N VAL H 491 -17.82 37.72 78.22
CA VAL H 491 -16.77 38.13 79.14
C VAL H 491 -17.35 38.15 80.56
N ASN H 492 -16.70 37.43 81.47
CA ASN H 492 -17.13 37.32 82.85
C ASN H 492 -16.27 38.15 83.79
N MET H 493 -15.85 39.34 83.35
CA MET H 493 -15.00 40.24 84.09
C MET H 493 -15.40 40.37 85.55
N ALA H 494 -14.48 40.07 86.47
CA ALA H 494 -14.75 40.07 87.91
C ALA H 494 -13.56 40.69 88.64
N PRO H 495 -13.43 42.01 88.59
CA PRO H 495 -12.23 42.65 89.13
C PRO H 495 -12.11 42.56 90.64
N ALA H 496 -11.00 42.00 91.11
CA ALA H 496 -10.65 42.05 92.52
C ALA H 496 -10.05 43.43 92.83
N LEU H 497 -9.62 43.64 94.07
CA LEU H 497 -9.09 44.94 94.43
C LEU H 497 -7.57 45.00 94.30
N PHE H 498 -6.85 44.13 95.01
CA PHE H 498 -5.39 44.07 94.91
C PHE H 498 -4.90 42.65 95.14
N ALA I 5 58.38 59.57 6.09
CA ALA I 5 57.95 58.18 6.06
C ALA I 5 57.21 57.88 4.76
N LEU I 6 56.55 56.73 4.72
CA LEU I 6 55.67 56.27 3.64
C LEU I 6 56.40 56.17 2.30
N SER I 7 57.69 56.53 2.29
CA SER I 7 58.51 56.39 1.09
C SER I 7 58.70 54.92 0.73
N ASP I 8 59.29 54.15 1.64
CA ASP I 8 59.61 52.75 1.37
C ASP I 8 58.38 51.86 1.42
N GLY I 9 57.42 52.11 0.53
CA GLY I 9 56.19 51.35 0.44
C GLY I 9 55.53 51.05 1.78
N PHE I 10 54.97 49.85 1.90
CA PHE I 10 54.32 49.36 3.11
C PHE I 10 53.09 50.19 3.48
N VAL I 11 52.82 51.24 2.71
CA VAL I 11 51.61 52.04 2.88
C VAL I 11 51.45 52.90 1.62
N ARG I 12 50.22 53.02 1.14
CA ARG I 12 49.92 53.78 -0.08
C ARG I 12 48.69 54.64 0.19
N LEU I 13 48.91 55.87 0.60
CA LEU I 13 47.81 56.80 0.83
C LEU I 13 47.06 57.07 -0.47
N CYS I 14 45.78 56.73 -0.49
CA CYS I 14 44.95 56.94 -1.66
C CYS I 14 43.78 57.87 -1.34
N ILE I 15 44.09 59.01 -0.73
CA ILE I 15 43.10 59.99 -0.29
C ILE I 15 42.07 60.24 -1.39
N ASP I 16 40.80 60.03 -1.06
CA ASP I 16 39.69 60.20 -2.00
C ASP I 16 38.51 60.79 -1.26
N PRO I 17 38.26 62.10 -1.40
CA PRO I 17 37.04 62.69 -0.86
C PRO I 17 35.79 61.88 -1.23
N SER I 18 35.69 61.47 -2.49
CA SER I 18 34.60 60.63 -2.96
C SER I 18 35.08 59.19 -3.07
N LEU I 19 34.49 58.30 -2.27
CA LEU I 19 34.84 56.88 -2.29
C LEU I 19 33.79 56.05 -1.59
N ASN I 20 33.23 55.06 -2.30
CA ASN I 20 32.20 54.21 -1.75
C ASN I 20 32.75 52.83 -1.40
N PHE I 21 32.48 52.39 -0.17
CA PHE I 21 32.91 51.08 0.30
C PHE I 21 31.78 50.42 1.10
N PHE I 22 30.55 50.49 0.58
CA PHE I 22 29.40 50.11 1.40
C PHE I 22 28.64 48.90 0.88
N GLY I 23 29.03 48.29 -0.24
CA GLY I 23 28.37 47.09 -0.69
C GLY I 23 26.94 47.32 -1.15
N GLU I 24 26.77 48.30 -2.03
CA GLU I 24 25.46 48.73 -2.53
C GLU I 24 24.56 47.59 -2.98
N GLY I 25 23.26 47.81 -2.92
CA GLY I 25 22.29 46.84 -3.36
C GLY I 25 20.89 47.44 -3.36
N CYS I 26 19.90 46.56 -3.21
CA CYS I 26 18.49 46.93 -3.20
C CYS I 26 18.15 47.93 -4.30
N LYS I 27 18.17 47.45 -5.55
CA LYS I 27 18.00 48.29 -6.73
C LYS I 27 16.61 48.94 -6.77
N ILE I 28 16.52 50.04 -7.51
CA ILE I 28 15.26 50.73 -7.74
C ILE I 28 15.21 51.29 -9.16
N LEU I 29 14.20 50.88 -9.91
CA LEU I 29 13.98 51.36 -11.27
C LEU I 29 12.89 52.43 -11.28
N VAL I 30 13.16 53.55 -11.96
CA VAL I 30 12.20 54.64 -12.13
C VAL I 30 11.91 54.81 -13.62
N GLU I 31 10.66 55.08 -13.95
CA GLU I 31 10.22 55.16 -15.34
C GLU I 31 9.38 56.41 -15.56
N GLY I 32 9.55 57.04 -16.72
CA GLY I 32 8.75 58.19 -17.06
C GLY I 32 8.92 58.58 -18.51
N GLN I 33 8.33 59.73 -18.86
CA GLN I 33 8.39 60.25 -20.22
C GLN I 33 9.57 61.22 -20.33
N MET I 34 10.42 61.00 -21.32
CA MET I 34 11.61 61.83 -21.52
C MET I 34 11.42 62.79 -22.67
N THR I 35 12.37 63.71 -22.81
CA THR I 35 12.36 64.71 -23.85
C THR I 35 13.64 64.61 -24.67
N ASP I 36 13.55 64.99 -25.95
CA ASP I 36 14.62 64.83 -26.92
C ASP I 36 15.98 65.32 -26.44
N ASP I 37 15.99 66.33 -25.57
CA ASP I 37 17.21 66.91 -25.02
C ASP I 37 18.15 65.81 -24.52
N GLY I 38 17.59 64.79 -23.88
CA GLY I 38 18.39 63.68 -23.41
C GLY I 38 18.76 62.71 -24.50
N SER I 39 20.04 62.66 -24.85
CA SER I 39 20.51 61.76 -25.90
C SER I 39 20.81 60.38 -25.35
N ALA I 40 19.87 59.81 -24.60
CA ALA I 40 20.01 58.45 -24.10
C ALA I 40 19.19 57.50 -24.94
N THR I 41 19.68 56.28 -25.08
CA THR I 41 18.96 55.26 -25.84
C THR I 41 17.61 55.00 -25.19
N PRO I 42 16.50 55.24 -25.89
CA PRO I 42 15.19 54.99 -25.29
C PRO I 42 14.98 53.51 -25.00
N ASP I 43 14.23 53.25 -23.94
CA ASP I 43 13.87 51.89 -23.52
C ASP I 43 15.13 51.06 -23.24
N ALA I 44 15.97 51.59 -22.34
CA ALA I 44 17.22 50.92 -21.99
C ALA I 44 17.69 51.44 -20.65
N VAL I 45 17.91 50.53 -19.69
CA VAL I 45 18.45 50.91 -18.40
C VAL I 45 19.90 51.34 -18.57
N THR I 46 20.28 52.43 -17.89
CA THR I 46 21.62 52.99 -18.06
C THR I 46 22.29 53.23 -16.72
N CYS I 47 21.90 52.46 -15.70
CA CYS I 47 22.56 52.43 -14.38
C CYS I 47 22.94 53.83 -13.90
N VAL I 48 21.95 54.71 -13.74
CA VAL I 48 22.22 56.09 -13.38
C VAL I 48 22.69 56.17 -11.92
N THR I 49 23.83 56.81 -11.70
CA THR I 49 24.41 56.86 -10.37
C THR I 49 24.19 58.20 -9.67
N SER I 50 24.71 59.27 -10.24
CA SER I 50 24.68 60.58 -9.60
C SER I 50 23.86 61.57 -10.42
N GLU I 51 23.70 62.77 -9.86
CA GLU I 51 23.01 63.86 -10.54
C GLU I 51 23.91 64.63 -11.50
N LEU I 52 25.15 64.18 -11.70
CA LEU I 52 26.00 64.72 -12.74
C LEU I 52 25.25 64.78 -14.07
N ASP I 53 24.71 63.63 -14.50
CA ASP I 53 23.80 63.61 -15.63
C ASP I 53 22.44 64.14 -15.18
N ILE I 54 22.21 65.43 -15.39
CA ILE I 54 20.93 66.03 -15.01
C ILE I 54 19.89 65.80 -16.09
N ILE I 55 20.18 66.29 -17.30
CA ILE I 55 19.26 66.21 -18.43
C ILE I 55 20.00 65.66 -19.64
N GLU I 56 21.32 65.50 -19.51
CA GLU I 56 22.16 65.09 -20.62
C GLU I 56 21.65 63.80 -21.25
N ARG I 57 21.48 62.76 -20.43
CA ARG I 57 20.84 61.52 -20.85
C ARG I 57 19.45 61.37 -20.26
N PHE I 58 18.81 62.48 -19.89
CA PHE I 58 17.53 62.44 -19.21
C PHE I 58 16.49 63.32 -19.90
N GLY I 59 16.92 64.45 -20.46
CA GLY I 59 16.00 65.38 -21.06
C GLY I 59 15.65 66.56 -20.17
N GLN I 60 15.76 67.78 -20.72
CA GLN I 60 15.40 68.98 -19.97
C GLN I 60 13.90 69.00 -19.70
N GLY I 61 13.54 69.33 -18.46
CA GLY I 61 12.15 69.40 -18.03
C GLY I 61 11.38 68.13 -18.33
N SER I 62 12.01 66.98 -18.10
CA SER I 62 11.38 65.69 -18.28
C SER I 62 10.92 65.16 -16.94
N VAL I 63 9.76 64.48 -16.93
CA VAL I 63 9.17 64.04 -15.68
C VAL I 63 10.10 63.07 -14.95
N LEU I 64 10.86 62.27 -15.70
CA LEU I 64 11.79 61.34 -15.05
C LEU I 64 12.96 62.10 -14.42
N THR I 65 13.44 63.16 -15.08
CA THR I 65 14.46 64.01 -14.49
C THR I 65 14.03 64.55 -13.15
N GLU I 66 12.85 65.17 -13.11
CA GLU I 66 12.24 65.69 -11.89
C GLU I 66 12.07 64.61 -10.82
N SER I 67 11.52 63.46 -11.22
CA SER I 67 11.30 62.37 -10.28
C SER I 67 12.62 61.93 -9.64
N LEU I 68 13.63 61.68 -10.47
CA LEU I 68 14.94 61.26 -10.00
C LEU I 68 15.61 62.32 -9.14
N ARG I 69 15.39 63.60 -9.46
CA ARG I 69 15.85 64.68 -8.60
C ARG I 69 15.26 64.53 -7.22
N LYS I 70 13.93 64.43 -7.15
CA LYS I 70 13.24 64.24 -5.88
C LYS I 70 13.76 63.01 -5.14
N VAL I 71 14.03 61.94 -5.88
CA VAL I 71 14.55 60.70 -5.32
C VAL I 71 15.89 60.97 -4.65
N PHE I 72 16.84 61.51 -5.40
CA PHE I 72 18.15 61.84 -4.86
C PHE I 72 18.02 62.75 -3.63
N CYS I 73 17.01 63.62 -3.62
CA CYS I 73 16.73 64.41 -2.43
C CYS I 73 16.36 63.51 -1.26
N THR I 74 15.39 62.63 -1.47
CA THR I 74 14.78 61.82 -0.42
C THR I 74 15.80 61.16 0.49
N CYS I 75 16.73 60.41 -0.09
CA CYS I 75 17.76 59.76 0.70
C CYS I 75 18.99 59.55 -0.16
N LYS I 76 19.95 58.80 0.38
CA LYS I 76 21.31 58.79 -0.13
C LYS I 76 21.85 57.38 -0.21
N SER I 77 23.18 57.26 -0.24
CA SER I 77 23.90 56.02 -0.51
C SER I 77 23.26 54.80 0.12
N GLY I 78 23.16 53.72 -0.66
CA GLY I 78 22.44 52.53 -0.27
C GLY I 78 21.60 52.00 -1.40
N VAL I 79 21.03 52.89 -2.21
CA VAL I 79 20.23 52.53 -3.37
C VAL I 79 21.00 52.93 -4.62
N SER I 80 21.35 51.94 -5.44
CA SER I 80 21.93 52.19 -6.76
C SER I 80 20.80 52.23 -7.79
N VAL I 81 20.17 53.41 -7.87
CA VAL I 81 18.99 53.62 -8.68
C VAL I 81 19.28 53.32 -10.14
N TYR I 82 18.25 52.92 -10.88
CA TYR I 82 18.34 52.77 -12.32
C TYR I 82 17.37 53.72 -13.01
N ALA I 83 17.21 53.57 -14.31
CA ALA I 83 16.32 54.44 -15.07
C ALA I 83 15.76 53.67 -16.24
N LEU I 84 14.63 54.15 -16.74
CA LEU I 84 13.99 53.55 -17.91
C LEU I 84 13.23 54.63 -18.66
N PRO I 85 13.89 55.39 -19.52
CA PRO I 85 13.22 56.51 -20.18
C PRO I 85 12.34 56.09 -21.36
N ARG I 86 11.03 56.19 -21.18
CA ARG I 86 10.11 55.94 -22.27
C ARG I 86 9.82 57.24 -23.01
N GLU I 87 9.38 57.11 -24.26
CA GLU I 87 9.25 58.26 -25.14
C GLU I 87 7.89 58.92 -24.90
N ASP I 88 7.61 59.96 -25.68
CA ASP I 88 6.35 60.69 -25.58
C ASP I 88 5.33 60.08 -26.53
N ALA I 89 4.22 60.78 -26.76
CA ALA I 89 3.16 60.30 -27.65
C ALA I 89 3.67 60.07 -29.07
N SER I 201 -2.68 65.49 -24.46
CA SER I 201 -1.67 64.58 -24.97
C SER I 201 -2.04 63.14 -24.69
N VAL I 202 -2.21 62.36 -25.76
CA VAL I 202 -2.50 60.94 -25.62
C VAL I 202 -1.23 60.23 -25.20
N ASN I 203 -1.06 60.05 -23.90
CA ASN I 203 0.13 59.47 -23.29
C ASN I 203 0.43 58.08 -23.86
N PRO I 204 1.69 57.71 -23.99
CA PRO I 204 2.05 56.43 -24.61
C PRO I 204 1.89 55.25 -23.67
N THR I 205 1.67 54.08 -24.27
CA THR I 205 1.56 52.83 -23.53
C THR I 205 2.76 51.94 -23.82
N PRO I 206 3.83 52.02 -23.02
CA PRO I 206 4.99 51.16 -23.26
C PRO I 206 4.77 49.76 -22.72
N ASN I 207 3.72 49.12 -23.22
CA ASN I 207 3.22 47.83 -22.72
C ASN I 207 4.30 46.75 -22.58
N ASP I 208 5.13 46.57 -23.60
CA ASP I 208 5.88 45.34 -23.81
C ASP I 208 6.55 44.78 -22.54
N TYR I 209 7.53 45.50 -22.00
CA TYR I 209 8.11 45.20 -20.70
C TYR I 209 8.82 43.84 -20.66
N ALA I 210 8.68 43.04 -21.72
CA ALA I 210 9.35 41.75 -21.80
C ALA I 210 10.81 41.93 -22.15
N THR I 211 11.06 42.54 -23.31
CA THR I 211 12.44 42.70 -23.79
C THR I 211 13.08 43.93 -23.19
N VAL I 212 12.30 44.99 -23.00
CA VAL I 212 12.78 46.23 -22.39
C VAL I 212 13.50 45.90 -21.09
N VAL I 213 12.82 45.19 -20.20
CA VAL I 213 13.43 44.68 -18.97
C VAL I 213 13.25 43.17 -18.95
N ASN I 214 14.33 42.46 -19.22
CA ASN I 214 14.37 41.01 -19.09
C ASN I 214 14.59 40.66 -17.62
N GLU I 215 15.01 39.44 -17.33
CA GLU I 215 15.15 39.04 -15.93
C GLU I 215 16.31 39.81 -15.33
N CYS I 216 16.05 41.04 -14.97
CA CYS I 216 17.06 41.83 -14.30
C CYS I 216 16.25 42.30 -13.13
N CYS I 217 16.47 41.74 -11.96
CA CYS I 217 15.61 42.06 -10.82
C CYS I 217 15.79 43.44 -10.20
N PHE I 218 14.67 44.12 -9.95
CA PHE I 218 14.71 45.44 -9.31
C PHE I 218 13.80 45.42 -8.09
N ALA I 219 14.30 45.85 -6.93
CA ALA I 219 13.50 45.76 -5.72
C ALA I 219 12.27 46.65 -5.83
N VAL I 220 12.48 47.95 -6.05
CA VAL I 220 11.39 48.90 -6.10
C VAL I 220 11.19 49.39 -7.53
N TYR I 221 9.92 49.56 -7.92
CA TYR I 221 9.56 50.15 -9.20
C TYR I 221 8.79 51.45 -8.96
N VAL I 222 9.09 52.45 -9.79
CA VAL I 222 8.52 53.79 -9.63
C VAL I 222 7.94 54.20 -10.99
N LEU I 223 6.62 54.03 -11.15
CA LEU I 223 5.92 54.47 -12.34
C LEU I 223 5.48 55.91 -12.18
N SER I 224 5.74 56.73 -13.19
CA SER I 224 5.42 58.15 -13.16
C SER I 224 4.39 58.44 -14.24
N SER I 225 3.11 58.19 -13.93
CA SER I 225 2.02 58.39 -14.87
C SER I 225 0.68 58.13 -14.22
N ASP I 226 -0.40 58.56 -14.87
CA ASP I 226 -1.75 58.30 -14.42
C ASP I 226 -2.54 57.45 -15.41
N ASP I 227 -1.88 56.95 -16.45
CA ASP I 227 -2.56 56.12 -17.44
C ASP I 227 -2.95 54.77 -16.85
N THR I 228 -4.24 54.56 -16.64
CA THR I 228 -4.75 53.30 -16.12
C THR I 228 -4.22 52.11 -16.89
N ASP I 229 -4.09 52.26 -18.20
CA ASP I 229 -3.53 51.20 -19.05
C ASP I 229 -2.07 50.94 -18.71
N TRP I 230 -1.27 52.02 -18.64
CA TRP I 230 0.14 51.91 -18.24
C TRP I 230 0.29 51.26 -16.88
N GLN I 231 -0.51 51.71 -15.91
CA GLN I 231 -0.51 51.13 -14.58
C GLN I 231 -0.84 49.64 -14.64
N GLU I 232 -1.88 49.28 -15.39
CA GLU I 232 -2.27 47.89 -15.52
C GLU I 232 -1.15 47.05 -16.13
N ASN I 233 -0.43 47.62 -17.11
CA ASN I 233 0.68 46.91 -17.73
C ASN I 233 1.81 46.66 -16.72
N LEU I 234 2.19 47.69 -15.96
CA LEU I 234 3.20 47.51 -14.93
C LEU I 234 2.75 46.48 -13.90
N ARG I 235 1.47 46.53 -13.53
CA ARG I 235 0.89 45.55 -12.62
C ARG I 235 1.08 44.14 -13.16
N ASP I 236 0.73 43.93 -14.42
CA ASP I 236 0.88 42.62 -15.05
C ASP I 236 2.34 42.18 -15.04
N TRP I 237 3.26 43.09 -15.36
CA TRP I 237 4.68 42.78 -15.34
C TRP I 237 5.11 42.29 -13.96
N ILE I 238 4.83 43.08 -12.92
CA ILE I 238 5.23 42.70 -11.57
C ILE I 238 4.49 41.42 -11.14
N ARG I 239 3.36 41.13 -11.78
CA ARG I 239 2.65 39.88 -11.52
C ARG I 239 3.34 38.73 -12.26
N SER I 240 4.52 38.99 -12.80
CA SER I 240 5.29 37.93 -13.44
C SER I 240 6.53 37.62 -12.62
N ALA I 241 6.97 38.59 -11.83
CA ALA I 241 8.07 38.37 -10.89
C ALA I 241 7.58 37.62 -9.67
N TRP I 242 6.30 37.19 -9.68
CA TRP I 242 5.74 36.40 -8.60
C TRP I 242 4.93 35.22 -9.11
N ASP I 243 5.25 34.71 -10.31
CA ASP I 243 4.54 33.57 -10.88
C ASP I 243 5.20 32.27 -10.49
N CYS I 244 4.88 31.18 -11.21
CA CYS I 244 5.52 29.91 -10.98
C CYS I 244 6.47 29.55 -12.11
N SER I 245 6.13 29.99 -13.33
CA SER I 245 6.90 29.60 -14.51
C SER I 245 8.10 30.51 -14.75
N LYS I 246 8.89 30.76 -13.72
CA LYS I 246 10.06 31.63 -13.78
C LYS I 246 10.87 31.44 -12.51
N PRO I 247 12.13 31.89 -12.46
CA PRO I 247 12.86 31.87 -11.19
C PRO I 247 12.33 32.88 -10.19
N GLN I 248 11.43 33.74 -10.65
CA GLN I 248 10.75 34.68 -9.76
C GLN I 248 11.61 35.56 -8.91
N CYS I 249 12.59 36.23 -9.51
CA CYS I 249 13.32 37.17 -8.69
C CYS I 249 12.38 38.34 -8.58
N PHE I 250 11.71 38.46 -7.44
CA PHE I 250 10.65 39.47 -7.26
C PHE I 250 10.92 40.96 -7.19
N GLY I 251 10.01 41.69 -6.54
CA GLY I 251 10.10 43.13 -6.48
C GLY I 251 8.70 43.72 -6.45
N HIS I 252 8.54 44.84 -5.74
CA HIS I 252 7.25 45.45 -5.46
C HIS I 252 7.16 46.81 -6.14
N GLY I 253 5.92 47.28 -6.34
CA GLY I 253 5.69 48.48 -7.12
C GLY I 253 4.92 49.60 -6.45
N TYR I 254 5.35 50.83 -6.71
CA TYR I 254 4.76 52.03 -6.15
C TYR I 254 4.22 52.90 -7.27
N VAL I 255 2.93 53.24 -7.20
CA VAL I 255 2.30 54.10 -8.20
C VAL I 255 1.22 54.91 -7.50
N PHE I 256 0.80 55.99 -8.13
CA PHE I 256 -0.20 56.88 -7.57
C PHE I 256 -1.51 56.77 -8.37
N ASN I 257 -2.53 57.47 -7.87
CA ASN I 257 -3.82 57.59 -8.53
C ASN I 257 -4.55 58.79 -7.93
N LYS I 258 -5.01 59.71 -8.75
CA LYS I 258 -5.49 61.00 -8.29
C LYS I 258 -6.91 61.26 -8.82
N GLY I 259 -7.66 62.04 -8.06
CA GLY I 259 -9.00 62.43 -8.47
C GLY I 259 -9.91 62.57 -7.26
N THR I 260 -11.21 62.43 -7.51
CA THR I 260 -12.22 62.51 -6.47
C THR I 260 -12.49 61.13 -5.89
N LEU I 261 -13.11 61.12 -4.71
CA LEU I 261 -13.50 59.92 -3.96
C LEU I 261 -13.96 58.77 -4.83
N GLY I 262 -14.96 59.03 -5.69
CA GLY I 262 -15.55 58.00 -6.53
C GLY I 262 -14.56 57.18 -7.32
N GLN I 263 -13.83 57.83 -8.24
CA GLN I 263 -12.95 57.07 -9.12
C GLN I 263 -11.77 56.48 -8.35
N VAL I 264 -11.15 57.25 -7.46
CA VAL I 264 -9.98 56.75 -6.73
C VAL I 264 -10.35 55.49 -5.98
N LEU I 265 -11.54 55.45 -5.39
CA LEU I 265 -11.94 54.19 -4.76
C LEU I 265 -12.38 53.17 -5.79
N ALA I 266 -12.70 53.59 -7.02
CA ALA I 266 -13.12 52.67 -8.06
C ALA I 266 -12.07 52.48 -9.15
N ASP I 267 -10.85 52.97 -8.94
CA ASP I 267 -9.75 52.83 -9.89
C ASP I 267 -8.68 51.90 -9.33
N GLY I 268 -9.10 50.83 -8.65
CA GLY I 268 -8.16 49.92 -8.05
C GLY I 268 -8.69 48.51 -7.85
N ASP I 269 -7.87 47.52 -8.18
CA ASP I 269 -8.22 46.11 -8.00
C ASP I 269 -7.41 45.53 -6.84
N ASN I 270 -7.61 44.24 -6.61
CA ASN I 270 -6.97 43.54 -5.51
C ASN I 270 -5.48 43.34 -5.76
N SER I 271 -4.96 43.90 -6.85
CA SER I 271 -3.56 43.80 -7.19
C SER I 271 -2.68 44.31 -6.05
N ALA I 272 -1.89 43.43 -5.45
CA ALA I 272 -1.01 43.81 -4.36
C ALA I 272 0.38 44.19 -4.82
N GLU I 273 0.69 44.01 -6.10
CA GLU I 273 2.00 44.40 -6.60
C GLU I 273 2.18 45.91 -6.59
N LEU I 274 1.10 46.67 -6.51
CA LEU I 274 1.14 48.12 -6.54
C LEU I 274 0.55 48.68 -5.27
N SER I 275 1.21 49.71 -4.73
CA SER I 275 0.73 50.44 -3.56
C SER I 275 0.21 51.79 -4.05
N ARG I 276 -1.07 51.84 -4.40
CA ARG I 276 -1.65 52.99 -5.08
C ARG I 276 -1.87 54.17 -4.13
N LEU I 277 -0.94 55.12 -4.14
CA LEU I 277 -1.07 56.35 -3.38
C LEU I 277 -2.24 57.17 -3.90
N ALA I 278 -3.29 57.32 -3.08
CA ALA I 278 -4.47 58.07 -3.50
C ALA I 278 -4.26 59.56 -3.26
N LEU I 279 -4.70 60.37 -4.21
CA LEU I 279 -4.56 61.81 -4.12
C LEU I 279 -5.88 62.49 -4.43
N PRO I 280 -6.23 63.54 -3.68
CA PRO I 280 -7.47 64.28 -3.96
C PRO I 280 -7.30 65.19 -5.18
N THR I 281 -8.43 65.64 -5.70
CA THR I 281 -8.44 66.53 -6.86
C THR I 281 -7.83 67.89 -6.55
N THR I 282 -7.75 68.28 -5.28
CA THR I 282 -7.21 69.57 -4.90
C THR I 282 -5.78 69.47 -4.37
N TYR I 283 -5.20 68.27 -4.37
CA TYR I 283 -3.84 68.01 -3.92
C TYR I 283 -2.88 69.02 -4.56
N PRO I 284 -2.33 69.95 -3.78
CA PRO I 284 -1.52 71.02 -4.38
C PRO I 284 -0.07 70.62 -4.58
N VAL I 285 0.16 69.41 -5.07
CA VAL I 285 1.50 68.89 -5.36
C VAL I 285 1.41 68.10 -6.66
N LEU I 286 2.56 67.95 -7.32
CA LEU I 286 2.63 67.16 -8.55
C LEU I 286 2.76 65.70 -8.17
N PRO I 287 1.79 64.84 -8.54
CA PRO I 287 1.78 63.44 -8.07
C PRO I 287 3.12 62.73 -8.18
N TYR I 288 3.79 62.92 -9.32
CA TYR I 288 5.09 62.34 -9.61
C TYR I 288 6.05 62.54 -8.45
N LEU I 289 6.16 63.79 -7.97
CA LEU I 289 7.03 64.12 -6.85
C LEU I 289 6.80 63.20 -5.66
N THR I 290 5.57 63.18 -5.16
CA THR I 290 5.24 62.43 -3.95
C THR I 290 5.47 60.93 -4.16
N ASN I 291 4.96 60.40 -5.28
CA ASN I 291 5.12 58.98 -5.57
C ASN I 291 6.58 58.55 -5.59
N ALA I 292 7.40 59.28 -6.35
CA ALA I 292 8.83 59.03 -6.44
C ALA I 292 9.48 59.08 -5.06
N ALA I 293 9.23 60.15 -4.31
CA ALA I 293 9.80 60.30 -2.97
C ALA I 293 9.47 59.10 -2.10
N TYR I 294 8.18 58.72 -2.07
CA TYR I 294 7.71 57.59 -1.29
C TYR I 294 8.44 56.32 -1.66
N GLY I 295 8.46 55.99 -2.95
CA GLY I 295 9.17 54.82 -3.42
C GLY I 295 10.63 54.80 -3.01
N ALA I 296 11.32 55.92 -3.22
CA ALA I 296 12.73 56.06 -2.88
C ALA I 296 12.99 55.82 -1.41
N LEU I 297 12.23 56.49 -0.54
CA LEU I 297 12.43 56.32 0.89
C LEU I 297 12.14 54.89 1.31
N SER I 298 11.06 54.31 0.77
CA SER I 298 10.73 52.92 1.05
C SER I 298 11.90 52.00 0.73
N ALA I 299 12.45 52.15 -0.48
CA ALA I 299 13.59 51.37 -0.92
C ALA I 299 14.77 51.50 0.05
N CYS I 300 15.31 52.72 0.16
CA CYS I 300 16.51 52.91 0.95
C CYS I 300 16.30 52.58 2.43
N SER I 301 15.06 52.62 2.91
CA SER I 301 14.78 52.24 4.28
C SER I 301 14.77 50.72 4.46
N THR I 302 14.09 50.02 3.56
CA THR I 302 13.90 48.58 3.68
C THR I 302 15.11 47.76 3.22
N CYS I 303 16.21 48.41 2.87
CA CYS I 303 17.34 47.71 2.26
C CYS I 303 17.90 46.63 3.17
N ASN I 304 18.37 47.01 4.36
CA ASN I 304 18.91 46.02 5.29
C ASN I 304 17.80 45.22 5.94
N ASN I 305 16.86 45.90 6.59
CA ASN I 305 15.79 45.21 7.29
C ASN I 305 14.45 45.45 6.62
N PRO I 306 13.71 44.39 6.31
CA PRO I 306 12.41 44.56 5.67
C PRO I 306 11.25 44.77 6.64
N GLU I 307 11.44 44.43 7.92
CA GLU I 307 10.32 44.45 8.86
C GLU I 307 9.76 45.85 9.07
N LEU I 308 10.60 46.88 9.00
CA LEU I 308 10.16 48.21 9.43
C LEU I 308 8.96 48.69 8.63
N ASN I 309 7.86 48.94 9.32
CA ASN I 309 6.65 49.48 8.69
C ASN I 309 6.81 50.99 8.49
N ILE I 310 6.98 51.42 7.25
CA ILE I 310 7.24 52.83 6.99
C ILE I 310 5.95 53.63 7.13
N GLN I 311 5.73 54.21 8.30
CA GLN I 311 4.49 54.91 8.60
C GLN I 311 4.76 55.96 9.66
N GLY I 312 3.68 56.63 10.08
CA GLY I 312 3.78 57.66 11.09
C GLY I 312 4.62 58.85 10.63
N GLN I 313 4.99 59.67 11.59
CA GLN I 313 5.77 60.87 11.31
C GLN I 313 7.26 60.57 11.25
N THR I 314 7.81 60.05 12.35
CA THR I 314 9.25 59.87 12.51
C THR I 314 9.95 59.16 11.35
N PHE I 315 9.59 57.91 11.07
CA PHE I 315 10.19 57.18 9.95
C PHE I 315 9.17 56.88 8.87
N GLY I 316 8.27 57.83 8.63
CA GLY I 316 7.30 57.73 7.56
C GLY I 316 7.11 59.06 6.86
N LEU I 317 8.16 59.87 6.79
CA LEU I 317 8.07 61.25 6.35
C LEU I 317 8.61 61.40 4.93
N LEU I 318 7.91 62.19 4.13
CA LEU I 318 8.22 62.43 2.72
C LEU I 318 9.05 63.68 2.53
N SER I 319 9.97 63.94 3.47
CA SER I 319 10.56 65.26 3.72
C SER I 319 10.70 66.16 2.49
N CYS I 320 11.30 65.66 1.42
CA CYS I 320 11.41 66.48 0.21
C CYS I 320 10.09 66.57 -0.55
N ILE I 321 9.09 67.23 0.04
CA ILE I 321 7.87 67.55 -0.69
C ILE I 321 7.55 69.04 -0.52
N ASN I 322 7.43 69.48 0.73
CA ASN I 322 7.23 70.90 1.05
C ASN I 322 5.98 71.48 0.39
N MET I 323 4.80 71.02 0.80
CA MET I 323 3.54 71.51 0.24
C MET I 323 3.10 72.74 1.02
N PRO I 324 2.31 73.66 0.41
CA PRO I 324 2.19 75.03 0.94
C PRO I 324 1.83 75.16 2.43
N GLU I 325 0.65 74.69 2.81
CA GLU I 325 0.16 74.85 4.18
C GLU I 325 -1.18 74.13 4.29
N SER I 326 -1.59 73.88 5.54
CA SER I 326 -2.85 73.20 5.79
C SER I 326 -4.02 74.18 5.87
N CYS I 327 -5.06 73.89 5.09
CA CYS I 327 -6.34 74.56 5.25
C CYS I 327 -7.39 73.52 5.65
N THR I 328 -7.53 72.47 4.83
CA THR I 328 -8.33 71.28 5.02
C THR I 328 -7.70 70.18 4.18
N PRO I 329 -6.70 69.47 4.70
CA PRO I 329 -5.92 68.55 3.85
C PRO I 329 -6.76 67.50 3.15
N GLY I 330 -6.89 67.65 1.83
CA GLY I 330 -7.55 66.68 0.96
C GLY I 330 -8.76 65.98 1.53
N TRP I 331 -8.71 64.66 1.52
CA TRP I 331 -9.74 63.81 2.11
C TRP I 331 -9.95 64.12 3.58
N THR I 332 -11.19 64.39 3.96
CA THR I 332 -11.52 64.51 5.37
C THR I 332 -11.54 63.11 6.00
N PHE I 333 -11.72 63.07 7.32
CA PHE I 333 -11.68 61.83 8.10
C PHE I 333 -12.47 60.71 7.46
N GLY I 334 -13.73 60.98 7.10
CA GLY I 334 -14.57 60.00 6.43
C GLY I 334 -13.97 59.42 5.17
N GLU I 335 -13.60 60.29 4.24
CA GLU I 335 -13.00 59.85 2.99
C GLU I 335 -11.70 59.11 3.23
N VAL I 336 -10.90 59.60 4.19
CA VAL I 336 -9.65 58.95 4.59
C VAL I 336 -9.93 57.50 4.94
N THR I 337 -10.85 57.29 5.88
CA THR I 337 -11.17 55.94 6.33
C THR I 337 -11.72 55.08 5.20
N GLN I 338 -12.54 55.69 4.33
CA GLN I 338 -13.11 54.96 3.21
C GLN I 338 -12.02 54.44 2.28
N LEU I 339 -11.09 55.31 1.90
CA LEU I 339 -10.01 54.88 1.02
C LEU I 339 -9.10 53.87 1.70
N GLN I 340 -8.82 54.06 2.99
CA GLN I 340 -8.04 53.06 3.73
C GLN I 340 -8.71 51.69 3.63
N ALA I 341 -10.00 51.64 3.93
CA ALA I 341 -10.74 50.38 3.77
C ALA I 341 -10.66 49.87 2.34
N ASN I 342 -10.61 50.77 1.36
CA ASN I 342 -10.47 50.36 -0.03
C ASN I 342 -9.01 50.10 -0.41
N GLY I 343 -8.07 50.24 0.53
CA GLY I 343 -6.68 49.98 0.25
C GLY I 343 -6.00 51.02 -0.63
N PHE I 344 -5.86 52.24 -0.12
CA PHE I 344 -5.21 53.33 -0.84
C PHE I 344 -4.50 54.18 0.22
N VAL I 345 -3.17 54.14 0.23
CA VAL I 345 -2.40 54.84 1.24
C VAL I 345 -2.70 56.34 1.16
N VAL I 346 -2.98 56.94 2.30
CA VAL I 346 -3.29 58.35 2.38
C VAL I 346 -2.12 59.06 3.06
N SER I 347 -1.76 60.23 2.52
CA SER I 347 -0.61 61.00 3.01
C SER I 347 -1.13 62.33 3.55
N GLY I 348 -1.43 62.36 4.84
CA GLY I 348 -1.94 63.55 5.48
C GLY I 348 -0.87 64.60 5.73
N SER I 360 5.08 69.15 4.94
CA SER I 360 5.65 67.85 4.60
C SER I 360 4.69 66.72 4.97
N PRO I 361 4.09 66.09 3.96
CA PRO I 361 3.07 65.06 4.22
C PRO I 361 3.66 63.74 4.68
N TYR I 362 3.31 63.31 5.88
CA TYR I 362 3.78 62.01 6.35
C TYR I 362 2.86 60.92 5.83
N ILE I 363 3.43 59.77 5.53
CA ILE I 363 2.64 58.66 5.03
C ILE I 363 2.18 57.80 6.17
N TYR I 364 1.09 57.06 5.96
CA TYR I 364 0.64 56.13 6.99
C TYR I 364 -0.11 55.01 6.31
N ASN I 365 -0.29 53.90 7.03
CA ASN I 365 -0.92 52.74 6.43
C ASN I 365 -0.19 52.38 5.16
N ASP I 366 1.11 52.15 5.24
CA ASP I 366 1.90 51.88 4.05
C ASP I 366 1.57 50.55 3.44
N VAL I 367 0.30 50.32 3.16
CA VAL I 367 -0.12 49.04 2.65
C VAL I 367 -0.18 49.04 1.14
N THR I 368 -0.65 47.94 0.57
CA THR I 368 -0.84 47.93 -0.87
C THR I 368 -2.33 47.77 -1.19
N ASN I 369 -2.67 47.71 -2.47
CA ASN I 369 -4.06 47.65 -2.89
C ASN I 369 -4.54 46.21 -2.95
N TYR I 370 -4.54 45.56 -1.79
CA TYR I 370 -4.96 44.16 -1.67
C TYR I 370 -6.13 44.06 -0.71
N LEU I 371 -7.28 43.62 -1.22
CA LEU I 371 -8.48 43.53 -0.41
C LEU I 371 -9.21 42.20 -0.52
N ARG I 372 -8.87 41.32 -1.47
CA ARG I 372 -9.65 40.11 -1.67
C ARG I 372 -8.91 39.11 -2.56
N ASP I 373 -9.10 37.84 -2.28
CA ASP I 373 -8.50 36.82 -3.10
C ASP I 373 -9.58 36.22 -3.99
N GLU I 374 -9.24 35.20 -4.77
CA GLU I 374 -10.20 34.52 -5.64
C GLU I 374 -11.61 34.71 -5.09
N LYS I 375 -11.85 34.29 -3.85
CA LYS I 375 -13.10 34.61 -3.17
C LYS I 375 -12.88 35.46 -1.93
N ASN I 376 -12.06 35.00 -1.00
CA ASN I 376 -12.08 35.46 0.39
C ASN I 376 -11.90 36.97 0.52
N ARG I 377 -12.92 37.65 1.02
CA ARG I 377 -12.87 39.10 1.22
C ARG I 377 -11.96 39.46 2.39
N PRO I 378 -12.19 38.99 3.61
CA PRO I 378 -11.33 39.41 4.71
C PRO I 378 -9.99 38.70 4.64
N ASN I 379 -9.12 39.19 3.77
CA ASN I 379 -7.89 38.49 3.44
C ASN I 379 -6.69 39.44 3.42
N ALA I 380 -6.52 40.24 4.47
CA ALA I 380 -5.46 41.24 4.52
C ALA I 380 -4.06 40.63 4.58
N THR I 381 -3.96 39.32 4.41
CA THR I 381 -2.69 38.59 4.37
C THR I 381 -1.62 39.33 3.58
N PHE I 382 -1.97 39.84 2.40
CA PHE I 382 -1.04 40.66 1.63
C PHE I 382 -1.42 42.12 1.65
N ARG I 383 -1.94 42.62 2.79
CA ARG I 383 -2.27 44.03 2.88
C ARG I 383 -1.01 44.84 3.17
N ASP I 384 -0.36 44.56 4.29
CA ASP I 384 0.89 45.22 4.65
C ASP I 384 1.98 44.96 3.61
N ALA I 385 2.59 46.02 3.08
CA ALA I 385 3.72 45.89 2.18
C ALA I 385 4.83 45.03 2.80
N SER I 386 5.20 45.38 4.04
CA SER I 386 6.19 44.64 4.80
C SER I 386 5.93 43.14 4.74
N SER I 387 4.65 42.75 4.78
CA SER I 387 4.30 41.33 4.69
C SER I 387 4.82 40.72 3.40
N ARG I 388 4.52 41.34 2.27
CA ARG I 388 5.01 40.86 0.97
C ARG I 388 6.53 40.85 0.90
N ARG I 389 7.17 41.92 1.39
CA ARG I 389 8.62 41.99 1.38
C ARG I 389 9.23 40.82 2.14
N LEU I 390 8.85 40.65 3.41
CA LEU I 390 9.38 39.55 4.19
C LEU I 390 8.97 38.20 3.62
N ALA I 391 7.85 38.15 2.89
CA ALA I 391 7.47 36.92 2.20
C ALA I 391 8.52 36.54 1.18
N ALA I 392 8.87 37.49 0.31
CA ALA I 392 9.95 37.24 -0.65
C ALA I 392 11.24 36.86 0.06
N ALA I 393 11.55 37.57 1.15
CA ALA I 393 12.76 37.31 1.91
C ALA I 393 12.80 35.86 2.42
N THR I 394 11.75 35.43 3.10
CA THR I 394 11.71 34.08 3.64
C THR I 394 11.59 33.03 2.55
N GLY I 395 11.09 33.41 1.37
CA GLY I 395 11.09 32.47 0.26
C GLY I 395 12.50 32.18 -0.19
N VAL I 396 13.27 33.23 -0.47
CA VAL I 396 14.65 33.00 -0.90
C VAL I 396 15.51 32.40 0.20
N ALA I 397 15.20 32.69 1.47
CA ALA I 397 15.92 32.06 2.57
C ALA I 397 15.63 30.56 2.63
N LEU I 398 14.35 30.18 2.55
CA LEU I 398 13.98 28.77 2.51
C LEU I 398 14.66 28.07 1.35
N ALA I 399 14.77 28.74 0.21
CA ALA I 399 15.49 28.17 -0.93
C ALA I 399 16.95 27.89 -0.58
N GLU I 400 17.65 28.92 -0.11
CA GLU I 400 19.06 28.74 0.22
C GLU I 400 19.27 27.69 1.30
N PHE I 401 18.28 27.49 2.17
CA PHE I 401 18.34 26.37 3.10
C PHE I 401 18.19 25.04 2.35
N LEU I 402 17.11 24.90 1.58
CA LEU I 402 16.93 23.71 0.77
C LEU I 402 17.75 23.79 -0.50
N GLN I 403 18.98 24.23 -0.38
CA GLN I 403 20.01 23.97 -1.38
C GLN I 403 20.97 22.87 -0.95
N GLN I 404 21.07 22.61 0.36
CA GLN I 404 21.93 21.54 0.84
C GLN I 404 21.41 20.18 0.43
N PHE I 405 20.10 20.05 0.23
CA PHE I 405 19.53 18.77 -0.18
C PHE I 405 19.61 18.58 -1.68
N ASN I 406 20.80 18.81 -2.23
CA ASN I 406 21.07 18.65 -3.65
C ASN I 406 21.27 17.17 -3.94
N GLY I 407 21.98 16.86 -5.02
CA GLY I 407 22.17 15.48 -5.47
C GLY I 407 22.58 14.51 -4.38
N LEU I 408 22.86 14.99 -3.17
CA LEU I 408 22.93 14.15 -1.98
C LEU I 408 21.82 13.10 -1.99
N ALA I 409 22.23 11.83 -1.96
CA ALA I 409 21.32 10.70 -2.14
C ALA I 409 20.16 10.71 -1.17
N VAL I 410 19.02 10.15 -1.59
CA VAL I 410 17.84 10.02 -0.74
C VAL I 410 17.25 8.62 -0.96
N PHE I 411 17.19 7.83 0.11
CA PHE I 411 16.67 6.47 0.04
C PHE I 411 15.21 6.48 0.48
N THR I 412 14.30 6.16 -0.43
CA THR I 412 12.88 6.25 -0.17
C THR I 412 12.18 4.90 -0.17
N LYS I 413 12.90 3.81 -0.36
CA LYS I 413 12.28 2.49 -0.41
C LYS I 413 12.65 1.59 0.77
N ASN I 414 13.86 1.73 1.31
CA ASN I 414 14.27 0.95 2.46
C ASN I 414 14.50 1.78 3.71
N THR I 415 14.79 3.08 3.56
CA THR I 415 14.97 4.01 4.67
C THR I 415 15.94 3.47 5.72
N ASN I 416 16.88 2.64 5.30
CA ASN I 416 17.94 2.12 6.17
C ASN I 416 19.28 2.49 5.56
N ILE I 417 19.76 3.69 5.89
CA ILE I 417 21.03 4.16 5.36
C ILE I 417 22.15 3.29 5.90
N ARG I 418 22.97 2.77 5.01
CA ARG I 418 24.04 1.86 5.39
C ARG I 418 25.22 2.64 5.97
N THR I 419 25.96 1.98 6.85
CA THR I 419 27.06 2.63 7.56
C THR I 419 28.13 3.14 6.61
N GLY I 420 28.27 4.46 6.50
CA GLY I 420 29.25 5.04 5.62
C GLY I 420 28.63 5.92 4.55
N ILE I 421 27.45 5.53 4.08
CA ILE I 421 26.76 6.25 3.01
C ILE I 421 26.36 7.62 3.53
N ILE I 422 26.17 8.57 2.62
CA ILE I 422 25.78 9.94 2.96
C ILE I 422 24.45 10.22 2.27
N GLY I 423 23.38 10.26 3.05
CA GLY I 423 22.08 10.50 2.47
C GLY I 423 21.03 10.80 3.51
N THR I 424 19.78 10.77 3.08
CA THR I 424 18.63 11.07 3.93
C THR I 424 17.44 10.29 3.40
N ASN I 425 16.28 10.57 3.97
CA ASN I 425 15.02 9.98 3.53
C ASN I 425 13.92 10.96 3.93
N PRO I 426 12.71 10.85 3.34
CA PRO I 426 11.64 11.81 3.64
C PRO I 426 11.53 12.28 5.09
N ARG I 427 11.51 11.36 6.05
CA ARG I 427 11.33 11.77 7.44
C ARG I 427 12.56 12.51 7.98
N LEU I 428 13.76 12.02 7.65
CA LEU I 428 14.99 12.69 8.08
C LEU I 428 15.14 14.07 7.48
N MET I 429 14.41 14.40 6.43
CA MET I 429 14.42 15.74 5.85
C MET I 429 13.31 16.60 6.44
N LEU I 430 12.12 16.02 6.62
CA LEU I 430 11.04 16.70 7.31
C LEU I 430 11.52 17.20 8.67
N GLY I 431 12.27 16.36 9.38
CA GLY I 431 12.87 16.75 10.64
C GLY I 431 13.66 18.04 10.55
N LYS I 432 14.61 18.08 9.61
CA LYS I 432 15.46 19.25 9.46
C LYS I 432 14.65 20.48 9.05
N ILE I 433 13.63 20.28 8.20
CA ILE I 433 12.79 21.40 7.80
C ILE I 433 12.08 22.00 9.00
N ARG I 434 11.45 21.15 9.82
CA ARG I 434 10.80 21.63 11.03
C ARG I 434 11.79 22.32 11.94
N LYS I 435 13.00 21.78 12.04
CA LYS I 435 14.03 22.38 12.87
C LYS I 435 14.34 23.81 12.43
N TRP I 436 14.61 23.99 11.13
CA TRP I 436 14.86 25.30 10.57
C TRP I 436 13.70 26.25 10.83
N ALA I 437 12.48 25.76 10.65
CA ALA I 437 11.29 26.54 10.91
C ALA I 437 11.28 27.05 12.35
N GLN I 438 11.40 26.13 13.31
CA GLN I 438 11.46 26.50 14.71
C GLN I 438 12.53 27.54 14.98
N ASP I 439 13.74 27.32 14.46
CA ASP I 439 14.84 28.27 14.65
C ASP I 439 14.45 29.67 14.20
N ASN I 440 13.90 29.79 12.99
CA ASN I 440 13.68 31.13 12.45
C ASN I 440 12.49 31.84 13.07
N VAL I 441 11.69 31.17 13.89
CA VAL I 441 10.56 31.79 14.56
C VAL I 441 11.03 32.98 15.38
N GLY I 442 10.42 34.14 15.15
CA GLY I 442 10.81 35.35 15.84
C GLY I 442 11.51 36.32 14.92
N THR I 443 12.19 35.79 13.91
CA THR I 443 12.90 36.61 12.93
C THR I 443 12.05 36.85 11.68
N LEU I 444 11.57 35.78 11.06
CA LEU I 444 10.70 35.89 9.90
C LEU I 444 9.30 35.37 10.23
N PHE I 445 9.21 34.14 10.71
CA PHE I 445 7.93 33.57 11.07
C PHE I 445 7.50 34.03 12.45
N SER I 446 6.23 33.78 12.76
CA SER I 446 5.69 33.97 14.10
C SER I 446 5.61 32.62 14.79
N GLU I 447 5.00 32.59 15.97
CA GLU I 447 4.82 31.34 16.72
C GLU I 447 3.84 30.46 15.96
N PHE I 448 4.35 29.37 15.39
CA PHE I 448 3.54 28.51 14.54
C PHE I 448 2.34 27.94 15.29
N ASP I 449 1.33 27.58 14.52
CA ASP I 449 0.20 26.77 14.99
C ASP I 449 0.67 25.32 15.03
N ASN I 450 -0.27 24.37 14.99
CA ASN I 450 0.11 22.97 15.14
C ASN I 450 1.05 22.60 14.00
N ILE I 451 2.34 22.59 14.30
CA ILE I 451 3.38 22.49 13.27
C ILE I 451 3.25 21.21 12.48
N ASN I 452 2.68 20.16 13.08
CA ASN I 452 2.47 18.92 12.35
C ASN I 452 1.53 19.07 11.17
N GLU I 453 0.77 20.17 11.10
CA GLU I 453 -0.10 20.44 9.96
C GLU I 453 0.60 21.29 8.92
N ASP I 454 1.20 22.40 9.34
CA ASP I 454 1.88 23.33 8.45
C ASP I 454 2.88 22.64 7.54
N ILE I 455 3.87 21.97 8.11
CA ILE I 455 4.91 21.36 7.30
C ILE I 455 4.45 20.00 6.80
N GLN I 456 4.73 19.72 5.52
CA GLN I 456 4.41 18.44 4.91
C GLN I 456 5.40 18.20 3.80
N LEU I 457 5.91 16.97 3.71
CA LEU I 457 7.00 16.63 2.78
C LEU I 457 6.60 15.39 1.99
N LEU I 458 5.41 15.46 1.39
CA LEU I 458 4.95 14.41 0.50
C LEU I 458 5.96 14.15 -0.61
N THR I 459 6.37 12.89 -0.77
CA THR I 459 7.32 12.52 -1.80
C THR I 459 6.64 12.57 -3.17
N ASP I 460 7.38 12.25 -4.22
CA ASP I 460 6.86 12.41 -5.58
C ASP I 460 5.73 11.43 -5.86
N PHE I 461 6.01 10.12 -5.77
CA PHE I 461 4.99 9.14 -6.09
C PHE I 461 4.04 8.91 -4.92
N GLU I 462 3.50 10.01 -4.37
CA GLU I 462 2.46 9.94 -3.36
C GLU I 462 1.39 10.99 -3.67
N VAL I 463 1.69 11.86 -4.63
CA VAL I 463 0.79 12.95 -5.01
C VAL I 463 0.61 12.97 -6.51
N GLN I 464 0.98 11.88 -7.17
CA GLN I 464 0.99 11.83 -8.63
C GLN I 464 0.25 10.58 -9.10
N PRO I 465 -0.27 10.59 -10.34
CA PRO I 465 -0.78 9.34 -10.93
C PRO I 465 0.17 8.18 -10.71
N LYS I 466 -0.36 7.13 -10.09
CA LYS I 466 0.46 6.00 -9.70
C LYS I 466 1.78 5.89 -10.38
N CYS I 467 1.79 5.24 -11.53
CA CYS I 467 3.05 4.97 -12.15
C CYS I 467 3.60 6.13 -12.95
N VAL I 468 3.85 7.27 -12.32
CA VAL I 468 4.31 8.35 -13.19
C VAL I 468 5.49 9.04 -12.52
N GLY I 469 5.34 9.34 -11.24
CA GLY I 469 6.35 10.05 -10.46
C GLY I 469 7.79 9.65 -10.66
N GLN I 470 8.60 10.59 -11.13
CA GLN I 470 10.02 10.33 -11.33
C GLN I 470 10.71 10.21 -9.99
N PRO I 471 11.71 9.34 -9.85
CA PRO I 471 12.40 9.18 -8.56
C PRO I 471 13.28 10.38 -8.27
N GLY I 472 13.04 11.01 -7.12
CA GLY I 472 13.90 12.08 -6.65
C GLY I 472 13.29 13.47 -6.67
N ILE I 473 11.97 13.56 -6.52
CA ILE I 473 11.27 14.84 -6.50
C ILE I 473 10.41 14.90 -5.24
N PHE I 474 10.35 16.08 -4.63
CA PHE I 474 9.55 16.24 -3.42
C PHE I 474 8.58 17.42 -3.57
N HIS I 475 7.71 17.63 -2.58
CA HIS I 475 6.55 18.50 -2.75
C HIS I 475 6.26 19.42 -1.58
N LEU I 476 7.25 19.61 -0.70
CA LEU I 476 7.13 20.41 0.51
C LEU I 476 6.22 21.63 0.36
N ASN I 477 5.37 21.87 1.36
CA ASN I 477 4.46 23.00 1.35
C ASN I 477 4.14 23.47 2.76
N MET I 478 4.11 24.78 2.98
CA MET I 478 4.23 25.36 4.32
C MET I 478 3.43 26.65 4.42
N ARG I 479 3.01 26.97 5.65
CA ARG I 479 2.37 28.25 5.95
C ARG I 479 3.42 29.29 6.36
N TYR I 480 3.01 30.53 6.64
CA TYR I 480 3.95 31.49 7.19
C TYR I 480 3.53 32.00 8.55
N ARG I 481 2.31 32.51 8.64
CA ARG I 481 1.88 33.34 9.76
C ARG I 481 2.93 34.39 10.11
N PRO I 482 3.11 35.43 9.28
CA PRO I 482 4.05 36.52 9.62
C PRO I 482 3.81 37.05 11.01
N PRO I 483 4.82 37.67 11.63
CA PRO I 483 4.69 38.12 13.02
C PRO I 483 3.69 39.25 13.19
N VAL I 484 3.49 39.66 14.44
CA VAL I 484 2.55 40.72 14.79
C VAL I 484 3.33 41.94 15.27
N ARG I 485 2.74 43.11 15.09
CA ARG I 485 3.34 44.36 15.53
C ARG I 485 2.27 45.17 16.25
N GLY I 486 2.62 46.41 16.61
CA GLY I 486 1.76 47.20 17.48
C GLY I 486 0.92 48.24 16.79
N ALA I 487 -0.37 48.26 17.13
CA ALA I 487 -1.31 49.27 16.65
C ALA I 487 -2.53 49.30 17.58
N ARG I 488 -3.62 49.90 17.10
CA ARG I 488 -4.94 49.81 17.72
C ARG I 488 -4.93 50.09 19.23
N ILE I 489 -4.38 51.23 19.62
CA ILE I 489 -4.41 51.67 21.01
C ILE I 489 -5.66 52.55 21.18
N ASN I 490 -6.66 52.03 21.89
CA ASN I 490 -7.94 52.70 22.07
C ASN I 490 -8.10 53.03 23.55
N VAL I 491 -7.59 54.19 23.96
CA VAL I 491 -7.68 54.60 25.35
C VAL I 491 -9.10 55.05 25.64
N ASN I 492 -9.53 54.93 26.90
CA ASN I 492 -10.87 55.27 27.35
C ASN I 492 -10.74 56.11 28.63
N MET I 493 -9.93 57.17 28.53
CA MET I 493 -9.62 58.03 29.67
C MET I 493 -10.90 58.47 30.36
N ALA I 494 -10.79 58.69 31.68
CA ALA I 494 -11.95 59.03 32.52
C ALA I 494 -11.50 60.04 33.55
N PRO I 495 -11.69 61.33 33.27
CA PRO I 495 -11.23 62.40 34.17
C PRO I 495 -11.96 62.44 35.50
N ALA I 496 -12.80 61.44 35.79
CA ALA I 496 -13.76 61.48 36.90
C ALA I 496 -13.10 61.90 38.21
N LEU I 497 -13.91 62.39 39.15
CA LEU I 497 -13.43 63.30 40.17
C LEU I 497 -13.41 62.57 41.51
N PHE I 498 -13.00 63.29 42.54
CA PHE I 498 -12.79 62.75 43.87
C PHE I 498 -13.61 63.51 44.91
N CYS J 3 8.09 -33.55 -1.31
CA CYS J 3 9.38 -33.84 -1.89
C CYS J 3 10.49 -33.65 -0.86
N ASN J 4 11.17 -32.50 -0.94
CA ASN J 4 12.18 -32.14 0.06
C ASN J 4 13.29 -33.18 0.14
N LYS J 5 14.13 -33.27 -0.89
CA LYS J 5 15.20 -34.25 -0.95
C LYS J 5 16.01 -34.26 0.35
N GLN J 6 16.62 -35.41 0.60
CA GLN J 6 17.38 -35.63 1.84
C GLN J 6 18.18 -34.52 2.39
N ASN J 7 17.98 -34.23 3.66
CA ASN J 7 18.87 -33.24 4.25
C ASN J 7 20.30 -33.76 4.27
N GLY J 8 21.25 -32.83 4.24
CA GLY J 8 22.66 -33.16 4.24
C GLY J 8 23.45 -32.17 3.41
N VAL J 9 24.75 -32.15 3.65
CA VAL J 9 25.67 -31.23 2.97
C VAL J 9 26.34 -31.96 1.81
N LYS J 10 26.63 -31.23 0.74
CA LYS J 10 27.29 -31.79 -0.42
C LYS J 10 28.69 -31.23 -0.64
N ASN J 11 28.86 -29.91 -0.61
CA ASN J 11 30.16 -29.30 -0.82
C ASN J 11 30.42 -28.27 0.26
N ILE J 12 31.68 -28.17 0.67
CA ILE J 12 32.12 -27.16 1.63
C ILE J 12 33.42 -26.55 1.12
N LEU J 13 33.40 -25.25 0.82
CA LEU J 13 34.56 -24.54 0.33
C LEU J 13 35.04 -23.55 1.38
N ILE J 14 36.36 -23.46 1.55
CA ILE J 14 36.95 -22.57 2.54
C ILE J 14 38.16 -21.88 1.91
N THR J 15 38.29 -20.58 2.18
CA THR J 15 39.42 -19.79 1.69
C THR J 15 40.06 -19.08 2.87
N PHE J 16 41.36 -19.32 3.06
CA PHE J 16 42.10 -18.74 4.17
C PHE J 16 42.92 -17.56 3.68
N THR J 17 42.90 -16.48 4.46
CA THR J 17 43.74 -15.31 4.22
C THR J 17 44.40 -14.93 5.52
N ASP J 18 45.72 -15.11 5.59
CA ASP J 18 46.46 -14.73 6.79
C ASP J 18 46.34 -13.24 7.02
N CYS J 19 46.02 -12.85 8.25
CA CYS J 19 45.77 -11.45 8.57
C CYS J 19 47.04 -10.66 8.82
N ASP J 20 48.21 -11.25 8.59
CA ASP J 20 49.48 -10.55 8.75
C ASP J 20 50.20 -10.33 7.43
N THR J 21 50.44 -11.39 6.67
CA THR J 21 51.11 -11.30 5.38
C THR J 21 50.14 -11.18 4.22
N GLN J 22 48.84 -11.25 4.47
CA GLN J 22 47.80 -11.09 3.45
C GLN J 22 47.95 -12.11 2.32
N GLU J 23 48.50 -13.28 2.61
CA GLU J 23 48.56 -14.34 1.62
C GLU J 23 47.29 -15.17 1.67
N VAL J 24 46.81 -15.58 0.49
CA VAL J 24 45.53 -16.25 0.35
C VAL J 24 45.77 -17.71 -0.03
N ILE J 25 44.98 -18.61 0.55
CA ILE J 25 45.03 -20.03 0.26
C ILE J 25 43.61 -20.51 -0.02
N GLY J 26 43.41 -21.17 -1.15
CA GLY J 26 42.12 -21.73 -1.47
C GLY J 26 41.54 -21.19 -2.76
N PRO J 27 40.23 -21.38 -2.97
CA PRO J 27 39.32 -22.09 -2.06
C PRO J 27 39.50 -23.61 -2.08
N ILE J 28 39.66 -24.20 -0.90
CA ILE J 28 39.85 -25.63 -0.77
C ILE J 28 38.53 -26.25 -0.32
N SER J 29 38.32 -27.50 -0.73
CA SER J 29 37.14 -28.21 -0.26
C SER J 29 37.45 -28.91 1.07
N HIS J 30 36.40 -29.47 1.67
CA HIS J 30 36.54 -30.17 2.95
C HIS J 30 35.47 -31.24 3.03
N GLU J 31 35.55 -32.06 4.08
CA GLU J 31 34.62 -33.17 4.26
C GLU J 31 34.08 -33.18 5.67
N GLN J 32 32.79 -33.43 5.80
CA GLN J 32 32.16 -33.53 7.11
C GLN J 32 32.79 -34.67 7.91
N PRO J 33 33.00 -34.49 9.21
CA PRO J 33 33.60 -35.57 10.01
C PRO J 33 32.57 -36.54 10.53
N ASP J 34 31.30 -36.15 10.55
CA ASP J 34 30.24 -37.00 11.08
C ASP J 34 28.94 -36.67 10.35
N ASP J 35 27.82 -37.04 10.95
CA ASP J 35 26.52 -36.83 10.32
C ASP J 35 25.93 -35.46 10.61
N THR J 36 26.39 -34.79 11.65
CA THR J 36 25.82 -33.49 12.01
C THR J 36 26.09 -32.47 10.90
N LEU J 37 25.28 -31.41 10.91
CA LEU J 37 25.29 -30.40 9.86
C LEU J 37 25.66 -29.05 10.44
N PRO J 38 26.17 -28.14 9.62
CA PRO J 38 26.42 -26.78 10.10
C PRO J 38 25.13 -26.07 10.45
N THR J 39 25.23 -25.13 11.38
CA THR J 39 24.09 -24.33 11.79
C THR J 39 24.27 -22.90 11.33
N TYR J 40 23.19 -22.12 11.40
CA TYR J 40 23.18 -20.79 10.83
C TYR J 40 22.34 -19.84 11.65
N LYS J 41 22.62 -18.55 11.48
CA LYS J 41 21.74 -17.48 11.93
C LYS J 41 22.03 -16.29 11.04
N ASN J 42 21.04 -15.87 10.24
CA ASN J 42 21.23 -14.85 9.21
C ASN J 42 20.89 -13.45 9.72
N CYS J 43 19.82 -13.31 10.49
CA CYS J 43 19.37 -11.99 10.89
C CYS J 43 20.42 -11.31 11.74
N ALA J 44 20.83 -10.11 11.32
CA ALA J 44 21.82 -9.33 12.03
C ALA J 44 21.24 -8.48 13.15
N TRP J 45 20.01 -8.77 13.56
CA TRP J 45 19.31 -8.00 14.60
C TRP J 45 18.64 -8.98 15.55
N THR J 46 19.26 -9.23 16.70
CA THR J 46 18.59 -10.02 17.72
C THR J 46 17.53 -9.19 18.42
N ASN J 47 16.59 -9.88 19.03
CA ASN J 47 15.50 -9.26 19.77
C ASN J 47 15.57 -9.65 21.24
N THR J 48 14.93 -8.85 22.08
CA THR J 48 14.90 -9.10 23.51
C THR J 48 13.49 -8.90 24.00
N ALA J 49 13.03 -9.82 24.85
CA ALA J 49 11.64 -9.81 25.30
C ALA J 49 11.41 -8.66 26.26
N LEU J 50 10.76 -7.60 25.78
CA LEU J 50 10.29 -6.54 26.65
C LEU J 50 8.97 -6.95 27.28
N THR J 51 8.26 -6.01 27.89
CA THR J 51 6.99 -6.30 28.53
C THR J 51 5.82 -5.88 27.64
N ASN J 52 4.70 -6.57 27.81
CA ASN J 52 3.44 -6.24 27.14
C ASN J 52 3.56 -6.33 25.63
N GLY J 53 4.30 -7.33 25.16
CA GLY J 53 4.39 -7.61 23.75
C GLY J 53 5.45 -6.84 22.98
N TYR J 54 6.02 -5.79 23.56
CA TYR J 54 7.01 -4.98 22.86
C TYR J 54 8.33 -5.77 22.77
N VAL J 55 9.33 -5.17 22.15
CA VAL J 55 10.59 -5.83 21.91
C VAL J 55 11.66 -4.80 21.57
N GLN J 56 12.89 -5.04 22.00
CA GLN J 56 14.01 -4.13 21.73
C GLN J 56 14.89 -4.75 20.66
N ARG J 57 14.96 -4.10 19.51
CA ARG J 57 15.69 -4.61 18.34
C ARG J 57 17.07 -3.94 18.29
N SER J 58 18.08 -4.67 18.74
CA SER J 58 19.45 -4.18 18.74
C SER J 58 20.26 -4.85 17.63
N ALA J 59 21.45 -4.33 17.38
CA ALA J 59 22.30 -4.86 16.33
C ALA J 59 23.14 -6.02 16.86
N SER J 60 23.40 -6.98 15.99
CA SER J 60 24.20 -8.15 16.35
C SER J 60 24.83 -8.72 15.08
N ASN J 61 25.47 -9.89 15.23
CA ASN J 61 26.30 -10.47 14.19
C ASN J 61 25.69 -11.77 13.69
N ALA J 62 25.83 -12.03 12.40
CA ALA J 62 25.41 -13.30 11.83
C ALA J 62 26.48 -14.35 12.10
N THR J 63 26.10 -15.45 12.73
CA THR J 63 27.03 -16.47 13.16
C THR J 63 26.88 -17.71 12.29
N MET J 64 27.83 -18.62 12.43
CA MET J 64 27.80 -19.88 11.70
C MET J 64 28.73 -20.86 12.38
N THR J 65 28.23 -22.05 12.68
CA THR J 65 29.00 -23.10 13.34
C THR J 65 29.17 -24.25 12.36
N LEU J 66 30.41 -24.65 12.13
CA LEU J 66 30.71 -25.59 11.06
C LEU J 66 31.82 -26.55 11.44
N PRO J 67 31.54 -27.85 11.51
CA PRO J 67 32.60 -28.84 11.74
C PRO J 67 33.17 -29.39 10.44
N VAL J 68 34.50 -29.48 10.39
CA VAL J 68 35.20 -29.96 9.22
C VAL J 68 36.39 -30.80 9.66
N VAL J 69 36.88 -31.62 8.73
CA VAL J 69 38.10 -32.40 8.93
C VAL J 69 39.29 -31.55 8.49
N ARG J 70 40.30 -31.45 9.34
CA ARG J 70 41.46 -30.63 9.04
C ARG J 70 42.16 -31.14 7.79
N ASP J 71 42.47 -30.21 6.89
CA ASP J 71 43.21 -30.54 5.67
C ASP J 71 44.70 -30.55 6.00
N LEU J 72 45.37 -31.66 5.68
CA LEU J 72 46.74 -31.89 6.14
C LEU J 72 47.76 -31.04 5.41
N ARG J 73 47.33 -30.04 4.65
CA ARG J 73 48.25 -29.09 4.04
C ARG J 73 48.07 -27.67 4.57
N VAL J 74 47.03 -27.41 5.34
CA VAL J 74 46.81 -26.11 5.96
C VAL J 74 47.15 -26.23 7.45
N PRO J 75 47.95 -25.32 8.00
CA PRO J 75 48.29 -25.42 9.43
C PRO J 75 47.04 -25.33 10.30
N LEU J 76 47.11 -25.95 11.47
CA LEU J 76 45.97 -25.96 12.37
C LEU J 76 45.66 -24.57 12.90
N ALA J 77 46.66 -23.69 12.95
CA ALA J 77 46.41 -22.33 13.41
C ALA J 77 45.39 -21.61 12.54
N PHE J 78 45.36 -21.93 11.24
CA PHE J 78 44.43 -21.29 10.35
C PHE J 78 42.98 -21.65 10.65
N TYR J 79 42.76 -22.72 11.40
CA TYR J 79 41.41 -23.06 11.84
C TYR J 79 41.10 -22.53 13.23
N GLN J 80 42.13 -22.31 14.06
CA GLN J 80 41.93 -21.91 15.45
C GLN J 80 41.69 -20.41 15.61
N GLY J 81 41.67 -19.64 14.53
CA GLY J 81 41.39 -18.23 14.64
C GLY J 81 42.59 -17.34 14.39
N CYS J 82 43.54 -17.82 13.60
CA CYS J 82 44.70 -17.04 13.20
C CYS J 82 44.68 -16.75 11.71
N ALA J 83 43.50 -16.83 11.08
CA ALA J 83 43.39 -16.63 9.65
C ALA J 83 41.95 -16.29 9.30
N GLN J 84 41.77 -15.18 8.59
CA GLN J 84 40.46 -14.78 8.10
C GLN J 84 39.96 -15.78 7.07
N VAL J 85 38.71 -16.22 7.21
CA VAL J 85 38.17 -17.31 6.41
C VAL J 85 36.93 -16.87 5.65
N ASP J 86 36.76 -17.43 4.46
CA ASP J 86 35.56 -17.26 3.64
C ASP J 86 35.03 -18.64 3.32
N VAL J 87 33.81 -18.94 3.75
CA VAL J 87 33.27 -20.28 3.67
C VAL J 87 32.02 -20.29 2.80
N GLN J 88 31.75 -21.45 2.19
CA GLN J 88 30.56 -21.65 1.38
C GLN J 88 30.09 -23.09 1.57
N VAL J 89 28.79 -23.26 1.77
CA VAL J 89 28.19 -24.56 1.97
C VAL J 89 27.06 -24.73 0.96
N GLU J 90 26.89 -25.96 0.46
CA GLU J 90 25.84 -26.26 -0.50
C GLU J 90 25.18 -27.58 -0.12
N LYS J 91 23.86 -27.54 0.07
CA LYS J 91 23.12 -28.72 0.48
C LYS J 91 22.59 -29.48 -0.72
N PHE J 92 21.99 -30.64 -0.44
CA PHE J 92 21.48 -31.49 -1.52
C PHE J 92 20.28 -30.86 -2.21
N ASP J 93 19.43 -30.20 -1.44
CA ASP J 93 18.20 -29.64 -2.00
C ASP J 93 18.43 -28.42 -2.88
N GLY J 94 19.67 -27.95 -3.00
CA GLY J 94 20.00 -26.84 -3.88
C GLY J 94 20.40 -25.56 -3.16
N THR J 95 20.14 -25.48 -1.87
CA THR J 95 20.50 -24.29 -1.11
C THR J 95 22.01 -24.12 -1.06
N VAL J 96 22.46 -22.87 -1.05
CA VAL J 96 23.87 -22.54 -0.85
C VAL J 96 23.97 -21.35 0.08
N MET J 97 24.95 -21.40 0.99
CA MET J 97 25.16 -20.35 1.98
C MET J 97 26.59 -19.86 1.84
N THR J 98 26.75 -18.60 1.45
CA THR J 98 28.06 -18.02 1.27
C THR J 98 28.37 -17.04 2.39
N LEU J 99 29.66 -16.86 2.65
CA LEU J 99 30.11 -16.04 3.76
C LEU J 99 31.46 -15.45 3.41
N THR J 100 31.60 -14.13 3.55
CA THR J 100 32.84 -13.45 3.24
C THR J 100 33.33 -12.66 4.44
N GLU J 101 34.65 -12.47 4.50
CA GLU J 101 35.33 -11.85 5.64
C GLU J 101 34.81 -12.37 6.97
N GLY J 102 34.88 -13.69 7.13
CA GLY J 102 34.56 -14.30 8.40
C GLY J 102 35.74 -14.22 9.36
N ALA J 103 35.44 -14.43 10.64
CA ALA J 103 36.47 -14.40 11.67
C ALA J 103 36.17 -15.48 12.70
N VAL J 104 37.04 -16.47 12.80
CA VAL J 104 36.87 -17.56 13.75
C VAL J 104 36.95 -17.00 15.17
N VAL J 105 35.85 -17.06 15.90
CA VAL J 105 35.78 -16.50 17.24
C VAL J 105 35.61 -17.65 18.23
N GLU J 106 36.08 -17.42 19.45
CA GLU J 106 36.00 -18.39 20.54
C GLU J 106 36.57 -19.74 20.08
N PRO J 107 37.88 -19.85 19.94
CA PRO J 107 38.46 -21.12 19.50
C PRO J 107 38.30 -22.20 20.57
N GLU J 108 38.03 -23.41 20.11
CA GLU J 108 37.82 -24.55 20.98
C GLU J 108 38.94 -25.55 20.77
N GLU J 109 39.40 -26.15 21.85
CA GLU J 109 40.52 -27.10 21.77
C GLU J 109 40.14 -28.27 20.88
N SER J 110 41.02 -28.60 19.94
CA SER J 110 40.80 -29.69 19.00
C SER J 110 41.91 -30.71 19.15
N ASP J 111 41.80 -31.80 18.39
CA ASP J 111 42.75 -32.90 18.47
C ASP J 111 43.66 -33.01 17.24
N GLY J 112 43.43 -32.19 16.21
CA GLY J 112 44.29 -32.20 15.04
C GLY J 112 43.69 -32.84 13.81
N ARG J 113 42.49 -33.40 13.90
CA ARG J 113 41.85 -33.99 12.74
C ARG J 113 40.39 -33.61 12.57
N SER J 114 39.78 -32.92 13.53
CA SER J 114 38.38 -32.52 13.41
C SER J 114 38.17 -31.26 14.24
N VAL J 115 37.91 -30.15 13.57
CA VAL J 115 37.71 -28.87 14.25
C VAL J 115 36.28 -28.44 14.07
N THR J 116 35.81 -27.59 14.99
CA THR J 116 34.47 -27.02 14.93
C THR J 116 34.63 -25.50 15.04
N MET J 117 34.52 -24.83 13.90
CA MET J 117 34.77 -23.40 13.82
C MET J 117 33.49 -22.61 14.03
N ASN J 118 33.57 -21.58 14.87
CA ASN J 118 32.44 -20.69 15.13
C ASN J 118 32.70 -19.40 14.36
N ILE J 119 32.31 -19.38 13.10
CA ILE J 119 32.53 -18.22 12.25
C ILE J 119 31.51 -17.14 12.58
N VAL J 120 31.98 -15.90 12.64
CA VAL J 120 31.12 -14.73 12.78
C VAL J 120 31.39 -13.79 11.62
N ALA J 121 30.32 -13.34 10.95
CA ALA J 121 30.46 -12.48 9.79
C ALA J 121 29.37 -11.42 9.82
N SER J 122 29.53 -10.42 8.96
CA SER J 122 28.58 -9.32 8.93
C SER J 122 27.22 -9.77 8.39
N GLU J 123 27.21 -10.65 7.40
CA GLU J 123 25.97 -11.10 6.80
C GLU J 123 26.22 -12.36 5.98
N ILE J 124 25.30 -13.32 6.09
CA ILE J 124 25.34 -14.56 5.32
C ILE J 124 24.27 -14.50 4.26
N ASP J 125 24.61 -14.90 3.04
CA ASP J 125 23.73 -14.80 1.90
C ASP J 125 23.26 -16.17 1.43
N GLU J 126 22.00 -16.26 1.06
CA GLU J 126 21.35 -17.51 0.65
C GLU J 126 21.16 -17.52 -0.86
N LEU J 127 20.60 -18.61 -1.36
CA LEU J 127 20.30 -18.70 -2.77
C LEU J 127 19.25 -19.74 -2.80
N LEU J 128 18.20 -19.54 -2.03
CA LEU J 128 17.14 -20.52 -1.94
C LEU J 128 17.02 -21.24 -3.26
N PRO J 129 17.06 -22.57 -3.23
CA PRO J 129 17.05 -23.34 -4.47
C PRO J 129 16.04 -22.88 -5.48
N PRO J 130 16.35 -23.03 -6.77
CA PRO J 130 15.44 -22.64 -7.84
C PRO J 130 14.00 -22.54 -7.38
N CYS K 3 -13.96 -38.57 26.27
CA CYS K 3 -13.51 -38.74 24.89
C CYS K 3 -12.10 -38.20 24.73
N ASN K 4 -11.98 -36.88 24.57
CA ASN K 4 -10.69 -36.20 24.48
C ASN K 4 -9.85 -36.76 23.33
N LYS K 5 -10.32 -36.46 22.11
CA LYS K 5 -9.67 -36.87 20.87
C LYS K 5 -8.17 -36.66 20.93
N GLN K 6 -7.40 -37.51 20.25
CA GLN K 6 -5.96 -37.60 20.47
C GLN K 6 -5.27 -36.27 20.25
N ASN K 7 -4.39 -35.92 21.18
CA ASN K 7 -3.65 -34.67 21.12
C ASN K 7 -2.72 -34.66 19.90
N GLY K 8 -2.48 -33.48 19.38
CA GLY K 8 -1.62 -33.31 18.23
C GLY K 8 -2.04 -32.12 17.39
N VAL K 9 -1.08 -31.61 16.61
CA VAL K 9 -1.31 -30.47 15.73
C VAL K 9 -1.77 -30.97 14.38
N LYS K 10 -2.61 -30.19 13.70
CA LYS K 10 -3.12 -30.54 12.37
C LYS K 10 -2.76 -29.51 11.31
N ASN K 11 -2.76 -28.23 11.65
CA ASN K 11 -2.47 -27.18 10.69
C ASN K 11 -1.66 -26.07 11.35
N ILE K 12 -0.64 -25.59 10.66
CA ILE K 12 0.20 -24.49 11.11
C ILE K 12 0.27 -23.49 9.99
N LEU K 13 -0.35 -22.33 10.16
CA LEU K 13 -0.31 -21.26 9.18
C LEU K 13 0.57 -20.14 9.69
N ILE K 14 1.46 -19.63 8.83
CA ILE K 14 2.37 -18.57 9.18
C ILE K 14 2.34 -17.51 8.09
N THR K 15 2.32 -16.25 8.49
CA THR K 15 2.31 -15.12 7.56
C THR K 15 3.49 -14.23 7.88
N PHE K 16 4.39 -14.07 6.91
CA PHE K 16 5.58 -13.27 7.10
C PHE K 16 5.37 -11.86 6.58
N THR K 17 5.89 -10.88 7.31
CA THR K 17 5.83 -9.48 6.92
C THR K 17 7.17 -8.85 7.23
N ASP K 18 7.86 -8.37 6.21
CA ASP K 18 9.14 -7.72 6.40
C ASP K 18 8.94 -6.27 6.83
N CYS K 19 9.58 -5.89 7.92
CA CYS K 19 9.45 -4.54 8.44
C CYS K 19 10.45 -3.57 7.82
N ASP K 20 11.01 -3.90 6.66
CA ASP K 20 11.87 -2.99 5.92
C ASP K 20 11.27 -2.60 4.57
N THR K 21 10.85 -3.57 3.77
CA THR K 21 10.24 -3.30 2.49
C THR K 21 8.72 -3.36 2.53
N GLN K 22 8.13 -3.65 3.69
CA GLN K 22 6.69 -3.75 3.86
C GLN K 22 6.05 -4.78 2.95
N GLU K 23 6.80 -5.83 2.60
CA GLU K 23 6.24 -6.90 1.78
C GLU K 23 5.60 -7.97 2.66
N VAL K 24 4.59 -8.64 2.10
CA VAL K 24 3.85 -9.67 2.81
C VAL K 24 3.96 -10.98 2.05
N ILE K 25 4.11 -12.07 2.81
CA ILE K 25 4.19 -13.41 2.25
C ILE K 25 3.30 -14.32 3.10
N GLY K 26 2.35 -14.99 2.46
CA GLY K 26 1.50 -15.93 3.16
C GLY K 26 0.03 -15.62 3.03
N PRO K 27 -0.81 -16.28 3.85
CA PRO K 27 -0.42 -17.26 4.86
C PRO K 27 -0.04 -18.62 4.28
N ILE K 28 1.20 -19.03 4.53
CA ILE K 28 1.73 -20.30 4.04
C ILE K 28 1.60 -21.34 5.14
N SER K 29 1.21 -22.55 4.77
CA SER K 29 1.16 -23.64 5.73
C SER K 29 2.53 -24.28 5.89
N HIS K 30 2.71 -24.96 7.01
CA HIS K 30 3.97 -25.63 7.32
C HIS K 30 3.67 -27.01 7.89
N GLU K 31 4.73 -27.79 8.12
CA GLU K 31 4.60 -29.15 8.62
C GLU K 31 5.46 -29.33 9.85
N GLN K 32 4.93 -30.07 10.83
CA GLN K 32 5.69 -30.36 12.03
C GLN K 32 6.90 -31.22 11.70
N PRO K 33 8.06 -30.97 12.30
CA PRO K 33 9.24 -31.77 11.99
C PRO K 33 9.35 -33.04 12.82
N ASP K 34 8.68 -33.07 13.97
CA ASP K 34 8.80 -34.19 14.89
C ASP K 34 7.49 -34.35 15.63
N ASP K 35 7.53 -35.05 16.76
CA ASP K 35 6.34 -35.26 17.59
C ASP K 35 6.15 -34.16 18.64
N THR K 36 7.17 -33.33 18.85
CA THR K 36 7.03 -32.23 19.79
C THR K 36 5.95 -31.26 19.34
N LEU K 37 5.21 -30.74 20.30
CA LEU K 37 4.10 -29.86 19.99
C LEU K 37 4.41 -28.42 20.34
N PRO K 38 3.81 -27.45 19.65
CA PRO K 38 4.01 -26.05 20.03
C PRO K 38 3.40 -25.75 21.38
N THR K 39 4.13 -24.99 22.18
CA THR K 39 3.76 -24.72 23.56
C THR K 39 3.32 -23.27 23.69
N TYR K 40 2.40 -23.02 24.63
CA TYR K 40 1.69 -21.75 24.69
C TYR K 40 1.61 -21.22 26.10
N LYS K 41 1.37 -19.92 26.20
CA LYS K 41 1.16 -19.24 27.48
C LYS K 41 0.32 -18.01 27.20
N ASN K 42 -0.91 -17.97 27.71
CA ASN K 42 -1.86 -16.92 27.35
C ASN K 42 -1.90 -15.78 28.35
N CYS K 43 -1.87 -16.07 29.65
CA CYS K 43 -1.95 -15.02 30.65
C CYS K 43 -0.76 -14.09 30.53
N ALA K 44 -1.04 -12.82 30.22
CA ALA K 44 0.00 -11.81 30.00
C ALA K 44 0.48 -11.18 31.29
N TRP K 45 0.27 -11.85 32.43
CA TRP K 45 0.67 -11.32 33.73
C TRP K 45 1.40 -12.43 34.49
N THR K 46 2.69 -12.24 34.74
CA THR K 46 3.36 -13.18 35.61
C THR K 46 3.12 -12.84 37.08
N ASN K 47 3.33 -13.83 37.93
CA ASN K 47 3.18 -13.68 39.36
C ASN K 47 4.50 -14.03 40.04
N THR K 48 4.73 -13.42 41.19
CA THR K 48 5.93 -13.69 41.97
C THR K 48 5.53 -13.95 43.41
N ALA K 49 6.16 -14.93 44.03
CA ALA K 49 5.75 -15.41 45.34
C ALA K 49 6.24 -14.45 46.43
N LEU K 50 5.33 -13.70 47.03
CA LEU K 50 5.64 -12.92 48.21
C LEU K 50 5.52 -13.80 49.45
N THR K 51 5.49 -13.19 50.62
CA THR K 51 5.36 -13.93 51.87
C THR K 51 3.90 -13.97 52.31
N ASN K 52 3.51 -15.11 52.88
CA ASN K 52 2.20 -15.29 53.51
C ASN K 52 1.06 -15.14 52.50
N GLY K 53 1.14 -15.97 51.45
CA GLY K 53 0.05 -16.10 50.51
C GLY K 53 -0.09 -14.98 49.51
N TYR K 54 0.55 -13.84 49.72
CA TYR K 54 0.42 -12.72 48.81
C TYR K 54 1.18 -13.00 47.52
N VAL K 55 1.10 -12.05 46.58
CA VAL K 55 1.72 -12.23 45.27
C VAL K 55 1.81 -10.87 44.59
N GLN K 56 2.89 -10.64 43.85
CA GLN K 56 3.09 -9.38 43.12
C GLN K 56 2.77 -9.61 41.65
N ARG K 57 1.62 -9.09 41.21
CA ARG K 57 1.14 -9.29 39.85
C ARG K 57 1.61 -8.12 38.99
N SER K 58 2.51 -8.41 38.05
CA SER K 58 3.06 -7.40 37.16
C SER K 58 2.71 -7.76 35.71
N ALA K 59 3.10 -6.87 34.79
CA ALA K 59 2.79 -7.06 33.38
C ALA K 59 3.87 -7.88 32.70
N SER K 60 3.47 -8.60 31.66
CA SER K 60 4.38 -9.46 30.90
C SER K 60 3.78 -9.71 29.53
N ASN K 61 4.36 -10.68 28.81
CA ASN K 61 4.00 -10.98 27.44
C ASN K 61 3.24 -12.30 27.34
N ALA K 62 2.78 -12.59 26.14
CA ALA K 62 2.26 -13.91 25.79
C ALA K 62 3.27 -14.58 24.87
N THR K 63 3.79 -15.73 25.29
CA THR K 63 4.87 -16.38 24.57
C THR K 63 4.33 -17.55 23.77
N MET K 64 5.19 -18.09 22.91
CA MET K 64 4.83 -19.22 22.07
C MET K 64 6.10 -19.89 21.60
N THR K 65 6.12 -21.22 21.62
CA THR K 65 7.25 -21.99 21.13
C THR K 65 6.77 -22.88 20.00
N LEU K 66 7.36 -22.71 18.81
CA LEU K 66 6.87 -23.43 17.64
C LEU K 66 8.00 -23.96 16.77
N PRO K 67 8.16 -25.29 16.66
CA PRO K 67 9.10 -25.83 15.69
C PRO K 67 8.44 -26.18 14.36
N VAL K 68 9.05 -25.75 13.25
CA VAL K 68 8.53 -26.04 11.92
C VAL K 68 9.67 -26.28 10.96
N VAL K 69 9.40 -27.08 9.93
CA VAL K 69 10.33 -27.30 8.84
C VAL K 69 10.30 -26.10 7.92
N ARG K 70 11.47 -25.56 7.60
CA ARG K 70 11.56 -24.40 6.73
C ARG K 70 10.98 -24.69 5.36
N ASP K 71 10.19 -23.75 4.85
CA ASP K 71 9.69 -23.84 3.48
C ASP K 71 10.74 -23.31 2.53
N LEU K 72 11.05 -24.08 1.48
CA LEU K 72 12.20 -23.79 0.64
C LEU K 72 11.97 -22.61 -0.30
N ARG K 73 10.92 -21.85 -0.06
CA ARG K 73 10.68 -20.61 -0.80
C ARG K 73 10.83 -19.36 0.04
N VAL K 74 10.61 -19.46 1.34
CA VAL K 74 10.80 -18.32 2.24
C VAL K 74 12.24 -18.31 2.74
N PRO K 75 12.93 -17.18 2.71
CA PRO K 75 14.32 -17.15 3.19
C PRO K 75 14.42 -17.54 4.65
N LEU K 76 15.57 -18.13 5.01
CA LEU K 76 15.76 -18.59 6.39
C LEU K 76 15.76 -17.43 7.37
N ALA K 77 16.25 -16.27 6.94
CA ALA K 77 16.31 -15.11 7.83
C ALA K 77 14.94 -14.74 8.36
N PHE K 78 13.88 -15.02 7.60
CA PHE K 78 12.54 -14.70 8.05
C PHE K 78 12.12 -15.52 9.27
N TYR K 79 12.82 -16.62 9.56
CA TYR K 79 12.55 -17.39 10.77
C TYR K 79 13.47 -17.04 11.93
N GLN K 80 14.59 -16.38 11.66
CA GLN K 80 15.52 -15.99 12.71
C GLN K 80 15.27 -14.58 13.23
N GLY K 81 14.11 -14.01 12.91
CA GLY K 81 13.74 -12.70 13.45
C GLY K 81 14.05 -11.52 12.55
N CYS K 82 13.86 -11.68 11.24
CA CYS K 82 13.93 -10.55 10.32
C CYS K 82 12.57 -10.15 9.78
N ALA K 83 11.48 -10.65 10.35
CA ALA K 83 10.16 -10.36 9.82
C ALA K 83 9.11 -10.60 10.89
N GLN K 84 8.07 -9.79 10.85
CA GLN K 84 6.93 -9.96 11.75
C GLN K 84 6.07 -11.14 11.29
N VAL K 85 5.73 -12.01 12.22
CA VAL K 85 5.04 -13.25 11.88
C VAL K 85 3.62 -13.21 12.46
N ASP K 86 2.70 -13.81 11.72
CA ASP K 86 1.31 -14.00 12.14
C ASP K 86 1.02 -15.49 12.06
N VAL K 87 0.96 -16.15 13.20
CA VAL K 87 0.90 -17.61 13.23
C VAL K 87 -0.47 -18.06 13.72
N GLN K 88 -0.86 -19.27 13.32
CA GLN K 88 -2.15 -19.84 13.69
C GLN K 88 -1.99 -21.35 13.76
N VAL K 89 -2.37 -21.93 14.89
CA VAL K 89 -2.29 -23.37 15.09
C VAL K 89 -3.69 -23.91 15.28
N GLU K 90 -3.88 -25.19 14.93
CA GLU K 90 -5.14 -25.88 15.15
C GLU K 90 -4.85 -27.31 15.55
N LYS K 91 -5.30 -27.70 16.74
CA LYS K 91 -5.09 -29.06 17.21
C LYS K 91 -6.16 -29.98 16.61
N PHE K 92 -6.11 -31.27 16.96
CA PHE K 92 -7.12 -32.20 16.46
C PHE K 92 -8.45 -32.06 17.18
N ASP K 93 -8.43 -31.72 18.46
CA ASP K 93 -9.66 -31.63 19.22
C ASP K 93 -10.46 -30.38 18.89
N GLY K 94 -10.04 -29.56 17.93
CA GLY K 94 -10.78 -28.39 17.52
C GLY K 94 -10.19 -27.08 17.96
N THR K 95 -9.32 -27.10 18.96
CA THR K 95 -8.72 -25.87 19.48
C THR K 95 -7.86 -25.20 18.40
N VAL K 96 -8.05 -23.89 18.25
CA VAL K 96 -7.26 -23.09 17.32
C VAL K 96 -6.78 -21.84 18.05
N MET K 97 -5.49 -21.57 17.97
CA MET K 97 -4.86 -20.45 18.65
C MET K 97 -4.23 -19.52 17.62
N THR K 98 -4.55 -18.23 17.74
CA THR K 98 -4.09 -17.21 16.80
C THR K 98 -3.15 -16.25 17.49
N LEU K 99 -2.10 -15.86 16.77
CA LEU K 99 -1.14 -14.87 17.27
C LEU K 99 -0.82 -13.93 16.13
N THR K 100 -1.11 -12.65 16.32
CA THR K 100 -0.92 -11.65 15.29
C THR K 100 0.23 -10.71 15.66
N GLU K 101 0.83 -10.13 14.63
CA GLU K 101 1.94 -9.17 14.73
C GLU K 101 2.93 -9.53 15.83
N GLY K 102 3.29 -10.80 15.92
CA GLY K 102 4.32 -11.25 16.85
C GLY K 102 5.71 -11.00 16.30
N ALA K 103 6.70 -11.29 17.14
CA ALA K 103 8.08 -11.07 16.75
C ALA K 103 8.96 -12.17 17.33
N VAL K 104 9.86 -12.70 16.51
CA VAL K 104 10.75 -13.77 16.95
C VAL K 104 11.79 -13.19 17.89
N VAL K 105 11.84 -13.71 19.11
CA VAL K 105 12.78 -13.25 20.13
C VAL K 105 13.80 -14.33 20.40
N GLU K 106 15.04 -13.91 20.64
CA GLU K 106 16.17 -14.78 20.97
C GLU K 106 16.28 -15.92 19.97
N PRO K 107 16.71 -15.65 18.75
CA PRO K 107 16.82 -16.72 17.75
C PRO K 107 17.93 -17.70 18.11
N GLU K 108 17.70 -18.97 17.79
CA GLU K 108 18.67 -20.02 18.02
C GLU K 108 19.23 -20.49 16.68
N GLU K 109 20.44 -21.05 16.74
CA GLU K 109 21.05 -21.62 15.54
C GLU K 109 20.16 -22.68 14.92
N SER K 110 20.11 -22.68 13.60
CA SER K 110 19.36 -23.68 12.86
C SER K 110 20.21 -24.19 11.72
N ASP K 111 19.94 -25.42 11.28
CA ASP K 111 20.75 -26.07 10.26
C ASP K 111 20.24 -25.84 8.85
N GLY K 112 19.00 -25.35 8.70
CA GLY K 112 18.47 -25.05 7.37
C GLY K 112 17.23 -25.83 6.99
N ARG K 113 16.75 -26.76 7.83
CA ARG K 113 15.55 -27.52 7.51
C ARG K 113 14.56 -27.61 8.66
N SER K 114 14.94 -27.22 9.87
CA SER K 114 14.01 -27.29 11.00
C SER K 114 14.37 -26.15 11.95
N VAL K 115 13.49 -25.16 12.03
CA VAL K 115 13.70 -24.02 12.92
C VAL K 115 12.74 -24.14 14.09
N THR K 116 13.13 -23.50 15.20
CA THR K 116 12.32 -23.47 16.42
C THR K 116 12.18 -22.01 16.83
N MET K 117 11.03 -21.42 16.55
CA MET K 117 10.80 -20.01 16.80
C MET K 117 10.24 -19.80 18.20
N ASN K 118 10.85 -18.87 18.92
CA ASN K 118 10.33 -18.39 20.20
C ASN K 118 9.64 -17.06 19.93
N ILE K 119 8.34 -17.12 19.74
CA ILE K 119 7.55 -15.94 19.38
C ILE K 119 7.03 -15.28 20.64
N VAL K 120 7.01 -13.95 20.64
CA VAL K 120 6.46 -13.15 21.71
C VAL K 120 5.41 -12.22 21.13
N ALA K 121 4.28 -12.07 21.81
CA ALA K 121 3.21 -11.23 21.31
C ALA K 121 2.40 -10.69 22.49
N SER K 122 1.52 -9.73 22.17
CA SER K 122 0.76 -9.06 23.21
C SER K 122 -0.32 -9.96 23.79
N GLU K 123 -0.97 -10.75 22.97
CA GLU K 123 -2.08 -11.58 23.45
C GLU K 123 -2.38 -12.66 22.42
N ILE K 124 -2.70 -13.86 22.91
CA ILE K 124 -3.10 -14.98 22.08
C ILE K 124 -4.55 -15.31 22.41
N ASP K 125 -5.34 -15.64 21.38
CA ASP K 125 -6.74 -15.93 21.55
C ASP K 125 -7.00 -17.42 21.35
N GLU K 126 -7.87 -17.98 22.19
CA GLU K 126 -8.24 -19.38 22.16
C GLU K 126 -9.70 -19.50 21.73
N LEU K 127 -10.03 -20.62 21.08
CA LEU K 127 -11.38 -20.77 20.55
C LEU K 127 -12.25 -21.77 21.31
N LEU K 128 -11.64 -22.72 22.04
CA LEU K 128 -12.41 -23.63 22.88
C LEU K 128 -13.49 -24.36 22.09
N PRO K 129 -13.13 -25.41 21.35
CA PRO K 129 -14.10 -26.12 20.50
C PRO K 129 -15.39 -26.42 21.24
N PRO K 130 -16.54 -26.29 20.57
CA PRO K 130 -17.89 -26.40 21.14
C PRO K 130 -18.12 -27.63 22.00
N CYS L 3 8.27 -1.91 11.70
CA CYS L 3 6.91 -2.08 12.18
C CYS L 3 6.73 -1.47 13.56
N ASN L 4 5.49 -1.34 13.98
CA ASN L 4 5.13 -0.89 15.34
C ASN L 4 5.75 -1.85 16.36
N LYS L 5 5.74 -1.45 17.63
CA LYS L 5 6.31 -2.19 18.76
C LYS L 5 7.69 -2.76 18.45
N GLN L 6 8.65 -1.87 18.21
CA GLN L 6 10.06 -2.24 18.14
C GLN L 6 10.92 -1.10 18.65
N ASN L 7 11.36 -1.20 19.90
CA ASN L 7 12.16 -0.14 20.51
C ASN L 7 13.60 -0.28 20.06
N GLY L 8 14.07 0.61 19.20
CA GLY L 8 15.42 0.55 18.71
C GLY L 8 15.71 1.65 17.72
N VAL L 9 16.99 1.89 17.49
CA VAL L 9 17.44 2.93 16.58
C VAL L 9 17.61 2.33 15.19
N LYS L 10 17.35 3.14 14.16
CA LYS L 10 17.46 2.71 12.77
C LYS L 10 18.49 3.52 11.99
N ASN L 11 18.56 4.82 12.21
CA ASN L 11 19.50 5.69 11.49
C ASN L 11 20.07 6.71 12.46
N ILE L 12 21.37 6.98 12.32
CA ILE L 12 22.05 8.00 13.10
C ILE L 12 22.89 8.82 12.14
N LEU L 13 22.52 10.07 11.91
CA LEU L 13 23.25 10.96 11.03
C LEU L 13 24.00 11.99 11.87
N ILE L 14 25.27 12.20 11.52
CA ILE L 14 26.10 13.19 12.22
C ILE L 14 26.81 14.04 11.18
N THR L 15 26.84 15.35 11.42
CA THR L 15 27.51 16.29 10.52
C THR L 15 28.50 17.10 11.33
N PHE L 16 29.79 16.96 11.01
CA PHE L 16 30.84 17.66 11.73
C PHE L 16 31.18 18.96 11.05
N THR L 17 31.42 20.00 11.85
CA THR L 17 31.89 21.29 11.36
C THR L 17 33.01 21.76 12.27
N ASP L 18 34.19 21.97 11.71
CA ASP L 18 35.32 22.42 12.51
C ASP L 18 35.18 23.91 12.79
N CYS L 19 35.26 24.27 14.07
CA CYS L 19 35.17 25.65 14.50
C CYS L 19 36.47 26.42 14.27
N ASP L 20 37.44 25.84 13.57
CA ASP L 20 38.71 26.49 13.28
C ASP L 20 38.87 26.82 11.81
N THR L 21 38.60 25.87 10.91
CA THR L 21 38.77 26.09 9.49
C THR L 21 37.44 26.23 8.75
N GLN L 22 36.30 26.13 9.46
CA GLN L 22 34.97 26.28 8.87
C GLN L 22 34.70 25.24 7.78
N GLU L 23 35.35 24.08 7.84
CA GLU L 23 35.06 23.00 6.91
C GLU L 23 33.90 22.16 7.43
N VAL L 24 33.17 21.55 6.50
CA VAL L 24 32.01 20.74 6.83
C VAL L 24 32.22 19.32 6.32
N ILE L 25 31.78 18.36 7.13
CA ILE L 25 31.87 16.93 6.79
C ILE L 25 30.55 16.27 7.16
N GLY L 26 29.93 15.60 6.21
CA GLY L 26 28.69 14.90 6.47
C GLY L 26 27.59 15.32 5.52
N PRO L 27 26.34 14.90 5.81
CA PRO L 27 25.95 14.08 6.96
C PRO L 27 26.29 12.60 6.80
N ILE L 28 27.11 12.08 7.70
CA ILE L 28 27.60 10.72 7.64
C ILE L 28 26.77 9.85 8.56
N SER L 29 26.45 8.63 8.11
CA SER L 29 25.72 7.70 8.93
C SER L 29 26.65 6.95 9.88
N HIS L 30 26.09 6.51 11.01
CA HIS L 30 26.84 5.79 12.02
C HIS L 30 26.04 4.57 12.46
N GLU L 31 26.70 3.69 13.23
CA GLU L 31 26.11 2.45 13.67
C GLU L 31 26.28 2.30 15.17
N GLN L 32 25.27 1.73 15.83
CA GLN L 32 25.33 1.53 17.26
C GLN L 32 26.42 0.52 17.62
N PRO L 33 27.17 0.75 18.70
CA PRO L 33 28.22 -0.22 19.07
C PRO L 33 27.71 -1.36 19.94
N ASP L 34 26.58 -1.17 20.60
CA ASP L 34 26.03 -2.20 21.49
C ASP L 34 24.52 -2.08 21.50
N ASP L 35 23.89 -2.64 22.53
CA ASP L 35 22.43 -2.62 22.65
C ASP L 35 21.90 -1.36 23.31
N THR L 36 22.75 -0.56 23.92
CA THR L 36 22.30 0.67 24.56
C THR L 36 21.79 1.66 23.51
N LEU L 37 20.74 2.39 23.87
CA LEU L 37 20.16 3.35 22.95
C LEU L 37 20.57 4.77 23.32
N PRO L 38 20.57 5.69 22.36
CA PRO L 38 20.80 7.09 22.71
C PRO L 38 19.67 7.60 23.59
N THR L 39 20.03 8.39 24.59
CA THR L 39 19.10 8.88 25.57
C THR L 39 18.96 10.39 25.46
N TYR L 40 17.78 10.90 25.82
CA TYR L 40 17.40 12.26 25.46
C TYR L 40 16.75 12.98 26.63
N LYS L 41 16.79 14.30 26.56
CA LYS L 41 16.07 15.16 27.50
C LYS L 41 15.73 16.44 26.76
N ASN L 42 14.44 16.70 26.54
CA ASN L 42 14.00 17.82 25.73
C ASN L 42 13.72 19.08 26.53
N CYS L 43 13.15 18.94 27.73
CA CYS L 43 12.78 20.11 28.51
C CYS L 43 14.03 20.90 28.88
N ALA L 44 14.08 22.15 28.43
CA ALA L 44 15.22 23.03 28.66
C ALA L 44 15.12 23.78 29.97
N TRP L 45 14.29 23.32 30.90
CA TRP L 45 14.12 23.97 32.21
C TRP L 45 14.18 22.90 33.29
N THR L 46 15.23 22.97 34.11
CA THR L 46 15.31 22.05 35.24
C THR L 46 14.44 22.56 36.39
N ASN L 47 14.06 21.64 37.26
CA ASN L 47 13.21 21.95 38.41
C ASN L 47 13.91 21.54 39.69
N THR L 48 13.56 22.20 40.78
CA THR L 48 14.14 21.90 42.08
C THR L 48 13.03 21.90 43.12
N ALA L 49 13.07 20.93 44.03
CA ALA L 49 11.98 20.73 44.98
C ALA L 49 12.11 21.74 46.13
N LEU L 50 11.21 22.72 46.16
CA LEU L 50 11.10 23.62 47.29
C LEU L 50 10.18 23.02 48.35
N THR L 51 9.74 23.81 49.31
CA THR L 51 8.87 23.34 50.38
C THR L 51 7.40 23.58 50.01
N ASN L 52 6.55 22.62 50.41
CA ASN L 52 5.10 22.76 50.33
C ASN L 52 4.62 22.91 48.88
N GLY L 53 5.04 21.97 48.04
CA GLY L 53 4.50 21.85 46.71
C GLY L 53 5.06 22.80 45.68
N TYR L 54 5.87 23.78 46.08
CA TYR L 54 6.42 24.73 45.13
C TYR L 54 7.61 24.12 44.41
N VAL L 55 8.20 24.90 43.50
CA VAL L 55 9.32 24.44 42.68
C VAL L 55 10.00 25.65 42.06
N GLN L 56 11.32 25.62 41.96
CA GLN L 56 12.09 26.73 41.40
C GLN L 56 12.47 26.36 39.97
N ARG L 57 11.79 26.97 39.01
CA ARG L 57 11.99 26.69 37.59
C ARG L 57 13.09 27.60 37.06
N SER L 58 14.25 27.05 36.80
CA SER L 58 15.39 27.80 36.27
C SER L 58 15.71 27.34 34.86
N ALA L 59 16.59 28.09 34.21
CA ALA L 59 16.98 27.77 32.85
C ALA L 59 18.04 26.67 32.83
N SER L 60 18.00 25.85 31.79
CA SER L 60 18.96 24.76 31.63
C SER L 60 19.05 24.44 30.14
N ASN L 61 19.77 23.36 29.82
CA ASN L 61 20.06 23.00 28.45
C ASN L 61 19.34 21.71 28.08
N ALA L 62 19.38 21.40 26.78
CA ALA L 62 18.86 20.15 26.26
C ALA L 62 20.02 19.18 26.06
N THR L 63 19.94 18.03 26.70
CA THR L 63 21.06 17.11 26.75
C THR L 63 20.78 15.92 25.83
N MET L 64 21.85 15.20 25.50
CA MET L 64 21.76 14.02 24.65
C MET L 64 22.96 13.13 24.92
N THR L 65 22.73 11.83 25.03
CA THR L 65 23.80 10.86 25.24
C THR L 65 23.78 9.86 24.11
N LEU L 66 24.87 9.78 23.35
CA LEU L 66 24.90 9.02 22.10
C LEU L 66 26.17 8.19 21.97
N PRO L 67 26.08 6.87 22.09
CA PRO L 67 27.25 6.03 21.78
C PRO L 67 27.28 5.58 20.33
N VAL L 68 28.40 5.79 19.64
CA VAL L 68 28.52 5.43 18.23
C VAL L 68 29.91 4.88 17.95
N VAL L 69 30.00 4.06 16.92
CA VAL L 69 31.26 3.53 16.44
C VAL L 69 31.95 4.60 15.60
N ARG L 70 33.20 4.89 15.93
CA ARG L 70 33.95 5.91 15.22
C ARG L 70 34.13 5.51 13.76
N ASP L 71 33.81 6.42 12.85
CA ASP L 71 33.99 6.18 11.44
C ASP L 71 35.45 6.41 11.07
N LEU L 72 36.06 5.42 10.42
CA LEU L 72 37.52 5.40 10.24
C LEU L 72 38.00 6.45 9.25
N ARG L 73 37.12 7.35 8.84
CA ARG L 73 37.49 8.46 7.98
C ARG L 73 37.48 9.79 8.71
N VAL L 74 36.64 9.95 9.72
CA VAL L 74 36.60 11.18 10.50
C VAL L 74 37.59 11.06 11.65
N PRO L 75 38.43 12.08 11.89
CA PRO L 75 39.39 11.99 13.00
C PRO L 75 38.67 11.81 14.33
N LEU L 76 39.39 11.21 15.28
CA LEU L 76 38.81 10.98 16.61
C LEU L 76 38.53 12.29 17.32
N ALA L 77 39.35 13.31 17.06
CA ALA L 77 39.19 14.58 17.75
C ALA L 77 37.81 15.18 17.53
N PHE L 78 37.20 14.93 16.37
CA PHE L 78 35.88 15.48 16.11
C PHE L 78 34.81 14.92 17.03
N TYR L 79 35.06 13.78 17.67
CA TYR L 79 34.12 13.22 18.63
C TYR L 79 34.44 13.61 20.06
N GLN L 80 35.67 14.01 20.35
CA GLN L 80 36.10 14.33 21.70
C GLN L 80 35.86 15.79 22.06
N GLY L 81 35.06 16.50 21.27
CA GLY L 81 34.76 17.89 21.57
C GLY L 81 35.73 18.87 20.96
N CYS L 82 36.04 18.70 19.69
CA CYS L 82 36.88 19.64 18.96
C CYS L 82 36.22 20.10 17.67
N ALA L 83 34.92 19.88 17.51
CA ALA L 83 34.18 20.31 16.34
C ALA L 83 32.70 20.33 16.67
N GLN L 84 31.99 21.27 16.06
CA GLN L 84 30.56 21.38 16.27
C GLN L 84 29.83 20.29 15.49
N VAL L 85 28.90 19.62 16.16
CA VAL L 85 28.23 18.46 15.58
C VAL L 85 26.75 18.75 15.39
N ASP L 86 26.18 18.17 14.33
CA ASP L 86 24.76 18.25 14.03
C ASP L 86 24.25 16.82 13.92
N VAL L 87 23.47 16.39 14.91
CA VAL L 87 23.10 14.99 15.04
C VAL L 87 21.62 14.83 14.75
N GLN L 88 21.25 13.66 14.23
CA GLN L 88 19.86 13.41 13.88
C GLN L 88 19.62 11.90 13.93
N VAL L 89 18.67 11.48 14.76
CA VAL L 89 18.41 10.08 15.04
C VAL L 89 17.01 9.73 14.56
N GLU L 90 16.79 8.46 14.23
CA GLU L 90 15.46 7.95 13.92
C GLU L 90 15.29 6.60 14.59
N LYS L 91 14.17 6.42 15.28
CA LYS L 91 13.89 5.14 15.89
C LYS L 91 13.10 4.25 14.93
N PHE L 92 12.75 3.04 15.39
CA PHE L 92 11.99 2.13 14.54
C PHE L 92 10.52 2.49 14.50
N ASP L 93 9.98 3.03 15.59
CA ASP L 93 8.57 3.40 15.62
C ASP L 93 8.27 4.71 14.91
N GLY L 94 9.21 5.33 14.21
CA GLY L 94 8.95 6.52 13.41
C GLY L 94 9.49 7.81 14.00
N THR L 95 9.75 7.84 15.30
CA THR L 95 10.27 9.04 15.92
C THR L 95 11.63 9.40 15.36
N VAL L 96 11.84 10.69 15.09
CA VAL L 96 13.13 11.21 14.63
C VAL L 96 13.42 12.49 15.40
N MET L 97 14.60 12.55 16.01
CA MET L 97 15.01 13.66 16.84
C MET L 97 16.19 14.37 16.20
N THR L 98 16.08 15.69 16.04
CA THR L 98 17.08 16.49 15.39
C THR L 98 17.71 17.45 16.40
N LEU L 99 19.04 17.60 16.30
CA LEU L 99 19.79 18.51 17.17
C LEU L 99 20.84 19.19 16.31
N THR L 100 20.81 20.52 16.26
CA THR L 100 21.74 21.27 15.44
C THR L 100 22.71 22.06 16.30
N GLU L 101 23.90 22.28 15.76
CA GLU L 101 24.96 23.06 16.39
C GLU L 101 25.18 22.68 17.84
N GLY L 102 25.20 21.38 18.13
CA GLY L 102 25.52 20.91 19.45
C GLY L 102 27.00 21.03 19.75
N ALA L 103 27.35 20.74 21.00
CA ALA L 103 28.74 20.83 21.42
C ALA L 103 29.01 19.71 22.42
N VAL L 104 30.05 18.92 22.15
CA VAL L 104 30.37 17.79 23.00
C VAL L 104 30.99 18.31 24.30
N VAL L 105 30.35 18.02 25.42
CA VAL L 105 30.81 18.50 26.72
C VAL L 105 31.32 17.32 27.53
N GLU L 106 32.39 17.56 28.29
CA GLU L 106 33.02 16.58 29.17
C GLU L 106 33.35 15.30 28.43
N PRO L 107 34.35 15.31 27.56
CA PRO L 107 34.69 14.10 26.81
C PRO L 107 35.26 13.04 27.74
N GLU L 108 35.05 11.78 27.37
CA GLU L 108 35.53 10.63 28.13
C GLU L 108 36.60 9.91 27.33
N GLU L 109 37.44 9.16 28.03
CA GLU L 109 38.46 8.37 27.36
C GLU L 109 37.82 7.37 26.40
N SER L 110 38.52 7.11 25.31
CA SER L 110 38.04 6.17 24.30
C SER L 110 39.18 5.26 23.88
N ASP L 111 38.83 4.16 23.22
CA ASP L 111 39.82 3.21 22.73
C ASP L 111 40.05 3.31 21.23
N GLY L 112 39.25 4.10 20.52
CA GLY L 112 39.44 4.30 19.09
C GLY L 112 38.37 3.69 18.22
N ARG L 113 37.40 2.96 18.77
CA ARG L 113 36.40 2.30 17.97
C ARG L 113 34.97 2.52 18.46
N SER L 114 34.78 3.06 19.66
CA SER L 114 33.43 3.27 20.18
C SER L 114 33.48 4.44 21.15
N VAL L 115 32.90 5.57 20.74
CA VAL L 115 32.89 6.77 21.57
C VAL L 115 31.49 6.98 22.11
N THR L 116 31.41 7.70 23.23
CA THR L 116 30.15 8.04 23.88
C THR L 116 30.10 9.55 24.04
N MET L 117 29.31 10.21 23.19
CA MET L 117 29.24 11.67 23.17
C MET L 117 28.13 12.16 24.09
N ASN L 118 28.49 13.09 24.96
CA ASN L 118 27.52 13.83 25.79
C ASN L 118 27.32 15.18 25.13
N ILE L 119 26.30 15.30 24.31
CA ILE L 119 26.03 16.50 23.54
C ILE L 119 25.08 17.40 24.31
N VAL L 120 25.35 18.69 24.27
CA VAL L 120 24.52 19.72 24.89
C VAL L 120 24.10 20.71 23.82
N ALA L 121 22.84 21.13 23.86
CA ALA L 121 22.33 22.02 22.83
C ALA L 121 21.20 22.86 23.40
N SER L 122 20.76 23.82 22.58
CA SER L 122 19.72 24.76 23.03
C SER L 122 18.35 24.11 23.08
N GLU L 123 18.02 23.30 22.07
CA GLU L 123 16.70 22.71 22.01
C GLU L 123 16.69 21.56 21.01
N ILE L 124 15.95 20.51 21.34
CA ILE L 124 15.78 19.34 20.49
C ILE L 124 14.32 19.26 20.07
N ASP L 125 14.08 18.92 18.81
CA ASP L 125 12.73 18.78 18.31
C ASP L 125 12.41 17.31 18.05
N GLU L 126 11.17 16.93 18.34
CA GLU L 126 10.64 15.60 18.11
C GLU L 126 9.64 15.67 16.96
N LEU L 127 9.40 14.53 16.31
CA LEU L 127 8.48 14.53 15.18
C LEU L 127 7.18 13.77 15.43
N LEU L 128 7.13 12.89 16.44
CA LEU L 128 5.88 12.25 16.83
C LEU L 128 5.18 11.55 15.67
N PRO L 129 5.64 10.35 15.29
CA PRO L 129 5.06 9.65 14.13
C PRO L 129 3.54 9.70 14.13
N PRO L 130 2.92 9.90 12.96
CA PRO L 130 1.49 10.17 12.76
C PRO L 130 0.56 9.23 13.52
N CYS M 3 -7.50 -9.76 43.28
CA CYS M 3 -8.28 -10.81 43.91
C CYS M 3 -8.08 -10.80 45.42
N ASN M 4 -8.10 -9.59 45.99
CA ASN M 4 -8.02 -9.30 47.41
C ASN M 4 -6.61 -9.52 47.96
N LYS M 5 -5.70 -10.09 47.17
CA LYS M 5 -4.33 -10.31 47.64
C LYS M 5 -3.31 -9.63 46.74
N GLN M 6 -3.38 -9.93 45.44
CA GLN M 6 -2.32 -9.59 44.50
C GLN M 6 -1.93 -8.12 44.53
N ASN M 7 -0.67 -7.84 44.91
CA ASN M 7 -0.14 -6.50 44.89
C ASN M 7 0.30 -6.13 43.48
N GLY M 8 0.17 -4.86 43.14
CA GLY M 8 0.53 -4.36 41.84
C GLY M 8 -0.38 -3.23 41.41
N VAL M 9 0.01 -2.56 40.33
CA VAL M 9 -0.73 -1.43 39.80
C VAL M 9 -1.69 -1.91 38.72
N LYS M 10 -2.90 -1.36 38.71
CA LYS M 10 -3.92 -1.76 37.75
C LYS M 10 -4.24 -0.67 36.73
N ASN M 11 -4.42 0.57 37.19
CA ASN M 11 -4.77 1.66 36.31
C ASN M 11 -3.87 2.86 36.58
N ILE M 12 -3.48 3.57 35.52
CA ILE M 12 -2.69 4.78 35.64
C ILE M 12 -3.26 5.81 34.68
N LEU M 13 -3.70 6.94 35.21
CA LEU M 13 -4.23 8.04 34.41
C LEU M 13 -3.33 9.26 34.59
N ILE M 14 -3.09 9.98 33.49
CA ILE M 14 -2.22 11.15 33.50
C ILE M 14 -2.86 12.23 32.65
N THR M 15 -2.85 13.46 33.15
CA THR M 15 -3.39 14.61 32.43
C THR M 15 -2.31 15.69 32.36
N PHE M 16 -1.98 16.10 31.14
CA PHE M 16 -0.95 17.11 30.92
C PHE M 16 -1.59 18.46 30.69
N THR M 17 -1.00 19.50 31.27
CA THR M 17 -1.37 20.89 30.97
C THR M 17 -0.09 21.69 30.83
N ASP M 18 0.19 22.15 29.61
CA ASP M 18 1.36 22.96 29.35
C ASP M 18 1.10 24.39 29.84
N CYS M 19 1.90 24.84 30.80
CA CYS M 19 1.63 26.11 31.46
C CYS M 19 2.30 27.28 30.76
N ASP M 20 2.22 27.34 29.43
CA ASP M 20 2.43 28.59 28.72
C ASP M 20 1.20 28.87 27.86
N THR M 21 0.80 27.87 27.07
CA THR M 21 -0.34 27.98 26.17
C THR M 21 -1.64 27.61 26.88
N GLN M 22 -1.52 27.03 28.07
CA GLN M 22 -2.67 26.64 28.89
C GLN M 22 -3.61 25.71 28.13
N GLU M 23 -3.04 24.66 27.55
CA GLU M 23 -3.82 23.62 26.87
C GLU M 23 -3.72 22.31 27.65
N VAL M 24 -4.83 21.59 27.72
CA VAL M 24 -4.93 20.39 28.54
C VAL M 24 -5.09 19.18 27.63
N ILE M 25 -4.41 18.09 27.99
CA ILE M 25 -4.48 16.83 27.25
C ILE M 25 -4.76 15.71 28.24
N GLY M 26 -5.76 14.88 27.94
CA GLY M 26 -6.06 13.74 28.75
C GLY M 26 -7.47 13.75 29.30
N PRO M 27 -7.73 12.93 30.34
CA PRO M 27 -6.76 12.03 30.98
C PRO M 27 -6.45 10.78 30.17
N ILE M 28 -5.16 10.55 29.92
CA ILE M 28 -4.71 9.45 29.10
C ILE M 28 -4.18 8.33 30.00
N SER M 29 -4.47 7.10 29.62
CA SER M 29 -4.00 5.96 30.39
C SER M 29 -2.54 5.66 30.05
N HIS M 30 -1.95 4.76 30.82
CA HIS M 30 -0.55 4.40 30.64
C HIS M 30 -0.33 2.97 31.10
N GLU M 31 0.88 2.46 30.84
CA GLU M 31 1.23 1.09 31.16
C GLU M 31 2.59 1.05 31.82
N GLN M 32 2.74 0.20 32.84
CA GLN M 32 4.01 0.05 33.52
C GLN M 32 5.05 -0.53 32.56
N PRO M 33 6.31 -0.08 32.64
CA PRO M 33 7.32 -0.58 31.71
C PRO M 33 8.03 -1.83 32.20
N ASP M 34 7.98 -2.09 33.51
CA ASP M 34 8.68 -3.23 34.09
C ASP M 34 7.84 -3.76 35.24
N ASP M 35 8.46 -4.56 36.11
CA ASP M 35 7.75 -5.13 37.24
C ASP M 35 7.69 -4.20 38.44
N THR M 36 8.55 -3.18 38.48
CA THR M 36 8.60 -2.30 39.62
C THR M 36 7.31 -1.48 39.73
N LEU M 37 7.04 -1.01 40.94
CA LEU M 37 5.82 -0.28 41.26
C LEU M 37 6.16 1.15 41.65
N PRO M 38 5.22 2.08 41.45
CA PRO M 38 5.46 3.46 41.90
C PRO M 38 5.58 3.52 43.41
N THR M 39 6.34 4.50 43.89
CA THR M 39 6.53 4.71 45.31
C THR M 39 5.92 6.05 45.71
N TYR M 40 5.58 6.15 46.99
CA TYR M 40 4.81 7.29 47.48
C TYR M 40 5.39 7.81 48.78
N LYS M 41 5.01 9.04 49.11
CA LYS M 41 5.26 9.62 50.42
C LYS M 41 4.24 10.74 50.60
N ASN M 42 3.30 10.55 51.53
CA ASN M 42 2.14 11.41 51.67
C ASN M 42 2.33 12.52 52.71
N CYS M 43 2.89 12.18 53.88
CA CYS M 43 3.07 13.17 54.92
C CYS M 43 4.02 14.26 54.46
N ALA M 44 3.51 15.48 54.38
CA ALA M 44 4.30 16.62 53.92
C ALA M 44 5.17 17.22 55.01
N TRP M 45 5.37 16.49 56.11
CA TRP M 45 6.16 16.96 57.25
C TRP M 45 7.26 15.93 57.50
N THR M 46 8.44 16.14 56.93
CA THR M 46 9.55 15.28 57.28
C THR M 46 10.05 15.61 58.68
N ASN M 47 10.60 14.59 59.33
CA ASN M 47 11.13 14.73 60.67
C ASN M 47 12.64 14.55 60.64
N THR M 48 13.31 15.20 61.60
CA THR M 48 14.76 15.08 61.71
C THR M 48 15.12 14.77 63.15
N ALA M 49 15.99 13.78 63.33
CA ALA M 49 16.27 13.24 64.65
C ALA M 49 17.13 14.20 65.45
N LEU M 50 16.54 14.79 66.49
CA LEU M 50 17.32 15.53 67.49
C LEU M 50 17.89 14.55 68.51
N THR M 51 18.39 15.07 69.63
CA THR M 51 18.95 14.22 70.67
C THR M 51 17.93 14.00 71.78
N ASN M 52 18.04 12.85 72.43
CA ASN M 52 17.29 12.54 73.65
C ASN M 52 15.79 12.44 73.37
N GLY M 53 15.44 11.75 72.29
CA GLY M 53 14.07 11.41 72.00
C GLY M 53 13.24 12.50 71.34
N TYR M 54 13.77 13.71 71.18
CA TYR M 54 13.03 14.77 70.54
C TYR M 54 13.16 14.64 69.02
N VAL M 55 12.58 15.58 68.30
CA VAL M 55 12.59 15.55 66.84
C VAL M 55 12.18 16.92 66.31
N GLN M 56 12.79 17.36 65.21
CA GLN M 56 12.45 18.63 64.59
C GLN M 56 11.54 18.34 63.41
N ARG M 57 10.35 18.95 63.43
CA ARG M 57 9.30 18.69 62.45
C ARG M 57 9.24 19.88 61.49
N SER M 58 9.73 19.68 60.27
CA SER M 58 9.77 20.72 59.26
C SER M 58 8.75 20.46 58.17
N ALA M 59 8.54 21.46 57.33
CA ALA M 59 7.61 21.33 56.22
C ALA M 59 8.33 20.85 54.97
N SER M 60 7.65 20.02 54.20
CA SER M 60 8.22 19.44 52.99
C SER M 60 7.11 19.12 52.01
N ASN M 61 7.40 18.29 51.03
CA ASN M 61 6.52 18.03 49.90
C ASN M 61 6.00 16.60 49.92
N ALA M 62 4.79 16.41 49.39
CA ALA M 62 4.32 15.08 49.06
C ALA M 62 5.04 14.61 47.80
N THR M 63 5.64 13.43 47.87
CA THR M 63 6.51 12.96 46.80
C THR M 63 5.91 11.73 46.16
N MET M 64 6.30 11.47 44.91
CA MET M 64 5.80 10.30 44.20
C MET M 64 6.79 9.96 43.10
N THR M 65 7.13 8.69 42.97
CA THR M 65 8.05 8.22 41.94
C THR M 65 7.33 7.22 41.06
N LEU M 66 7.29 7.49 39.75
CA LEU M 66 6.43 6.73 38.86
C LEU M 66 7.09 6.47 37.51
N PRO M 67 7.38 5.21 37.18
CA PRO M 67 7.86 4.89 35.83
C PRO M 67 6.74 4.46 34.89
N VAL M 68 6.75 5.03 33.68
CA VAL M 68 5.73 4.72 32.68
C VAL M 68 6.35 4.63 31.30
N VAL M 69 5.61 4.01 30.39
CA VAL M 69 5.96 3.96 28.98
C VAL M 69 5.40 5.19 28.30
N ARG M 70 6.26 5.92 27.59
CA ARG M 70 5.83 7.14 26.94
C ARG M 70 4.76 6.85 25.90
N ASP M 71 3.69 7.63 25.93
CA ASP M 71 2.61 7.49 24.96
C ASP M 71 3.00 8.20 23.68
N LEU M 72 2.94 7.49 22.55
CA LEU M 72 3.51 7.97 21.30
C LEU M 72 2.70 9.09 20.67
N ARG M 73 1.75 9.67 21.40
CA ARG M 73 1.04 10.85 20.93
C ARG M 73 1.32 12.08 21.77
N VAL M 74 1.95 11.92 22.94
CA VAL M 74 2.36 13.04 23.77
C VAL M 74 3.85 13.26 23.59
N PRO M 75 4.31 14.48 23.38
CA PRO M 75 5.76 14.70 23.22
C PRO M 75 6.52 14.31 24.48
N LEU M 76 7.80 13.98 24.30
CA LEU M 76 8.61 13.56 25.44
C LEU M 76 8.83 14.70 26.42
N ALA M 77 8.83 15.95 25.94
CA ALA M 77 9.07 17.08 26.82
C ALA M 77 8.04 17.14 27.94
N PHE M 78 6.79 16.78 27.65
CA PHE M 78 5.76 16.82 28.67
C PHE M 78 6.04 15.86 29.82
N TYR M 79 6.90 14.87 29.60
CA TYR M 79 7.34 14.00 30.68
C TYR M 79 8.61 14.50 31.34
N GLN M 80 9.42 15.28 30.64
CA GLN M 80 10.69 15.77 31.17
C GLN M 80 10.53 17.01 32.05
N GLY M 81 9.31 17.50 32.23
CA GLY M 81 9.08 18.58 33.17
C GLY M 81 8.73 19.92 32.57
N CYS M 82 8.26 19.92 31.32
CA CYS M 82 7.77 21.14 30.66
C CYS M 82 6.26 21.18 30.60
N ALA M 83 5.58 20.47 31.51
CA ALA M 83 4.12 20.46 31.52
C ALA M 83 3.64 19.95 32.87
N GLN M 84 2.75 20.72 33.50
CA GLN M 84 2.17 20.29 34.76
C GLN M 84 1.36 19.01 34.56
N VAL M 85 1.45 18.09 35.52
CA VAL M 85 0.81 16.79 35.41
C VAL M 85 -0.16 16.58 36.55
N ASP M 86 -1.25 15.89 36.25
CA ASP M 86 -2.21 15.42 37.24
C ASP M 86 -2.35 13.91 37.09
N VAL M 87 -2.00 13.17 38.13
CA VAL M 87 -1.81 11.74 38.02
C VAL M 87 -2.78 11.01 38.96
N GLN M 88 -3.09 9.78 38.59
CA GLN M 88 -3.94 8.91 39.39
C GLN M 88 -3.47 7.48 39.21
N VAL M 89 -3.26 6.79 40.31
CA VAL M 89 -2.86 5.39 40.27
C VAL M 89 -3.88 4.57 41.06
N GLU M 90 -4.23 3.40 40.53
CA GLU M 90 -5.18 2.52 41.19
C GLU M 90 -4.61 1.12 41.20
N LYS M 91 -4.44 0.56 42.39
CA LYS M 91 -3.89 -0.77 42.59
C LYS M 91 -4.99 -1.82 42.57
N PHE M 92 -4.56 -3.09 42.59
CA PHE M 92 -5.52 -4.19 42.52
C PHE M 92 -6.36 -4.27 43.79
N ASP M 93 -5.76 -3.99 44.94
CA ASP M 93 -6.45 -4.15 46.21
C ASP M 93 -7.50 -3.08 46.46
N GLY M 94 -7.72 -2.15 45.53
CA GLY M 94 -8.79 -1.17 45.62
C GLY M 94 -8.34 0.23 45.94
N THR M 95 -7.14 0.39 46.49
CA THR M 95 -6.63 1.72 46.81
C THR M 95 -6.49 2.56 45.56
N VAL M 96 -6.66 3.87 45.71
CA VAL M 96 -6.37 4.82 44.65
C VAL M 96 -5.63 6.01 45.25
N MET M 97 -4.65 6.52 44.50
CA MET M 97 -3.85 7.66 44.90
C MET M 97 -3.97 8.71 43.80
N THR M 98 -4.56 9.85 44.14
CA THR M 98 -4.73 10.94 43.19
C THR M 98 -3.81 12.09 43.55
N LEU M 99 -3.40 12.84 42.54
CA LEU M 99 -2.46 13.94 42.72
C LEU M 99 -2.76 14.99 41.68
N THR M 100 -2.92 16.24 42.12
CA THR M 100 -3.26 17.35 41.25
C THR M 100 -2.16 18.40 41.33
N GLU M 101 -1.99 19.13 40.22
CA GLU M 101 -0.98 20.18 40.10
C GLU M 101 0.39 19.66 40.51
N GLY M 102 0.82 18.60 39.84
CA GLY M 102 2.15 18.09 40.04
C GLY M 102 3.16 18.79 39.15
N ALA M 103 4.43 18.66 39.52
CA ALA M 103 5.51 19.28 38.77
C ALA M 103 6.71 18.35 38.76
N VAL M 104 7.07 17.85 37.58
CA VAL M 104 8.18 16.93 37.44
C VAL M 104 9.48 17.63 37.83
N VAL M 105 10.11 17.14 38.89
CA VAL M 105 11.33 17.74 39.42
C VAL M 105 12.49 16.80 39.17
N GLU M 106 13.68 17.36 39.01
CA GLU M 106 14.90 16.60 38.77
C GLU M 106 14.68 15.65 37.59
N PRO M 107 14.60 16.17 36.38
CA PRO M 107 14.34 15.29 35.24
C PRO M 107 15.52 14.39 34.97
N GLU M 108 15.21 13.14 34.64
CA GLU M 108 16.21 12.11 34.44
C GLU M 108 16.27 11.77 32.96
N GLU M 109 17.49 11.51 32.47
CA GLU M 109 17.69 11.16 31.07
C GLU M 109 16.91 9.90 30.72
N SER M 110 16.13 9.97 29.65
CA SER M 110 15.34 8.85 29.19
C SER M 110 15.72 8.52 27.75
N ASP M 111 15.30 7.33 27.30
CA ASP M 111 15.63 6.87 25.96
C ASP M 111 14.52 7.07 24.95
N GLY M 112 13.34 7.53 25.37
CA GLY M 112 12.25 7.78 24.45
C GLY M 112 11.10 6.80 24.55
N ARG M 113 11.21 5.75 25.36
CA ARG M 113 10.12 4.81 25.51
C ARG M 113 9.79 4.48 26.96
N SER M 114 10.65 4.79 27.92
CA SER M 114 10.37 4.48 29.31
C SER M 114 10.96 5.58 30.17
N VAL M 115 10.08 6.38 30.78
CA VAL M 115 10.52 7.51 31.59
C VAL M 115 10.17 7.23 33.05
N THR M 116 10.91 7.89 33.94
CA THR M 116 10.71 7.77 35.38
C THR M 116 10.51 9.17 35.94
N MET M 117 9.28 9.51 36.26
CA MET M 117 8.93 10.84 36.70
C MET M 117 8.97 10.94 38.22
N ASN M 118 9.56 12.01 38.72
CA ASN M 118 9.59 12.32 40.15
C ASN M 118 8.62 13.47 40.38
N ILE M 119 7.36 13.13 40.64
CA ILE M 119 6.33 14.15 40.84
C ILE M 119 6.37 14.64 42.27
N VAL M 120 6.25 15.96 42.43
CA VAL M 120 6.20 16.62 43.73
C VAL M 120 4.94 17.46 43.79
N ALA M 121 4.16 17.29 44.85
CA ALA M 121 2.90 18.02 44.97
C ALA M 121 2.67 18.36 46.43
N SER M 122 1.66 19.21 46.66
CA SER M 122 1.38 19.69 48.01
C SER M 122 0.81 18.57 48.88
N GLU M 123 -0.02 17.70 48.30
CA GLU M 123 -0.65 16.64 49.08
C GLU M 123 -1.18 15.57 48.14
N ILE M 124 -1.04 14.31 48.56
CA ILE M 124 -1.56 13.16 47.85
C ILE M 124 -2.72 12.59 48.65
N ASP M 125 -3.78 12.18 47.95
CA ASP M 125 -4.98 11.67 48.57
C ASP M 125 -5.09 10.16 48.37
N GLU M 126 -5.62 9.48 49.38
CA GLU M 126 -5.82 8.03 49.34
C GLU M 126 -7.30 7.71 49.23
N LEU M 127 -7.65 6.46 49.15
CA LEU M 127 -9.06 6.11 49.14
C LEU M 127 -9.08 4.74 49.71
N LEU M 128 -8.35 4.56 50.79
CA LEU M 128 -8.27 3.27 51.42
C LEU M 128 -9.44 2.40 51.05
N PRO M 129 -9.18 1.29 50.38
CA PRO M 129 -10.24 0.40 49.96
C PRO M 129 -11.21 0.21 51.08
N PRO M 130 -12.51 0.36 50.80
CA PRO M 130 -13.56 0.25 51.81
C PRO M 130 -13.09 -0.33 53.13
N LEU N 5 13.07 -40.12 -13.81
CA LEU N 5 12.80 -41.15 -12.81
C LEU N 5 11.70 -40.71 -11.84
N THR N 6 10.87 -41.67 -11.46
CA THR N 6 9.88 -41.41 -10.43
C THR N 6 10.58 -41.20 -9.09
N TYR N 7 9.83 -40.65 -8.13
CA TYR N 7 10.29 -40.54 -6.75
C TYR N 7 11.58 -39.71 -6.66
N GLY N 8 11.43 -38.41 -6.90
CA GLY N 8 12.54 -37.48 -6.95
C GLY N 8 13.58 -37.58 -5.85
N ASN N 9 13.20 -38.08 -4.67
CA ASN N 9 14.10 -38.14 -3.53
C ASN N 9 14.44 -39.58 -3.14
N ARG N 10 14.40 -40.50 -4.10
CA ARG N 10 14.52 -41.92 -3.79
C ARG N 10 14.83 -42.66 -5.09
N VAL N 11 15.17 -43.94 -4.95
CA VAL N 11 15.48 -44.75 -6.11
C VAL N 11 14.96 -46.15 -5.87
N THR N 12 13.93 -46.55 -6.59
CA THR N 12 13.35 -47.86 -6.39
C THR N 12 14.27 -48.94 -6.91
N LEU N 13 14.14 -50.13 -6.37
CA LEU N 13 15.05 -51.21 -6.75
C LEU N 13 15.36 -51.25 -8.23
N PRO N 14 14.35 -51.46 -9.06
CA PRO N 14 14.72 -51.54 -10.49
C PRO N 14 15.70 -50.46 -10.89
N GLU N 15 15.46 -49.23 -10.44
CA GLU N 15 16.37 -48.14 -10.82
C GLU N 15 17.74 -48.34 -10.23
N PHE N 16 17.81 -48.82 -8.99
CA PHE N 16 19.11 -49.18 -8.42
C PHE N 16 19.81 -50.19 -9.30
N ALA N 17 19.13 -51.28 -9.63
CA ALA N 17 19.81 -52.39 -10.28
C ALA N 17 20.24 -52.03 -11.68
N LYS N 18 19.48 -51.17 -12.36
CA LYS N 18 19.84 -50.87 -13.73
C LYS N 18 20.73 -49.64 -13.88
N TYR N 19 20.81 -48.77 -12.87
CA TYR N 19 21.62 -47.57 -13.02
C TYR N 19 22.89 -47.55 -12.18
N ILE N 20 22.96 -48.30 -11.08
CA ILE N 20 24.14 -48.36 -10.23
C ILE N 20 24.90 -49.66 -10.41
N VAL N 21 24.18 -50.78 -10.47
CA VAL N 21 24.84 -52.07 -10.57
C VAL N 21 25.23 -52.36 -12.01
N ALA N 22 24.35 -52.05 -12.97
CA ALA N 22 24.61 -52.41 -14.36
C ALA N 22 25.85 -51.70 -14.90
N PRO N 23 25.92 -50.35 -14.91
CA PRO N 23 27.10 -49.70 -15.51
C PRO N 23 28.39 -50.03 -14.79
N ALA N 24 28.30 -50.67 -13.63
CA ALA N 24 29.44 -51.28 -12.95
C ALA N 24 29.77 -52.55 -13.71
N PHE N 25 30.34 -53.54 -13.02
CA PHE N 25 30.95 -54.72 -13.62
C PHE N 25 30.33 -55.11 -14.96
N HIS N 26 31.17 -55.26 -15.97
CA HIS N 26 30.68 -55.65 -17.28
C HIS N 26 30.66 -57.16 -17.47
N GLU N 27 31.09 -57.92 -16.47
CA GLU N 27 31.06 -59.37 -16.55
C GLU N 27 29.71 -59.96 -16.16
N ILE N 28 28.70 -59.14 -15.92
CA ILE N 28 27.38 -59.63 -15.57
C ILE N 28 26.34 -59.27 -16.62
N GLU N 29 26.76 -58.81 -17.78
CA GLU N 29 25.89 -58.58 -18.93
C GLU N 29 24.56 -57.95 -18.54
N GLY N 30 24.58 -57.07 -17.56
CA GLY N 30 23.35 -56.48 -17.10
C GLY N 30 22.44 -57.41 -16.33
N ARG N 31 22.96 -58.54 -15.86
CA ARG N 31 22.13 -59.48 -15.10
C ARG N 31 22.06 -59.07 -13.62
N ALA N 32 21.55 -57.85 -13.42
CA ALA N 32 21.24 -57.36 -12.09
C ALA N 32 19.74 -57.52 -11.90
N ILE N 33 19.34 -58.62 -11.27
CA ILE N 33 17.95 -59.04 -11.23
C ILE N 33 17.31 -58.49 -9.96
N PRO N 34 16.25 -57.70 -10.06
CA PRO N 34 15.51 -57.26 -8.88
C PRO N 34 14.54 -58.33 -8.42
N VAL N 35 14.70 -58.80 -7.19
CA VAL N 35 13.87 -59.85 -6.64
C VAL N 35 13.08 -59.30 -5.45
N THR N 36 12.03 -60.02 -5.07
CA THR N 36 11.25 -59.64 -3.89
C THR N 36 12.04 -59.86 -2.62
N GLY N 37 12.39 -61.10 -2.36
CA GLY N 37 13.25 -61.42 -1.22
C GLY N 37 14.48 -62.15 -1.73
N VAL N 38 15.60 -61.90 -1.07
CA VAL N 38 16.84 -62.51 -1.54
C VAL N 38 16.82 -64.02 -1.37
N ASP N 39 16.01 -64.54 -0.44
CA ASP N 39 15.90 -65.97 -0.20
C ASP N 39 14.50 -66.47 -0.53
N ASP N 40 13.77 -65.73 -1.36
CA ASP N 40 12.43 -66.12 -1.73
C ASP N 40 12.42 -67.48 -2.44
N ASP N 41 13.49 -67.77 -3.19
CA ASP N 41 13.64 -69.09 -3.78
C ASP N 41 15.11 -69.31 -4.09
N ALA N 42 15.67 -70.40 -3.56
CA ALA N 42 17.04 -70.76 -3.86
C ALA N 42 17.15 -71.76 -5.00
N SER N 43 16.03 -72.37 -5.39
CA SER N 43 16.03 -73.30 -6.51
C SER N 43 15.78 -72.62 -7.83
N GLY N 44 15.20 -71.43 -7.82
CA GLY N 44 14.99 -70.70 -9.05
C GLY N 44 16.06 -69.65 -9.27
N THR N 45 16.50 -69.00 -8.20
CA THR N 45 17.50 -67.96 -8.31
C THR N 45 18.91 -68.50 -8.42
N GLN N 46 19.06 -69.78 -8.76
CA GLN N 46 20.38 -70.34 -8.99
C GLN N 46 20.52 -70.95 -10.37
N ALA N 47 19.68 -70.51 -11.31
CA ALA N 47 19.75 -70.97 -12.68
C ALA N 47 20.44 -69.99 -13.61
N THR N 48 20.31 -68.69 -13.35
CA THR N 48 20.99 -67.69 -14.16
C THR N 48 22.49 -67.92 -14.13
N LYS N 49 23.13 -67.81 -15.29
CA LYS N 49 24.52 -68.22 -15.40
C LYS N 49 25.41 -67.32 -14.55
N LEU N 50 26.58 -67.84 -14.22
CA LEU N 50 27.52 -67.13 -13.38
C LEU N 50 28.41 -66.21 -14.22
N PRO N 51 28.64 -64.97 -13.78
CA PRO N 51 28.12 -64.35 -12.57
C PRO N 51 26.85 -63.53 -12.78
N PHE N 52 26.23 -63.10 -11.67
CA PHE N 52 25.00 -62.32 -11.68
C PHE N 52 24.78 -61.78 -10.27
N VAL N 53 23.96 -60.74 -10.18
CA VAL N 53 23.73 -60.02 -8.94
C VAL N 53 22.24 -59.87 -8.72
N LEU N 54 21.79 -60.14 -7.50
CA LEU N 54 20.40 -59.94 -7.11
C LEU N 54 20.25 -58.65 -6.31
N VAL N 55 19.04 -58.10 -6.34
CA VAL N 55 18.71 -56.91 -5.56
C VAL N 55 17.30 -57.09 -5.00
N GLY N 56 17.15 -57.04 -3.69
CA GLY N 56 15.86 -57.31 -3.08
C GLY N 56 15.72 -56.65 -1.73
N LEU N 57 14.49 -56.29 -1.40
CA LEU N 57 14.18 -55.59 -0.16
C LEU N 57 14.15 -56.57 0.99
N ARG N 58 14.82 -56.22 2.10
CA ARG N 58 14.78 -57.07 3.28
C ARG N 58 13.59 -56.74 4.16
N GLN N 59 13.44 -55.47 4.52
CA GLN N 59 12.35 -55.03 5.39
C GLN N 59 12.30 -53.51 5.35
N GLY N 60 11.10 -52.96 5.32
CA GLY N 60 10.89 -51.53 5.34
C GLY N 60 10.51 -51.10 6.73
N ASP N 61 11.10 -50.00 7.20
CA ASP N 61 10.93 -49.57 8.58
C ASP N 61 10.92 -48.06 8.61
N THR N 62 10.92 -47.49 9.81
CA THR N 62 10.85 -46.05 10.00
C THR N 62 12.18 -45.52 10.49
N SER N 63 12.23 -44.20 10.68
CA SER N 63 13.43 -43.53 11.18
C SER N 63 13.05 -42.43 12.17
N GLY N 64 12.12 -42.73 13.07
CA GLY N 64 11.72 -41.76 14.06
C GLY N 64 10.25 -41.40 14.00
N PRO N 65 9.94 -40.19 13.56
CA PRO N 65 8.53 -39.79 13.41
C PRO N 65 7.92 -40.47 12.20
N ALA N 66 6.76 -41.11 12.41
CA ALA N 66 6.13 -41.85 11.34
C ALA N 66 4.62 -41.70 11.26
N THR N 67 4.01 -40.89 12.12
CA THR N 67 2.56 -40.78 12.10
C THR N 67 2.08 -40.26 10.76
N ILE N 68 0.86 -40.65 10.40
CA ILE N 68 0.28 -40.37 9.09
C ILE N 68 -0.80 -39.32 9.30
N ALA N 69 -0.42 -38.04 9.20
CA ALA N 69 -1.37 -36.97 9.53
C ALA N 69 -1.38 -35.85 8.51
N GLY N 70 -0.92 -36.09 7.29
CA GLY N 70 -0.96 -35.07 6.26
C GLY N 70 0.15 -34.04 6.34
N ASN N 71 0.60 -33.71 7.55
CA ASN N 71 1.78 -32.86 7.69
C ASN N 71 2.49 -33.27 8.99
N SER N 72 3.40 -34.23 8.87
CA SER N 72 4.27 -34.57 9.98
C SER N 72 5.65 -35.04 9.51
N THR N 73 6.01 -34.83 8.25
CA THR N 73 7.27 -35.32 7.69
C THR N 73 7.43 -36.81 7.95
N ILE N 74 6.58 -37.58 7.28
CA ILE N 74 6.62 -39.03 7.39
C ILE N 74 7.98 -39.52 6.94
N ASN N 75 8.77 -40.04 7.87
CA ASN N 75 10.10 -40.54 7.57
C ASN N 75 10.07 -42.05 7.40
N LEU N 76 10.85 -42.55 6.47
CA LEU N 76 10.83 -43.97 6.14
C LEU N 76 12.25 -44.44 5.89
N ARG N 77 12.46 -45.75 6.04
CA ARG N 77 13.77 -46.34 5.88
C ARG N 77 13.60 -47.72 5.26
N ASP N 78 14.17 -47.92 4.08
CA ASP N 78 14.05 -49.17 3.35
C ASP N 78 15.39 -49.89 3.40
N ASP N 79 15.38 -51.08 3.99
CA ASP N 79 16.59 -51.86 4.19
C ASP N 79 16.60 -52.96 3.13
N PHE N 80 17.51 -52.85 2.17
CA PHE N 80 17.62 -53.81 1.09
C PHE N 80 19.03 -54.35 1.06
N ILE N 81 19.24 -55.41 0.29
CA ILE N 81 20.55 -56.04 0.23
C ILE N 81 20.89 -56.38 -1.22
N VAL N 82 22.18 -56.42 -1.50
CA VAL N 82 22.73 -56.68 -2.83
C VAL N 82 23.65 -57.89 -2.71
N GLU N 83 23.30 -58.97 -3.39
CA GLU N 83 24.01 -60.23 -3.26
C GLU N 83 24.73 -60.53 -4.57
N PHE N 84 26.05 -60.58 -4.52
CA PHE N 84 26.83 -60.97 -5.68
C PHE N 84 26.94 -62.49 -5.74
N ASN N 85 26.81 -63.03 -6.94
CA ASN N 85 27.13 -64.43 -7.20
C ASN N 85 28.29 -64.45 -8.18
N MET N 86 29.48 -64.73 -7.69
CA MET N 86 30.67 -64.70 -8.52
C MET N 86 31.29 -66.09 -8.57
N LYS N 87 31.68 -66.52 -9.77
CA LYS N 87 32.22 -67.85 -9.95
C LYS N 87 33.68 -67.87 -9.52
N LYS N 88 34.00 -68.70 -8.54
CA LYS N 88 35.38 -68.84 -8.12
C LYS N 88 36.16 -69.62 -9.18
N GLU N 89 37.40 -69.20 -9.40
CA GLU N 89 38.24 -69.80 -10.43
C GLU N 89 39.59 -70.14 -9.82
N ARG N 90 39.91 -71.43 -9.78
CA ARG N 90 41.15 -71.90 -9.16
C ARG N 90 42.33 -71.63 -10.07
N TYR N 91 43.51 -71.49 -9.46
CA TYR N 91 44.74 -71.19 -10.17
C TYR N 91 45.54 -72.48 -10.36
N ARG N 92 45.80 -72.85 -11.61
CA ARG N 92 46.52 -74.07 -11.91
C ARG N 92 47.99 -73.80 -12.19
N ASP N 93 48.84 -74.68 -11.67
CA ASP N 93 50.28 -74.48 -11.58
C ASP N 93 50.99 -75.76 -12.01
N ARG N 94 50.94 -75.99 -13.32
CA ARG N 94 51.57 -77.16 -13.93
C ARG N 94 52.71 -77.77 -13.20
N LYS N 95 52.47 -78.91 -12.58
CA LYS N 95 53.45 -79.61 -11.80
C LYS N 95 52.52 -80.31 -10.86
N GLY N 96 51.24 -80.38 -11.24
CA GLY N 96 50.27 -80.94 -10.32
C GLY N 96 49.87 -80.07 -9.14
N GLY N 97 49.80 -78.76 -9.34
CA GLY N 97 49.43 -77.83 -8.30
C GLY N 97 48.08 -77.22 -8.58
N GLU N 98 47.35 -76.89 -7.52
CA GLU N 98 46.06 -76.24 -7.66
C GLU N 98 45.78 -75.46 -6.38
N THR N 99 44.77 -74.61 -6.44
CA THR N 99 44.35 -73.83 -5.29
C THR N 99 42.97 -74.29 -4.87
N PRO N 100 42.78 -74.68 -3.62
CA PRO N 100 41.49 -75.26 -3.21
C PRO N 100 40.36 -74.26 -3.36
N PHE N 101 39.14 -74.77 -3.24
CA PHE N 101 37.97 -73.90 -3.34
C PHE N 101 37.81 -73.00 -2.13
N PHE N 102 38.54 -73.24 -1.05
CA PHE N 102 38.42 -72.39 0.12
C PHE N 102 39.46 -71.29 0.17
N SER N 103 40.14 -71.03 -0.95
CA SER N 103 41.13 -69.96 -0.93
C SER N 103 40.43 -68.60 -0.92
N TYR N 104 41.17 -67.59 -0.49
CA TYR N 104 40.58 -66.27 -0.28
C TYR N 104 40.19 -65.64 -1.61
N TYR N 105 39.02 -65.02 -1.61
CA TYR N 105 38.49 -64.33 -2.78
C TYR N 105 38.51 -62.83 -2.53
N ASP N 106 38.97 -62.07 -3.51
CA ASP N 106 39.17 -60.63 -3.34
C ASP N 106 37.85 -59.90 -3.56
N TYR N 107 37.10 -59.70 -2.48
CA TYR N 107 35.90 -58.89 -2.55
C TYR N 107 36.21 -57.40 -2.61
N GLU N 108 37.44 -57.01 -2.31
CA GLU N 108 37.76 -55.59 -2.16
C GLU N 108 37.53 -54.82 -3.45
N SER N 109 37.96 -55.37 -4.59
CA SER N 109 37.71 -54.69 -5.85
C SER N 109 36.22 -54.50 -6.08
N ILE N 110 35.43 -55.50 -5.71
CA ILE N 110 33.99 -55.42 -5.89
C ILE N 110 33.42 -54.26 -5.06
N ARG N 111 33.71 -54.26 -3.77
CA ARG N 111 33.22 -53.18 -2.92
C ARG N 111 33.68 -51.83 -3.44
N ASP N 112 34.94 -51.73 -3.84
CA ASP N 112 35.48 -50.45 -4.30
C ASP N 112 34.68 -49.93 -5.48
N ARG N 113 34.52 -50.74 -6.52
CA ARG N 113 33.89 -50.16 -7.70
C ARG N 113 32.38 -50.02 -7.54
N LEU N 114 31.75 -50.85 -6.71
CA LEU N 114 30.35 -50.62 -6.42
C LEU N 114 30.17 -49.29 -5.68
N PHE N 115 31.02 -49.03 -4.69
CA PHE N 115 30.96 -47.75 -4.00
C PHE N 115 31.21 -46.61 -4.97
N ASN N 116 32.12 -46.78 -5.92
CA ASN N 116 32.39 -45.72 -6.88
C ASN N 116 31.17 -45.42 -7.72
N SER N 117 30.49 -46.46 -8.19
CA SER N 117 29.27 -46.24 -8.95
C SER N 117 28.22 -45.53 -8.11
N MET N 118 28.09 -45.91 -6.84
CA MET N 118 27.13 -45.25 -5.97
C MET N 118 27.49 -43.79 -5.77
N ILE N 119 28.79 -43.48 -5.62
CA ILE N 119 29.22 -42.11 -5.43
C ILE N 119 28.92 -41.27 -6.67
N GLU N 120 29.23 -41.80 -7.85
CA GLU N 120 28.92 -41.05 -9.06
C GLU N 120 27.44 -40.80 -9.19
N PHE N 121 26.61 -41.80 -8.85
CA PHE N 121 25.18 -41.58 -8.94
C PHE N 121 24.71 -40.54 -7.95
N SER N 122 25.22 -40.60 -6.72
CA SER N 122 24.86 -39.61 -5.71
C SER N 122 25.23 -38.21 -6.16
N GLY N 123 26.41 -38.06 -6.75
CA GLY N 123 26.80 -36.77 -7.29
C GLY N 123 25.92 -36.34 -8.44
N GLU N 124 25.40 -37.29 -9.21
CA GLU N 124 24.58 -36.91 -10.35
C GLU N 124 23.18 -36.49 -9.93
N HIS N 125 22.62 -37.06 -8.87
CA HIS N 125 21.24 -36.77 -8.51
C HIS N 125 21.01 -36.35 -7.08
N GLY N 126 22.01 -36.40 -6.21
CA GLY N 126 21.78 -36.08 -4.82
C GLY N 126 20.93 -37.12 -4.13
N ILE N 127 21.39 -38.36 -4.10
CA ILE N 127 20.75 -39.44 -3.36
C ILE N 127 21.83 -40.31 -2.76
N THR N 128 21.79 -40.47 -1.44
CA THR N 128 22.85 -41.15 -0.70
C THR N 128 22.30 -42.33 0.06
N PHE N 129 23.11 -43.39 0.17
CA PHE N 129 22.75 -44.60 0.87
C PHE N 129 23.69 -44.83 2.04
N GLU N 130 23.27 -45.69 2.96
CA GLU N 130 24.06 -46.06 4.12
C GLU N 130 24.56 -47.48 3.95
N PHE N 131 25.83 -47.69 4.20
CA PHE N 131 26.38 -49.03 4.26
C PHE N 131 26.25 -49.56 5.67
N VAL N 132 25.89 -50.84 5.80
CA VAL N 132 25.58 -51.44 7.09
C VAL N 132 26.48 -52.63 7.40
N SER N 133 26.66 -53.53 6.43
CA SER N 133 27.48 -54.70 6.68
C SER N 133 27.82 -55.40 5.37
N LEU N 134 28.89 -56.19 5.40
CA LEU N 134 29.34 -56.99 4.28
C LEU N 134 29.63 -58.40 4.76
N ASP N 135 28.95 -59.38 4.15
CA ASP N 135 29.21 -60.79 4.44
C ASP N 135 29.52 -61.53 3.16
N ILE N 136 30.48 -62.44 3.26
CA ILE N 136 30.80 -63.34 2.15
C ILE N 136 30.65 -64.76 2.65
N SER N 137 30.30 -65.65 1.73
CA SER N 137 30.16 -67.06 2.04
C SER N 137 30.15 -67.83 0.75
N THR N 138 30.79 -68.99 0.75
CA THR N 138 30.92 -69.78 -0.46
C THR N 138 30.10 -71.06 -0.37
N GLU N 139 29.97 -71.73 -1.51
CA GLU N 139 29.30 -73.01 -1.60
C GLU N 139 29.73 -73.67 -2.89
N GLY N 140 30.49 -74.76 -2.81
CA GLY N 140 30.99 -75.40 -4.01
C GLY N 140 31.89 -74.49 -4.83
N ASP N 141 31.39 -73.99 -5.96
CA ASP N 141 32.19 -73.17 -6.86
C ASP N 141 31.65 -71.76 -6.96
N VAL N 142 30.87 -71.32 -5.99
CA VAL N 142 30.24 -70.01 -6.01
C VAL N 142 30.57 -69.30 -4.71
N VAL N 143 30.84 -68.00 -4.79
CA VAL N 143 31.04 -67.17 -3.62
C VAL N 143 29.92 -66.15 -3.58
N TYR N 144 29.24 -66.08 -2.45
CA TYR N 144 28.16 -65.12 -2.25
C TYR N 144 28.73 -63.93 -1.50
N ILE N 145 28.64 -62.76 -2.10
CA ILE N 145 29.12 -61.52 -1.49
C ILE N 145 27.89 -60.66 -1.23
N GLU N 146 27.58 -60.45 0.04
CA GLU N 146 26.30 -59.91 0.45
C GLU N 146 26.47 -58.56 1.13
N PHE N 147 26.07 -57.50 0.44
CA PHE N 147 25.99 -56.15 1.01
C PHE N 147 24.60 -55.89 1.53
N ARG N 148 24.50 -55.12 2.61
CA ARG N 148 23.22 -54.74 3.17
C ARG N 148 23.19 -53.22 3.29
N PHE N 149 22.46 -52.57 2.41
CA PHE N 149 22.36 -51.12 2.42
C PHE N 149 21.03 -50.69 3.03
N ARG N 150 20.98 -49.44 3.45
CA ARG N 150 19.79 -48.89 4.07
C ARG N 150 19.64 -47.46 3.60
N GLN N 151 18.44 -47.11 3.16
CA GLN N 151 18.18 -45.84 2.48
C GLN N 151 17.11 -45.07 3.21
N ASN N 152 17.42 -43.82 3.59
CA ASN N 152 16.46 -42.96 4.25
C ASN N 152 15.79 -42.05 3.24
N TYR N 153 14.54 -41.70 3.50
CA TYR N 153 13.84 -40.74 2.66
C TYR N 153 12.59 -40.28 3.39
N GLU N 154 11.86 -39.37 2.75
CA GLU N 154 10.58 -38.89 3.23
C GLU N 154 9.53 -39.14 2.15
N TRP N 155 8.38 -39.64 2.57
CA TRP N 155 7.34 -39.97 1.63
C TRP N 155 6.49 -38.78 1.40
N CYS N 156 6.16 -38.51 0.16
CA CYS N 156 5.43 -37.31 -0.14
C CYS N 156 3.97 -37.60 -0.33
N GLU N 157 3.11 -36.72 0.16
CA GLU N 157 1.69 -36.89 -0.08
C GLU N 157 1.51 -36.66 -1.55
N THR N 158 0.79 -37.54 -2.21
CA THR N 158 0.66 -37.44 -3.65
C THR N 158 -0.62 -36.79 -4.05
N VAL N 159 -1.67 -37.07 -3.31
CA VAL N 159 -2.97 -36.51 -3.63
C VAL N 159 -2.81 -35.12 -4.24
N ARG N 160 -2.02 -34.27 -3.60
CA ARG N 160 -1.79 -32.92 -4.10
C ARG N 160 -2.82 -32.57 -5.13
N GLU N 161 -4.04 -32.29 -4.68
CA GLU N 161 -5.10 -32.02 -5.61
C GLU N 161 -5.44 -30.53 -5.66
N ALA N 162 -6.59 -30.27 -6.26
CA ALA N 162 -7.13 -28.92 -6.34
C ALA N 162 -7.82 -28.51 -5.04
N ASP N 163 -7.92 -27.22 -4.80
CA ASP N 163 -8.36 -26.69 -3.53
C ASP N 163 -9.87 -26.81 -3.36
N THR N 164 -10.45 -26.63 -2.17
CA THR N 164 -11.90 -26.79 -2.01
C THR N 164 -12.66 -25.73 -2.79
N THR N 165 -12.16 -24.47 -2.69
CA THR N 165 -12.83 -23.37 -3.36
C THR N 165 -11.83 -22.31 -3.81
N ILE N 166 -12.29 -21.07 -3.86
CA ILE N 166 -11.36 -19.97 -4.15
C ILE N 166 -11.70 -18.69 -3.43
N GLU N 167 -12.33 -18.77 -2.27
CA GLU N 167 -12.62 -17.57 -1.44
C GLU N 167 -13.31 -16.39 -2.08
N ALA N 168 -12.69 -15.23 -2.06
CA ALA N 168 -13.40 -14.03 -2.54
C ALA N 168 -14.70 -13.77 -1.75
N GLY N 169 -15.54 -12.84 -2.20
CA GLY N 169 -16.81 -12.53 -1.52
C GLY N 169 -17.32 -13.34 -0.35
N ARG N 170 -17.55 -12.69 0.79
CA ARG N 170 -17.99 -13.38 2.00
C ARG N 170 -19.42 -13.11 2.36
N PHE N 171 -19.63 -12.32 3.41
CA PHE N 171 -20.97 -11.98 3.86
C PHE N 171 -20.81 -11.21 5.15
N SER N 172 -21.83 -10.50 5.61
CA SER N 172 -21.64 -9.70 6.81
C SER N 172 -22.92 -9.19 7.41
N ILE N 173 -23.12 -9.41 8.70
CA ILE N 173 -24.30 -8.91 9.37
C ILE N 173 -23.90 -8.42 10.74
N ASN N 174 -23.54 -7.15 10.85
CA ASN N 174 -23.08 -6.62 12.12
C ASN N 174 -24.22 -6.02 12.88
N LEU N 175 -25.33 -6.73 12.93
CA LEU N 175 -26.48 -6.24 13.64
C LEU N 175 -26.07 -5.71 14.99
N LEU O 5 52.85 -52.29 -0.67
CA LEU O 5 51.51 -52.80 -0.42
C LEU O 5 50.45 -51.80 -0.82
N THR O 6 49.28 -52.29 -1.19
CA THR O 6 48.17 -51.43 -1.57
C THR O 6 47.55 -50.79 -0.33
N TYR O 7 46.68 -49.82 -0.57
CA TYR O 7 45.81 -49.25 0.46
C TYR O 7 46.64 -48.71 1.64
N GLY O 8 47.31 -47.61 1.38
CA GLY O 8 48.25 -47.02 2.31
C GLY O 8 47.85 -46.96 3.78
N ASN O 9 46.55 -46.96 4.07
CA ASN O 9 46.07 -46.89 5.44
C ASN O 9 45.39 -48.17 5.90
N ARG O 10 45.83 -49.32 5.41
CA ARG O 10 45.06 -50.54 5.58
C ARG O 10 45.91 -51.72 5.13
N VAL O 11 45.37 -52.92 5.31
CA VAL O 11 45.99 -54.15 4.84
C VAL O 11 44.88 -55.09 4.37
N THR O 12 45.16 -55.87 3.34
CA THR O 12 44.28 -56.97 3.00
C THR O 12 44.80 -58.26 3.62
N LEU O 13 43.89 -59.21 3.80
CA LEU O 13 44.23 -60.45 4.50
C LEU O 13 45.43 -61.19 3.92
N PRO O 14 45.60 -61.31 2.60
CA PRO O 14 46.84 -61.93 2.11
C PRO O 14 48.08 -61.22 2.62
N GLU O 15 48.08 -59.90 2.59
CA GLU O 15 49.21 -59.14 3.12
C GLU O 15 49.39 -59.41 4.61
N PHE O 16 48.28 -59.48 5.35
CA PHE O 16 48.37 -59.79 6.76
C PHE O 16 49.09 -61.12 6.96
N ALA O 17 48.66 -62.15 6.25
CA ALA O 17 49.20 -63.47 6.48
C ALA O 17 50.66 -63.53 6.09
N LYS O 18 51.01 -62.97 4.95
CA LYS O 18 52.39 -63.10 4.47
C LYS O 18 53.34 -62.09 5.10
N TYR O 19 52.84 -61.11 5.84
CA TYR O 19 53.73 -60.11 6.43
C TYR O 19 53.79 -60.13 7.95
N ILE O 20 52.77 -60.62 8.63
CA ILE O 20 52.73 -60.59 10.08
C ILE O 20 52.78 -61.99 10.68
N VAL O 21 52.20 -62.97 10.00
CA VAL O 21 52.23 -64.34 10.51
C VAL O 21 53.40 -65.12 9.93
N ALA O 22 53.66 -64.98 8.64
CA ALA O 22 54.75 -65.74 8.04
C ALA O 22 56.11 -65.34 8.60
N PRO O 23 56.52 -64.07 8.63
CA PRO O 23 57.81 -63.74 9.27
C PRO O 23 57.86 -64.09 10.73
N ALA O 24 56.71 -64.27 11.36
CA ALA O 24 56.60 -64.80 12.72
C ALA O 24 56.83 -66.28 12.64
N PHE O 25 56.23 -67.03 13.56
CA PHE O 25 56.53 -68.44 13.83
C PHE O 25 57.01 -69.18 12.59
N HIS O 26 58.17 -69.82 12.70
CA HIS O 26 58.79 -70.44 11.54
C HIS O 26 58.45 -71.90 11.39
N GLU O 27 57.91 -72.53 12.43
CA GLU O 27 57.56 -73.94 12.35
C GLU O 27 56.32 -74.19 11.53
N ILE O 28 55.82 -73.20 10.80
CA ILE O 28 54.70 -73.39 9.90
C ILE O 28 55.12 -73.30 8.45
N GLU O 29 56.42 -73.22 8.18
CA GLU O 29 56.95 -73.30 6.82
C GLU O 29 56.19 -72.36 5.87
N GLY O 30 55.79 -71.21 6.38
CA GLY O 30 55.08 -70.26 5.55
C GLY O 30 53.69 -70.71 5.14
N ARG O 31 53.04 -71.52 5.96
CA ARG O 31 51.67 -71.95 5.68
C ARG O 31 50.69 -71.06 6.43
N ALA O 32 50.49 -69.87 5.86
CA ALA O 32 49.49 -68.93 6.35
C ALA O 32 48.47 -68.73 5.23
N ILE O 33 47.28 -69.30 5.40
CA ILE O 33 46.30 -69.40 4.33
C ILE O 33 45.21 -68.37 4.57
N PRO O 34 44.89 -67.53 3.61
CA PRO O 34 43.67 -66.72 3.72
C PRO O 34 42.47 -67.41 3.11
N VAL O 35 41.34 -67.46 3.82
CA VAL O 35 40.16 -68.15 3.35
C VAL O 35 39.00 -67.16 3.28
N THR O 36 37.88 -67.64 2.74
CA THR O 36 36.66 -66.83 2.75
C THR O 36 36.09 -66.73 4.15
N GLY O 37 35.70 -67.86 4.72
CA GLY O 37 35.29 -67.91 6.11
C GLY O 37 35.94 -69.08 6.79
N VAL O 38 36.42 -68.85 8.01
CA VAL O 38 37.23 -69.85 8.68
C VAL O 38 36.44 -71.13 8.96
N ASP O 39 35.11 -71.08 8.86
CA ASP O 39 34.30 -72.28 9.04
C ASP O 39 33.49 -72.62 7.80
N ASP O 40 33.89 -72.12 6.63
CA ASP O 40 33.12 -72.41 5.43
C ASP O 40 33.25 -73.87 5.01
N ASP O 41 34.45 -74.42 5.15
CA ASP O 41 34.72 -75.80 4.77
C ASP O 41 35.70 -76.37 5.78
N ALA O 42 35.24 -77.26 6.64
CA ALA O 42 36.11 -77.89 7.61
C ALA O 42 36.69 -79.20 7.11
N SER O 43 36.15 -79.75 6.03
CA SER O 43 36.71 -80.98 5.48
C SER O 43 37.95 -80.74 4.66
N GLY O 44 38.12 -79.53 4.12
CA GLY O 44 39.27 -79.25 3.29
C GLY O 44 40.36 -78.55 4.06
N THR O 45 39.98 -77.64 4.95
CA THR O 45 40.94 -76.93 5.76
C THR O 45 41.36 -77.73 6.98
N GLN O 46 41.10 -79.03 7.01
CA GLN O 46 41.66 -79.91 8.02
C GLN O 46 42.63 -80.90 7.41
N ALA O 47 43.09 -80.64 6.20
CA ALA O 47 43.99 -81.55 5.50
C ALA O 47 45.44 -81.09 5.55
N THR O 48 45.69 -79.79 5.47
CA THR O 48 47.05 -79.28 5.44
C THR O 48 47.82 -79.76 6.66
N LYS O 49 49.07 -80.15 6.45
CA LYS O 49 49.83 -80.77 7.51
C LYS O 49 50.10 -79.77 8.64
N LEU O 50 50.08 -80.26 9.84
CA LEU O 50 50.20 -79.41 11.01
C LEU O 50 51.64 -78.95 11.18
N PRO O 51 51.83 -77.71 11.67
CA PRO O 51 50.75 -76.79 12.02
C PRO O 51 50.53 -75.70 10.99
N PHE O 52 49.31 -75.20 10.88
CA PHE O 52 49.01 -74.19 9.89
C PHE O 52 48.08 -73.14 10.43
N VAL O 53 48.12 -71.94 9.85
CA VAL O 53 47.32 -70.84 10.37
C VAL O 53 46.39 -70.36 9.27
N LEU O 54 45.13 -70.15 9.63
CA LEU O 54 44.12 -69.64 8.73
C LEU O 54 43.82 -68.19 9.08
N VAL O 55 43.44 -67.41 8.07
CA VAL O 55 43.02 -66.03 8.25
C VAL O 55 41.82 -65.79 7.34
N GLY O 56 40.71 -65.38 7.92
CA GLY O 56 39.49 -65.20 7.16
C GLY O 56 38.61 -64.12 7.73
N LEU O 57 37.88 -63.45 6.85
CA LEU O 57 37.02 -62.36 7.25
C LEU O 57 35.77 -62.89 7.93
N ARG O 58 35.51 -62.43 9.17
CA ARG O 58 34.29 -62.80 9.85
C ARG O 58 33.10 -61.98 9.37
N GLN O 59 33.23 -60.66 9.37
CA GLN O 59 32.15 -59.80 8.91
C GLN O 59 32.66 -58.41 8.66
N GLY O 60 32.22 -57.79 7.57
CA GLY O 60 32.55 -56.41 7.26
C GLY O 60 31.47 -55.50 7.83
N ASP O 61 31.91 -54.39 8.42
CA ASP O 61 31.05 -53.64 9.32
C ASP O 61 31.47 -52.18 9.30
N THR O 62 30.75 -51.34 10.04
CA THR O 62 31.05 -49.92 10.13
C THR O 62 31.62 -49.59 11.50
N SER O 63 32.07 -48.34 11.63
CA SER O 63 32.63 -47.82 12.87
C SER O 63 32.07 -46.45 13.15
N GLY O 64 30.77 -46.28 12.95
CA GLY O 64 30.15 -45.00 13.12
C GLY O 64 29.43 -44.54 11.87
N PRO O 65 29.94 -43.48 11.24
CA PRO O 65 29.29 -42.96 10.04
C PRO O 65 29.74 -43.71 8.80
N ALA O 66 28.78 -44.01 7.92
CA ALA O 66 29.10 -44.74 6.71
C ALA O 66 28.33 -44.29 5.48
N THR O 67 27.60 -43.19 5.55
CA THR O 67 26.84 -42.75 4.38
C THR O 67 27.76 -42.44 3.21
N ILE O 68 27.31 -42.79 2.02
CA ILE O 68 28.11 -42.67 0.80
C ILE O 68 27.71 -41.38 0.12
N ALA O 69 28.49 -40.31 0.32
CA ALA O 69 28.11 -39.01 -0.20
C ALA O 69 29.27 -38.25 -0.84
N GLY O 70 30.36 -38.93 -1.18
CA GLY O 70 31.48 -38.27 -1.81
C GLY O 70 32.35 -37.46 -0.87
N ASN O 71 31.76 -36.95 0.22
CA ASN O 71 32.57 -36.37 1.29
C ASN O 71 31.81 -36.54 2.60
N SER O 72 32.06 -37.66 3.29
CA SER O 72 31.54 -37.81 4.63
C SER O 72 32.44 -38.64 5.54
N THR O 73 33.71 -38.83 5.18
CA THR O 73 34.64 -39.69 5.91
C THR O 73 34.01 -41.06 6.14
N ILE O 74 33.88 -41.80 5.05
CA ILE O 74 33.31 -43.15 5.12
C ILE O 74 34.20 -43.97 6.01
N ASN O 75 33.69 -44.36 7.18
CA ASN O 75 34.43 -45.17 8.13
C ASN O 75 34.04 -46.63 7.97
N LEU O 76 35.02 -47.52 8.13
CA LEU O 76 34.78 -48.94 7.90
C LEU O 76 35.43 -49.74 9.01
N ARG O 77 34.99 -50.98 9.14
CA ARG O 77 35.52 -51.89 10.15
C ARG O 77 35.33 -53.30 9.63
N ASP O 78 36.41 -54.05 9.52
CA ASP O 78 36.32 -55.46 9.12
C ASP O 78 36.74 -56.32 10.31
N ASP O 79 35.92 -57.32 10.62
CA ASP O 79 36.19 -58.25 11.70
C ASP O 79 36.71 -59.53 11.08
N PHE O 80 37.94 -59.88 11.39
CA PHE O 80 38.49 -61.14 10.90
C PHE O 80 39.09 -61.90 12.07
N ILE O 81 39.29 -63.20 11.87
CA ILE O 81 39.73 -64.09 12.93
C ILE O 81 40.91 -64.90 12.45
N VAL O 82 41.89 -65.09 13.32
CA VAL O 82 43.10 -65.81 13.02
C VAL O 82 43.11 -67.05 13.90
N GLU O 83 43.15 -68.22 13.29
CA GLU O 83 43.09 -69.48 14.00
C GLU O 83 44.39 -70.25 13.79
N PHE O 84 45.02 -70.65 14.89
CA PHE O 84 46.16 -71.54 14.84
C PHE O 84 45.68 -72.97 14.94
N ASN O 85 46.14 -73.81 14.03
CA ASN O 85 46.00 -75.25 14.15
C ASN O 85 47.37 -75.78 14.56
N MET O 86 47.51 -76.12 15.83
CA MET O 86 48.77 -76.60 16.36
C MET O 86 48.58 -78.02 16.88
N LYS O 87 49.66 -78.80 16.84
CA LYS O 87 49.61 -80.20 17.21
C LYS O 87 50.05 -80.34 18.66
N LYS O 88 49.19 -80.91 19.48
CA LYS O 88 49.55 -81.19 20.87
C LYS O 88 50.44 -82.42 20.93
N GLU O 89 51.46 -82.36 21.78
CA GLU O 89 52.46 -83.42 21.85
C GLU O 89 52.60 -83.88 23.30
N ARG O 90 52.17 -85.11 23.57
CA ARG O 90 52.23 -85.64 24.92
C ARG O 90 53.67 -85.89 25.34
N TYR O 91 53.89 -85.90 26.65
CA TYR O 91 55.21 -86.16 27.23
C TYR O 91 55.23 -87.53 27.88
N ARG O 92 56.34 -88.25 27.71
CA ARG O 92 56.50 -89.60 28.24
C ARG O 92 57.67 -89.63 29.21
N ASP O 93 57.47 -90.34 30.33
CA ASP O 93 58.47 -90.35 31.39
C ASP O 93 59.25 -91.63 31.58
N ARG O 94 59.23 -92.51 30.60
CA ARG O 94 59.99 -93.76 30.67
C ARG O 94 59.43 -94.73 31.70
N LYS O 95 59.13 -94.24 32.90
CA LYS O 95 58.62 -95.11 33.96
C LYS O 95 57.25 -95.70 33.63
N GLY O 96 56.73 -95.41 32.43
CA GLY O 96 55.46 -95.98 32.02
C GLY O 96 54.28 -95.07 32.23
N GLY O 97 54.49 -93.78 32.10
CA GLY O 97 53.43 -92.83 32.34
C GLY O 97 53.25 -91.93 31.15
N GLU O 98 52.19 -91.15 31.09
CA GLU O 98 51.98 -90.26 29.97
C GLU O 98 51.15 -89.08 30.43
N THR O 99 51.07 -88.07 29.57
CA THR O 99 50.19 -86.94 29.81
C THR O 99 48.96 -87.08 28.95
N PRO O 100 47.77 -86.84 29.50
CA PRO O 100 46.55 -87.00 28.72
C PRO O 100 46.50 -85.99 27.59
N PHE O 101 45.59 -86.22 26.66
CA PHE O 101 45.40 -85.28 25.57
C PHE O 101 44.72 -84.00 26.02
N PHE O 102 44.08 -83.99 27.19
CA PHE O 102 43.36 -82.81 27.64
C PHE O 102 44.20 -81.90 28.53
N SER O 103 45.52 -82.06 28.53
CA SER O 103 46.36 -81.26 29.40
C SER O 103 46.47 -79.83 28.89
N TYR O 104 46.91 -78.93 29.77
CA TYR O 104 47.01 -77.52 29.44
C TYR O 104 48.04 -77.32 28.34
N TYR O 105 47.76 -76.37 27.45
CA TYR O 105 48.63 -76.06 26.33
C TYR O 105 49.05 -74.60 26.41
N ASP O 106 50.35 -74.36 26.38
CA ASP O 106 50.90 -73.01 26.55
C ASP O 106 50.63 -72.21 25.29
N TYR O 107 49.53 -71.47 25.28
CA TYR O 107 49.25 -70.54 24.21
C TYR O 107 49.93 -69.19 24.42
N GLU O 108 50.26 -68.86 25.67
CA GLU O 108 50.75 -67.52 25.98
C GLU O 108 51.97 -67.16 25.15
N SER O 109 52.84 -68.14 24.87
CA SER O 109 53.94 -67.89 23.95
C SER O 109 53.42 -67.48 22.58
N ILE O 110 52.35 -68.11 22.12
CA ILE O 110 51.85 -67.82 20.79
C ILE O 110 51.29 -66.41 20.72
N ARG O 111 50.44 -66.06 21.68
CA ARG O 111 49.93 -64.69 21.70
C ARG O 111 51.06 -63.69 21.82
N ASP O 112 52.06 -63.98 22.64
CA ASP O 112 53.19 -63.08 22.79
C ASP O 112 53.87 -62.84 21.46
N ARG O 113 54.23 -63.91 20.75
CA ARG O 113 54.98 -63.71 19.52
C ARG O 113 54.13 -63.06 18.44
N LEU O 114 52.85 -63.42 18.39
CA LEU O 114 51.98 -62.80 17.39
C LEU O 114 51.87 -61.30 17.64
N PHE O 115 51.71 -60.92 18.92
CA PHE O 115 51.56 -59.51 19.22
C PHE O 115 52.85 -58.75 18.98
N ASN O 116 54.00 -59.35 19.28
CA ASN O 116 55.26 -58.68 18.98
C ASN O 116 55.40 -58.44 17.50
N SER O 117 55.06 -59.42 16.67
CA SER O 117 55.12 -59.21 15.24
C SER O 117 54.19 -58.09 14.81
N MET O 118 52.98 -58.06 15.37
CA MET O 118 52.03 -57.01 14.99
C MET O 118 52.55 -55.64 15.39
N ILE O 119 53.11 -55.53 16.59
CA ILE O 119 53.66 -54.25 17.04
C ILE O 119 54.78 -53.79 16.13
N GLU O 120 55.66 -54.71 15.74
CA GLU O 120 56.74 -54.34 14.85
C GLU O 120 56.20 -53.86 13.52
N PHE O 121 55.21 -54.55 12.97
CA PHE O 121 54.65 -54.12 11.69
C PHE O 121 54.01 -52.75 11.81
N SER O 122 53.30 -52.50 12.91
CA SER O 122 52.69 -51.19 13.10
C SER O 122 53.77 -50.12 13.15
N GLY O 123 54.79 -50.33 13.98
CA GLY O 123 55.86 -49.36 14.10
C GLY O 123 56.58 -49.13 12.79
N GLU O 124 56.59 -50.13 11.92
CA GLU O 124 57.20 -49.91 10.60
C GLU O 124 56.29 -49.09 9.70
N HIS O 125 54.99 -49.40 9.68
CA HIS O 125 54.10 -48.81 8.69
C HIS O 125 53.00 -47.92 9.27
N GLY O 126 52.78 -47.93 10.57
CA GLY O 126 51.72 -47.10 11.11
C GLY O 126 50.34 -47.62 10.77
N ILE O 127 50.08 -48.88 11.10
CA ILE O 127 48.78 -49.50 10.92
C ILE O 127 48.57 -50.45 12.10
N THR O 128 47.49 -50.24 12.84
CA THR O 128 47.29 -50.94 14.10
C THR O 128 45.94 -51.63 14.11
N PHE O 129 45.88 -52.78 14.78
CA PHE O 129 44.67 -53.57 14.90
C PHE O 129 44.18 -53.58 16.33
N GLU O 130 42.92 -53.97 16.50
CA GLU O 130 42.30 -54.07 17.80
C GLU O 130 42.10 -55.53 18.16
N PHE O 131 42.51 -55.91 19.36
CA PHE O 131 42.29 -57.26 19.85
C PHE O 131 40.92 -57.35 20.50
N VAL O 132 40.18 -58.41 20.22
CA VAL O 132 38.82 -58.52 20.72
C VAL O 132 38.65 -59.72 21.64
N SER O 133 38.96 -60.92 21.16
CA SER O 133 38.73 -62.09 22.00
C SER O 133 39.64 -63.23 21.56
N LEU O 134 39.85 -64.15 22.48
CA LEU O 134 40.74 -65.29 22.29
C LEU O 134 40.05 -66.55 22.77
N ASP O 135 39.95 -67.55 21.92
CA ASP O 135 39.27 -68.79 22.26
C ASP O 135 40.12 -69.98 21.89
N ILE O 136 40.22 -70.94 22.81
CA ILE O 136 41.03 -72.13 22.63
C ILE O 136 40.14 -73.35 22.80
N SER O 137 40.29 -74.31 21.89
CA SER O 137 39.47 -75.52 21.93
C SER O 137 40.22 -76.64 21.24
N THR O 138 40.15 -77.84 21.83
CA THR O 138 40.89 -78.99 21.36
C THR O 138 39.96 -80.02 20.72
N GLU O 139 40.55 -80.88 19.89
CA GLU O 139 39.81 -81.93 19.20
C GLU O 139 40.80 -82.99 18.76
N GLY O 140 40.64 -84.21 19.25
CA GLY O 140 41.63 -85.23 19.00
C GLY O 140 42.96 -84.89 19.63
N ASP O 141 43.95 -84.52 18.81
CA ASP O 141 45.25 -84.11 19.31
C ASP O 141 45.65 -82.75 18.76
N VAL O 142 44.70 -81.99 18.24
CA VAL O 142 44.95 -80.68 17.66
C VAL O 142 44.23 -79.65 18.50
N VAL O 143 44.90 -78.55 18.79
CA VAL O 143 44.32 -77.46 19.55
C VAL O 143 44.05 -76.30 18.60
N TYR O 144 42.87 -75.71 18.72
CA TYR O 144 42.49 -74.57 17.91
C TYR O 144 42.55 -73.33 18.78
N ILE O 145 43.33 -72.34 18.36
CA ILE O 145 43.47 -71.08 19.07
C ILE O 145 43.03 -69.99 18.11
N GLU O 146 41.91 -69.34 18.42
CA GLU O 146 41.25 -68.43 17.50
C GLU O 146 41.32 -67.01 18.06
N PHE O 147 42.18 -66.18 17.46
CA PHE O 147 42.23 -64.78 17.80
C PHE O 147 41.26 -64.03 16.91
N ARG O 148 40.51 -63.10 17.50
CA ARG O 148 39.54 -62.31 16.75
C ARG O 148 39.97 -60.86 16.81
N PHE O 149 40.60 -60.39 15.75
CA PHE O 149 41.04 -59.01 15.64
C PHE O 149 39.99 -58.17 14.94
N ARG O 150 40.19 -56.87 15.01
CA ARG O 150 39.27 -55.92 14.39
C ARG O 150 40.08 -54.71 13.96
N GLN O 151 39.82 -54.22 12.75
CA GLN O 151 40.65 -53.18 12.15
C GLN O 151 39.78 -52.08 11.59
N ASN O 152 40.04 -50.84 12.01
CA ASN O 152 39.29 -49.68 11.54
C ASN O 152 40.10 -48.92 10.49
N TYR O 153 39.40 -48.42 9.49
CA TYR O 153 40.05 -47.60 8.46
C TYR O 153 38.98 -46.75 7.78
N GLU O 154 39.44 -45.84 6.93
CA GLU O 154 38.57 -44.94 6.18
C GLU O 154 38.72 -45.25 4.71
N TRP O 155 37.62 -45.39 3.99
CA TRP O 155 37.70 -45.78 2.59
C TRP O 155 38.01 -44.61 1.71
N CYS O 156 39.08 -44.71 0.94
CA CYS O 156 39.49 -43.62 0.09
C CYS O 156 38.89 -43.72 -1.28
N GLU O 157 37.96 -42.83 -1.62
CA GLU O 157 37.37 -42.83 -2.95
C GLU O 157 38.48 -42.90 -3.95
N THR O 158 38.29 -43.68 -4.99
CA THR O 158 39.35 -43.90 -5.94
C THR O 158 39.20 -43.11 -7.21
N VAL O 159 37.98 -42.95 -7.67
CA VAL O 159 37.75 -42.26 -8.93
C VAL O 159 38.79 -41.19 -9.15
N ARG O 160 39.02 -40.34 -8.14
CA ARG O 160 40.01 -39.28 -8.23
C ARG O 160 40.40 -39.06 -9.66
N GLU O 161 39.51 -38.43 -10.42
CA GLU O 161 39.78 -38.25 -11.83
C GLU O 161 40.18 -36.81 -12.15
N ALA O 162 40.10 -36.49 -13.43
CA ALA O 162 40.34 -35.12 -13.81
C ALA O 162 39.07 -34.35 -13.49
N ASP O 163 39.01 -33.09 -13.86
CA ASP O 163 37.84 -32.30 -13.47
C ASP O 163 37.30 -31.42 -14.57
N THR O 164 36.09 -31.72 -15.03
CA THR O 164 35.46 -30.93 -16.09
C THR O 164 36.38 -30.01 -16.88
N THR O 165 36.33 -28.71 -16.59
CA THR O 165 37.13 -27.75 -17.34
C THR O 165 38.25 -27.17 -16.52
N ILE O 166 38.65 -25.94 -16.85
CA ILE O 166 39.70 -25.30 -16.10
C ILE O 166 39.42 -23.83 -16.01
N GLU O 167 38.16 -23.47 -16.06
CA GLU O 167 37.80 -22.04 -15.84
C GLU O 167 38.36 -21.00 -16.79
N ALA O 168 39.23 -20.13 -16.29
CA ALA O 168 39.73 -19.02 -17.11
C ALA O 168 38.58 -18.17 -17.68
N GLY O 169 38.89 -17.24 -18.57
CA GLY O 169 37.86 -16.39 -19.16
C GLY O 169 37.26 -15.33 -18.25
N ARG O 170 36.27 -14.58 -18.75
CA ARG O 170 35.59 -13.55 -17.95
C ARG O 170 34.38 -12.98 -18.67
N PHE O 171 34.43 -11.71 -19.06
CA PHE O 171 33.35 -11.04 -19.79
C PHE O 171 32.22 -10.54 -18.88
N SER O 172 31.85 -9.27 -19.01
CA SER O 172 30.75 -8.74 -18.22
C SER O 172 29.77 -7.98 -19.09
N ILE O 173 28.74 -7.40 -18.49
CA ILE O 173 27.80 -6.57 -19.25
C ILE O 173 26.85 -5.88 -18.30
N ASN O 174 26.55 -4.63 -18.58
CA ASN O 174 25.64 -3.91 -17.75
C ASN O 174 24.49 -3.49 -18.60
N LEU O 175 23.47 -4.33 -18.69
CA LEU O 175 22.34 -4.05 -19.55
C LEU O 175 21.55 -2.86 -19.05
N GLN O 176 20.37 -2.68 -19.60
CA GLN O 176 19.54 -1.55 -19.22
C GLN O 176 19.63 -1.30 -17.74
#